data_1ZM3
#
_entry.id   1ZM3
#
_cell.length_a   329.430
_cell.length_b   69.090
_cell.length_c   190.800
_cell.angle_alpha   90.00
_cell.angle_beta   103.46
_cell.angle_gamma   90.00
#
_symmetry.space_group_name_H-M   'C 1 2 1'
#
loop_
_entity.id
_entity.type
_entity.pdbx_description
1 polymer 'Elongation factor 2'
2 polymer 'exotoxin A'
#
loop_
_entity_poly.entity_id
_entity_poly.type
_entity_poly.pdbx_seq_one_letter_code
_entity_poly.pdbx_strand_id
1 'polypeptide(L)'
;MVAFTVDQMRSLMDKVTNVRNMSVIAHVDHGKSTLTDSLVQRAGIISAAKAGEARFTDTRKDEQERGITIKSTAISLYSE
MSDEDVKEIKQKTDGNSFLINLIDSPGHVDFSSEVTAALRVTDGALVVVDTIEGVCVQTETVLRQALGERIKPVVVINKV
DRALLELQVSKEDLYQTFARTVESVNVIVSTYADEVLGDVQVYPARGTVAFGSGLHGWAFTIRQFATRYAKKFGVDKAKM
MDRLWGDSFFNPKTKKWTNKDTDAEGKPLERAFNMFILDPIFRLFTAIMNFKKDEIPVLLEKLEIVLKGDEKDLEGKALL
KVVMRKFLPAADALLEMIVLHLPSPVTAQAYRAEQLYEGPADDANCIAIKNCDPKADLMLYVSKMVPTSDKGRFYAFGRV
FAGTVKSGQKVRIQGPNYVPGKKDDLFIKAIQRVVLMMGRFVEPIDDCPAGNIIGLVGIDQFLLKTGTLTTSETAHNMKV
MKFSVSPVVQVAVEVKNANDLPKLVEGLKRLSKSDPCVLTYMSESGEHIVAGTGELHLEICLQDLEHDHAGVPLKISPPV
VAYRETVESESSQTALSKSPNKHNRIYLKAEPIDEEVSLAIENGIINPRDDFKARARIMADDYGWDVTDARKIWCFGPDG
NGPNLVIDQTKAVQYLHEIKDSVVAAFQWATKEGPIFGEEMRSVRVNILDVTLHADAI(DDE)RGGGQIIPTMRRATYAG
FLLADPKIQEPVFLVEIQCPEQAVGGIYSVLNKKRGQVVSEEQRPGTPLFTVKAYLPVNESFGFTGELRQATGGQAFPQM
VFDHWSTLGSDPLDPTSKAGEIVLAARKRHGMKEEVPGWQEYYDKL
;
A,C,E
2 'polypeptide(L)'
;EFLGDGGDVSFSTRGTQNWTVERLLQAHRQLEERGYVFVGYHGTFLEAAQSIVFGGVRARSQDLDAIWRGFYIAGDPALA
YGYAQDQEPDARGRIRNGALLRVYVPRSSLPGFYRTSLTLAAPEAAGEVERLIGHPLPLRLDAITGPEEEGGRLETILGW
PLAERTVVIPSAIPTDPRNVGGDLDPSSIPDKEQAISALPDYASQPG
;
B,D,F
#
# COMPACT_ATOMS: atom_id res chain seq x y z
N VAL A 2 -14.13 -9.65 30.57
CA VAL A 2 -14.47 -8.79 31.73
C VAL A 2 -14.04 -7.36 31.47
N ALA A 3 -14.59 -6.44 32.26
CA ALA A 3 -14.26 -5.04 32.13
C ALA A 3 -13.20 -4.64 33.14
N PHE A 4 -12.26 -3.83 32.69
CA PHE A 4 -11.19 -3.35 33.53
C PHE A 4 -11.04 -1.83 33.39
N THR A 5 -10.54 -1.20 34.44
CA THR A 5 -10.30 0.23 34.46
C THR A 5 -8.86 0.47 34.00
N VAL A 6 -8.54 1.69 33.58
CA VAL A 6 -7.18 1.96 33.12
C VAL A 6 -6.17 1.51 34.19
N ASP A 7 -6.55 1.67 35.47
CA ASP A 7 -5.67 1.29 36.57
C ASP A 7 -5.43 -0.21 36.59
N GLN A 8 -6.51 -0.99 36.52
CA GLN A 8 -6.41 -2.45 36.52
C GLN A 8 -5.45 -2.89 35.43
N MET A 9 -5.69 -2.40 34.21
CA MET A 9 -4.83 -2.71 33.06
C MET A 9 -3.37 -2.31 33.31
N ARG A 10 -3.16 -1.05 33.69
CA ARG A 10 -1.81 -0.57 33.95
C ARG A 10 -1.17 -1.48 34.99
N SER A 11 -1.88 -1.72 36.09
CA SER A 11 -1.41 -2.57 37.19
C SER A 11 -1.00 -3.95 36.68
N LEU A 12 -1.86 -4.50 35.84
CA LEU A 12 -1.64 -5.80 35.24
C LEU A 12 -0.42 -5.74 34.32
N MET A 13 -0.21 -4.59 33.67
CA MET A 13 0.91 -4.42 32.74
C MET A 13 2.25 -4.22 33.42
N ASP A 14 2.23 -4.09 34.74
CA ASP A 14 3.45 -3.90 35.50
C ASP A 14 4.06 -5.24 35.84
N LYS A 15 3.21 -6.26 35.96
CA LYS A 15 3.70 -7.61 36.27
C LYS A 15 3.95 -8.35 34.95
N VAL A 16 5.00 -7.92 34.25
CA VAL A 16 5.39 -8.50 32.96
C VAL A 16 5.60 -10.01 33.04
N THR A 17 6.01 -10.48 34.22
CA THR A 17 6.23 -11.90 34.44
C THR A 17 4.91 -12.65 34.22
N ASN A 18 3.80 -11.92 34.27
CA ASN A 18 2.47 -12.50 34.08
C ASN A 18 1.75 -12.05 32.82
N VAL A 19 2.55 -11.77 31.80
CA VAL A 19 2.05 -11.36 30.49
C VAL A 19 2.49 -12.37 29.45
N ARG A 20 1.67 -12.52 28.42
CA ARG A 20 1.95 -13.46 27.36
C ARG A 20 1.71 -12.84 25.99
N ASN A 21 2.78 -12.62 25.24
CA ASN A 21 2.65 -12.07 23.91
C ASN A 21 2.69 -13.20 22.88
N MET A 22 1.56 -13.43 22.23
CA MET A 22 1.51 -14.50 21.23
C MET A 22 0.64 -14.23 20.03
N SER A 23 0.67 -15.18 19.11
CA SER A 23 -0.09 -15.11 17.88
C SER A 23 -0.69 -16.48 17.68
N VAL A 24 -1.47 -16.65 16.62
CA VAL A 24 -2.06 -17.95 16.32
C VAL A 24 -1.68 -18.34 14.91
N ILE A 25 -0.81 -19.33 14.80
CA ILE A 25 -0.38 -19.80 13.50
C ILE A 25 -1.38 -20.85 13.03
N ALA A 26 -2.15 -20.51 12.01
CA ALA A 26 -3.14 -21.45 11.52
C ALA A 26 -3.70 -21.09 10.16
N HIS A 27 -3.95 -22.11 9.36
CA HIS A 27 -4.57 -21.94 8.05
C HIS A 27 -6.00 -21.52 8.36
N VAL A 28 -6.51 -20.57 7.60
CA VAL A 28 -7.88 -20.06 7.77
C VAL A 28 -8.97 -21.15 7.73
N ASP A 29 -8.79 -22.13 6.84
CA ASP A 29 -9.74 -23.23 6.72
C ASP A 29 -9.60 -24.26 7.85
N HIS A 30 -8.89 -23.90 8.92
CA HIS A 30 -8.71 -24.81 10.03
C HIS A 30 -9.20 -24.20 11.33
N GLY A 31 -10.31 -23.48 11.25
CA GLY A 31 -10.90 -22.84 12.42
C GLY A 31 -10.05 -21.79 13.11
N LYS A 32 -9.07 -21.24 12.39
CA LYS A 32 -8.22 -20.19 12.98
C LYS A 32 -9.07 -19.11 13.64
N SER A 33 -10.00 -18.56 12.86
CA SER A 33 -10.90 -17.49 13.32
C SER A 33 -11.84 -17.98 14.41
N THR A 34 -12.34 -19.20 14.26
CA THR A 34 -13.25 -19.77 15.25
C THR A 34 -12.61 -19.91 16.63
N LEU A 35 -11.48 -20.63 16.69
CA LEU A 35 -10.77 -20.79 17.97
C LEU A 35 -10.45 -19.45 18.60
N THR A 36 -9.77 -18.58 17.85
CA THR A 36 -9.44 -17.26 18.35
C THR A 36 -10.65 -16.62 19.04
N ASP A 37 -11.79 -16.59 18.33
CA ASP A 37 -13.02 -16.01 18.88
C ASP A 37 -13.32 -16.55 20.27
N SER A 38 -13.37 -17.87 20.35
CA SER A 38 -13.67 -18.53 21.61
C SER A 38 -12.84 -17.96 22.76
N LEU A 39 -11.59 -17.61 22.50
CA LEU A 39 -10.80 -17.02 23.57
C LEU A 39 -11.34 -15.64 23.92
N VAL A 40 -11.77 -14.91 22.89
CA VAL A 40 -12.27 -13.56 23.09
C VAL A 40 -13.59 -13.61 23.83
N GLN A 41 -14.46 -14.51 23.41
CA GLN A 41 -15.77 -14.66 24.02
C GLN A 41 -15.63 -15.20 25.43
N ARG A 42 -14.39 -15.48 25.82
CA ARG A 42 -14.10 -16.05 27.12
C ARG A 42 -13.27 -15.17 28.04
N ALA A 43 -12.11 -14.72 27.54
CA ALA A 43 -11.21 -13.89 28.33
C ALA A 43 -10.95 -12.53 27.72
N GLY A 44 -11.79 -12.14 26.76
CA GLY A 44 -11.64 -10.85 26.10
C GLY A 44 -11.75 -9.67 27.06
N ILE A 45 -10.74 -8.80 27.07
CA ILE A 45 -10.74 -7.65 27.94
C ILE A 45 -11.49 -6.45 27.35
N ILE A 46 -12.41 -5.90 28.13
CA ILE A 46 -13.18 -4.74 27.71
C ILE A 46 -12.89 -3.62 28.70
N SER A 47 -12.87 -2.38 28.24
CA SER A 47 -12.61 -1.26 29.13
C SER A 47 -13.85 -0.84 29.90
N ALA A 48 -13.67 -0.46 31.16
CA ALA A 48 -14.75 -0.01 32.00
C ALA A 48 -15.16 1.42 31.66
N GLY A 67 -14.28 7.80 21.56
CA GLY A 67 -15.01 7.78 20.31
C GLY A 67 -14.09 7.51 19.13
N ILE A 68 -12.88 7.08 19.42
CA ILE A 68 -11.92 6.80 18.37
C ILE A 68 -11.81 5.30 18.14
N THR A 69 -12.15 4.84 16.95
CA THR A 69 -12.05 3.44 16.64
C THR A 69 -10.79 3.19 15.79
N ILE A 70 -10.30 1.96 15.81
CA ILE A 70 -9.11 1.62 15.05
C ILE A 70 -9.33 0.28 14.39
N LYS A 71 -8.37 -0.11 13.56
CA LYS A 71 -8.43 -1.39 12.87
C LYS A 71 -7.88 -2.40 13.86
N SER A 72 -8.72 -3.37 14.25
CA SER A 72 -8.35 -4.39 15.22
C SER A 72 -7.02 -5.06 14.93
N THR A 73 -6.02 -4.77 15.77
CA THR A 73 -4.69 -5.32 15.60
C THR A 73 -4.29 -6.30 16.70
N ALA A 74 -4.84 -6.10 17.90
CA ALA A 74 -4.52 -6.98 19.00
C ALA A 74 -5.69 -7.04 19.96
N ILE A 75 -5.83 -8.19 20.62
CA ILE A 75 -6.90 -8.39 21.58
C ILE A 75 -6.29 -8.69 22.94
N SER A 76 -6.83 -8.06 23.98
CA SER A 76 -6.33 -8.27 25.33
C SER A 76 -7.11 -9.41 25.98
N LEU A 77 -6.39 -10.34 26.59
CA LEU A 77 -7.01 -11.47 27.28
C LEU A 77 -6.61 -11.59 28.74
N TYR A 78 -7.59 -11.84 29.61
CA TYR A 78 -7.34 -12.00 31.03
C TYR A 78 -7.63 -13.42 31.50
N SER A 79 -6.73 -13.97 32.30
CA SER A 79 -6.90 -15.33 32.81
C SER A 79 -6.26 -15.50 34.18
N GLU A 80 -7.01 -16.12 35.08
CA GLU A 80 -6.53 -16.38 36.43
C GLU A 80 -6.36 -17.88 36.67
N MET A 81 -5.40 -18.22 37.53
CA MET A 81 -5.11 -19.61 37.88
C MET A 81 -4.84 -19.76 39.37
N SER A 82 -4.86 -21.00 39.88
CA SER A 82 -4.61 -21.29 41.29
C SER A 82 -3.13 -21.24 41.67
N ASP A 83 -2.83 -20.86 42.92
CA ASP A 83 -1.45 -20.78 43.40
C ASP A 83 -0.75 -22.10 43.11
N GLU A 84 -1.56 -23.14 42.97
CA GLU A 84 -1.05 -24.47 42.68
C GLU A 84 -0.60 -24.50 41.25
N ASP A 85 -1.45 -23.96 40.38
CA ASP A 85 -1.15 -23.90 38.95
C ASP A 85 0.06 -23.01 38.71
N VAL A 86 0.09 -21.84 39.37
CA VAL A 86 1.20 -20.92 39.21
C VAL A 86 2.55 -21.59 39.43
N LYS A 87 2.56 -22.65 40.24
CA LYS A 87 3.80 -23.37 40.53
C LYS A 87 4.28 -24.22 39.36
N GLU A 88 3.33 -24.80 38.62
CA GLU A 88 3.69 -25.64 37.47
C GLU A 88 4.45 -24.83 36.39
N ILE A 89 4.46 -23.51 36.54
CA ILE A 89 5.11 -22.65 35.57
C ILE A 89 6.63 -22.59 35.75
N LYS A 90 7.34 -23.27 34.85
CA LYS A 90 8.79 -23.33 34.88
C LYS A 90 9.41 -22.03 34.34
N GLN A 91 9.06 -20.93 35.01
CA GLN A 91 9.56 -19.60 34.67
C GLN A 91 9.01 -18.61 35.68
N LYS A 92 9.89 -17.74 36.17
CA LYS A 92 9.50 -16.74 37.16
C LYS A 92 8.14 -16.12 36.90
N THR A 93 7.31 -16.07 37.93
CA THR A 93 6.00 -15.44 37.84
C THR A 93 5.70 -14.69 39.12
N ASP A 94 4.51 -14.13 39.22
CA ASP A 94 4.15 -13.36 40.39
C ASP A 94 2.68 -13.00 40.36
N GLY A 95 1.91 -13.66 41.22
CA GLY A 95 0.49 -13.40 41.25
C GLY A 95 -0.22 -14.48 40.46
N ASN A 96 -1.54 -14.50 40.55
CA ASN A 96 -2.35 -15.50 39.85
C ASN A 96 -3.02 -14.92 38.62
N SER A 97 -2.83 -13.63 38.39
CA SER A 97 -3.41 -12.96 37.22
C SER A 97 -2.43 -12.97 36.04
N PHE A 98 -2.99 -13.03 34.82
CA PHE A 98 -2.20 -13.04 33.61
C PHE A 98 -2.80 -12.21 32.46
N LEU A 99 -1.92 -11.49 31.76
CA LEU A 99 -2.35 -10.68 30.63
C LEU A 99 -1.82 -11.31 29.36
N ILE A 100 -2.74 -11.68 28.49
CA ILE A 100 -2.40 -12.31 27.21
C ILE A 100 -2.69 -11.36 26.07
N ASN A 101 -1.67 -11.08 25.25
CA ASN A 101 -1.84 -10.20 24.10
C ASN A 101 -1.94 -11.04 22.83
N LEU A 102 -3.17 -11.20 22.34
CA LEU A 102 -3.39 -11.96 21.10
C LEU A 102 -3.22 -11.04 19.91
N ILE A 103 -2.05 -11.11 19.29
CA ILE A 103 -1.74 -10.27 18.15
C ILE A 103 -2.21 -10.92 16.87
N ASP A 104 -3.03 -10.16 16.13
CA ASP A 104 -3.60 -10.61 14.87
C ASP A 104 -2.60 -10.99 13.78
N SER A 105 -2.99 -11.94 12.95
CA SER A 105 -2.16 -12.44 11.86
C SER A 105 -2.91 -12.35 10.53
N PRO A 106 -2.19 -12.55 9.41
CA PRO A 106 -2.81 -12.50 8.08
C PRO A 106 -3.63 -13.76 7.82
N GLY A 107 -4.35 -13.76 6.70
CA GLY A 107 -5.16 -14.92 6.34
C GLY A 107 -4.39 -15.82 5.39
N HIS A 108 -3.70 -15.21 4.44
CA HIS A 108 -2.92 -15.98 3.47
C HIS A 108 -1.44 -15.73 3.71
N VAL A 109 -0.61 -16.68 3.31
CA VAL A 109 0.83 -16.55 3.51
C VAL A 109 1.48 -15.51 2.62
N ASP A 110 0.91 -15.27 1.45
CA ASP A 110 1.49 -14.30 0.54
C ASP A 110 1.84 -12.99 1.25
N PHE A 111 1.11 -12.66 2.31
CA PHE A 111 1.35 -11.43 3.06
C PHE A 111 2.69 -11.42 3.81
N SER A 112 3.57 -12.31 3.36
CA SER A 112 4.93 -12.48 3.89
C SER A 112 5.41 -11.43 4.88
N SER A 113 5.67 -10.24 4.35
CA SER A 113 6.17 -9.11 5.13
C SER A 113 5.43 -8.81 6.43
N GLU A 114 4.10 -8.90 6.41
CA GLU A 114 3.35 -8.61 7.61
C GLU A 114 3.20 -9.82 8.53
N VAL A 115 3.48 -11.00 7.99
CA VAL A 115 3.42 -12.20 8.79
C VAL A 115 4.61 -12.07 9.73
N THR A 116 5.77 -11.74 9.16
CA THR A 116 6.99 -11.56 9.93
C THR A 116 6.79 -10.47 10.99
N ALA A 117 5.98 -9.49 10.63
CA ALA A 117 5.69 -8.37 11.51
C ALA A 117 5.07 -8.78 12.82
N ALA A 118 3.99 -9.55 12.74
CA ALA A 118 3.30 -10.02 13.94
C ALA A 118 4.22 -10.93 14.73
N LEU A 119 4.87 -11.87 14.06
CA LEU A 119 5.75 -12.79 14.75
C LEU A 119 6.81 -12.03 15.54
N ARG A 120 7.51 -11.12 14.86
CA ARG A 120 8.57 -10.35 15.49
C ARG A 120 8.19 -9.71 16.82
N VAL A 121 6.91 -9.44 17.03
CA VAL A 121 6.51 -8.84 18.31
C VAL A 121 5.93 -9.84 19.31
N THR A 122 5.84 -11.10 18.91
CA THR A 122 5.32 -12.13 19.80
C THR A 122 6.43 -13.01 20.37
N ASP A 123 6.10 -13.73 21.44
CA ASP A 123 7.04 -14.63 22.10
C ASP A 123 6.54 -16.08 22.04
N GLY A 124 5.22 -16.24 22.16
CA GLY A 124 4.62 -17.55 22.10
C GLY A 124 3.83 -17.70 20.82
N ALA A 125 3.30 -18.89 20.57
CA ALA A 125 2.52 -19.16 19.37
C ALA A 125 1.61 -20.40 19.50
N LEU A 126 0.32 -20.21 19.24
CA LEU A 126 -0.65 -21.31 19.31
C LEU A 126 -0.85 -21.88 17.92
N VAL A 127 -0.07 -22.91 17.57
CA VAL A 127 -0.16 -23.53 16.26
C VAL A 127 -1.33 -24.48 16.12
N VAL A 128 -2.22 -24.20 15.18
CA VAL A 128 -3.39 -25.04 14.97
C VAL A 128 -3.17 -26.00 13.81
N VAL A 129 -3.32 -27.28 14.12
CA VAL A 129 -3.19 -28.36 13.15
C VAL A 129 -4.52 -29.10 13.02
N ASP A 130 -4.74 -29.71 11.86
CA ASP A 130 -5.98 -30.43 11.61
C ASP A 130 -5.88 -31.93 11.89
N THR A 131 -6.96 -32.51 12.42
CA THR A 131 -6.98 -33.95 12.75
C THR A 131 -6.80 -34.86 11.54
N ILE A 132 -7.66 -34.67 10.55
CA ILE A 132 -7.60 -35.46 9.34
C ILE A 132 -6.38 -35.11 8.50
N GLU A 133 -6.30 -33.83 8.11
CA GLU A 133 -5.20 -33.34 7.28
C GLU A 133 -3.85 -33.19 7.95
N GLY A 134 -3.84 -32.99 9.26
CA GLY A 134 -2.58 -32.82 9.98
C GLY A 134 -1.95 -31.44 9.77
N VAL A 135 -0.62 -31.40 9.62
CA VAL A 135 0.08 -30.14 9.41
C VAL A 135 0.15 -29.87 7.92
N CYS A 136 -0.59 -28.85 7.47
CA CYS A 136 -0.60 -28.48 6.06
C CYS A 136 0.64 -27.65 5.73
N VAL A 137 0.99 -27.62 4.45
CA VAL A 137 2.17 -26.89 3.98
C VAL A 137 2.30 -25.46 4.50
N GLN A 138 1.26 -24.67 4.29
CA GLN A 138 1.29 -23.29 4.73
C GLN A 138 1.64 -23.17 6.22
N THR A 139 0.89 -23.86 7.09
CA THR A 139 1.16 -23.79 8.53
C THR A 139 2.56 -24.26 8.87
N GLU A 140 3.06 -25.18 8.07
CA GLU A 140 4.41 -25.69 8.27
C GLU A 140 5.41 -24.58 8.01
N THR A 141 5.16 -23.80 6.97
CA THR A 141 6.04 -22.70 6.60
C THR A 141 6.03 -21.62 7.67
N VAL A 142 4.87 -21.12 8.02
CA VAL A 142 4.82 -20.08 9.05
C VAL A 142 5.56 -20.57 10.31
N LEU A 143 5.34 -21.83 10.68
CA LEU A 143 6.00 -22.37 11.86
C LEU A 143 7.49 -22.20 11.75
N ARG A 144 8.08 -22.56 10.62
CA ARG A 144 9.53 -22.40 10.45
C ARG A 144 9.90 -20.96 10.81
N GLN A 145 9.24 -20.02 10.13
CA GLN A 145 9.47 -18.60 10.35
C GLN A 145 9.37 -18.27 11.83
N ALA A 146 8.30 -18.74 12.45
CA ALA A 146 8.13 -18.48 13.87
C ALA A 146 9.36 -18.99 14.60
N LEU A 147 9.81 -20.18 14.23
CA LEU A 147 10.98 -20.77 14.88
C LEU A 147 12.23 -19.94 14.66
N GLY A 148 12.32 -19.32 13.49
CA GLY A 148 13.46 -18.49 13.19
C GLY A 148 13.53 -17.26 14.11
N GLU A 149 12.38 -16.83 14.63
CA GLU A 149 12.32 -15.67 15.52
C GLU A 149 12.40 -16.18 16.96
N ARG A 150 12.56 -17.49 17.11
CA ARG A 150 12.64 -18.12 18.43
C ARG A 150 11.31 -17.99 19.17
N ILE A 151 10.25 -18.46 18.53
CA ILE A 151 8.92 -18.44 19.12
C ILE A 151 8.67 -19.85 19.66
N LYS A 152 8.18 -19.95 20.90
CA LYS A 152 7.90 -21.25 21.47
C LYS A 152 6.53 -21.68 20.93
N PRO A 153 6.42 -22.89 20.37
CA PRO A 153 5.12 -23.29 19.86
C PRO A 153 4.35 -24.12 20.86
N VAL A 154 3.04 -24.12 20.68
CA VAL A 154 2.09 -24.86 21.51
C VAL A 154 1.05 -25.32 20.48
N VAL A 155 0.80 -26.62 20.42
CA VAL A 155 -0.13 -27.15 19.44
C VAL A 155 -1.56 -27.43 19.92
N VAL A 156 -2.46 -27.52 18.93
CA VAL A 156 -3.89 -27.79 19.14
C VAL A 156 -4.37 -28.52 17.92
N ILE A 157 -4.84 -29.76 18.10
CA ILE A 157 -5.36 -30.49 16.98
C ILE A 157 -6.86 -30.22 16.96
N ASN A 158 -7.26 -29.44 15.96
CA ASN A 158 -8.64 -29.00 15.77
C ASN A 158 -9.41 -29.90 14.84
N LYS A 159 -10.71 -29.64 14.76
CA LYS A 159 -11.59 -30.43 13.90
C LYS A 159 -11.53 -31.95 14.18
N VAL A 160 -11.67 -32.31 15.44
CA VAL A 160 -11.67 -33.71 15.82
C VAL A 160 -13.03 -34.29 15.44
N ASP A 161 -14.07 -33.48 15.62
CA ASP A 161 -15.44 -33.92 15.30
C ASP A 161 -15.52 -34.56 13.90
N ARG A 162 -14.90 -33.92 12.93
CA ARG A 162 -14.92 -34.40 11.55
C ARG A 162 -14.40 -35.83 11.51
N ALA A 163 -13.58 -36.19 12.48
CA ALA A 163 -13.01 -37.54 12.52
C ALA A 163 -14.06 -38.55 12.94
N LEU A 164 -14.84 -38.21 13.94
CA LEU A 164 -15.87 -39.09 14.46
C LEU A 164 -17.08 -39.19 13.55
N LEU A 165 -17.78 -38.08 13.45
CA LEU A 165 -18.98 -37.96 12.63
C LEU A 165 -18.79 -38.47 11.20
N GLU A 166 -17.74 -38.00 10.53
CA GLU A 166 -17.46 -38.41 9.16
C GLU A 166 -16.86 -39.80 9.02
N LEU A 167 -15.58 -39.91 9.38
CA LEU A 167 -14.86 -41.16 9.26
C LEU A 167 -15.27 -42.27 10.22
N GLN A 168 -15.96 -41.89 11.30
CA GLN A 168 -16.40 -42.86 12.31
C GLN A 168 -15.21 -43.75 12.68
N VAL A 169 -14.10 -43.08 12.98
CA VAL A 169 -12.87 -43.75 13.36
C VAL A 169 -12.92 -44.30 14.80
N SER A 170 -12.18 -45.38 15.03
CA SER A 170 -12.14 -46.02 16.35
C SER A 170 -11.27 -45.23 17.33
N LYS A 171 -11.43 -45.51 18.62
CA LYS A 171 -10.63 -44.85 19.63
C LYS A 171 -9.15 -45.00 19.32
N GLU A 172 -8.70 -46.22 19.00
CA GLU A 172 -7.29 -46.42 18.72
C GLU A 172 -6.79 -45.78 17.43
N ASP A 173 -7.61 -45.75 16.39
CA ASP A 173 -7.18 -45.15 15.14
C ASP A 173 -7.00 -43.64 15.27
N LEU A 174 -7.89 -43.01 16.03
CA LEU A 174 -7.83 -41.58 16.26
C LEU A 174 -6.59 -41.25 17.08
N TYR A 175 -6.22 -42.17 17.99
CA TYR A 175 -5.03 -42.00 18.83
C TYR A 175 -3.82 -41.99 17.93
N GLN A 176 -3.69 -43.04 17.12
CA GLN A 176 -2.59 -43.14 16.19
C GLN A 176 -2.47 -41.87 15.35
N THR A 177 -3.63 -41.34 14.96
CA THR A 177 -3.66 -40.12 14.17
C THR A 177 -2.99 -38.96 14.91
N PHE A 178 -3.49 -38.63 16.10
CA PHE A 178 -2.88 -37.54 16.87
C PHE A 178 -1.39 -37.79 17.02
N ALA A 179 -1.05 -39.05 17.25
CA ALA A 179 0.34 -39.47 17.41
C ALA A 179 1.18 -39.04 16.22
N ARG A 180 0.73 -39.46 15.04
CA ARG A 180 1.41 -39.12 13.79
C ARG A 180 1.51 -37.60 13.63
N THR A 181 0.37 -36.93 13.78
CA THR A 181 0.30 -35.48 13.68
C THR A 181 1.32 -34.82 14.62
N VAL A 182 1.27 -35.13 15.90
CA VAL A 182 2.22 -34.54 16.86
C VAL A 182 3.64 -34.86 16.42
N GLU A 183 3.81 -36.01 15.79
CA GLU A 183 5.14 -36.44 15.34
C GLU A 183 5.61 -35.53 14.21
N SER A 184 4.74 -35.26 13.25
CA SER A 184 5.05 -34.37 12.13
C SER A 184 5.50 -33.01 12.65
N VAL A 185 4.69 -32.44 13.53
CA VAL A 185 4.98 -31.13 14.08
C VAL A 185 6.37 -31.08 14.67
N ASN A 186 6.65 -32.02 15.58
CA ASN A 186 7.96 -32.04 16.20
C ASN A 186 9.08 -32.29 15.21
N VAL A 187 8.79 -32.91 14.08
CA VAL A 187 9.83 -33.12 13.07
C VAL A 187 10.28 -31.73 12.60
N ILE A 188 9.31 -30.81 12.57
CA ILE A 188 9.54 -29.43 12.15
C ILE A 188 10.15 -28.66 13.31
N VAL A 189 9.55 -28.79 14.48
CA VAL A 189 10.06 -28.09 15.66
C VAL A 189 11.54 -28.37 15.97
N SER A 190 11.93 -29.64 15.90
CA SER A 190 13.30 -30.02 16.21
C SER A 190 14.26 -29.62 15.09
N THR A 191 13.82 -29.79 13.85
CA THR A 191 14.65 -29.46 12.69
C THR A 191 14.97 -27.97 12.52
N TYR A 192 14.06 -27.12 12.98
CA TYR A 192 14.22 -25.67 12.82
C TYR A 192 14.36 -24.79 14.05
N ALA A 193 14.12 -25.33 15.23
CA ALA A 193 14.26 -24.48 16.42
C ALA A 193 15.75 -24.39 16.73
N ASP A 194 16.13 -23.39 17.53
CA ASP A 194 17.51 -23.17 17.92
C ASP A 194 17.95 -24.10 19.04
N GLU A 195 19.15 -24.64 18.92
CA GLU A 195 19.67 -25.54 19.94
C GLU A 195 19.78 -24.80 21.27
N VAL A 196 20.03 -23.49 21.23
CA VAL A 196 20.14 -22.71 22.46
C VAL A 196 18.84 -22.75 23.25
N LEU A 197 17.73 -22.57 22.55
CA LEU A 197 16.41 -22.60 23.16
C LEU A 197 16.16 -23.84 24.02
N GLY A 198 16.75 -24.97 23.63
CA GLY A 198 16.56 -26.21 24.36
C GLY A 198 15.44 -26.97 23.68
N ASP A 199 15.13 -28.18 24.16
CA ASP A 199 14.06 -28.94 23.53
C ASP A 199 12.75 -28.19 23.62
N VAL A 200 12.20 -27.83 22.46
CA VAL A 200 10.96 -27.08 22.44
C VAL A 200 9.82 -27.87 21.82
N GLN A 201 10.06 -29.15 21.55
CA GLN A 201 9.05 -30.04 20.98
C GLN A 201 7.78 -30.11 21.87
N VAL A 202 6.62 -30.33 21.25
CA VAL A 202 5.38 -30.46 22.02
C VAL A 202 5.12 -31.91 22.43
N TYR A 203 4.69 -32.06 23.68
CA TYR A 203 4.40 -33.37 24.22
C TYR A 203 3.06 -33.36 24.94
N PRO A 204 2.08 -34.11 24.41
CA PRO A 204 0.73 -34.19 24.97
C PRO A 204 0.74 -34.46 26.48
N ALA A 205 1.66 -35.32 26.90
CA ALA A 205 1.81 -35.69 28.29
C ALA A 205 2.30 -34.51 29.14
N ARG A 206 2.92 -33.53 28.49
CA ARG A 206 3.43 -32.37 29.22
C ARG A 206 2.51 -31.18 29.13
N GLY A 207 1.30 -31.43 28.63
CA GLY A 207 0.30 -30.38 28.52
C GLY A 207 0.53 -29.28 27.51
N THR A 208 1.27 -29.57 26.44
CA THR A 208 1.54 -28.57 25.42
C THR A 208 0.83 -28.89 24.10
N VAL A 209 -0.12 -29.81 24.17
CA VAL A 209 -0.90 -30.20 23.00
C VAL A 209 -2.34 -30.43 23.43
N ALA A 210 -3.26 -29.67 22.83
CA ALA A 210 -4.67 -29.79 23.15
C ALA A 210 -5.40 -30.37 21.95
N PHE A 211 -6.53 -31.01 22.20
CA PHE A 211 -7.32 -31.60 21.12
C PHE A 211 -8.72 -31.05 21.28
N GLY A 212 -9.41 -30.81 20.16
CA GLY A 212 -10.76 -30.29 20.25
C GLY A 212 -11.38 -29.91 18.94
N SER A 213 -12.54 -29.27 19.05
CA SER A 213 -13.29 -28.84 17.88
C SER A 213 -13.83 -27.42 18.04
N GLY A 214 -13.34 -26.50 17.21
CA GLY A 214 -13.78 -25.12 17.25
C GLY A 214 -15.26 -25.06 16.95
N LEU A 215 -15.71 -25.87 16.00
CA LEU A 215 -17.12 -25.90 15.62
C LEU A 215 -18.00 -26.10 16.85
N HIS A 216 -17.92 -27.28 17.46
CA HIS A 216 -18.74 -27.52 18.63
C HIS A 216 -18.31 -26.66 19.81
N GLY A 217 -17.08 -26.19 19.79
CA GLY A 217 -16.59 -25.34 20.85
C GLY A 217 -15.98 -26.06 22.03
N TRP A 218 -15.36 -27.22 21.79
CA TRP A 218 -14.72 -27.99 22.85
C TRP A 218 -13.28 -28.37 22.57
N ALA A 219 -12.50 -28.52 23.64
CA ALA A 219 -11.10 -28.90 23.55
C ALA A 219 -10.58 -29.27 24.93
N PHE A 220 -9.54 -30.11 24.97
CA PHE A 220 -8.98 -30.56 26.24
C PHE A 220 -7.48 -30.84 26.16
N THR A 221 -6.87 -30.94 27.34
CA THR A 221 -5.44 -31.23 27.45
C THR A 221 -5.31 -32.41 28.39
N ILE A 222 -4.25 -33.18 28.23
CA ILE A 222 -4.07 -34.33 29.09
C ILE A 222 -4.14 -33.85 30.54
N ARG A 223 -3.56 -32.67 30.76
CA ARG A 223 -3.55 -32.07 32.08
C ARG A 223 -4.93 -31.77 32.65
N GLN A 224 -5.95 -31.78 31.81
CA GLN A 224 -7.29 -31.50 32.30
C GLN A 224 -7.97 -32.74 32.83
N PHE A 225 -7.79 -33.85 32.13
CA PHE A 225 -8.37 -35.11 32.57
C PHE A 225 -7.55 -35.66 33.73
N ALA A 226 -6.28 -35.28 33.78
CA ALA A 226 -5.40 -35.73 34.84
C ALA A 226 -5.72 -35.06 36.18
N THR A 227 -6.31 -33.87 36.13
CA THR A 227 -6.64 -33.17 37.36
C THR A 227 -7.94 -33.76 37.87
N ARG A 228 -8.68 -34.38 36.96
CA ARG A 228 -9.96 -34.98 37.27
C ARG A 228 -9.81 -36.37 37.87
N TYR A 229 -9.21 -37.27 37.10
CA TYR A 229 -9.00 -38.62 37.56
C TYR A 229 -7.91 -38.62 38.61
N ALA A 230 -7.47 -37.41 38.92
CA ALA A 230 -6.42 -37.16 39.91
C ALA A 230 -6.45 -37.99 41.18
N LYS A 231 -7.59 -38.06 41.82
CA LYS A 231 -7.62 -38.81 43.06
C LYS A 231 -8.31 -40.13 43.01
N LYS A 232 -9.23 -40.30 42.06
CA LYS A 232 -9.97 -41.55 41.91
C LYS A 232 -9.00 -42.74 41.78
N PHE A 233 -7.70 -42.44 41.75
CA PHE A 233 -6.66 -43.47 41.65
C PHE A 233 -5.57 -43.25 42.70
N GLY A 234 -5.63 -42.13 43.41
CA GLY A 234 -4.62 -41.84 44.41
C GLY A 234 -3.31 -41.61 43.70
N VAL A 235 -3.26 -40.49 42.98
CA VAL A 235 -2.06 -40.15 42.24
C VAL A 235 -1.84 -38.65 42.29
N ASP A 236 -0.60 -38.25 42.07
CA ASP A 236 -0.29 -36.84 41.99
C ASP A 236 -0.41 -36.74 40.47
N LYS A 237 -1.27 -35.83 40.00
CA LYS A 237 -1.49 -35.70 38.57
C LYS A 237 -0.26 -35.79 37.69
N ALA A 238 0.90 -35.51 38.28
CA ALA A 238 2.17 -35.57 37.56
C ALA A 238 2.21 -36.92 36.86
N LYS A 239 1.96 -37.97 37.62
CA LYS A 239 1.98 -39.32 37.08
C LYS A 239 0.66 -39.78 36.47
N MET A 240 -0.41 -39.05 36.72
CA MET A 240 -1.70 -39.41 36.14
C MET A 240 -1.72 -38.97 34.68
N MET A 241 -1.22 -37.77 34.41
CA MET A 241 -1.21 -37.31 33.03
C MET A 241 -0.10 -38.01 32.27
N ASP A 242 0.96 -38.37 32.96
CA ASP A 242 2.05 -39.07 32.30
C ASP A 242 1.57 -40.41 31.74
N ARG A 243 0.57 -41.00 32.41
CA ARG A 243 0.00 -42.27 32.01
C ARG A 243 -1.05 -42.13 30.95
N LEU A 244 -1.75 -41.00 30.99
CA LEU A 244 -2.82 -40.76 30.03
C LEU A 244 -2.36 -40.68 28.57
N TRP A 245 -1.06 -40.80 28.34
CA TRP A 245 -0.53 -40.79 26.98
C TRP A 245 0.55 -41.86 26.82
N GLY A 246 0.79 -42.25 25.57
CA GLY A 246 1.79 -43.28 25.30
C GLY A 246 1.30 -44.68 25.63
N ASP A 247 2.24 -45.54 26.00
CA ASP A 247 1.90 -46.92 26.34
C ASP A 247 1.75 -47.11 27.85
N SER A 248 0.51 -47.02 28.30
CA SER A 248 0.15 -47.20 29.70
C SER A 248 -1.22 -47.87 29.65
N PHE A 249 -1.40 -48.93 30.42
CA PHE A 249 -2.67 -49.61 30.39
C PHE A 249 -3.21 -49.90 31.76
N PHE A 250 -4.54 -49.96 31.84
CA PHE A 250 -5.22 -50.25 33.08
C PHE A 250 -6.13 -51.46 32.88
N ASN A 251 -5.72 -52.60 33.40
CA ASN A 251 -6.52 -53.81 33.26
C ASN A 251 -7.77 -53.59 34.11
N PRO A 252 -8.96 -53.69 33.51
CA PRO A 252 -10.25 -53.50 34.21
C PRO A 252 -10.39 -54.56 35.28
N LYS A 253 -9.99 -55.77 34.89
CA LYS A 253 -10.06 -56.94 35.72
C LYS A 253 -8.96 -56.93 36.80
N THR A 254 -7.69 -56.99 36.43
CA THR A 254 -6.66 -56.96 37.45
C THR A 254 -6.72 -55.63 38.22
N LYS A 255 -7.26 -54.59 37.60
CA LYS A 255 -7.33 -53.26 38.25
C LYS A 255 -5.92 -52.80 38.56
N LYS A 256 -4.99 -53.14 37.67
CA LYS A 256 -3.58 -52.78 37.85
C LYS A 256 -3.08 -52.00 36.64
N TRP A 257 -2.01 -51.26 36.86
CA TRP A 257 -1.39 -50.49 35.79
C TRP A 257 -0.23 -51.30 35.22
N THR A 258 -0.19 -51.42 33.90
CA THR A 258 0.85 -52.20 33.23
C THR A 258 1.52 -51.37 32.15
N ASN A 259 2.58 -51.91 31.59
CA ASN A 259 3.27 -51.22 30.52
C ASN A 259 3.30 -52.09 29.27
N LYS A 260 2.41 -53.08 29.21
CA LYS A 260 2.33 -53.95 28.04
C LYS A 260 0.86 -54.06 27.59
N ASP A 261 0.65 -53.97 26.29
CA ASP A 261 -0.70 -54.00 25.72
C ASP A 261 -1.48 -55.30 25.86
N THR A 262 -0.93 -56.24 26.62
CA THR A 262 -1.59 -57.53 26.86
C THR A 262 -1.52 -57.94 28.32
N ASP A 263 -2.49 -58.74 28.74
CA ASP A 263 -2.49 -59.20 30.11
C ASP A 263 -1.72 -60.52 30.07
N ALA A 264 -1.42 -61.08 31.24
CA ALA A 264 -0.68 -62.34 31.35
C ALA A 264 -1.04 -63.41 30.31
N GLU A 265 -2.31 -63.48 29.92
CA GLU A 265 -2.76 -64.46 28.94
C GLU A 265 -2.55 -64.12 27.47
N GLY A 266 -2.52 -62.85 27.13
CA GLY A 266 -2.31 -62.50 25.73
C GLY A 266 -3.45 -61.70 25.15
N LYS A 267 -4.43 -61.39 25.98
CA LYS A 267 -5.56 -60.57 25.54
C LYS A 267 -5.13 -59.09 25.52
N PRO A 268 -5.64 -58.33 24.54
CA PRO A 268 -5.35 -56.90 24.36
C PRO A 268 -5.83 -56.02 25.50
N LEU A 269 -5.12 -54.92 25.71
CA LEU A 269 -5.48 -53.95 26.72
C LEU A 269 -5.65 -52.51 26.14
N GLU A 270 -6.79 -51.89 26.39
CA GLU A 270 -7.03 -50.55 25.88
C GLU A 270 -6.08 -49.59 26.60
N ARG A 271 -5.49 -48.69 25.81
CA ARG A 271 -4.57 -47.68 26.28
C ARG A 271 -5.28 -46.75 27.27
N ALA A 272 -4.52 -46.11 28.14
CA ALA A 272 -5.09 -45.21 29.16
C ALA A 272 -5.85 -44.05 28.54
N PHE A 273 -5.28 -43.49 27.47
CA PHE A 273 -5.86 -42.37 26.74
C PHE A 273 -7.21 -42.78 26.18
N ASN A 274 -7.23 -43.95 25.56
CA ASN A 274 -8.46 -44.45 24.97
C ASN A 274 -9.47 -44.76 26.05
N MET A 275 -8.98 -45.16 27.21
CA MET A 275 -9.85 -45.53 28.31
C MET A 275 -10.51 -44.43 29.12
N PHE A 276 -9.73 -43.43 29.51
CA PHE A 276 -10.25 -42.36 30.34
C PHE A 276 -10.52 -41.02 29.66
N ILE A 277 -10.01 -40.86 28.46
CA ILE A 277 -10.24 -39.64 27.70
C ILE A 277 -11.17 -39.91 26.50
N LEU A 278 -10.66 -40.57 25.47
CA LEU A 278 -11.49 -40.82 24.29
C LEU A 278 -12.80 -41.57 24.53
N ASP A 279 -12.82 -42.51 25.47
CA ASP A 279 -14.07 -43.26 25.69
C ASP A 279 -15.22 -42.39 26.16
N PRO A 280 -15.04 -41.61 27.25
CA PRO A 280 -16.12 -40.73 27.74
C PRO A 280 -16.74 -39.92 26.59
N ILE A 281 -15.86 -39.22 25.87
CA ILE A 281 -16.27 -38.41 24.74
C ILE A 281 -16.96 -39.27 23.68
N PHE A 282 -16.35 -40.37 23.29
CA PHE A 282 -16.92 -41.23 22.27
C PHE A 282 -18.33 -41.71 22.57
N ARG A 283 -18.66 -41.85 23.85
CA ARG A 283 -19.98 -42.34 24.21
C ARG A 283 -21.05 -41.29 24.07
N LEU A 284 -20.74 -40.09 24.56
CA LEU A 284 -21.64 -38.95 24.50
C LEU A 284 -22.02 -38.73 23.04
N PHE A 285 -21.03 -38.89 22.16
CA PHE A 285 -21.29 -38.75 20.75
C PHE A 285 -22.23 -39.83 20.28
N THR A 286 -21.87 -41.08 20.55
CA THR A 286 -22.67 -42.22 20.13
C THR A 286 -24.07 -42.12 20.73
N ALA A 287 -24.15 -41.83 22.02
CA ALA A 287 -25.42 -41.72 22.69
C ALA A 287 -26.33 -40.68 22.04
N ILE A 288 -25.92 -39.43 22.17
CA ILE A 288 -26.66 -38.28 21.64
C ILE A 288 -27.00 -38.32 20.15
N MET A 289 -26.01 -38.59 19.30
CA MET A 289 -26.28 -38.64 17.86
C MET A 289 -27.15 -39.81 17.40
N ASN A 290 -27.45 -40.73 18.31
CA ASN A 290 -28.30 -41.87 17.96
C ASN A 290 -29.63 -41.73 18.65
N PHE A 291 -29.79 -40.59 19.33
CA PHE A 291 -31.02 -40.25 20.04
C PHE A 291 -31.49 -41.27 21.07
N LYS A 292 -30.55 -41.98 21.68
CA LYS A 292 -30.92 -42.96 22.68
C LYS A 292 -31.19 -42.22 24.01
N LYS A 293 -32.39 -41.63 24.09
CA LYS A 293 -32.83 -40.85 25.25
C LYS A 293 -32.76 -41.56 26.60
N ASP A 294 -32.69 -42.89 26.61
CA ASP A 294 -32.59 -43.59 27.88
C ASP A 294 -31.19 -43.43 28.45
N GLU A 295 -30.18 -43.50 27.58
CA GLU A 295 -28.76 -43.38 27.97
C GLU A 295 -28.27 -41.96 28.24
N ILE A 296 -28.58 -41.05 27.32
CA ILE A 296 -28.14 -39.65 27.43
C ILE A 296 -28.17 -39.08 28.85
N PRO A 297 -29.35 -39.10 29.49
CA PRO A 297 -29.45 -38.57 30.86
C PRO A 297 -28.48 -39.24 31.83
N VAL A 298 -28.44 -40.58 31.80
CA VAL A 298 -27.58 -41.39 32.66
C VAL A 298 -26.12 -41.04 32.37
N LEU A 299 -25.75 -41.15 31.11
CA LEU A 299 -24.39 -40.86 30.67
C LEU A 299 -23.96 -39.47 31.13
N LEU A 300 -24.85 -38.49 30.95
CA LEU A 300 -24.59 -37.10 31.32
C LEU A 300 -24.35 -36.87 32.82
N GLU A 301 -25.23 -37.40 33.66
CA GLU A 301 -25.11 -37.25 35.09
C GLU A 301 -23.78 -37.84 35.60
N LYS A 302 -23.29 -38.88 34.92
CA LYS A 302 -22.04 -39.52 35.34
C LYS A 302 -20.85 -38.57 35.19
N LEU A 303 -20.88 -37.74 34.15
CA LEU A 303 -19.82 -36.78 33.89
C LEU A 303 -20.16 -35.46 34.56
N GLU A 304 -21.24 -35.48 35.33
CA GLU A 304 -21.71 -34.31 36.05
C GLU A 304 -22.00 -33.12 35.12
N ILE A 305 -22.63 -33.40 33.99
CA ILE A 305 -22.96 -32.36 33.02
C ILE A 305 -24.44 -32.02 33.18
N VAL A 306 -24.70 -30.86 33.77
CA VAL A 306 -26.08 -30.41 34.02
C VAL A 306 -26.67 -29.49 32.94
N LEU A 307 -27.58 -30.04 32.16
CA LEU A 307 -28.24 -29.25 31.12
C LEU A 307 -29.13 -28.27 31.89
N LYS A 308 -29.29 -27.06 31.36
CA LYS A 308 -30.09 -26.04 32.04
C LYS A 308 -31.44 -25.76 31.36
N GLY A 309 -32.49 -26.38 31.89
CA GLY A 309 -33.83 -26.18 31.35
C GLY A 309 -34.01 -26.34 29.86
N ASP A 310 -33.97 -25.21 29.15
CA ASP A 310 -34.15 -25.17 27.70
C ASP A 310 -33.27 -26.12 26.89
N GLU A 311 -32.02 -26.27 27.31
CA GLU A 311 -31.06 -27.13 26.62
C GLU A 311 -31.48 -28.60 26.68
N LYS A 312 -32.21 -28.95 27.73
CA LYS A 312 -32.68 -30.32 27.97
C LYS A 312 -33.44 -30.96 26.82
N ASP A 313 -34.24 -30.17 26.11
CA ASP A 313 -35.05 -30.70 25.00
C ASP A 313 -34.29 -30.86 23.69
N LEU A 314 -33.12 -30.23 23.59
CA LEU A 314 -32.30 -30.31 22.39
C LEU A 314 -31.91 -31.75 22.06
N GLU A 315 -31.69 -32.02 20.79
CA GLU A 315 -31.28 -33.35 20.36
C GLU A 315 -30.54 -33.24 19.05
N GLY A 316 -29.73 -34.26 18.75
CA GLY A 316 -28.96 -34.23 17.53
C GLY A 316 -27.72 -33.36 17.72
N LYS A 317 -27.27 -32.72 16.65
CA LYS A 317 -26.10 -31.85 16.73
C LYS A 317 -26.35 -30.77 17.78
N ALA A 318 -27.50 -30.11 17.66
CA ALA A 318 -27.88 -29.05 18.58
C ALA A 318 -27.52 -29.40 20.02
N LEU A 319 -27.87 -30.61 20.44
CA LEU A 319 -27.60 -31.10 21.78
C LEU A 319 -26.12 -31.32 22.02
N LEU A 320 -25.52 -32.25 21.27
CA LEU A 320 -24.10 -32.56 21.40
C LEU A 320 -23.30 -31.28 21.55
N LYS A 321 -23.61 -30.32 20.69
CA LYS A 321 -22.94 -29.02 20.70
C LYS A 321 -22.96 -28.36 22.06
N VAL A 322 -24.08 -28.45 22.77
CA VAL A 322 -24.19 -27.84 24.08
C VAL A 322 -23.53 -28.66 25.21
N VAL A 323 -23.65 -29.98 25.11
CA VAL A 323 -23.09 -30.91 26.09
C VAL A 323 -21.57 -30.78 26.13
N MET A 324 -20.98 -30.84 24.94
CA MET A 324 -19.54 -30.73 24.77
C MET A 324 -18.99 -29.40 25.28
N ARG A 325 -19.75 -28.32 25.11
CA ARG A 325 -19.29 -27.00 25.60
C ARG A 325 -19.24 -26.95 27.11
N LYS A 326 -20.20 -27.58 27.77
CA LYS A 326 -20.24 -27.58 29.22
C LYS A 326 -19.18 -28.56 29.72
N PHE A 327 -19.04 -29.66 28.99
CA PHE A 327 -18.06 -30.70 29.34
C PHE A 327 -16.65 -30.16 29.25
N LEU A 328 -16.20 -29.93 28.02
CA LEU A 328 -14.85 -29.45 27.79
C LEU A 328 -14.76 -28.11 27.08
N PRO A 329 -14.88 -27.01 27.84
CA PRO A 329 -14.83 -25.64 27.33
C PRO A 329 -13.54 -25.37 26.55
N ALA A 330 -13.64 -25.38 25.22
CA ALA A 330 -12.48 -25.18 24.35
C ALA A 330 -11.55 -24.02 24.73
N ALA A 331 -12.16 -22.92 25.14
CA ALA A 331 -11.43 -21.72 25.52
C ALA A 331 -10.40 -21.92 26.62
N ASP A 332 -10.82 -22.63 27.67
CA ASP A 332 -9.95 -22.87 28.82
C ASP A 332 -8.78 -23.79 28.52
N ALA A 333 -9.01 -24.76 27.65
CA ALA A 333 -7.95 -25.70 27.29
C ALA A 333 -6.78 -24.94 26.68
N LEU A 334 -7.10 -23.98 25.80
CA LEU A 334 -6.10 -23.17 25.12
C LEU A 334 -5.48 -22.15 26.09
N LEU A 335 -6.33 -21.52 26.89
CA LEU A 335 -5.84 -20.54 27.86
C LEU A 335 -4.91 -21.16 28.89
N GLU A 336 -5.03 -22.48 29.05
CA GLU A 336 -4.22 -23.24 30.01
C GLU A 336 -2.82 -23.40 29.50
N MET A 337 -2.69 -23.75 28.23
CA MET A 337 -1.39 -23.94 27.63
C MET A 337 -0.69 -22.61 27.45
N ILE A 338 -1.45 -21.56 27.13
CA ILE A 338 -0.87 -20.23 26.92
C ILE A 338 -0.14 -19.75 28.18
N VAL A 339 -0.82 -19.88 29.31
CA VAL A 339 -0.26 -19.45 30.59
C VAL A 339 0.86 -20.35 31.13
N LEU A 340 0.63 -21.65 31.13
CA LEU A 340 1.60 -22.60 31.68
C LEU A 340 2.80 -22.94 30.82
N HIS A 341 2.76 -22.60 29.53
CA HIS A 341 3.88 -22.97 28.67
C HIS A 341 4.49 -21.90 27.76
N LEU A 342 3.70 -20.88 27.41
CA LEU A 342 4.21 -19.82 26.56
C LEU A 342 5.03 -18.87 27.42
N PRO A 343 6.20 -18.45 26.91
CA PRO A 343 7.09 -17.53 27.63
C PRO A 343 6.52 -16.12 27.83
N SER A 344 6.89 -15.51 28.95
CA SER A 344 6.46 -14.14 29.24
C SER A 344 7.44 -13.20 28.51
N PRO A 345 7.10 -11.91 28.44
CA PRO A 345 8.02 -11.02 27.76
C PRO A 345 9.34 -10.84 28.54
N VAL A 346 9.66 -11.81 29.42
CA VAL A 346 10.88 -11.70 30.23
C VAL A 346 11.83 -12.85 29.90
N THR A 347 11.25 -14.04 29.81
CA THR A 347 11.98 -15.26 29.51
C THR A 347 12.49 -15.25 28.06
N ALA A 348 11.65 -14.75 27.16
CA ALA A 348 11.97 -14.70 25.74
C ALA A 348 12.94 -13.61 25.29
N GLN A 349 12.79 -12.41 25.85
CA GLN A 349 13.65 -11.29 25.46
C GLN A 349 15.11 -11.53 25.81
N ALA A 350 15.34 -12.45 26.74
CA ALA A 350 16.68 -12.81 27.19
C ALA A 350 17.43 -13.53 26.08
N TYR A 351 16.69 -14.31 25.29
CA TYR A 351 17.31 -15.06 24.20
C TYR A 351 16.90 -14.55 22.81
N ARG A 352 16.02 -13.55 22.78
CA ARG A 352 15.53 -12.97 21.52
C ARG A 352 16.11 -11.59 21.23
N ALA A 353 16.57 -10.93 22.29
CA ALA A 353 17.17 -9.60 22.22
C ALA A 353 18.23 -9.49 21.12
N GLU A 354 19.33 -10.21 21.30
CA GLU A 354 20.43 -10.19 20.34
C GLU A 354 19.94 -10.29 18.91
N GLN A 355 18.99 -11.18 18.69
CA GLN A 355 18.45 -11.38 17.36
C GLN A 355 17.65 -10.17 16.88
N LEU A 356 17.03 -9.45 17.82
CA LEU A 356 16.21 -8.28 17.48
C LEU A 356 16.93 -6.92 17.50
N TYR A 357 18.17 -6.91 17.97
CA TYR A 357 18.92 -5.66 18.00
C TYR A 357 20.04 -5.74 16.96
N GLU A 358 20.06 -4.75 16.05
CA GLU A 358 21.05 -4.70 14.98
C GLU A 358 22.28 -3.90 15.44
N GLY A 359 22.50 -3.89 16.74
CA GLY A 359 23.64 -3.17 17.31
C GLY A 359 24.52 -4.14 18.07
N PRO A 360 25.46 -3.65 18.89
CA PRO A 360 26.37 -4.50 19.69
C PRO A 360 25.62 -5.38 20.71
N ALA A 361 25.87 -6.68 20.66
CA ALA A 361 25.21 -7.64 21.58
C ALA A 361 25.47 -7.35 23.06
N ASP A 362 26.32 -6.35 23.31
CA ASP A 362 26.69 -5.93 24.66
C ASP A 362 26.34 -4.45 24.85
N ASP A 363 25.80 -3.84 23.78
CA ASP A 363 25.40 -2.45 23.82
C ASP A 363 24.53 -2.21 25.06
N ALA A 364 24.54 -0.99 25.57
CA ALA A 364 23.75 -0.62 26.76
C ALA A 364 22.27 -0.94 26.60
N ASN A 365 21.76 -0.84 25.37
CA ASN A 365 20.36 -1.13 25.08
C ASN A 365 20.11 -2.63 24.91
N CYS A 366 20.91 -3.28 24.07
CA CYS A 366 20.76 -4.72 23.85
C CYS A 366 20.63 -5.44 25.18
N ILE A 367 21.40 -4.97 26.15
CA ILE A 367 21.37 -5.54 27.49
C ILE A 367 19.99 -5.24 28.06
N ALA A 368 19.60 -3.97 27.98
CA ALA A 368 18.31 -3.53 28.50
C ALA A 368 17.15 -4.30 27.87
N ILE A 369 17.39 -4.87 26.70
CA ILE A 369 16.36 -5.67 26.03
C ILE A 369 16.31 -7.04 26.73
N LYS A 370 17.46 -7.69 26.86
CA LYS A 370 17.56 -8.99 27.52
C LYS A 370 16.90 -8.96 28.90
N ASN A 371 17.21 -7.92 29.67
CA ASN A 371 16.69 -7.78 31.02
C ASN A 371 15.30 -7.16 31.11
N CYS A 372 14.67 -6.93 29.95
CA CYS A 372 13.33 -6.31 29.91
C CYS A 372 13.23 -5.24 31.02
N ASP A 373 14.31 -4.50 31.10
CA ASP A 373 14.54 -3.41 31.98
C ASP A 373 13.69 -2.14 31.72
N PRO A 374 12.68 -1.83 32.57
CA PRO A 374 11.80 -0.64 32.44
C PRO A 374 12.43 0.69 32.87
N LYS A 375 13.68 0.63 33.32
CA LYS A 375 14.41 1.81 33.77
C LYS A 375 15.35 2.32 32.68
N ALA A 376 15.82 1.39 31.84
CA ALA A 376 16.74 1.74 30.77
C ALA A 376 16.14 2.63 29.67
N ASP A 377 17.03 3.14 28.82
CA ASP A 377 16.62 3.99 27.71
C ASP A 377 15.57 3.27 26.88
N LEU A 378 14.54 4.01 26.46
CA LEU A 378 13.47 3.45 25.66
C LEU A 378 13.94 2.64 24.45
N MET A 379 13.24 1.54 24.20
CA MET A 379 13.50 0.65 23.06
C MET A 379 12.14 0.09 22.66
N LEU A 380 11.35 0.92 21.99
CA LEU A 380 10.00 0.56 21.55
C LEU A 380 9.98 0.23 20.06
N TYR A 381 9.43 -0.94 19.71
CA TYR A 381 9.37 -1.41 18.32
C TYR A 381 8.01 -1.19 17.67
N VAL A 382 7.99 -0.49 16.55
CA VAL A 382 6.74 -0.24 15.85
C VAL A 382 6.60 -1.26 14.72
N SER A 383 5.70 -2.22 14.91
CA SER A 383 5.48 -3.28 13.93
C SER A 383 4.60 -2.86 12.74
N LYS A 384 3.65 -1.96 12.99
CA LYS A 384 2.77 -1.51 11.93
C LYS A 384 1.92 -0.30 12.31
N MET A 385 1.49 0.47 11.31
CA MET A 385 0.63 1.63 11.52
C MET A 385 -0.82 1.19 11.27
N VAL A 386 -1.71 1.49 12.21
CA VAL A 386 -3.10 1.09 12.07
C VAL A 386 -4.03 2.29 11.93
N PRO A 387 -4.99 2.21 10.99
CA PRO A 387 -5.99 3.25 10.69
C PRO A 387 -6.97 3.51 11.82
N THR A 388 -7.14 4.79 12.17
CA THR A 388 -8.05 5.20 13.24
C THR A 388 -9.21 6.01 12.67
N SER A 389 -10.27 6.18 13.45
CA SER A 389 -11.43 6.95 13.02
C SER A 389 -11.12 8.45 13.09
N ASP A 390 -10.29 8.82 14.06
CA ASP A 390 -9.85 10.20 14.29
C ASP A 390 -9.10 10.75 13.07
N LYS A 391 -9.82 11.19 12.05
CA LYS A 391 -9.21 11.73 10.84
C LYS A 391 -8.65 10.57 10.03
N GLY A 392 -7.67 10.88 9.17
CA GLY A 392 -7.03 9.87 8.35
C GLY A 392 -5.70 9.53 9.00
N ARG A 393 -5.63 9.80 10.30
CA ARG A 393 -4.43 9.55 11.08
C ARG A 393 -4.29 8.07 11.39
N PHE A 394 -3.06 7.68 11.68
CA PHE A 394 -2.75 6.29 12.00
C PHE A 394 -2.02 6.20 13.35
N TYR A 395 -2.40 5.21 14.16
CA TYR A 395 -1.73 5.00 15.45
C TYR A 395 -0.66 3.92 15.28
N ALA A 396 0.49 4.13 15.91
CA ALA A 396 1.57 3.16 15.81
C ALA A 396 1.31 1.97 16.73
N PHE A 397 1.56 0.77 16.22
CA PHE A 397 1.38 -0.46 16.98
C PHE A 397 2.72 -1.13 17.17
N GLY A 398 3.01 -1.53 18.39
CA GLY A 398 4.29 -2.16 18.66
C GLY A 398 4.46 -2.69 20.06
N ARG A 399 5.72 -2.89 20.42
CA ARG A 399 6.08 -3.43 21.72
C ARG A 399 7.24 -2.69 22.37
N VAL A 400 7.15 -2.51 23.67
CA VAL A 400 8.19 -1.82 24.41
C VAL A 400 9.19 -2.85 24.92
N PHE A 401 10.31 -3.01 24.20
CA PHE A 401 11.35 -3.98 24.58
C PHE A 401 12.26 -3.50 25.70
N ALA A 402 12.21 -2.21 26.02
CA ALA A 402 13.04 -1.63 27.08
C ALA A 402 12.60 -0.22 27.47
N GLY A 403 12.82 0.12 28.73
CA GLY A 403 12.42 1.42 29.24
C GLY A 403 10.91 1.49 29.30
N THR A 404 10.39 2.69 29.45
CA THR A 404 8.94 2.85 29.50
C THR A 404 8.53 4.09 28.68
N VAL A 405 7.47 3.91 27.89
CA VAL A 405 6.94 4.95 27.04
C VAL A 405 5.81 5.66 27.76
N LYS A 406 5.79 7.00 27.69
CA LYS A 406 4.71 7.76 28.34
C LYS A 406 4.21 8.98 27.57
N SER A 407 2.91 9.21 27.65
CA SER A 407 2.27 10.35 26.98
C SER A 407 3.07 11.62 27.21
N GLY A 408 3.35 12.34 26.14
CA GLY A 408 4.10 13.58 26.25
C GLY A 408 5.58 13.34 26.10
N GLN A 409 6.02 12.20 26.60
CA GLN A 409 7.44 11.90 26.47
C GLN A 409 7.94 12.21 25.07
N LYS A 410 9.07 12.91 24.97
CA LYS A 410 9.62 13.20 23.66
C LYS A 410 10.56 12.06 23.35
N VAL A 411 10.42 11.51 22.16
CA VAL A 411 11.21 10.37 21.74
C VAL A 411 11.94 10.56 20.42
N ARG A 412 12.96 9.75 20.20
CA ARG A 412 13.70 9.78 18.95
C ARG A 412 13.03 8.72 18.07
N ILE A 413 12.46 9.13 16.94
CA ILE A 413 11.81 8.20 16.03
C ILE A 413 12.81 7.84 14.93
N GLN A 414 13.43 6.68 15.06
CA GLN A 414 14.43 6.26 14.11
C GLN A 414 13.85 5.44 12.98
N GLY A 415 13.80 6.04 11.80
CA GLY A 415 13.27 5.37 10.63
C GLY A 415 14.20 4.31 10.05
N PRO A 416 13.74 3.60 9.02
CA PRO A 416 14.45 2.53 8.30
C PRO A 416 15.91 2.82 7.93
N ASN A 417 16.14 4.01 7.38
CA ASN A 417 17.48 4.37 6.93
C ASN A 417 18.38 4.96 8.00
N TYR A 418 17.87 5.12 9.21
CA TYR A 418 18.69 5.70 10.30
C TYR A 418 19.94 4.89 10.64
N VAL A 419 20.94 5.61 11.13
CA VAL A 419 22.22 5.04 11.53
C VAL A 419 22.76 6.00 12.58
N PRO A 420 23.03 5.51 13.81
CA PRO A 420 23.54 6.31 14.93
C PRO A 420 24.52 7.41 14.51
N GLY A 421 25.34 7.09 13.51
CA GLY A 421 26.31 8.04 13.01
C GLY A 421 25.69 9.33 12.48
N LYS A 422 24.99 9.24 11.35
CA LYS A 422 24.36 10.42 10.75
C LYS A 422 23.07 10.89 11.40
N LYS A 423 22.44 11.89 10.79
CA LYS A 423 21.18 12.44 11.27
C LYS A 423 20.04 12.14 10.28
N ASP A 424 20.31 11.25 9.32
CA ASP A 424 19.31 10.90 8.32
C ASP A 424 18.18 10.07 8.90
N ASP A 425 16.96 10.34 8.45
CA ASP A 425 15.76 9.61 8.87
C ASP A 425 15.50 9.65 10.38
N LEU A 426 15.74 10.80 10.99
CA LEU A 426 15.51 10.94 12.43
C LEU A 426 14.47 12.00 12.65
N PHE A 427 13.64 11.83 13.68
CA PHE A 427 12.60 12.81 13.98
C PHE A 427 12.39 12.96 15.48
N ILE A 428 13.20 13.76 16.15
CA ILE A 428 13.04 13.95 17.59
C ILE A 428 11.74 14.69 17.90
N LYS A 429 10.68 13.93 18.14
CA LYS A 429 9.39 14.54 18.43
C LYS A 429 8.83 14.05 19.76
N ALA A 430 7.64 14.53 20.09
CA ALA A 430 7.00 14.17 21.34
C ALA A 430 5.81 13.25 21.10
N ILE A 431 5.69 12.21 21.92
CA ILE A 431 4.59 11.25 21.82
C ILE A 431 3.31 11.88 22.37
N GLN A 432 2.43 12.28 21.47
CA GLN A 432 1.17 12.91 21.87
C GLN A 432 0.38 12.09 22.89
N ARG A 433 0.05 10.85 22.56
CA ARG A 433 -0.73 10.00 23.46
C ARG A 433 -0.42 8.51 23.38
N VAL A 434 -0.46 7.82 24.51
CA VAL A 434 -0.21 6.38 24.57
C VAL A 434 -1.57 5.74 24.81
N VAL A 435 -1.92 4.75 24.00
CA VAL A 435 -3.20 4.08 24.19
C VAL A 435 -3.12 2.56 24.08
N LEU A 436 -4.02 1.89 24.77
CA LEU A 436 -4.10 0.43 24.77
C LEU A 436 -4.90 0.01 23.54
N MET A 437 -4.38 -0.94 22.77
CA MET A 437 -5.09 -1.41 21.58
C MET A 437 -6.14 -2.47 21.96
N MET A 438 -7.20 -2.05 22.63
CA MET A 438 -8.27 -2.96 23.08
C MET A 438 -9.11 -3.46 21.90
N GLY A 439 -8.43 -4.05 20.92
CA GLY A 439 -9.12 -4.58 19.77
C GLY A 439 -9.55 -3.49 18.79
N ARG A 440 -10.77 -3.02 18.93
CA ARG A 440 -11.28 -1.99 18.04
C ARG A 440 -11.22 -0.59 18.66
N PHE A 441 -11.22 -0.54 19.98
CA PHE A 441 -11.20 0.72 20.72
C PHE A 441 -9.86 0.95 21.39
N VAL A 442 -9.53 2.21 21.65
CA VAL A 442 -8.27 2.55 22.30
C VAL A 442 -8.57 3.13 23.66
N GLU A 443 -7.66 2.92 24.61
CA GLU A 443 -7.85 3.45 25.96
C GLU A 443 -6.56 4.14 26.43
N PRO A 444 -6.60 5.47 26.59
CA PRO A 444 -5.45 6.27 27.03
C PRO A 444 -4.83 5.74 28.32
N ILE A 445 -3.51 5.76 28.38
CA ILE A 445 -2.79 5.29 29.55
C ILE A 445 -1.53 6.14 29.68
N ASP A 446 -1.22 6.57 30.89
CA ASP A 446 -0.03 7.40 31.12
C ASP A 446 1.23 6.82 30.50
N ASP A 447 1.74 5.77 31.14
CA ASP A 447 2.95 5.12 30.70
C ASP A 447 2.71 3.64 30.40
N CYS A 448 3.77 2.94 29.97
CA CYS A 448 3.72 1.53 29.61
C CYS A 448 5.16 0.95 29.69
N PRO A 449 5.45 0.14 30.74
CA PRO A 449 6.78 -0.47 30.93
C PRO A 449 7.12 -1.57 29.93
N ALA A 450 8.41 -1.86 29.78
CA ALA A 450 8.86 -2.89 28.84
C ALA A 450 8.16 -4.24 29.05
N GLY A 451 7.90 -4.92 27.92
CA GLY A 451 7.24 -6.21 27.94
C GLY A 451 5.81 -6.21 27.43
N ASN A 452 5.27 -5.02 27.17
CA ASN A 452 3.89 -4.96 26.70
C ASN A 452 3.69 -4.45 25.28
N ILE A 453 2.56 -4.85 24.69
CA ILE A 453 2.17 -4.43 23.37
C ILE A 453 1.34 -3.18 23.63
N ILE A 454 1.74 -2.06 23.03
CA ILE A 454 1.01 -0.83 23.25
C ILE A 454 0.83 -0.07 21.95
N GLY A 455 0.10 1.03 22.02
CA GLY A 455 -0.14 1.84 20.84
C GLY A 455 0.20 3.30 21.09
N LEU A 456 0.73 3.95 20.06
CA LEU A 456 1.13 5.36 20.17
C LEU A 456 0.30 6.25 19.25
N VAL A 457 0.15 7.52 19.65
CA VAL A 457 -0.61 8.49 18.88
C VAL A 457 0.22 9.71 18.53
N GLY A 458 0.37 9.97 17.23
CA GLY A 458 1.14 11.13 16.80
C GLY A 458 2.45 10.88 16.09
N ILE A 459 2.61 9.69 15.52
CA ILE A 459 3.85 9.39 14.81
C ILE A 459 3.60 9.27 13.31
N ASP A 460 2.34 9.01 12.94
CA ASP A 460 1.93 8.85 11.55
C ASP A 460 2.73 9.63 10.49
N GLN A 461 3.08 10.89 10.76
CA GLN A 461 3.82 11.68 9.80
C GLN A 461 5.35 11.56 9.95
N PHE A 462 5.80 10.55 10.67
CA PHE A 462 7.23 10.36 10.87
C PHE A 462 7.61 8.93 10.51
N LEU A 463 6.67 8.01 10.74
CA LEU A 463 6.89 6.60 10.45
C LEU A 463 5.91 6.14 9.40
N LEU A 464 6.42 5.69 8.26
CA LEU A 464 5.54 5.24 7.20
C LEU A 464 4.81 4.00 7.70
N LYS A 465 5.57 2.99 8.14
CA LYS A 465 4.96 1.76 8.63
C LYS A 465 5.69 1.18 9.81
N THR A 466 6.97 0.87 9.61
CA THR A 466 7.82 0.27 10.65
C THR A 466 8.83 1.27 11.13
N GLY A 467 9.39 1.03 12.30
CA GLY A 467 10.38 1.93 12.85
C GLY A 467 10.73 1.60 14.29
N THR A 468 11.71 2.34 14.82
CA THR A 468 12.20 2.17 16.19
C THR A 468 12.15 3.49 16.95
N LEU A 469 11.68 3.44 18.19
CA LEU A 469 11.62 4.62 19.02
C LEU A 469 12.61 4.44 20.15
N THR A 470 13.47 5.42 20.36
CA THR A 470 14.47 5.34 21.42
C THR A 470 14.68 6.64 22.18
N THR A 471 15.64 6.59 23.09
CA THR A 471 15.99 7.72 23.92
C THR A 471 17.51 7.83 23.97
N SER A 472 18.18 6.69 23.81
CA SER A 472 19.65 6.66 23.79
C SER A 472 20.09 7.22 22.45
N GLU A 473 20.98 8.21 22.49
CA GLU A 473 21.43 8.83 21.26
C GLU A 473 22.34 7.88 20.51
N THR A 474 22.79 6.84 21.20
CA THR A 474 23.67 5.84 20.60
C THR A 474 22.95 4.52 20.44
N ALA A 475 21.66 4.57 20.10
CA ALA A 475 20.87 3.36 19.94
C ALA A 475 20.60 3.00 18.47
N HIS A 476 20.96 1.79 18.08
CA HIS A 476 20.73 1.32 16.71
C HIS A 476 19.26 0.98 16.57
N ASN A 477 18.84 0.69 15.35
CA ASN A 477 17.44 0.31 15.15
C ASN A 477 17.32 -1.18 15.45
N MET A 478 16.10 -1.65 15.58
CA MET A 478 15.85 -3.06 15.83
C MET A 478 15.44 -3.70 14.51
N LYS A 479 15.81 -4.96 14.31
CA LYS A 479 15.50 -5.69 13.07
C LYS A 479 14.36 -5.06 12.31
N VAL A 480 14.74 -4.27 11.30
CA VAL A 480 13.80 -3.58 10.45
C VAL A 480 13.09 -4.54 9.52
N MET A 481 11.89 -4.17 9.11
CA MET A 481 11.12 -4.96 8.18
C MET A 481 11.03 -4.10 6.94
N LYS A 482 11.71 -4.52 5.87
CA LYS A 482 11.67 -3.74 4.66
C LYS A 482 10.27 -3.62 4.08
N PHE A 483 9.84 -2.38 3.88
CA PHE A 483 8.54 -2.06 3.31
C PHE A 483 8.85 -0.96 2.31
N SER A 484 7.97 -0.74 1.34
CA SER A 484 8.20 0.35 0.38
C SER A 484 6.89 0.99 -0.06
N VAL A 485 6.93 2.30 -0.20
CA VAL A 485 5.76 3.03 -0.60
C VAL A 485 5.82 3.37 -2.08
N SER A 486 6.61 2.64 -2.85
CA SER A 486 6.73 2.94 -4.28
C SER A 486 5.72 2.31 -5.20
N PRO A 487 4.73 3.11 -5.65
CA PRO A 487 3.66 2.67 -6.55
C PRO A 487 4.31 2.17 -7.84
N VAL A 488 4.39 0.84 -7.99
CA VAL A 488 5.00 0.26 -9.17
C VAL A 488 3.99 -0.50 -10.03
N VAL A 489 2.80 -0.70 -9.47
CA VAL A 489 1.71 -1.40 -10.15
C VAL A 489 0.45 -0.59 -9.92
N GLN A 490 -0.28 -0.33 -10.99
CA GLN A 490 -1.51 0.47 -10.91
C GLN A 490 -2.52 0.02 -11.95
N VAL A 491 -3.78 0.45 -11.75
CA VAL A 491 -4.88 0.16 -12.66
C VAL A 491 -5.82 1.35 -12.71
N ALA A 492 -6.68 1.36 -13.73
CA ALA A 492 -7.66 2.41 -13.93
C ALA A 492 -9.03 1.83 -13.51
N VAL A 493 -9.72 2.56 -12.63
CA VAL A 493 -11.02 2.13 -12.13
C VAL A 493 -12.11 3.00 -12.75
N GLU A 494 -13.14 2.34 -13.23
CA GLU A 494 -14.28 2.98 -13.89
C GLU A 494 -15.55 2.36 -13.29
N VAL A 495 -16.65 3.10 -13.26
CA VAL A 495 -17.90 2.56 -12.72
C VAL A 495 -18.64 1.89 -13.88
N LYS A 496 -19.18 0.69 -13.69
CA LYS A 496 -19.89 0.01 -14.76
C LYS A 496 -21.21 0.72 -15.06
N ASN A 497 -21.78 1.32 -14.04
CA ASN A 497 -22.99 2.09 -14.24
C ASN A 497 -22.80 3.49 -13.70
N ALA A 498 -22.57 4.38 -14.67
CA ALA A 498 -22.33 5.80 -14.49
C ALA A 498 -23.02 6.51 -13.33
N ASN A 499 -24.18 6.02 -12.91
CA ASN A 499 -24.93 6.64 -11.82
C ASN A 499 -24.17 6.67 -10.50
N ASP A 500 -23.46 5.58 -10.20
CA ASP A 500 -22.72 5.47 -8.95
C ASP A 500 -21.36 6.18 -8.93
N LEU A 501 -21.04 6.86 -10.03
CA LEU A 501 -19.77 7.57 -10.13
C LEU A 501 -19.33 8.29 -8.87
N PRO A 502 -20.23 9.07 -8.25
CA PRO A 502 -19.84 9.79 -7.03
C PRO A 502 -19.48 8.84 -5.89
N LYS A 503 -20.01 7.62 -5.94
CA LYS A 503 -19.77 6.61 -4.91
C LYS A 503 -18.36 6.02 -5.02
N LEU A 504 -17.76 6.18 -6.19
CA LEU A 504 -16.41 5.70 -6.45
C LEU A 504 -15.46 6.81 -6.02
N VAL A 505 -15.84 8.04 -6.34
CA VAL A 505 -15.05 9.20 -6.00
C VAL A 505 -14.90 9.30 -4.48
N GLU A 506 -15.79 8.64 -3.75
CA GLU A 506 -15.72 8.67 -2.30
C GLU A 506 -14.86 7.53 -1.77
N GLY A 507 -15.13 6.32 -2.25
CA GLY A 507 -14.39 5.15 -1.83
C GLY A 507 -12.89 5.25 -2.09
N LEU A 508 -12.52 5.82 -3.24
CA LEU A 508 -11.12 5.98 -3.57
C LEU A 508 -10.53 6.85 -2.48
N LYS A 509 -11.23 7.93 -2.15
CA LYS A 509 -10.76 8.82 -1.10
C LYS A 509 -10.70 8.02 0.20
N ARG A 510 -11.66 7.12 0.40
CA ARG A 510 -11.72 6.28 1.60
C ARG A 510 -10.59 5.26 1.65
N LEU A 511 -10.38 4.58 0.53
CA LEU A 511 -9.32 3.58 0.41
C LEU A 511 -7.97 4.18 0.82
N SER A 512 -7.52 5.20 0.10
CA SER A 512 -6.24 5.85 0.39
C SER A 512 -6.11 6.24 1.85
N LYS A 513 -7.25 6.44 2.48
CA LYS A 513 -7.28 6.85 3.86
C LYS A 513 -7.03 5.66 4.79
N SER A 514 -7.37 4.45 4.33
CA SER A 514 -7.19 3.27 5.16
C SER A 514 -5.79 2.66 5.06
N ASP A 515 -5.13 2.83 3.93
CA ASP A 515 -3.79 2.27 3.76
C ASP A 515 -2.76 3.35 3.44
N PRO A 516 -1.60 3.32 4.12
CA PRO A 516 -0.54 4.31 3.90
C PRO A 516 0.11 4.15 2.54
N CYS A 517 0.18 2.91 2.08
CA CYS A 517 0.84 2.59 0.84
C CYS A 517 -0.01 2.43 -0.43
N VAL A 518 -1.29 2.75 -0.35
CA VAL A 518 -2.10 2.68 -1.56
C VAL A 518 -2.20 4.13 -2.08
N LEU A 519 -2.39 4.28 -3.37
CA LEU A 519 -2.48 5.60 -3.92
C LEU A 519 -3.60 5.68 -4.95
N THR A 520 -4.34 6.78 -4.89
CA THR A 520 -5.43 7.04 -5.83
C THR A 520 -5.23 8.47 -6.31
N TYR A 521 -5.25 8.64 -7.62
CA TYR A 521 -5.10 9.97 -8.19
C TYR A 521 -5.77 10.00 -9.54
N MET A 522 -5.81 11.19 -10.13
CA MET A 522 -6.41 11.36 -11.44
C MET A 522 -5.39 11.86 -12.45
N SER A 523 -5.28 11.11 -13.55
CA SER A 523 -4.37 11.44 -14.61
C SER A 523 -4.94 12.62 -15.38
N GLU A 524 -4.14 13.23 -16.24
CA GLU A 524 -4.64 14.34 -17.02
C GLU A 524 -5.84 13.85 -17.83
N SER A 525 -5.77 12.61 -18.31
CA SER A 525 -6.85 12.02 -19.10
C SER A 525 -8.14 11.97 -18.29
N GLY A 526 -8.04 12.27 -16.99
CA GLY A 526 -9.21 12.27 -16.14
C GLY A 526 -9.59 10.89 -15.60
N GLU A 527 -8.66 9.95 -15.74
CA GLU A 527 -8.91 8.59 -15.24
C GLU A 527 -8.62 8.50 -13.76
N HIS A 528 -9.25 7.53 -13.11
CA HIS A 528 -9.05 7.31 -11.68
C HIS A 528 -8.07 6.15 -11.54
N ILE A 529 -6.94 6.45 -10.93
CA ILE A 529 -5.90 5.45 -10.78
C ILE A 529 -5.71 4.93 -9.37
N VAL A 530 -5.41 3.63 -9.31
CA VAL A 530 -5.14 2.93 -8.06
C VAL A 530 -3.79 2.24 -8.24
N ALA A 531 -2.80 2.71 -7.49
CA ALA A 531 -1.47 2.15 -7.56
C ALA A 531 -1.02 1.60 -6.21
N GLY A 532 -0.37 0.44 -6.27
CA GLY A 532 0.12 -0.22 -5.07
C GLY A 532 1.55 -0.76 -5.10
N THR A 533 1.93 -1.36 -3.98
CA THR A 533 3.24 -1.93 -3.76
C THR A 533 3.53 -3.15 -4.63
N GLY A 534 2.48 -3.81 -5.11
CA GLY A 534 2.69 -4.98 -5.93
C GLY A 534 1.41 -5.58 -6.47
N GLU A 535 1.54 -6.70 -7.17
CA GLU A 535 0.39 -7.39 -7.74
C GLU A 535 -0.72 -7.65 -6.69
N LEU A 536 -0.39 -8.44 -5.69
CA LEU A 536 -1.34 -8.77 -4.66
C LEU A 536 -1.83 -7.59 -3.87
N HIS A 537 -0.90 -6.79 -3.36
CA HIS A 537 -1.25 -5.62 -2.58
C HIS A 537 -2.31 -4.78 -3.28
N LEU A 538 -2.18 -4.64 -4.60
CA LEU A 538 -3.14 -3.87 -5.37
C LEU A 538 -4.41 -4.70 -5.44
N GLU A 539 -4.25 -5.96 -5.85
CA GLU A 539 -5.38 -6.88 -5.96
C GLU A 539 -6.32 -6.69 -4.77
N ILE A 540 -5.80 -6.92 -3.57
CA ILE A 540 -6.58 -6.76 -2.36
C ILE A 540 -7.28 -5.41 -2.35
N CYS A 541 -6.50 -4.34 -2.51
CA CYS A 541 -7.06 -2.99 -2.52
C CYS A 541 -8.28 -2.87 -3.42
N LEU A 542 -8.22 -3.48 -4.61
CA LEU A 542 -9.31 -3.42 -5.57
C LEU A 542 -10.57 -4.14 -5.07
N GLN A 543 -10.37 -5.25 -4.37
CA GLN A 543 -11.50 -6.01 -3.82
C GLN A 543 -12.23 -5.12 -2.82
N ASP A 544 -11.47 -4.70 -1.81
CA ASP A 544 -11.97 -3.85 -0.74
C ASP A 544 -12.63 -2.58 -1.26
N LEU A 545 -12.31 -2.18 -2.48
CA LEU A 545 -12.91 -0.97 -3.03
C LEU A 545 -14.29 -1.29 -3.61
N GLU A 546 -14.37 -2.33 -4.44
CA GLU A 546 -15.64 -2.71 -5.07
C GLU A 546 -16.58 -3.38 -4.08
N HIS A 547 -16.10 -3.63 -2.87
CA HIS A 547 -16.93 -4.28 -1.86
C HIS A 547 -17.24 -3.47 -0.62
N ASP A 548 -16.37 -2.52 -0.27
CA ASP A 548 -16.64 -1.71 0.90
C ASP A 548 -16.62 -0.21 0.65
N HIS A 549 -15.41 0.33 0.48
CA HIS A 549 -15.22 1.75 0.24
C HIS A 549 -16.17 2.34 -0.78
N ALA A 550 -16.56 1.56 -1.78
CA ALA A 550 -17.46 2.04 -2.81
C ALA A 550 -18.65 1.10 -2.96
N GLY A 551 -18.40 -0.19 -2.76
CA GLY A 551 -19.46 -1.18 -2.87
C GLY A 551 -20.23 -1.09 -4.17
N VAL A 552 -19.73 -0.27 -5.09
CA VAL A 552 -20.39 -0.11 -6.37
C VAL A 552 -19.64 -0.91 -7.43
N PRO A 553 -20.36 -1.58 -8.34
CA PRO A 553 -19.72 -2.37 -9.41
C PRO A 553 -18.77 -1.51 -10.24
N LEU A 554 -17.55 -2.00 -10.49
CA LEU A 554 -16.54 -1.25 -11.23
C LEU A 554 -15.90 -1.98 -12.40
N LYS A 555 -15.31 -1.22 -13.30
CA LYS A 555 -14.60 -1.75 -14.45
C LYS A 555 -13.12 -1.50 -14.18
N ILE A 556 -12.39 -2.56 -13.87
CA ILE A 556 -10.95 -2.45 -13.59
C ILE A 556 -10.14 -2.84 -14.82
N SER A 557 -9.11 -2.05 -15.11
CA SER A 557 -8.25 -2.34 -16.24
C SER A 557 -7.19 -3.34 -15.75
N PRO A 558 -6.53 -4.04 -16.69
CA PRO A 558 -5.49 -5.03 -16.36
C PRO A 558 -4.31 -4.36 -15.64
N PRO A 559 -3.57 -5.14 -14.82
CA PRO A 559 -2.40 -4.66 -14.07
C PRO A 559 -1.31 -4.09 -14.99
N VAL A 560 -0.69 -3.00 -14.55
CA VAL A 560 0.37 -2.35 -15.32
C VAL A 560 1.52 -1.87 -14.45
N VAL A 561 2.73 -2.03 -14.98
CA VAL A 561 3.92 -1.60 -14.27
C VAL A 561 4.21 -0.11 -14.50
N ALA A 562 4.56 0.58 -13.43
CA ALA A 562 4.86 2.00 -13.55
C ALA A 562 6.31 2.16 -13.97
N TYR A 563 6.53 2.90 -15.05
CA TYR A 563 7.86 3.16 -15.57
C TYR A 563 8.26 4.58 -15.25
N ARG A 564 9.44 4.99 -15.72
CA ARG A 564 9.94 6.36 -15.52
C ARG A 564 10.57 6.83 -16.81
N GLU A 565 10.39 8.11 -17.12
CA GLU A 565 11.00 8.66 -18.32
C GLU A 565 12.21 9.48 -17.85
N THR A 566 13.34 9.31 -18.54
CA THR A 566 14.59 10.02 -18.22
C THR A 566 15.43 10.31 -19.46
N VAL A 567 16.47 11.11 -19.28
CA VAL A 567 17.38 11.48 -20.36
C VAL A 567 18.76 10.92 -20.10
N GLU A 568 19.49 10.71 -21.18
CA GLU A 568 20.83 10.15 -21.07
C GLU A 568 21.94 11.18 -21.23
N SER A 569 21.63 12.33 -21.85
CA SER A 569 22.64 13.37 -22.07
C SER A 569 22.04 14.75 -22.10
N GLU A 570 22.81 15.73 -22.52
CA GLU A 570 22.33 17.09 -22.60
C GLU A 570 21.63 17.24 -23.93
N SER A 571 20.66 18.16 -23.97
CA SER A 571 19.89 18.35 -25.18
C SER A 571 20.75 18.68 -26.40
N SER A 572 20.56 17.90 -27.47
CA SER A 572 21.29 18.07 -28.72
C SER A 572 21.56 19.54 -29.00
N GLN A 573 20.53 20.36 -28.85
CA GLN A 573 20.63 21.78 -29.12
C GLN A 573 19.65 22.48 -28.21
N THR A 574 19.72 23.80 -28.12
CA THR A 574 18.78 24.50 -27.26
C THR A 574 17.33 24.26 -27.66
N ALA A 575 16.47 24.13 -26.66
CA ALA A 575 15.06 23.92 -26.89
C ALA A 575 14.38 25.27 -26.75
N LEU A 576 13.41 25.52 -27.61
CA LEU A 576 12.68 26.79 -27.59
C LEU A 576 11.17 26.66 -27.85
N SER A 577 10.39 27.42 -27.10
CA SER A 577 8.93 27.43 -27.25
C SER A 577 8.40 28.81 -27.02
N LYS A 578 7.32 29.17 -27.70
CA LYS A 578 6.74 30.47 -27.43
C LYS A 578 5.25 30.33 -27.15
N SER A 579 4.77 31.20 -26.27
CA SER A 579 3.38 31.25 -25.87
C SER A 579 2.45 31.46 -27.06
N PRO A 580 1.14 31.38 -26.83
CA PRO A 580 0.21 31.59 -27.94
C PRO A 580 0.21 33.07 -28.36
N ASN A 581 0.48 33.95 -27.40
CA ASN A 581 0.55 35.36 -27.70
C ASN A 581 1.55 35.52 -28.82
N LYS A 582 2.59 34.69 -28.75
CA LYS A 582 3.74 34.71 -29.64
C LYS A 582 4.48 35.93 -29.10
N HIS A 583 4.34 36.13 -27.81
CA HIS A 583 4.95 37.28 -27.19
C HIS A 583 5.96 36.89 -26.18
N ASN A 584 5.92 35.65 -25.74
CA ASN A 584 6.87 35.19 -24.73
C ASN A 584 7.59 33.98 -25.22
N ARG A 585 8.86 33.88 -24.85
CA ARG A 585 9.66 32.73 -25.23
C ARG A 585 10.45 32.18 -24.04
N ILE A 586 10.66 30.87 -24.07
CA ILE A 586 11.45 30.18 -23.06
C ILE A 586 12.50 29.30 -23.73
N TYR A 587 13.76 29.60 -23.42
CA TYR A 587 14.87 28.82 -23.96
C TYR A 587 15.44 27.93 -22.85
N LEU A 588 15.61 26.65 -23.11
CA LEU A 588 16.14 25.80 -22.07
C LEU A 588 16.82 24.58 -22.62
N LYS A 589 17.51 23.90 -21.72
CA LYS A 589 18.18 22.67 -22.06
C LYS A 589 17.99 21.72 -20.89
N ALA A 590 17.90 20.45 -21.25
CA ALA A 590 17.73 19.39 -20.28
C ALA A 590 19.00 18.55 -20.27
N GLU A 591 19.37 18.10 -19.06
CA GLU A 591 20.53 17.25 -18.89
C GLU A 591 20.22 16.30 -17.77
N PRO A 592 20.94 15.17 -17.72
CA PRO A 592 20.78 14.14 -16.71
C PRO A 592 21.11 14.59 -15.30
N ILE A 593 20.59 13.85 -14.31
CA ILE A 593 20.87 14.09 -12.89
C ILE A 593 21.53 12.75 -12.57
N ASP A 594 22.51 12.74 -11.65
CA ASP A 594 23.21 11.50 -11.27
C ASP A 594 22.37 10.71 -10.30
N GLU A 595 22.26 9.40 -10.52
CA GLU A 595 21.49 8.52 -9.64
C GLU A 595 21.72 8.86 -8.17
N GLU A 596 22.95 9.23 -7.82
CA GLU A 596 23.26 9.57 -6.45
C GLU A 596 22.40 10.71 -5.98
N VAL A 597 22.32 11.74 -6.81
CA VAL A 597 21.55 12.94 -6.49
C VAL A 597 20.07 12.59 -6.39
N SER A 598 19.61 11.85 -7.38
CA SER A 598 18.23 11.42 -7.42
C SER A 598 17.93 10.71 -6.12
N LEU A 599 18.77 9.73 -5.78
CA LEU A 599 18.62 8.95 -4.55
C LEU A 599 18.64 9.88 -3.35
N ALA A 600 19.55 10.85 -3.42
CA ALA A 600 19.71 11.84 -2.37
C ALA A 600 18.42 12.62 -2.16
N ILE A 601 17.73 12.89 -3.26
CA ILE A 601 16.47 13.64 -3.25
C ILE A 601 15.38 12.73 -2.72
N GLU A 602 15.40 11.49 -3.19
CA GLU A 602 14.43 10.52 -2.78
C GLU A 602 14.59 10.19 -1.32
N ASN A 603 15.81 10.30 -0.82
CA ASN A 603 16.10 10.00 0.57
C ASN A 603 16.25 11.18 1.51
N GLY A 604 15.47 12.23 1.29
CA GLY A 604 15.53 13.37 2.18
C GLY A 604 16.80 14.18 2.34
N ILE A 605 17.93 13.67 1.84
CA ILE A 605 19.20 14.41 1.94
C ILE A 605 19.00 15.79 1.31
N ILE A 606 18.83 15.78 -0.02
CA ILE A 606 18.57 16.99 -0.81
C ILE A 606 17.08 17.22 -0.59
N ASN A 607 16.73 18.27 0.15
CA ASN A 607 15.34 18.52 0.44
C ASN A 607 14.76 19.85 -0.07
N PRO A 608 13.56 19.81 -0.67
CA PRO A 608 12.86 20.96 -1.22
C PRO A 608 12.56 22.05 -0.20
N ARG A 609 12.32 21.63 1.03
CA ARG A 609 11.97 22.56 2.10
C ARG A 609 13.20 23.17 2.77
N ASP A 610 14.38 22.63 2.48
CA ASP A 610 15.62 23.14 3.08
C ASP A 610 15.89 24.60 2.77
N ASP A 611 16.97 25.11 3.33
CA ASP A 611 17.39 26.48 3.07
C ASP A 611 18.16 26.36 1.77
N PHE A 612 17.77 27.15 0.78
CA PHE A 612 18.44 27.05 -0.48
C PHE A 612 19.96 27.06 -0.31
N LYS A 613 20.45 27.88 0.63
CA LYS A 613 21.90 27.97 0.87
C LYS A 613 22.48 26.70 1.46
N ALA A 614 21.91 26.25 2.57
CA ALA A 614 22.38 25.03 3.20
C ALA A 614 22.41 23.88 2.19
N ARG A 615 21.27 23.71 1.51
CA ARG A 615 21.07 22.67 0.51
C ARG A 615 22.09 22.78 -0.63
N ALA A 616 22.43 24.01 -0.98
CA ALA A 616 23.39 24.27 -2.05
C ALA A 616 24.73 23.72 -1.63
N ARG A 617 25.12 24.09 -0.41
CA ARG A 617 26.38 23.67 0.19
C ARG A 617 26.46 22.15 0.07
N ILE A 618 25.41 21.45 0.49
CA ILE A 618 25.37 19.99 0.42
C ILE A 618 25.63 19.49 -1.00
N MET A 619 24.81 19.89 -1.95
CA MET A 619 24.97 19.46 -3.34
C MET A 619 26.34 19.77 -3.92
N ALA A 620 26.82 20.96 -3.61
CA ALA A 620 28.10 21.42 -4.09
C ALA A 620 29.19 20.49 -3.55
N ASP A 621 29.27 20.41 -2.22
CA ASP A 621 30.25 19.58 -1.51
C ASP A 621 30.15 18.09 -1.82
N ASP A 622 29.15 17.44 -1.21
CA ASP A 622 28.95 16.02 -1.34
C ASP A 622 28.56 15.48 -2.71
N TYR A 623 28.10 16.32 -3.63
CA TYR A 623 27.65 15.79 -4.92
C TYR A 623 28.22 16.42 -6.19
N GLY A 624 29.19 17.31 -6.01
CA GLY A 624 29.83 17.92 -7.17
C GLY A 624 28.91 18.73 -8.06
N TRP A 625 28.28 19.74 -7.46
CA TRP A 625 27.36 20.62 -8.16
C TRP A 625 27.95 22.03 -8.00
N ASP A 626 27.78 22.91 -8.98
CA ASP A 626 28.30 24.27 -8.86
C ASP A 626 27.40 25.00 -7.85
N VAL A 627 27.94 25.39 -6.71
CA VAL A 627 27.10 26.05 -5.71
C VAL A 627 26.27 27.13 -6.39
N THR A 628 26.75 27.61 -7.53
CA THR A 628 26.02 28.62 -8.27
C THR A 628 24.69 28.03 -8.74
N ASP A 629 24.74 27.00 -9.58
CA ASP A 629 23.53 26.37 -10.07
C ASP A 629 22.59 26.00 -8.94
N ALA A 630 23.10 25.23 -7.98
CA ALA A 630 22.31 24.78 -6.84
C ALA A 630 21.60 25.87 -6.06
N ARG A 631 22.09 27.10 -6.13
CA ARG A 631 21.42 28.13 -5.39
C ARG A 631 20.28 28.69 -6.22
N LYS A 632 20.23 28.28 -7.48
CA LYS A 632 19.18 28.73 -8.43
C LYS A 632 18.14 27.64 -8.72
N ILE A 633 17.99 26.69 -7.81
CA ILE A 633 16.98 25.69 -8.05
C ILE A 633 15.68 26.46 -7.87
N TRP A 634 14.76 26.29 -8.81
CA TRP A 634 13.44 26.95 -8.74
C TRP A 634 12.38 26.03 -8.12
N CYS A 635 12.55 24.73 -8.34
CA CYS A 635 11.58 23.80 -7.81
C CYS A 635 11.97 22.37 -8.12
N PHE A 636 11.40 21.41 -7.39
CA PHE A 636 11.64 19.99 -7.66
C PHE A 636 10.32 19.53 -8.28
N GLY A 637 10.26 18.27 -8.75
CA GLY A 637 9.03 17.74 -9.35
C GLY A 637 9.08 16.25 -9.63
N PRO A 638 7.93 15.57 -9.73
CA PRO A 638 6.57 16.06 -9.56
C PRO A 638 6.22 16.32 -8.12
N ASP A 639 4.95 16.62 -7.90
CA ASP A 639 4.43 16.85 -6.56
C ASP A 639 5.39 17.71 -5.74
N GLY A 640 6.08 18.60 -6.44
CA GLY A 640 7.00 19.51 -5.80
C GLY A 640 8.09 18.93 -4.95
N ASN A 641 8.49 17.69 -5.19
CA ASN A 641 9.56 17.12 -4.38
C ASN A 641 10.27 15.96 -5.02
N GLY A 642 9.90 15.67 -6.28
CA GLY A 642 10.52 14.56 -6.99
C GLY A 642 11.95 14.79 -7.37
N PRO A 643 12.60 13.77 -7.94
CA PRO A 643 14.00 13.80 -8.37
C PRO A 643 14.20 14.48 -9.74
N ASN A 644 13.60 15.67 -9.87
CA ASN A 644 13.75 16.44 -11.09
C ASN A 644 13.90 17.87 -10.67
N LEU A 645 14.64 18.64 -11.44
CA LEU A 645 14.84 20.00 -11.04
C LEU A 645 14.85 20.99 -12.18
N VAL A 646 14.56 22.24 -11.84
CA VAL A 646 14.59 23.32 -12.79
C VAL A 646 15.57 24.29 -12.20
N ILE A 647 16.63 24.56 -12.95
CA ILE A 647 17.65 25.49 -12.51
C ILE A 647 17.45 26.78 -13.29
N ASP A 648 17.49 27.93 -12.62
CA ASP A 648 17.33 29.20 -13.32
C ASP A 648 18.68 29.73 -13.82
N GLN A 649 19.12 29.37 -15.02
CA GLN A 649 20.38 29.89 -15.51
C GLN A 649 20.26 31.14 -16.41
N THR A 650 19.14 31.82 -16.33
CA THR A 650 18.95 33.02 -17.15
C THR A 650 19.87 34.11 -16.64
N LYS A 651 20.02 35.16 -17.44
CA LYS A 651 20.85 36.30 -17.11
C LYS A 651 20.16 37.60 -17.45
N ALA A 652 19.85 38.39 -16.43
CA ALA A 652 19.22 39.70 -16.66
C ALA A 652 17.91 39.71 -17.44
N VAL A 653 16.99 38.85 -17.07
CA VAL A 653 15.71 38.81 -17.76
C VAL A 653 14.70 39.58 -16.93
N GLN A 654 14.38 40.79 -17.37
CA GLN A 654 13.44 41.60 -16.60
C GLN A 654 12.11 40.91 -16.42
N TYR A 655 11.54 41.10 -15.24
CA TYR A 655 10.26 40.52 -14.85
C TYR A 655 10.30 39.00 -14.61
N LEU A 656 11.45 38.38 -14.87
CA LEU A 656 11.58 36.95 -14.71
C LEU A 656 10.81 36.34 -13.54
N HIS A 657 10.91 36.95 -12.36
CA HIS A 657 10.24 36.40 -11.19
C HIS A 657 8.74 36.39 -11.31
N GLU A 658 8.21 37.23 -12.19
CA GLU A 658 6.77 37.29 -12.32
C GLU A 658 6.16 36.14 -13.08
N ILE A 659 6.96 35.20 -13.57
CA ILE A 659 6.44 34.04 -14.31
C ILE A 659 6.93 32.76 -13.62
N LYS A 660 7.60 32.95 -12.48
CA LYS A 660 8.14 31.80 -11.74
C LYS A 660 7.07 30.82 -11.29
N ASP A 661 5.96 31.29 -10.75
CA ASP A 661 4.95 30.33 -10.31
C ASP A 661 4.43 29.52 -11.50
N SER A 662 4.25 30.17 -12.65
CA SER A 662 3.75 29.51 -13.85
C SER A 662 4.74 28.45 -14.24
N VAL A 663 5.99 28.89 -14.41
CA VAL A 663 7.04 27.96 -14.82
C VAL A 663 7.05 26.78 -13.90
N VAL A 664 7.01 27.04 -12.61
CA VAL A 664 7.05 25.90 -11.71
C VAL A 664 5.90 24.98 -12.00
N ALA A 665 4.72 25.58 -12.07
CA ALA A 665 3.48 24.87 -12.33
C ALA A 665 3.65 24.05 -13.55
N ALA A 666 4.17 24.65 -14.61
CA ALA A 666 4.36 23.89 -15.83
C ALA A 666 5.22 22.68 -15.54
N PHE A 667 6.31 22.92 -14.83
CA PHE A 667 7.21 21.84 -14.53
C PHE A 667 6.55 20.65 -13.79
N GLN A 668 5.58 20.96 -12.95
CA GLN A 668 4.92 19.93 -12.19
C GLN A 668 4.18 19.01 -13.10
N TRP A 669 3.60 19.55 -14.14
CA TRP A 669 2.87 18.69 -15.06
C TRP A 669 3.81 17.98 -16.03
N ALA A 670 4.85 18.67 -16.49
CA ALA A 670 5.81 18.09 -17.42
C ALA A 670 6.48 16.86 -16.84
N THR A 671 6.83 16.95 -15.56
CA THR A 671 7.48 15.84 -14.87
C THR A 671 6.56 14.70 -14.41
N LYS A 672 5.26 14.98 -14.27
CA LYS A 672 4.32 13.95 -13.85
C LYS A 672 3.95 13.05 -15.01
N GLU A 673 3.80 13.65 -16.18
CA GLU A 673 3.50 12.88 -17.38
C GLU A 673 4.38 13.35 -18.52
N GLY A 674 5.47 12.63 -18.70
CA GLY A 674 6.41 12.96 -19.75
C GLY A 674 5.92 12.70 -21.14
N PRO A 675 6.75 13.02 -22.14
CA PRO A 675 6.45 12.86 -23.54
C PRO A 675 6.68 11.51 -24.17
N ILE A 676 7.34 10.60 -23.49
CA ILE A 676 7.54 9.31 -24.14
C ILE A 676 6.23 8.52 -24.16
N PHE A 677 5.55 8.47 -23.03
CA PHE A 677 4.27 7.80 -23.02
C PHE A 677 3.47 8.03 -21.75
N GLY A 678 3.49 9.29 -21.29
CA GLY A 678 2.73 9.68 -20.12
C GLY A 678 3.26 9.30 -18.75
N GLU A 679 4.40 8.61 -18.69
CA GLU A 679 4.96 8.22 -17.41
C GLU A 679 5.75 9.33 -16.74
N GLU A 680 6.03 9.17 -15.44
CA GLU A 680 6.77 10.17 -14.69
C GLU A 680 8.23 10.30 -15.05
N MET A 681 8.74 11.51 -14.95
CA MET A 681 10.13 11.78 -15.23
C MET A 681 10.99 11.48 -14.00
N ARG A 682 12.23 11.09 -14.24
CA ARG A 682 13.14 10.81 -13.16
C ARG A 682 14.58 11.21 -13.48
N SER A 683 15.16 12.01 -12.58
CA SER A 683 16.54 12.47 -12.76
C SER A 683 16.68 13.42 -13.95
N VAL A 684 15.73 14.35 -14.10
CA VAL A 684 15.79 15.28 -15.23
C VAL A 684 16.07 16.69 -14.77
N ARG A 685 17.17 17.20 -15.29
CA ARG A 685 17.65 18.52 -14.98
C ARG A 685 17.25 19.46 -16.09
N VAL A 686 16.53 20.51 -15.72
CA VAL A 686 16.09 21.49 -16.71
C VAL A 686 16.75 22.82 -16.37
N ASN A 687 17.54 23.32 -17.33
CA ASN A 687 18.25 24.58 -17.16
C ASN A 687 17.64 25.64 -18.02
N ILE A 688 17.00 26.62 -17.41
CA ILE A 688 16.40 27.70 -18.20
C ILE A 688 17.50 28.67 -18.69
N LEU A 689 17.90 28.55 -19.96
CA LEU A 689 18.92 29.42 -20.51
C LEU A 689 18.46 30.85 -20.83
N ASP A 690 17.24 31.03 -21.31
CA ASP A 690 16.78 32.39 -21.58
C ASP A 690 15.27 32.53 -21.53
N VAL A 691 14.82 33.77 -21.57
CA VAL A 691 13.40 34.05 -21.51
C VAL A 691 13.15 35.45 -22.03
N THR A 692 12.11 35.60 -22.81
CA THR A 692 11.76 36.90 -23.34
C THR A 692 10.31 37.03 -23.04
N LEU A 693 9.95 38.11 -22.36
CA LEU A 693 8.60 38.32 -21.95
C LEU A 693 8.04 39.63 -22.43
N HIS A 694 6.71 39.68 -22.49
CA HIS A 694 6.03 40.88 -22.90
C HIS A 694 6.11 41.88 -21.77
N ALA A 695 6.29 43.16 -22.10
CA ALA A 695 6.41 44.16 -21.06
C ALA A 695 5.24 44.21 -20.11
N ASP A 696 4.03 44.06 -20.65
CA ASP A 696 2.83 44.10 -19.83
C ASP A 696 2.48 42.74 -19.31
N ALA A 697 2.12 42.69 -18.04
CA ALA A 697 1.78 41.44 -17.39
C ALA A 697 0.55 40.75 -17.97
N ILE A 698 -0.42 41.53 -18.40
CA ILE A 698 -1.65 41.00 -18.98
C ILE A 698 -1.35 39.85 -19.95
N DDE A 699 -0.33 40.04 -20.77
CA DDE A 699 0.04 39.06 -21.77
C DDE A 699 1.01 37.95 -21.34
O DDE A 699 1.35 37.09 -22.16
CB DDE A 699 0.61 39.77 -23.00
CG DDE A 699 -0.30 40.82 -23.57
ND1 DDE A 699 -1.54 40.51 -24.09
CD2 DDE A 699 -0.15 42.16 -23.67
CE1 DDE A 699 -2.12 41.62 -24.51
NE2 DDE A 699 -1.30 42.63 -24.26
N ARG A 700 1.47 37.96 -20.09
CA ARG A 700 2.39 36.94 -19.57
C ARG A 700 1.72 36.13 -18.46
N GLY A 701 0.43 35.87 -18.59
CA GLY A 701 -0.26 35.12 -17.54
C GLY A 701 -0.02 33.62 -17.56
N GLY A 702 -0.63 32.92 -16.63
CA GLY A 702 -0.45 31.48 -16.54
C GLY A 702 -0.84 30.78 -17.81
N GLY A 703 -1.98 31.23 -18.36
CA GLY A 703 -2.49 30.64 -19.59
C GLY A 703 -1.47 30.75 -20.70
N GLN A 704 -0.58 31.72 -20.61
CA GLN A 704 0.44 31.86 -21.64
C GLN A 704 1.77 31.15 -21.32
N ILE A 705 2.35 31.40 -20.15
CA ILE A 705 3.61 30.75 -19.86
C ILE A 705 3.51 29.26 -19.60
N ILE A 706 2.54 28.85 -18.80
CA ILE A 706 2.44 27.43 -18.50
C ILE A 706 2.56 26.50 -19.69
N PRO A 707 1.84 26.78 -20.76
CA PRO A 707 1.97 25.86 -21.89
C PRO A 707 3.34 25.92 -22.54
N THR A 708 3.88 27.14 -22.65
CA THR A 708 5.20 27.37 -23.24
C THR A 708 6.22 26.49 -22.52
N MET A 709 6.45 26.81 -21.25
CA MET A 709 7.42 26.06 -20.45
C MET A 709 7.22 24.57 -20.62
N ARG A 710 5.99 24.12 -20.40
CA ARG A 710 5.67 22.72 -20.50
C ARG A 710 6.15 22.17 -21.83
N ARG A 711 5.90 22.92 -22.89
CA ARG A 711 6.30 22.45 -24.22
C ARG A 711 7.82 22.53 -24.46
N ALA A 712 8.47 23.56 -23.93
CA ALA A 712 9.91 23.67 -24.09
C ALA A 712 10.59 22.49 -23.37
N THR A 713 10.13 22.22 -22.16
CA THR A 713 10.65 21.14 -21.40
C THR A 713 10.52 19.90 -22.23
N TYR A 714 9.31 19.57 -22.69
CA TYR A 714 9.19 18.37 -23.51
C TYR A 714 10.23 18.38 -24.61
N ALA A 715 10.33 19.50 -25.32
CA ALA A 715 11.29 19.64 -26.40
C ALA A 715 12.70 19.31 -25.90
N GLY A 716 13.11 20.00 -24.84
CA GLY A 716 14.43 19.78 -24.28
C GLY A 716 14.67 18.31 -24.03
N PHE A 717 13.74 17.71 -23.30
CA PHE A 717 13.80 16.31 -22.96
C PHE A 717 13.92 15.47 -24.21
N LEU A 718 12.99 15.57 -25.12
CA LEU A 718 13.10 14.76 -26.33
C LEU A 718 14.43 14.93 -27.08
N LEU A 719 15.12 16.05 -26.86
CA LEU A 719 16.42 16.30 -27.52
C LEU A 719 17.61 15.75 -26.72
N ALA A 720 17.42 15.61 -25.42
CA ALA A 720 18.45 15.13 -24.53
C ALA A 720 18.57 13.61 -24.51
N ASP A 721 18.36 12.97 -25.65
CA ASP A 721 18.50 11.51 -25.72
C ASP A 721 17.64 10.80 -24.67
N PRO A 722 16.37 10.51 -25.02
CA PRO A 722 15.35 9.85 -24.21
C PRO A 722 15.59 8.40 -23.97
N LYS A 723 15.23 7.97 -22.76
CA LYS A 723 15.36 6.61 -22.29
C LYS A 723 14.31 6.40 -21.22
N ILE A 724 13.98 5.14 -20.91
CA ILE A 724 12.99 4.85 -19.87
C ILE A 724 13.55 3.91 -18.83
N GLN A 725 13.13 4.07 -17.57
CA GLN A 725 13.61 3.22 -16.49
C GLN A 725 12.49 2.26 -16.02
N GLU A 726 12.85 1.04 -15.64
CA GLU A 726 11.89 0.07 -15.13
C GLU A 726 12.24 -0.18 -13.69
N PRO A 727 11.23 -0.40 -12.83
CA PRO A 727 11.48 -0.65 -11.40
C PRO A 727 11.83 -2.10 -11.19
N VAL A 728 12.70 -2.35 -10.20
CA VAL A 728 13.11 -3.71 -9.91
C VAL A 728 13.04 -4.05 -8.44
N PHE A 729 12.45 -5.20 -8.13
CA PHE A 729 12.33 -5.69 -6.77
C PHE A 729 13.62 -6.36 -6.24
N LEU A 730 13.68 -6.47 -4.91
CA LEU A 730 14.75 -7.15 -4.18
C LEU A 730 14.00 -8.24 -3.40
N VAL A 731 13.95 -9.44 -3.95
CA VAL A 731 13.23 -10.50 -3.27
C VAL A 731 14.14 -11.36 -2.39
N GLU A 732 13.73 -11.55 -1.14
CA GLU A 732 14.43 -12.38 -0.17
C GLU A 732 13.58 -13.66 -0.03
N ILE A 733 14.21 -14.83 -0.15
CA ILE A 733 13.45 -16.07 -0.05
C ILE A 733 13.99 -17.07 0.96
N GLN A 734 13.09 -17.63 1.77
CA GLN A 734 13.46 -18.64 2.76
C GLN A 734 13.11 -19.97 2.11
N CYS A 735 14.00 -20.95 2.16
CA CYS A 735 13.66 -22.23 1.56
C CYS A 735 14.64 -23.36 1.88
N PRO A 736 14.10 -24.56 2.18
CA PRO A 736 14.91 -25.74 2.52
C PRO A 736 15.92 -26.06 1.40
N GLU A 737 17.16 -26.38 1.78
CA GLU A 737 18.20 -26.66 0.80
C GLU A 737 17.66 -27.49 -0.35
N GLN A 738 16.79 -28.43 0.00
CA GLN A 738 16.17 -29.32 -0.99
C GLN A 738 15.37 -28.63 -2.09
N ALA A 739 14.58 -27.61 -1.73
CA ALA A 739 13.74 -26.91 -2.72
C ALA A 739 14.38 -25.66 -3.32
N VAL A 740 15.55 -25.26 -2.82
CA VAL A 740 16.25 -24.09 -3.33
C VAL A 740 16.43 -24.21 -4.85
N GLY A 741 16.34 -25.44 -5.33
CA GLY A 741 16.49 -25.64 -6.76
C GLY A 741 15.42 -24.89 -7.51
N GLY A 742 14.18 -25.04 -7.08
CA GLY A 742 13.06 -24.37 -7.72
C GLY A 742 13.18 -22.87 -7.80
N ILE A 743 13.94 -22.28 -6.88
CA ILE A 743 14.13 -20.83 -6.87
C ILE A 743 14.88 -20.38 -8.12
N TYR A 744 16.15 -20.76 -8.22
CA TYR A 744 16.98 -20.39 -9.36
C TYR A 744 16.27 -20.81 -10.65
N SER A 745 15.44 -21.84 -10.57
CA SER A 745 14.72 -22.32 -11.75
C SER A 745 13.79 -21.27 -12.34
N VAL A 746 12.99 -20.67 -11.45
CA VAL A 746 12.02 -19.64 -11.82
C VAL A 746 12.70 -18.28 -12.05
N LEU A 747 13.73 -17.97 -11.26
CA LEU A 747 14.43 -16.71 -11.44
C LEU A 747 15.02 -16.59 -12.84
N ASN A 748 15.44 -17.72 -13.41
CA ASN A 748 16.05 -17.74 -14.74
C ASN A 748 15.04 -17.61 -15.87
N LYS A 749 13.75 -17.52 -15.53
CA LYS A 749 12.72 -17.40 -16.54
C LYS A 749 11.99 -16.08 -16.35
N LYS A 750 12.56 -15.21 -15.52
CA LYS A 750 11.99 -13.91 -15.20
C LYS A 750 13.02 -12.80 -15.24
N ARG A 751 14.21 -13.12 -15.74
CA ARG A 751 15.31 -12.16 -15.80
C ARG A 751 15.71 -11.76 -14.39
N GLY A 752 15.70 -12.74 -13.49
CA GLY A 752 16.07 -12.51 -12.11
C GLY A 752 17.59 -12.51 -11.99
N GLN A 753 18.10 -11.80 -11.00
CA GLN A 753 19.53 -11.72 -10.78
C GLN A 753 19.87 -11.98 -9.31
N VAL A 754 20.42 -13.16 -9.06
CA VAL A 754 20.78 -13.59 -7.72
C VAL A 754 21.84 -12.69 -7.10
N VAL A 755 21.53 -12.16 -5.92
CA VAL A 755 22.44 -11.26 -5.23
C VAL A 755 23.27 -11.95 -4.19
N SER A 756 22.66 -12.90 -3.49
CA SER A 756 23.35 -13.67 -2.45
C SER A 756 22.51 -14.83 -1.93
N GLU A 757 23.18 -15.91 -1.58
CA GLU A 757 22.53 -17.10 -1.03
C GLU A 757 23.30 -17.54 0.22
N GLU A 758 22.59 -17.68 1.33
CA GLU A 758 23.22 -18.10 2.57
C GLU A 758 22.45 -19.21 3.25
N GLN A 759 23.08 -19.80 4.25
CA GLN A 759 22.45 -20.88 4.99
C GLN A 759 22.46 -20.55 6.47
N ARG A 760 21.38 -20.97 7.13
CA ARG A 760 21.25 -20.76 8.56
C ARG A 760 22.12 -21.83 9.18
N PRO A 761 23.21 -21.41 9.86
CA PRO A 761 24.16 -22.32 10.52
C PRO A 761 23.64 -23.75 10.74
N GLY A 762 22.86 -23.93 11.80
CA GLY A 762 22.35 -25.25 12.14
C GLY A 762 21.53 -25.94 11.07
N THR A 763 20.30 -25.46 10.89
CA THR A 763 19.32 -26.02 9.95
C THR A 763 19.65 -26.11 8.46
N PRO A 764 18.76 -26.77 7.69
CA PRO A 764 18.94 -26.91 6.24
C PRO A 764 18.10 -25.82 5.57
N LEU A 765 18.13 -24.63 6.14
CA LEU A 765 17.37 -23.48 5.61
C LEU A 765 18.18 -22.39 4.93
N PHE A 766 18.22 -22.46 3.61
CA PHE A 766 18.91 -21.46 2.82
C PHE A 766 18.03 -20.22 2.74
N THR A 767 18.63 -19.09 2.39
CA THR A 767 17.88 -17.85 2.26
C THR A 767 18.43 -17.02 1.07
N VAL A 768 17.86 -17.27 -0.11
CA VAL A 768 18.26 -16.60 -1.35
C VAL A 768 17.71 -15.19 -1.54
N LYS A 769 18.58 -14.27 -1.97
CA LYS A 769 18.18 -12.88 -2.23
C LYS A 769 18.52 -12.59 -3.68
N ALA A 770 17.57 -11.99 -4.40
CA ALA A 770 17.78 -11.65 -5.80
C ALA A 770 17.02 -10.40 -6.28
N TYR A 771 17.32 -9.99 -7.50
CA TYR A 771 16.68 -8.82 -8.12
C TYR A 771 15.64 -9.31 -9.12
N LEU A 772 14.40 -8.89 -8.90
CA LEU A 772 13.32 -9.30 -9.78
C LEU A 772 12.63 -8.11 -10.36
N PRO A 773 12.72 -7.95 -11.71
CA PRO A 773 12.09 -6.85 -12.45
C PRO A 773 10.58 -6.87 -12.15
N VAL A 774 10.06 -5.75 -11.68
CA VAL A 774 8.66 -5.71 -11.35
C VAL A 774 7.75 -6.09 -12.51
N ASN A 775 8.12 -5.74 -13.73
CA ASN A 775 7.26 -6.07 -14.85
C ASN A 775 7.36 -7.54 -15.24
N GLU A 776 8.02 -8.33 -14.40
CA GLU A 776 8.20 -9.75 -14.64
C GLU A 776 7.71 -10.55 -13.44
N SER A 777 7.26 -9.83 -12.42
CA SER A 777 6.79 -10.42 -11.16
C SER A 777 5.32 -10.81 -11.12
N PHE A 778 4.60 -10.64 -12.22
CA PHE A 778 3.20 -11.00 -12.18
C PHE A 778 2.99 -12.50 -12.05
N GLY A 779 2.27 -12.87 -10.99
CA GLY A 779 1.99 -14.26 -10.72
C GLY A 779 3.23 -15.00 -10.28
N PHE A 780 4.19 -14.26 -9.76
CA PHE A 780 5.46 -14.82 -9.31
C PHE A 780 5.24 -15.84 -8.19
N THR A 781 4.62 -15.41 -7.11
CA THR A 781 4.40 -16.31 -6.00
C THR A 781 3.73 -17.60 -6.47
N GLY A 782 2.70 -17.48 -7.31
CA GLY A 782 2.02 -18.67 -7.80
C GLY A 782 2.93 -19.67 -8.46
N GLU A 783 3.86 -19.17 -9.27
CA GLU A 783 4.81 -20.02 -9.97
C GLU A 783 5.88 -20.56 -9.03
N LEU A 784 6.26 -19.74 -8.06
CA LEU A 784 7.26 -20.17 -7.10
C LEU A 784 6.67 -21.29 -6.27
N ARG A 785 5.36 -21.23 -6.09
CA ARG A 785 4.62 -22.23 -5.33
C ARG A 785 4.90 -23.60 -5.98
N GLN A 786 4.37 -23.81 -7.18
CA GLN A 786 4.59 -25.07 -7.87
C GLN A 786 6.07 -25.48 -7.84
N ALA A 787 6.94 -24.59 -8.30
CA ALA A 787 8.38 -24.85 -8.34
C ALA A 787 8.98 -25.42 -7.05
N THR A 788 8.85 -24.73 -5.94
CA THR A 788 9.43 -25.23 -4.69
C THR A 788 8.49 -26.04 -3.80
N GLY A 789 7.66 -26.88 -4.40
CA GLY A 789 6.75 -27.70 -3.60
C GLY A 789 6.03 -26.93 -2.49
N GLY A 790 5.96 -25.60 -2.64
CA GLY A 790 5.31 -24.79 -1.65
C GLY A 790 6.14 -24.56 -0.39
N GLN A 791 7.38 -25.04 -0.37
CA GLN A 791 8.25 -24.87 0.80
C GLN A 791 8.89 -23.50 0.88
N ALA A 792 8.86 -22.76 -0.22
CA ALA A 792 9.47 -21.42 -0.27
C ALA A 792 8.63 -20.31 0.33
N PHE A 793 9.30 -19.40 1.06
CA PHE A 793 8.64 -18.25 1.69
C PHE A 793 9.24 -16.90 1.21
N PRO A 794 8.56 -16.23 0.25
CA PRO A 794 8.97 -14.95 -0.36
C PRO A 794 8.72 -13.67 0.44
N GLN A 795 9.61 -12.71 0.24
CA GLN A 795 9.58 -11.41 0.89
C GLN A 795 10.26 -10.49 -0.14
N MET A 796 9.47 -9.74 -0.89
CA MET A 796 10.04 -8.85 -1.90
C MET A 796 9.62 -7.40 -1.71
N VAL A 797 10.55 -6.48 -1.98
CA VAL A 797 10.33 -5.06 -1.84
C VAL A 797 10.93 -4.28 -3.02
N PHE A 798 10.48 -3.04 -3.22
CA PHE A 798 11.05 -2.26 -4.31
C PHE A 798 12.48 -1.93 -3.96
N ASP A 799 13.35 -2.07 -4.95
CA ASP A 799 14.76 -1.79 -4.71
C ASP A 799 15.39 -0.65 -5.47
N HIS A 800 15.20 -0.61 -6.79
CA HIS A 800 15.82 0.47 -7.56
C HIS A 800 15.23 0.62 -8.98
N TRP A 801 15.60 1.71 -9.65
CA TRP A 801 15.12 1.92 -11.02
C TRP A 801 16.22 1.52 -12.01
N SER A 802 15.85 0.78 -13.04
CA SER A 802 16.83 0.33 -14.00
C SER A 802 16.63 0.94 -15.38
N THR A 803 17.64 1.64 -15.88
CA THR A 803 17.52 2.25 -17.19
C THR A 803 17.68 1.28 -18.33
N LEU A 804 16.63 1.06 -19.11
CA LEU A 804 16.77 0.15 -20.25
C LEU A 804 17.70 0.78 -21.29
N GLY A 805 18.49 -0.09 -21.92
CA GLY A 805 19.42 0.37 -22.93
C GLY A 805 18.76 0.75 -24.21
N SER A 806 17.89 -0.12 -24.74
CA SER A 806 17.20 0.14 -26.00
C SER A 806 16.53 1.51 -26.12
N ASP A 807 16.28 1.89 -27.37
CA ASP A 807 15.66 3.17 -27.70
C ASP A 807 14.13 3.18 -27.65
N PRO A 808 13.58 3.91 -26.67
CA PRO A 808 12.13 3.98 -26.54
C PRO A 808 11.49 4.45 -27.84
N LEU A 809 12.25 5.16 -28.65
CA LEU A 809 11.70 5.65 -29.90
C LEU A 809 11.58 4.61 -30.99
N ASP A 810 12.39 3.55 -30.94
CA ASP A 810 12.31 2.50 -31.95
C ASP A 810 11.32 1.42 -31.54
N PRO A 811 10.13 1.38 -32.17
CA PRO A 811 9.04 0.44 -31.91
C PRO A 811 9.43 -1.01 -31.71
N THR A 812 10.43 -1.47 -32.46
CA THR A 812 10.86 -2.85 -32.40
C THR A 812 11.79 -3.16 -31.24
N SER A 813 12.50 -2.15 -30.75
CA SER A 813 13.40 -2.34 -29.62
C SER A 813 12.56 -2.81 -28.46
N LYS A 814 13.22 -3.22 -27.39
CA LYS A 814 12.55 -3.74 -26.19
C LYS A 814 11.78 -2.69 -25.41
N ALA A 815 12.37 -1.51 -25.28
CA ALA A 815 11.73 -0.42 -24.57
C ALA A 815 10.63 0.12 -25.47
N GLY A 816 10.96 0.28 -26.76
CA GLY A 816 9.99 0.79 -27.71
C GLY A 816 8.74 -0.06 -27.73
N GLU A 817 8.94 -1.34 -27.50
CA GLU A 817 7.84 -2.29 -27.45
C GLU A 817 6.95 -1.94 -26.27
N ILE A 818 7.57 -1.66 -25.13
CA ILE A 818 6.81 -1.27 -23.95
C ILE A 818 6.06 0.02 -24.31
N VAL A 819 6.80 1.02 -24.80
CA VAL A 819 6.23 2.30 -25.15
C VAL A 819 5.04 2.22 -26.10
N LEU A 820 5.22 1.62 -27.27
CA LEU A 820 4.11 1.50 -28.22
C LEU A 820 2.86 0.92 -27.58
N ALA A 821 2.99 -0.26 -26.97
CA ALA A 821 1.86 -0.89 -26.32
C ALA A 821 1.16 0.08 -25.39
N ALA A 822 1.95 0.66 -24.49
CA ALA A 822 1.42 1.61 -23.54
C ALA A 822 0.67 2.71 -24.26
N ARG A 823 1.33 3.35 -25.23
CA ARG A 823 0.71 4.42 -25.99
C ARG A 823 -0.66 4.00 -26.54
N LYS A 824 -0.70 2.84 -27.21
CA LYS A 824 -1.93 2.29 -27.77
C LYS A 824 -2.96 2.14 -26.66
N ARG A 825 -2.52 1.54 -25.57
CA ARG A 825 -3.40 1.33 -24.43
C ARG A 825 -4.08 2.64 -24.09
N HIS A 826 -3.27 3.69 -23.95
CA HIS A 826 -3.76 5.01 -23.61
C HIS A 826 -4.43 5.68 -24.77
N GLY A 827 -4.53 4.97 -25.88
CA GLY A 827 -5.16 5.52 -27.05
C GLY A 827 -4.53 6.82 -27.50
N MET A 828 -3.20 6.89 -27.51
CA MET A 828 -2.48 8.08 -27.97
C MET A 828 -2.04 7.78 -29.39
N LYS A 829 -1.36 8.71 -30.02
CA LYS A 829 -0.87 8.46 -31.36
C LYS A 829 0.17 7.36 -31.20
N GLU A 830 0.11 6.36 -32.05
CA GLU A 830 1.04 5.25 -31.92
C GLU A 830 2.52 5.67 -31.84
N GLU A 831 2.92 6.64 -32.64
CA GLU A 831 4.32 7.08 -32.63
C GLU A 831 4.65 8.14 -31.57
N VAL A 832 5.89 8.19 -31.13
CA VAL A 832 6.28 9.18 -30.13
C VAL A 832 6.53 10.51 -30.81
N PRO A 833 6.05 11.60 -30.22
CA PRO A 833 6.22 12.94 -30.77
C PRO A 833 7.67 13.33 -30.94
N GLY A 834 8.01 13.88 -32.11
CA GLY A 834 9.38 14.36 -32.31
C GLY A 834 9.56 15.68 -31.55
N TRP A 835 10.79 16.11 -31.30
CA TRP A 835 10.94 17.35 -30.55
C TRP A 835 10.34 18.51 -31.30
N GLN A 836 10.34 18.40 -32.63
CA GLN A 836 9.80 19.44 -33.47
C GLN A 836 8.40 19.89 -33.10
N GLU A 837 7.56 18.92 -32.73
CA GLU A 837 6.19 19.20 -32.37
C GLU A 837 6.09 20.13 -31.21
N TYR A 838 7.07 20.10 -30.34
CA TYR A 838 7.01 20.99 -29.21
C TYR A 838 7.89 22.20 -29.32
N TYR A 839 8.82 22.17 -30.25
CA TYR A 839 9.70 23.30 -30.50
C TYR A 839 8.80 24.29 -31.22
N ASP A 840 9.25 25.54 -31.32
CA ASP A 840 8.49 26.57 -32.04
C ASP A 840 8.27 26.07 -33.47
N LYS A 841 7.11 26.33 -34.05
CA LYS A 841 6.90 25.86 -35.41
C LYS A 841 7.50 26.84 -36.39
N LEU A 842 8.83 26.99 -36.28
CA LEU A 842 9.62 27.88 -37.10
C LEU A 842 10.36 26.97 -38.06
N GLU B 1 -33.02 19.52 -33.78
CA GLU B 1 -31.67 19.05 -33.35
C GLU B 1 -30.83 18.99 -34.60
N PHE B 2 -29.62 19.54 -34.54
CA PHE B 2 -28.80 19.52 -35.71
C PHE B 2 -27.58 18.66 -35.57
N LEU B 3 -27.52 17.90 -34.49
CA LEU B 3 -26.36 17.07 -34.25
C LEU B 3 -26.35 15.71 -34.88
N GLY B 4 -27.25 15.44 -35.82
CA GLY B 4 -27.29 14.13 -36.44
C GLY B 4 -27.72 13.16 -35.35
N ASP B 5 -27.60 11.85 -35.55
CA ASP B 5 -28.02 10.97 -34.46
C ASP B 5 -26.93 10.03 -33.97
N GLY B 6 -27.06 9.55 -32.74
CA GLY B 6 -26.09 8.62 -32.22
C GLY B 6 -25.63 8.69 -30.77
N GLY B 7 -26.50 9.13 -29.88
CA GLY B 7 -26.08 9.16 -28.49
C GLY B 7 -25.56 10.51 -28.09
N ASP B 8 -25.93 10.95 -26.90
CA ASP B 8 -25.54 12.24 -26.35
C ASP B 8 -24.11 12.69 -26.61
N VAL B 9 -24.00 13.93 -27.06
CA VAL B 9 -22.70 14.51 -27.37
C VAL B 9 -22.20 15.35 -26.19
N SER B 10 -20.93 15.17 -25.85
CA SER B 10 -20.30 15.93 -24.75
C SER B 10 -18.87 16.31 -25.11
N PHE B 11 -18.30 17.26 -24.37
CA PHE B 11 -16.93 17.67 -24.62
C PHE B 11 -15.97 17.21 -23.54
N SER B 12 -14.94 16.50 -23.93
CA SER B 12 -13.97 16.00 -22.98
C SER B 12 -12.57 16.37 -23.37
N THR B 13 -11.71 16.43 -22.37
CA THR B 13 -10.33 16.76 -22.59
C THR B 13 -9.79 15.54 -23.35
N ARG B 14 -10.44 14.43 -23.10
CA ARG B 14 -10.16 13.13 -23.69
C ARG B 14 -10.50 13.07 -25.16
N GLY B 15 -11.41 13.93 -25.58
CA GLY B 15 -11.85 13.94 -26.97
C GLY B 15 -13.36 14.20 -26.93
N THR B 16 -13.97 14.53 -28.06
CA THR B 16 -15.41 14.79 -28.03
C THR B 16 -16.17 13.46 -28.07
N GLN B 17 -16.98 13.24 -27.05
CA GLN B 17 -17.72 11.99 -26.92
C GLN B 17 -18.82 11.80 -27.94
N ASN B 18 -18.79 10.68 -28.64
CA ASN B 18 -19.84 10.36 -29.62
C ASN B 18 -19.91 11.30 -30.82
N TRP B 19 -18.83 11.43 -31.55
CA TRP B 19 -18.87 12.32 -32.66
C TRP B 19 -17.90 11.87 -33.73
N THR B 20 -18.27 10.85 -34.46
CA THR B 20 -17.43 10.35 -35.52
C THR B 20 -17.51 11.26 -36.75
N VAL B 21 -16.66 11.03 -37.75
CA VAL B 21 -16.67 11.84 -38.97
C VAL B 21 -17.96 11.60 -39.69
N GLU B 22 -18.31 10.33 -39.74
CA GLU B 22 -19.55 9.91 -40.34
C GLU B 22 -20.71 10.73 -39.75
N ARG B 23 -20.88 10.78 -38.43
CA ARG B 23 -21.99 11.55 -37.91
C ARG B 23 -21.86 12.98 -38.39
N LEU B 24 -20.65 13.53 -38.36
CA LEU B 24 -20.44 14.90 -38.82
C LEU B 24 -21.01 15.06 -40.25
N LEU B 25 -20.65 14.17 -41.16
CA LEU B 25 -21.15 14.28 -42.51
C LEU B 25 -22.67 14.30 -42.54
N GLN B 26 -23.34 13.51 -41.70
CA GLN B 26 -24.80 13.50 -41.68
C GLN B 26 -25.38 14.84 -41.17
N ALA B 27 -24.89 15.31 -40.05
CA ALA B 27 -25.37 16.54 -39.51
C ALA B 27 -25.14 17.71 -40.47
N HIS B 28 -24.05 17.71 -41.22
CA HIS B 28 -23.76 18.82 -42.14
C HIS B 28 -24.80 18.84 -43.23
N ARG B 29 -24.97 17.67 -43.86
CA ARG B 29 -25.91 17.44 -44.94
C ARG B 29 -27.26 17.93 -44.43
N GLN B 30 -27.67 17.48 -43.27
CA GLN B 30 -28.96 17.93 -42.80
C GLN B 30 -29.04 19.44 -42.57
N LEU B 31 -27.93 20.11 -42.30
CA LEU B 31 -28.01 21.54 -42.04
C LEU B 31 -28.15 22.26 -43.38
N GLU B 32 -27.59 21.67 -44.41
CA GLU B 32 -27.72 22.30 -45.69
C GLU B 32 -29.13 22.11 -46.21
N GLU B 33 -29.68 20.92 -45.97
CA GLU B 33 -31.03 20.64 -46.43
C GLU B 33 -32.08 21.60 -45.83
N ARG B 34 -31.75 22.24 -44.70
CA ARG B 34 -32.67 23.17 -44.08
C ARG B 34 -32.22 24.57 -44.42
N GLY B 35 -31.28 24.70 -45.34
CA GLY B 35 -30.86 26.03 -45.74
C GLY B 35 -29.86 26.79 -44.86
N TYR B 36 -28.88 26.07 -44.30
CA TYR B 36 -27.86 26.69 -43.48
C TYR B 36 -26.56 26.51 -44.23
N VAL B 37 -25.57 27.32 -43.92
CA VAL B 37 -24.32 27.17 -44.58
C VAL B 37 -23.24 27.27 -43.51
N PHE B 38 -22.10 26.65 -43.76
CA PHE B 38 -20.96 26.69 -42.87
C PHE B 38 -20.17 27.99 -43.20
N VAL B 39 -19.72 28.71 -42.18
CA VAL B 39 -18.98 29.95 -42.39
C VAL B 39 -17.64 30.04 -41.69
N GLY B 40 -17.35 29.05 -40.87
CA GLY B 40 -16.09 29.10 -40.18
C GLY B 40 -16.01 28.17 -39.01
N TYR B 41 -14.85 28.20 -38.37
CA TYR B 41 -14.57 27.38 -37.20
C TYR B 41 -14.47 28.32 -36.02
N HIS B 42 -14.75 27.78 -34.85
CA HIS B 42 -14.64 28.54 -33.62
C HIS B 42 -14.07 27.64 -32.57
N GLY B 43 -12.88 28.00 -32.07
CA GLY B 43 -12.25 27.19 -31.03
C GLY B 43 -12.41 27.82 -29.64
N THR B 44 -12.58 27.00 -28.61
CA THR B 44 -12.76 27.54 -27.26
C THR B 44 -12.71 26.45 -26.20
N PHE B 45 -13.00 26.78 -24.94
CA PHE B 45 -12.95 25.76 -23.89
C PHE B 45 -14.14 24.85 -23.71
N LEU B 46 -13.83 23.62 -23.32
CA LEU B 46 -14.84 22.60 -23.11
C LEU B 46 -16.13 23.16 -22.47
N GLU B 47 -16.00 23.80 -21.31
CA GLU B 47 -17.20 24.35 -20.71
C GLU B 47 -17.95 25.17 -21.76
N ALA B 48 -17.24 26.11 -22.38
CA ALA B 48 -17.81 26.99 -23.43
C ALA B 48 -18.46 26.17 -24.56
N ALA B 49 -17.70 25.27 -25.15
CA ALA B 49 -18.22 24.46 -26.22
C ALA B 49 -19.60 23.96 -25.83
N GLN B 50 -19.68 23.16 -24.76
CA GLN B 50 -20.97 22.65 -24.35
C GLN B 50 -22.07 23.70 -24.41
N SER B 51 -21.83 24.87 -23.83
CA SER B 51 -22.83 25.93 -23.81
C SER B 51 -23.36 26.32 -25.19
N ILE B 52 -22.43 26.57 -26.10
CA ILE B 52 -22.73 26.96 -27.47
C ILE B 52 -23.52 25.86 -28.17
N VAL B 53 -23.04 24.62 -28.11
CA VAL B 53 -23.76 23.54 -28.77
C VAL B 53 -25.13 23.23 -28.15
N PHE B 54 -25.26 23.36 -26.85
CA PHE B 54 -26.56 23.08 -26.25
C PHE B 54 -26.95 24.37 -25.57
N GLY B 55 -27.55 25.28 -26.32
CA GLY B 55 -27.93 26.53 -25.69
C GLY B 55 -27.62 27.66 -26.63
N GLY B 56 -26.80 27.37 -27.62
CA GLY B 56 -26.46 28.35 -28.63
C GLY B 56 -25.55 29.48 -28.21
N VAL B 57 -25.06 30.18 -29.20
CA VAL B 57 -24.18 31.27 -28.97
C VAL B 57 -25.00 32.42 -28.46
N ARG B 58 -24.58 33.07 -27.39
CA ARG B 58 -25.31 34.25 -26.89
C ARG B 58 -24.39 35.29 -26.26
N ALA B 59 -24.52 36.53 -26.73
CA ALA B 59 -23.75 37.60 -26.15
C ALA B 59 -24.26 37.70 -24.71
N ARG B 60 -23.57 38.43 -23.85
CA ARG B 60 -24.00 38.56 -22.45
C ARG B 60 -23.19 39.69 -21.81
N SER B 61 -23.81 40.86 -21.72
CA SER B 61 -23.13 41.96 -21.08
C SER B 61 -21.89 42.34 -21.87
N GLN B 62 -22.10 42.89 -23.04
CA GLN B 62 -20.99 43.32 -23.81
C GLN B 62 -20.69 44.77 -23.44
N ASP B 63 -19.52 45.27 -23.81
CA ASP B 63 -19.22 46.65 -23.53
C ASP B 63 -19.84 47.40 -24.70
N LEU B 64 -20.99 48.01 -24.48
CA LEU B 64 -21.67 48.72 -25.55
C LEU B 64 -20.81 49.77 -26.24
N ASP B 65 -19.74 50.21 -25.60
CA ASP B 65 -18.85 51.19 -26.21
C ASP B 65 -17.77 50.50 -27.04
N ALA B 66 -17.83 49.16 -27.03
CA ALA B 66 -16.86 48.33 -27.73
C ALA B 66 -17.32 48.13 -29.15
N ILE B 67 -16.78 48.91 -30.07
CA ILE B 67 -17.22 48.80 -31.46
C ILE B 67 -16.84 47.56 -32.26
N TRP B 68 -16.01 46.68 -31.74
CA TRP B 68 -15.74 45.49 -32.54
C TRP B 68 -16.28 44.29 -31.79
N ARG B 69 -17.28 44.51 -30.94
CA ARG B 69 -17.84 43.41 -30.19
C ARG B 69 -18.57 42.44 -31.13
N GLY B 70 -18.32 41.15 -30.98
CA GLY B 70 -18.97 40.18 -31.84
C GLY B 70 -18.52 38.76 -31.54
N PHE B 71 -18.81 37.82 -32.43
CA PHE B 71 -18.42 36.45 -32.21
C PHE B 71 -17.39 36.14 -33.29
N TYR B 72 -16.13 36.05 -32.89
CA TYR B 72 -15.03 35.77 -33.82
C TYR B 72 -14.97 34.31 -34.18
N ILE B 73 -14.71 34.02 -35.45
CA ILE B 73 -14.55 32.63 -35.88
C ILE B 73 -13.54 32.65 -37.04
N ALA B 74 -13.25 31.49 -37.60
CA ALA B 74 -12.26 31.47 -38.66
C ALA B 74 -12.45 30.39 -39.67
N GLY B 75 -12.16 30.70 -40.93
CA GLY B 75 -12.36 29.72 -41.96
C GLY B 75 -11.35 28.63 -41.74
N ASP B 76 -10.13 29.02 -41.42
CA ASP B 76 -9.08 28.03 -41.23
C ASP B 76 -9.10 27.40 -39.83
N PRO B 77 -9.39 26.11 -39.76
CA PRO B 77 -9.41 25.52 -38.42
C PRO B 77 -8.12 25.73 -37.64
N ALA B 78 -7.02 25.87 -38.35
CA ALA B 78 -5.76 26.07 -37.66
C ALA B 78 -5.82 27.33 -36.84
N LEU B 79 -6.32 28.41 -37.42
CA LEU B 79 -6.38 29.64 -36.66
C LEU B 79 -7.33 29.51 -35.48
N ALA B 80 -8.42 28.78 -35.67
CA ALA B 80 -9.38 28.61 -34.58
C ALA B 80 -8.72 27.77 -33.49
N TYR B 81 -8.03 26.74 -33.93
CA TYR B 81 -7.35 25.82 -33.05
C TYR B 81 -6.62 26.51 -31.92
N GLY B 82 -5.99 27.63 -32.22
CA GLY B 82 -5.24 28.35 -31.22
C GLY B 82 -5.99 28.80 -29.99
N TYR B 83 -7.29 28.96 -30.08
CA TYR B 83 -8.06 29.40 -28.94
C TYR B 83 -8.73 28.23 -28.26
N ALA B 84 -8.53 27.05 -28.81
CA ALA B 84 -9.13 25.84 -28.26
C ALA B 84 -8.46 25.38 -26.98
N GLN B 85 -8.55 26.16 -25.91
CA GLN B 85 -7.90 25.75 -24.66
C GLN B 85 -8.17 26.72 -23.53
N ASP B 86 -8.12 26.24 -22.29
CA ASP B 86 -8.34 27.09 -21.14
C ASP B 86 -7.43 28.30 -21.34
N GLN B 87 -7.87 29.47 -20.89
CA GLN B 87 -7.07 30.68 -21.04
C GLN B 87 -6.36 31.00 -19.75
N GLU B 88 -6.80 30.36 -18.68
CA GLU B 88 -6.17 30.53 -17.38
C GLU B 88 -6.09 29.17 -16.70
N PRO B 89 -5.13 29.01 -15.77
CA PRO B 89 -5.01 27.73 -15.09
C PRO B 89 -6.06 27.44 -14.04
N ASP B 90 -6.30 26.16 -13.81
CA ASP B 90 -7.24 25.75 -12.79
C ASP B 90 -6.41 25.96 -11.53
N ALA B 91 -7.03 25.81 -10.36
CA ALA B 91 -6.35 25.99 -9.06
C ALA B 91 -5.01 25.21 -8.94
N ARG B 92 -5.04 23.95 -9.36
CA ARG B 92 -3.86 23.09 -9.31
C ARG B 92 -2.79 23.58 -10.30
N GLY B 93 -3.20 24.23 -11.38
CA GLY B 93 -2.24 24.75 -12.34
C GLY B 93 -2.36 24.13 -13.72
N ARG B 94 -3.40 23.31 -13.94
CA ARG B 94 -3.56 22.69 -15.24
C ARG B 94 -4.30 23.58 -16.25
N ILE B 95 -3.82 23.54 -17.49
CA ILE B 95 -4.41 24.28 -18.60
C ILE B 95 -4.82 23.19 -19.57
N ARG B 96 -6.07 22.76 -19.52
CA ARG B 96 -6.46 21.71 -20.43
C ARG B 96 -6.89 22.18 -21.81
N ASN B 97 -6.85 21.26 -22.76
CA ASN B 97 -7.21 21.53 -24.14
C ASN B 97 -8.68 21.80 -24.26
N GLY B 98 -9.06 22.30 -25.43
CA GLY B 98 -10.44 22.65 -25.67
C GLY B 98 -11.00 21.88 -26.82
N ALA B 99 -11.90 22.56 -27.51
CA ALA B 99 -12.62 21.98 -28.63
C ALA B 99 -12.82 22.93 -29.75
N LEU B 100 -12.92 22.33 -30.93
CA LEU B 100 -13.14 23.04 -32.16
C LEU B 100 -14.61 22.94 -32.60
N LEU B 101 -15.23 24.08 -32.82
CA LEU B 101 -16.63 24.10 -33.20
C LEU B 101 -16.83 24.63 -34.63
N ARG B 102 -17.80 24.00 -35.31
CA ARG B 102 -18.21 24.35 -36.66
C ARG B 102 -19.43 25.25 -36.56
N VAL B 103 -19.27 26.50 -37.03
CA VAL B 103 -20.32 27.51 -37.02
C VAL B 103 -21.11 27.63 -38.34
N TYR B 104 -22.41 27.55 -38.21
CA TYR B 104 -23.32 27.63 -39.35
C TYR B 104 -24.34 28.76 -39.16
N VAL B 105 -24.69 29.45 -40.24
CA VAL B 105 -25.73 30.48 -40.17
C VAL B 105 -26.79 30.10 -41.19
N PRO B 106 -27.97 30.73 -41.07
CA PRO B 106 -29.07 30.50 -41.97
C PRO B 106 -28.52 31.10 -43.23
N ARG B 107 -28.54 30.31 -44.30
CA ARG B 107 -28.05 30.75 -45.60
C ARG B 107 -28.65 32.13 -45.92
N SER B 108 -29.88 32.32 -45.45
CA SER B 108 -30.59 33.56 -45.66
C SER B 108 -29.90 34.80 -45.15
N SER B 109 -28.75 34.65 -44.49
CA SER B 109 -28.03 35.81 -43.96
C SER B 109 -26.77 36.16 -44.73
N LEU B 110 -26.43 35.35 -45.73
CA LEU B 110 -25.23 35.64 -46.49
C LEU B 110 -25.18 37.06 -47.03
N PRO B 111 -26.32 37.63 -47.38
CA PRO B 111 -26.27 38.98 -47.90
C PRO B 111 -25.53 39.95 -47.03
N GLY B 112 -25.29 39.56 -45.78
CA GLY B 112 -24.62 40.46 -44.86
C GLY B 112 -23.19 40.13 -44.57
N PHE B 113 -22.66 39.12 -45.25
CA PHE B 113 -21.27 38.72 -45.08
C PHE B 113 -20.38 39.51 -46.06
N TYR B 114 -19.49 40.33 -45.53
CA TYR B 114 -18.58 41.10 -46.37
C TYR B 114 -17.13 40.75 -46.09
N ARG B 115 -16.24 41.25 -46.96
CA ARG B 115 -14.82 41.00 -46.81
C ARG B 115 -14.02 42.24 -47.14
N THR B 116 -12.82 42.31 -46.56
CA THR B 116 -11.91 43.43 -46.77
C THR B 116 -10.48 42.92 -46.71
N SER B 117 -9.52 43.76 -47.08
CA SER B 117 -8.10 43.37 -47.03
C SER B 117 -7.43 44.06 -45.86
N LEU B 118 -8.04 45.15 -45.40
CA LEU B 118 -7.49 45.87 -44.27
C LEU B 118 -7.52 44.95 -43.06
N THR B 119 -6.85 45.32 -41.98
CA THR B 119 -6.84 44.45 -40.79
C THR B 119 -7.84 44.95 -39.74
N LEU B 120 -8.78 44.08 -39.39
CA LEU B 120 -9.88 44.36 -38.48
C LEU B 120 -9.71 45.27 -37.24
N ALA B 121 -9.31 44.68 -36.10
CA ALA B 121 -9.19 45.39 -34.83
C ALA B 121 -8.89 46.90 -34.73
N ALA B 122 -8.30 47.56 -35.73
CA ALA B 122 -7.97 48.98 -35.58
C ALA B 122 -8.92 49.96 -36.27
N PRO B 123 -8.75 51.27 -36.03
CA PRO B 123 -9.57 52.36 -36.62
C PRO B 123 -9.51 52.55 -38.14
N GLU B 124 -8.30 52.46 -38.71
CA GLU B 124 -8.18 52.64 -40.16
C GLU B 124 -9.20 51.81 -40.97
N ALA B 125 -9.59 50.66 -40.42
CA ALA B 125 -10.55 49.76 -41.09
C ALA B 125 -11.98 50.06 -40.73
N ALA B 126 -12.19 50.53 -39.51
CA ALA B 126 -13.51 50.86 -39.03
C ALA B 126 -14.32 51.55 -40.13
N GLY B 127 -13.81 52.69 -40.57
CA GLY B 127 -14.49 53.42 -41.60
C GLY B 127 -14.85 52.58 -42.81
N GLU B 128 -13.92 51.73 -43.24
CA GLU B 128 -14.14 50.90 -44.42
C GLU B 128 -15.13 49.76 -44.15
N VAL B 129 -15.11 49.23 -42.93
CA VAL B 129 -16.02 48.15 -42.55
C VAL B 129 -17.42 48.75 -42.55
N GLU B 130 -17.53 49.91 -41.93
CA GLU B 130 -18.78 50.65 -41.86
C GLU B 130 -19.25 50.98 -43.28
N ARG B 131 -18.31 51.30 -44.15
CA ARG B 131 -18.67 51.61 -45.53
C ARG B 131 -19.28 50.39 -46.15
N LEU B 132 -18.71 49.22 -45.90
CA LEU B 132 -19.21 48.00 -46.48
C LEU B 132 -20.53 47.50 -45.91
N ILE B 133 -20.74 47.71 -44.62
CA ILE B 133 -21.97 47.21 -44.02
C ILE B 133 -23.12 48.19 -44.03
N GLY B 134 -22.86 49.44 -44.36
CA GLY B 134 -23.93 50.41 -44.45
C GLY B 134 -24.39 51.10 -43.21
N HIS B 135 -23.65 50.97 -42.12
CA HIS B 135 -24.03 51.66 -40.89
C HIS B 135 -22.84 51.64 -39.98
N PRO B 136 -22.80 52.54 -39.00
CA PRO B 136 -21.66 52.57 -38.07
C PRO B 136 -21.56 51.27 -37.28
N LEU B 137 -20.34 50.96 -36.83
CA LEU B 137 -20.08 49.75 -36.03
C LEU B 137 -20.87 49.97 -34.76
N PRO B 138 -21.07 48.93 -33.95
CA PRO B 138 -20.67 47.54 -34.15
C PRO B 138 -21.44 46.86 -35.24
N LEU B 139 -21.02 45.65 -35.59
CA LEU B 139 -21.72 44.89 -36.60
C LEU B 139 -22.99 44.42 -35.93
N ARG B 140 -23.99 44.13 -36.74
CA ARG B 140 -25.26 43.68 -36.22
C ARG B 140 -25.69 42.45 -36.98
N LEU B 141 -26.58 42.60 -37.95
CA LEU B 141 -26.98 41.42 -38.67
C LEU B 141 -26.08 41.27 -39.87
N ASP B 142 -24.79 41.46 -39.63
CA ASP B 142 -23.81 41.37 -40.70
C ASP B 142 -22.48 40.87 -40.14
N ALA B 143 -21.57 40.53 -41.04
CA ALA B 143 -20.29 40.00 -40.64
C ALA B 143 -19.17 40.46 -41.53
N ILE B 144 -18.00 40.63 -40.93
CA ILE B 144 -16.80 41.06 -41.65
C ILE B 144 -15.69 40.06 -41.51
N THR B 145 -14.94 39.87 -42.60
CA THR B 145 -13.83 38.93 -42.67
C THR B 145 -12.64 39.69 -43.22
N GLY B 146 -11.48 39.49 -42.59
CA GLY B 146 -10.29 40.14 -43.04
C GLY B 146 -9.09 39.60 -42.29
N PRO B 147 -7.88 40.02 -42.64
CA PRO B 147 -6.64 39.58 -41.99
C PRO B 147 -6.64 39.82 -40.49
N GLU B 148 -6.31 38.79 -39.70
CA GLU B 148 -6.27 38.89 -38.25
C GLU B 148 -5.29 39.99 -37.84
N GLU B 149 -4.32 40.23 -38.70
CA GLU B 149 -3.30 41.26 -38.53
C GLU B 149 -2.45 41.14 -39.80
N GLU B 150 -1.70 42.18 -40.14
CA GLU B 150 -0.91 42.17 -41.37
C GLU B 150 -0.28 40.84 -41.73
N GLY B 151 -0.69 40.31 -42.87
CA GLY B 151 -0.15 39.06 -43.33
C GLY B 151 -0.67 37.85 -42.59
N GLY B 152 -1.37 38.06 -41.48
CA GLY B 152 -1.92 36.93 -40.74
C GLY B 152 -3.01 36.20 -41.52
N ARG B 153 -3.56 35.16 -40.91
CA ARG B 153 -4.63 34.39 -41.54
C ARG B 153 -5.89 35.28 -41.35
N LEU B 154 -7.01 34.88 -41.92
CA LEU B 154 -8.20 35.72 -41.78
C LEU B 154 -9.15 35.26 -40.69
N GLU B 155 -9.80 36.22 -40.05
CA GLU B 155 -10.76 35.94 -39.01
C GLU B 155 -12.11 36.53 -39.44
N THR B 156 -13.19 35.98 -38.87
CA THR B 156 -14.50 36.47 -39.22
C THR B 156 -15.25 36.90 -37.98
N ILE B 157 -15.84 38.08 -38.03
CA ILE B 157 -16.57 38.58 -36.88
C ILE B 157 -18.04 38.68 -37.18
N LEU B 158 -18.82 37.77 -36.63
CA LEU B 158 -20.24 37.84 -36.82
C LEU B 158 -20.74 38.81 -35.76
N GLY B 159 -21.59 39.79 -36.13
CA GLY B 159 -22.15 40.73 -35.15
C GLY B 159 -23.02 39.93 -34.21
N TRP B 160 -23.22 40.42 -32.99
CA TRP B 160 -23.98 39.63 -32.04
C TRP B 160 -25.34 39.20 -32.51
N PRO B 161 -26.06 40.09 -33.17
CA PRO B 161 -27.34 39.59 -33.60
C PRO B 161 -27.10 38.36 -34.44
N LEU B 162 -26.44 38.51 -35.58
CA LEU B 162 -26.20 37.36 -36.44
C LEU B 162 -25.69 36.10 -35.71
N ALA B 163 -24.74 36.29 -34.80
CA ALA B 163 -24.15 35.20 -34.03
C ALA B 163 -25.18 34.38 -33.30
N GLU B 164 -26.13 35.08 -32.69
CA GLU B 164 -27.16 34.40 -31.96
C GLU B 164 -28.07 33.59 -32.89
N ARG B 165 -27.87 33.71 -34.20
CA ARG B 165 -28.73 32.97 -35.08
C ARG B 165 -27.98 31.87 -35.72
N THR B 166 -26.84 31.52 -35.15
CA THR B 166 -26.03 30.44 -35.70
C THR B 166 -26.50 29.10 -35.17
N VAL B 167 -25.92 28.05 -35.71
CA VAL B 167 -26.19 26.71 -35.26
C VAL B 167 -24.79 26.13 -35.29
N VAL B 168 -24.28 25.76 -34.10
CA VAL B 168 -22.93 25.21 -34.00
C VAL B 168 -22.89 23.74 -33.64
N ILE B 169 -21.99 23.00 -34.26
CA ILE B 169 -21.84 21.58 -33.96
C ILE B 169 -20.36 21.24 -33.87
N PRO B 170 -20.02 20.09 -33.28
CA PRO B 170 -18.65 19.64 -33.12
C PRO B 170 -17.91 19.45 -34.44
N SER B 171 -16.59 19.53 -34.38
CA SER B 171 -15.76 19.28 -35.54
C SER B 171 -15.21 17.88 -35.28
N ALA B 172 -14.75 17.25 -36.33
CA ALA B 172 -14.18 15.94 -36.17
C ALA B 172 -12.70 16.19 -36.10
N ILE B 173 -12.32 17.43 -35.81
CA ILE B 173 -10.91 17.77 -35.72
C ILE B 173 -10.61 17.82 -34.25
N PRO B 174 -9.83 16.87 -33.75
CA PRO B 174 -9.51 16.84 -32.30
C PRO B 174 -8.35 17.73 -31.84
N THR B 175 -8.47 18.26 -30.63
CA THR B 175 -7.40 19.07 -30.06
C THR B 175 -6.52 18.02 -29.38
N ASP B 176 -5.25 18.33 -29.19
CA ASP B 176 -4.31 17.40 -28.57
C ASP B 176 -4.22 17.65 -27.08
N PRO B 177 -4.52 16.63 -26.25
CA PRO B 177 -4.45 16.82 -24.81
C PRO B 177 -2.99 16.79 -24.32
N ARG B 178 -2.11 16.19 -25.11
CA ARG B 178 -0.69 16.05 -24.75
C ARG B 178 0.23 17.06 -25.46
N ASN B 179 -0.33 18.18 -25.92
CA ASN B 179 0.47 19.18 -26.62
C ASN B 179 -0.28 20.52 -26.68
N VAL B 180 -0.89 20.85 -25.55
CA VAL B 180 -1.63 22.09 -25.48
C VAL B 180 -0.77 23.29 -25.78
N GLY B 181 -0.97 23.92 -26.92
CA GLY B 181 -0.20 25.09 -27.23
C GLY B 181 0.47 24.84 -28.55
N GLY B 182 0.49 23.58 -28.94
CA GLY B 182 1.12 23.25 -30.20
C GLY B 182 0.24 23.76 -31.30
N ASP B 183 0.71 23.73 -32.54
CA ASP B 183 -0.15 24.19 -33.62
C ASP B 183 -0.89 23.01 -34.25
N LEU B 184 -2.11 23.24 -34.71
CA LEU B 184 -2.90 22.17 -35.31
C LEU B 184 -2.10 21.46 -36.39
N ASP B 185 -2.10 20.13 -36.31
CA ASP B 185 -1.38 19.35 -37.29
C ASP B 185 -2.25 19.05 -38.47
N PRO B 186 -1.93 19.63 -39.62
CA PRO B 186 -2.69 19.45 -40.87
C PRO B 186 -3.12 18.03 -41.22
N SER B 187 -2.36 17.02 -40.80
CA SER B 187 -2.78 15.66 -41.11
C SER B 187 -3.83 15.12 -40.12
N SER B 188 -4.15 15.87 -39.06
CA SER B 188 -5.14 15.35 -38.14
C SER B 188 -6.56 15.80 -38.50
N ILE B 189 -6.65 16.60 -39.55
CA ILE B 189 -7.92 17.08 -40.05
C ILE B 189 -8.42 15.99 -40.98
N PRO B 190 -9.66 15.47 -40.75
CA PRO B 190 -10.23 14.42 -41.59
C PRO B 190 -10.38 14.88 -43.04
N ASP B 191 -10.01 14.04 -43.99
CA ASP B 191 -10.13 14.46 -45.38
C ASP B 191 -11.59 14.75 -45.66
N LYS B 192 -12.48 13.94 -45.09
CA LYS B 192 -13.91 14.13 -45.30
C LYS B 192 -14.44 15.43 -44.70
N GLU B 193 -13.86 15.91 -43.59
CA GLU B 193 -14.34 17.16 -43.04
C GLU B 193 -13.85 18.28 -43.95
N GLN B 194 -12.66 18.08 -44.49
CA GLN B 194 -12.10 19.07 -45.37
C GLN B 194 -13.04 19.29 -46.55
N ALA B 195 -13.67 18.23 -47.01
CA ALA B 195 -14.58 18.31 -48.15
C ALA B 195 -15.79 19.18 -47.87
N ILE B 196 -16.32 19.09 -46.67
CA ILE B 196 -17.48 19.89 -46.38
C ILE B 196 -17.15 21.21 -45.71
N SER B 197 -15.97 21.77 -45.98
CA SER B 197 -15.60 22.99 -45.30
C SER B 197 -15.28 24.23 -46.10
N ALA B 198 -15.74 24.27 -47.34
CA ALA B 198 -15.51 25.43 -48.17
C ALA B 198 -16.25 26.60 -47.58
N LEU B 199 -15.79 27.81 -47.83
CA LEU B 199 -16.48 28.96 -47.30
C LEU B 199 -17.32 29.67 -48.35
N PRO B 200 -18.33 30.44 -47.94
CA PRO B 200 -19.11 31.11 -48.99
C PRO B 200 -18.25 32.21 -49.57
N ASP B 201 -18.67 32.75 -50.71
CA ASP B 201 -17.91 33.82 -51.32
C ASP B 201 -18.48 35.14 -50.82
N TYR B 202 -17.71 35.87 -50.02
CA TYR B 202 -18.16 37.14 -49.45
C TYR B 202 -17.98 38.36 -50.35
N ALA B 203 -18.89 39.31 -50.25
CA ALA B 203 -18.83 40.52 -51.04
C ALA B 203 -17.78 41.49 -50.56
N SER B 204 -17.20 42.20 -51.52
CA SER B 204 -16.15 43.16 -51.26
C SER B 204 -16.63 44.58 -51.49
N GLN B 205 -17.85 44.70 -51.98
CA GLN B 205 -18.45 45.99 -52.26
C GLN B 205 -19.75 46.02 -51.52
N PRO B 206 -20.10 47.17 -50.96
CA PRO B 206 -21.33 47.41 -50.20
C PRO B 206 -22.61 47.05 -50.96
N GLY B 207 -23.73 46.94 -50.25
CA GLY B 207 -24.97 46.59 -50.95
C GLY B 207 -25.96 47.73 -51.21
N VAL C 2 -68.13 -35.23 10.31
CA VAL C 2 -68.71 -34.57 11.52
C VAL C 2 -68.85 -33.06 11.31
N ALA C 3 -69.43 -32.39 12.30
CA ALA C 3 -69.60 -30.95 12.24
C ALA C 3 -68.69 -30.31 13.29
N PHE C 4 -67.93 -29.31 12.86
CA PHE C 4 -67.04 -28.60 13.76
C PHE C 4 -67.33 -27.10 13.63
N THR C 5 -67.03 -26.36 14.69
CA THR C 5 -67.26 -24.92 14.68
C THR C 5 -65.95 -24.28 14.18
N VAL C 6 -66.00 -23.01 13.83
CA VAL C 6 -64.79 -22.34 13.37
C VAL C 6 -63.71 -22.46 14.44
N ASP C 7 -64.13 -22.40 15.71
CA ASP C 7 -63.23 -22.51 16.85
C ASP C 7 -62.51 -23.85 16.90
N GLN C 8 -63.31 -24.92 16.81
CA GLN C 8 -62.77 -26.27 16.84
C GLN C 8 -61.74 -26.45 15.73
N MET C 9 -62.10 -26.01 14.52
CA MET C 9 -61.21 -26.09 13.37
C MET C 9 -59.93 -25.31 13.64
N ARG C 10 -60.09 -24.07 14.06
CA ARG C 10 -58.96 -23.21 14.36
C ARG C 10 -58.07 -23.89 15.42
N SER C 11 -58.69 -24.28 16.54
CA SER C 11 -57.95 -24.95 17.60
C SER C 11 -57.15 -26.12 17.06
N LEU C 12 -57.79 -26.90 16.20
CA LEU C 12 -57.18 -28.06 15.58
C LEU C 12 -56.02 -27.65 14.66
N MET C 13 -56.15 -26.50 14.03
CA MET C 13 -55.12 -26.01 13.13
C MET C 13 -53.94 -25.43 13.88
N ASP C 14 -54.02 -25.39 15.21
CA ASP C 14 -52.93 -24.85 16.01
C ASP C 14 -51.94 -25.96 16.34
N LYS C 15 -52.46 -27.18 16.44
CA LYS C 15 -51.65 -28.35 16.72
C LYS C 15 -51.18 -28.98 15.41
N VAL C 16 -50.28 -28.27 14.74
CA VAL C 16 -49.72 -28.71 13.47
C VAL C 16 -49.13 -30.11 13.59
N THR C 17 -48.52 -30.39 14.74
CA THR C 17 -47.93 -31.69 15.01
C THR C 17 -49.00 -32.78 14.85
N ASN C 18 -50.25 -32.37 14.78
CA ASN C 18 -51.34 -33.31 14.64
C ASN C 18 -52.15 -33.01 13.40
N VAL C 19 -51.43 -32.64 12.35
CA VAL C 19 -52.01 -32.33 11.05
C VAL C 19 -51.31 -33.22 10.03
N ARG C 20 -52.01 -33.55 8.93
CA ARG C 20 -51.42 -34.38 7.89
C ARG C 20 -51.84 -33.85 6.51
N ASN C 21 -50.86 -33.34 5.75
CA ASN C 21 -51.13 -32.81 4.41
C ASN C 21 -50.81 -33.86 3.36
N MET C 22 -51.84 -34.47 2.76
CA MET C 22 -51.57 -35.49 1.76
C MET C 22 -52.43 -35.50 0.51
N SER C 23 -52.08 -36.41 -0.39
CA SER C 23 -52.75 -36.56 -1.66
C SER C 23 -52.99 -38.06 -1.80
N VAL C 24 -53.54 -38.48 -2.94
CA VAL C 24 -53.78 -39.89 -3.19
C VAL C 24 -53.29 -40.17 -4.58
N ILE C 25 -52.13 -40.81 -4.68
CA ILE C 25 -51.58 -41.13 -5.99
C ILE C 25 -52.20 -42.43 -6.46
N ALA C 26 -53.00 -42.38 -7.51
CA ALA C 26 -53.64 -43.58 -8.04
C ALA C 26 -54.30 -43.38 -9.39
N HIS C 27 -54.21 -44.41 -10.23
CA HIS C 27 -54.85 -44.39 -11.55
C HIS C 27 -56.35 -44.41 -11.22
N VAL C 28 -57.15 -43.72 -12.02
CA VAL C 28 -58.58 -43.65 -11.79
C VAL C 28 -59.27 -45.02 -11.80
N ASP C 29 -58.81 -45.91 -12.68
CA ASP C 29 -59.37 -47.26 -12.81
C ASP C 29 -58.96 -48.25 -11.70
N HIS C 30 -58.39 -47.72 -10.64
CA HIS C 30 -57.98 -48.56 -9.54
C HIS C 30 -58.68 -48.04 -8.29
N GLY C 31 -59.94 -47.64 -8.49
CA GLY C 31 -60.79 -47.14 -7.42
C GLY C 31 -60.25 -45.94 -6.66
N LYS C 32 -59.53 -45.07 -7.35
CA LYS C 32 -58.96 -43.86 -6.73
C LYS C 32 -60.03 -43.01 -6.06
N SER C 33 -61.12 -42.85 -6.80
CA SER C 33 -62.27 -42.08 -6.38
C SER C 33 -63.08 -42.81 -5.31
N THR C 34 -63.21 -44.12 -5.49
CA THR C 34 -63.96 -44.94 -4.55
C THR C 34 -63.32 -44.84 -3.17
N LEU C 35 -62.05 -45.20 -3.11
CA LEU C 35 -61.31 -45.16 -1.85
C LEU C 35 -61.45 -43.79 -1.17
N THR C 36 -61.08 -42.74 -1.90
CA THR C 36 -61.16 -41.38 -1.37
C THR C 36 -62.50 -41.08 -0.70
N ASP C 37 -63.59 -41.36 -1.40
CA ASP C 37 -64.92 -41.11 -0.85
C ASP C 37 -65.07 -41.77 0.52
N SER C 38 -64.63 -43.01 0.61
CA SER C 38 -64.71 -43.77 1.85
C SER C 38 -64.21 -42.97 3.03
N LEU C 39 -63.08 -42.29 2.85
CA LEU C 39 -62.51 -41.48 3.92
C LEU C 39 -63.40 -40.28 4.17
N VAL C 40 -64.03 -39.81 3.10
CA VAL C 40 -64.91 -38.66 3.21
C VAL C 40 -66.11 -39.13 3.99
N GLN C 41 -66.73 -40.21 3.53
CA GLN C 41 -67.92 -40.71 4.20
C GLN C 41 -67.66 -41.20 5.63
N ARG C 42 -66.40 -41.14 6.04
CA ARG C 42 -66.02 -41.59 7.38
C ARG C 42 -65.52 -40.49 8.34
N ALA C 43 -64.54 -39.71 7.89
CA ALA C 43 -63.98 -38.65 8.71
C ALA C 43 -64.16 -37.28 8.06
N GLY C 44 -65.03 -37.21 7.05
CA GLY C 44 -65.26 -35.96 6.37
C GLY C 44 -65.65 -34.86 7.36
N ILE C 45 -65.03 -33.69 7.23
CA ILE C 45 -65.34 -32.59 8.13
C ILE C 45 -66.36 -31.64 7.48
N ILE C 46 -67.40 -31.35 8.24
CA ILE C 46 -68.47 -30.47 7.82
C ILE C 46 -68.56 -29.31 8.81
N SER C 47 -68.85 -28.11 8.32
CA SER C 47 -68.95 -26.94 9.19
C SER C 47 -70.27 -26.88 9.97
N ALA C 48 -70.18 -26.47 11.23
CA ALA C 48 -71.35 -26.34 12.10
C ALA C 48 -72.11 -25.06 11.80
N GLY C 67 -73.10 -19.09 1.60
CA GLY C 67 -73.78 -19.33 0.33
C GLY C 67 -72.82 -19.25 -0.85
N ILE C 68 -71.52 -19.16 -0.55
CA ILE C 68 -70.50 -19.09 -1.58
C ILE C 68 -69.91 -20.48 -1.78
N THR C 69 -70.05 -21.00 -2.99
CA THR C 69 -69.52 -22.32 -3.31
C THR C 69 -68.24 -22.22 -4.14
N ILE C 70 -67.38 -23.22 -4.01
CA ILE C 70 -66.12 -23.27 -4.74
C ILE C 70 -65.95 -24.62 -5.43
N LYS C 71 -64.93 -24.73 -6.27
CA LYS C 71 -64.63 -25.97 -6.96
C LYS C 71 -63.78 -26.80 -5.97
N SER C 72 -64.32 -27.92 -5.51
CA SER C 72 -63.62 -28.75 -4.52
C SER C 72 -62.14 -28.97 -4.81
N THR C 73 -61.28 -28.41 -3.95
CA THR C 73 -59.83 -28.56 -4.09
C THR C 73 -59.17 -29.35 -2.97
N ALA C 74 -59.82 -29.41 -1.81
CA ALA C 74 -59.26 -30.16 -0.69
C ALA C 74 -60.38 -30.53 0.26
N ILE C 75 -60.23 -31.66 0.94
CA ILE C 75 -61.23 -32.11 1.90
C ILE C 75 -60.63 -32.25 3.29
N SER C 76 -61.36 -31.81 4.31
CA SER C 76 -60.86 -31.91 5.68
C SER C 76 -61.33 -33.21 6.32
N LEU C 77 -60.38 -33.91 6.96
CA LEU C 77 -60.65 -35.18 7.64
C LEU C 77 -60.18 -35.15 9.10
N TYR C 78 -61.04 -35.62 9.99
CA TYR C 78 -60.73 -35.68 11.42
C TYR C 78 -60.65 -37.12 11.88
N SER C 79 -59.66 -37.42 12.71
CA SER C 79 -59.50 -38.77 13.22
C SER C 79 -58.86 -38.72 14.60
N GLU C 80 -59.30 -39.62 15.47
CA GLU C 80 -58.77 -39.67 16.83
C GLU C 80 -58.18 -41.04 17.13
N MET C 81 -57.19 -41.08 18.01
CA MET C 81 -56.55 -42.34 18.36
C MET C 81 -56.27 -42.41 19.87
N SER C 82 -56.05 -43.62 20.36
CA SER C 82 -55.77 -43.83 21.78
C SER C 82 -54.38 -43.32 22.17
N ASP C 83 -54.20 -42.94 23.43
CA ASP C 83 -52.90 -42.43 23.89
C ASP C 83 -51.85 -43.47 23.57
N GLU C 84 -52.29 -44.72 23.50
CA GLU C 84 -51.43 -45.86 23.19
C GLU C 84 -50.93 -45.78 21.76
N ASP C 85 -51.83 -45.45 20.83
CA ASP C 85 -51.49 -45.33 19.41
C ASP C 85 -50.61 -44.11 19.19
N VAL C 86 -50.91 -43.02 19.89
CA VAL C 86 -50.16 -41.79 19.76
C VAL C 86 -48.67 -42.02 20.06
N LYS C 87 -48.38 -43.07 20.83
CA LYS C 87 -46.99 -43.37 21.15
C LYS C 87 -46.24 -44.04 20.02
N GLU C 88 -46.93 -44.91 19.27
CA GLU C 88 -46.31 -45.59 18.14
C GLU C 88 -45.86 -44.62 17.05
N ILE C 89 -46.20 -43.35 17.22
CA ILE C 89 -45.86 -42.32 16.23
C ILE C 89 -44.44 -41.80 16.42
N LYS C 90 -43.55 -42.23 15.53
CA LYS C 90 -42.15 -41.82 15.59
C LYS C 90 -41.96 -40.41 15.03
N GLN C 91 -42.61 -39.45 15.69
CA GLN C 91 -42.53 -38.04 15.30
C GLN C 91 -43.38 -37.23 16.29
N LYS C 92 -42.82 -36.14 16.78
CA LYS C 92 -43.50 -35.29 17.75
C LYS C 92 -44.98 -35.08 17.48
N THR C 93 -45.80 -35.35 18.49
CA THR C 93 -47.25 -35.16 18.40
C THR C 93 -47.75 -34.51 19.69
N ASP C 94 -49.05 -34.30 19.79
CA ASP C 94 -49.64 -33.66 20.96
C ASP C 94 -51.15 -33.71 20.82
N GLY C 95 -51.78 -34.54 21.64
CA GLY C 95 -53.23 -34.66 21.56
C GLY C 95 -53.58 -35.93 20.81
N ASN C 96 -54.80 -36.39 21.00
CA ASN C 96 -55.26 -37.61 20.33
C ASN C 96 -56.03 -37.29 19.06
N SER C 97 -56.17 -36.00 18.77
CA SER C 97 -56.88 -35.53 17.58
C SER C 97 -55.93 -35.26 16.42
N PHE C 98 -56.41 -35.52 15.21
CA PHE C 98 -55.64 -35.30 14.00
C PHE C 98 -56.43 -34.69 12.82
N LEU C 99 -55.83 -33.69 12.18
CA LEU C 99 -56.45 -33.03 11.06
C LEU C 99 -55.77 -33.43 9.76
N ILE C 100 -56.52 -34.13 8.92
CA ILE C 100 -56.00 -34.59 7.64
C ILE C 100 -56.48 -33.71 6.48
N ASN C 101 -55.55 -33.25 5.65
CA ASN C 101 -55.94 -32.44 4.51
C ASN C 101 -55.73 -33.27 3.26
N LEU C 102 -56.83 -33.77 2.72
CA LEU C 102 -56.80 -34.58 1.52
C LEU C 102 -56.91 -33.62 0.33
N ILE C 103 -55.77 -33.38 -0.29
CA ILE C 103 -55.67 -32.47 -1.42
C ILE C 103 -55.90 -33.18 -2.75
N ASP C 104 -56.90 -32.70 -3.49
CA ASP C 104 -57.28 -33.28 -4.75
C ASP C 104 -56.19 -33.30 -5.81
N SER C 105 -56.26 -34.34 -6.63
CA SER C 105 -55.32 -34.57 -7.72
C SER C 105 -56.08 -34.80 -9.03
N PRO C 106 -55.36 -34.73 -10.17
CA PRO C 106 -55.90 -34.91 -11.52
C PRO C 106 -56.28 -36.36 -11.83
N GLY C 107 -56.75 -36.58 -13.06
CA GLY C 107 -57.13 -37.91 -13.48
C GLY C 107 -56.11 -38.45 -14.47
N HIS C 108 -55.67 -37.58 -15.38
CA HIS C 108 -54.68 -37.99 -16.36
C HIS C 108 -53.35 -37.29 -16.10
N VAL C 109 -52.28 -37.92 -16.55
CA VAL C 109 -50.93 -37.42 -16.36
C VAL C 109 -50.59 -36.21 -17.23
N ASP C 110 -51.26 -36.09 -18.38
CA ASP C 110 -51.00 -34.97 -19.26
C ASP C 110 -51.15 -33.65 -18.51
N PHE C 111 -51.89 -33.70 -17.39
CA PHE C 111 -52.08 -32.51 -16.56
C PHE C 111 -50.83 -32.21 -15.74
N SER C 112 -49.70 -32.77 -16.20
CA SER C 112 -48.38 -32.64 -15.59
C SER C 112 -48.26 -31.50 -14.57
N SER C 113 -48.41 -30.29 -15.08
CA SER C 113 -48.30 -29.08 -14.28
C SER C 113 -49.12 -29.05 -13.00
N GLU C 114 -50.39 -29.46 -13.07
CA GLU C 114 -51.18 -29.40 -11.85
C GLU C 114 -50.99 -30.62 -10.95
N VAL C 115 -50.30 -31.63 -11.47
CA VAL C 115 -49.99 -32.81 -10.70
C VAL C 115 -48.94 -32.35 -9.69
N THR C 116 -47.90 -31.74 -10.25
CA THR C 116 -46.80 -31.22 -9.46
C THR C 116 -47.36 -30.21 -8.46
N ALA C 117 -48.44 -29.56 -8.84
CA ALA C 117 -49.06 -28.54 -7.99
C ALA C 117 -49.59 -29.12 -6.69
N ALA C 118 -50.36 -30.19 -6.82
CA ALA C 118 -50.95 -30.84 -5.65
C ALA C 118 -49.83 -31.37 -4.76
N LEU C 119 -48.93 -32.12 -5.40
CA LEU C 119 -47.81 -32.70 -4.69
C LEU C 119 -47.07 -31.64 -3.88
N ARG C 120 -46.58 -30.60 -4.54
CA ARG C 120 -45.83 -29.55 -3.87
C ARG C 120 -46.39 -28.98 -2.54
N VAL C 121 -47.67 -29.19 -2.25
CA VAL C 121 -48.22 -28.69 -0.99
C VAL C 121 -48.53 -29.81 0.00
N THR C 122 -48.19 -31.04 -0.36
CA THR C 122 -48.42 -32.19 0.51
C THR C 122 -47.11 -32.73 1.06
N ASP C 123 -47.20 -33.54 2.11
CA ASP C 123 -46.00 -34.12 2.73
C ASP C 123 -46.04 -35.64 2.58
N GLY C 124 -47.23 -36.20 2.71
CA GLY C 124 -47.41 -37.63 2.56
C GLY C 124 -48.22 -37.99 1.34
N ALA C 125 -48.35 -39.29 1.08
CA ALA C 125 -49.10 -39.76 -0.06
C ALA C 125 -49.60 -41.18 0.13
N LEU C 126 -50.84 -41.41 -0.30
CA LEU C 126 -51.46 -42.74 -0.22
C LEU C 126 -51.44 -43.34 -1.63
N VAL C 127 -50.37 -44.09 -1.94
CA VAL C 127 -50.25 -44.70 -3.25
C VAL C 127 -51.16 -45.92 -3.35
N VAL C 128 -52.05 -45.94 -4.32
CA VAL C 128 -52.94 -47.09 -4.49
C VAL C 128 -52.47 -47.96 -5.65
N VAL C 129 -52.22 -49.24 -5.35
CA VAL C 129 -51.78 -50.20 -6.35
C VAL C 129 -52.86 -51.27 -6.51
N ASP C 130 -52.83 -51.96 -7.65
CA ASP C 130 -53.81 -53.00 -7.90
C ASP C 130 -53.25 -54.41 -7.61
N THR C 131 -54.12 -55.29 -7.11
CA THR C 131 -53.75 -56.66 -6.78
C THR C 131 -53.26 -57.43 -7.99
N ILE C 132 -54.15 -57.61 -8.96
CA ILE C 132 -53.80 -58.34 -10.16
C ILE C 132 -52.69 -57.67 -11.02
N GLU C 133 -52.93 -56.43 -11.46
CA GLU C 133 -51.99 -55.68 -12.30
C GLU C 133 -50.76 -55.13 -11.60
N GLY C 134 -50.88 -54.85 -10.31
CA GLY C 134 -49.77 -54.31 -9.55
C GLY C 134 -49.57 -52.81 -9.73
N VAL C 135 -48.32 -52.40 -9.87
CA VAL C 135 -47.99 -50.99 -10.06
C VAL C 135 -47.96 -50.68 -11.54
N CYS C 136 -48.95 -49.92 -11.99
CA CYS C 136 -49.04 -49.54 -13.39
C CYS C 136 -48.03 -48.44 -13.69
N VAL C 137 -47.73 -48.26 -14.97
CA VAL C 137 -46.78 -47.25 -15.43
C VAL C 137 -47.11 -45.86 -14.91
N GLN C 138 -48.35 -45.45 -15.09
CA GLN C 138 -48.79 -44.15 -14.65
C GLN C 138 -48.51 -43.86 -13.16
N THR C 139 -49.04 -44.70 -12.28
CA THR C 139 -48.85 -44.54 -10.84
C THR C 139 -47.36 -44.54 -10.46
N GLU C 140 -46.58 -45.29 -11.22
CA GLU C 140 -45.14 -45.38 -11.01
C GLU C 140 -44.50 -44.02 -11.26
N THR C 141 -44.95 -43.36 -12.32
CA THR C 141 -44.42 -42.05 -12.69
C THR C 141 -44.77 -40.97 -11.69
N VAL C 142 -46.04 -40.89 -11.30
CA VAL C 142 -46.39 -39.89 -10.31
C VAL C 142 -45.63 -40.15 -9.01
N LEU C 143 -45.44 -41.43 -8.67
CA LEU C 143 -44.71 -41.77 -7.46
C LEU C 143 -43.30 -41.17 -7.59
N ARG C 144 -42.67 -41.35 -8.75
CA ARG C 144 -41.34 -40.78 -8.95
C ARG C 144 -41.39 -39.29 -8.58
N GLN C 145 -42.30 -38.56 -9.22
CA GLN C 145 -42.46 -37.13 -8.96
C GLN C 145 -42.64 -36.84 -7.48
N ALA C 146 -43.57 -37.55 -6.84
CA ALA C 146 -43.81 -37.35 -5.41
C ALA C 146 -42.52 -37.58 -4.62
N LEU C 147 -41.73 -38.57 -5.04
CA LEU C 147 -40.46 -38.84 -4.37
C LEU C 147 -39.52 -37.65 -4.59
N GLY C 148 -39.60 -37.03 -5.78
CA GLY C 148 -38.77 -35.87 -6.05
C GLY C 148 -39.06 -34.72 -5.09
N GLU C 149 -40.31 -34.59 -4.66
CA GLU C 149 -40.71 -33.53 -3.72
C GLU C 149 -40.51 -33.97 -2.27
N ARG C 150 -39.94 -35.17 -2.09
CA ARG C 150 -39.67 -35.78 -0.78
C ARG C 150 -40.93 -36.16 0.00
N ILE C 151 -41.90 -36.71 -0.73
CA ILE C 151 -43.15 -37.15 -0.12
C ILE C 151 -42.97 -38.56 0.42
N LYS C 152 -43.55 -38.81 1.59
CA LYS C 152 -43.49 -40.12 2.24
C LYS C 152 -44.64 -40.99 1.73
N PRO C 153 -44.34 -42.06 0.98
CA PRO C 153 -45.42 -42.91 0.49
C PRO C 153 -45.94 -43.92 1.52
N VAL C 154 -47.18 -44.35 1.30
CA VAL C 154 -47.87 -45.33 2.12
C VAL C 154 -48.72 -46.10 1.10
N VAL C 155 -48.50 -47.40 0.97
CA VAL C 155 -49.23 -48.18 -0.03
C VAL C 155 -50.52 -48.88 0.40
N VAL C 156 -51.36 -49.16 -0.59
CA VAL C 156 -52.64 -49.83 -0.41
C VAL C 156 -52.90 -50.67 -1.64
N ILE C 157 -52.90 -51.99 -1.48
CA ILE C 157 -53.17 -52.88 -2.60
C ILE C 157 -54.69 -53.01 -2.64
N ASN C 158 -55.30 -52.38 -3.65
CA ASN C 158 -56.76 -52.40 -3.80
C ASN C 158 -57.25 -53.50 -4.72
N LYS C 159 -58.58 -53.64 -4.79
CA LYS C 159 -59.21 -54.62 -5.66
C LYS C 159 -58.71 -56.04 -5.38
N VAL C 160 -58.79 -56.44 -4.11
CA VAL C 160 -58.35 -57.78 -3.72
C VAL C 160 -59.45 -58.75 -4.15
N ASP C 161 -60.70 -58.29 -4.05
CA ASP C 161 -61.86 -59.10 -4.43
C ASP C 161 -61.66 -59.65 -5.85
N ARG C 162 -61.23 -58.77 -6.74
CA ARG C 162 -60.99 -59.11 -8.13
C ARG C 162 -60.01 -60.28 -8.30
N ALA C 163 -59.21 -60.53 -7.29
CA ALA C 163 -58.21 -61.59 -7.36
C ALA C 163 -58.77 -62.99 -7.10
N LEU C 164 -59.68 -63.05 -6.13
CA LEU C 164 -60.30 -64.30 -5.73
C LEU C 164 -61.54 -64.65 -6.56
N LEU C 165 -62.49 -63.74 -6.59
CA LEU C 165 -63.74 -63.91 -7.32
C LEU C 165 -63.63 -64.10 -8.82
N GLU C 166 -62.47 -63.78 -9.39
CA GLU C 166 -62.30 -63.88 -10.83
C GLU C 166 -61.42 -65.04 -11.28
N LEU C 167 -60.51 -65.47 -10.42
CA LEU C 167 -59.59 -66.56 -10.74
C LEU C 167 -59.51 -67.60 -9.64
N GLN C 168 -58.92 -68.75 -9.96
CA GLN C 168 -58.75 -69.80 -8.97
C GLN C 168 -57.40 -69.47 -8.35
N VAL C 169 -57.42 -68.71 -7.26
CA VAL C 169 -56.17 -68.33 -6.62
C VAL C 169 -56.13 -68.65 -5.12
N SER C 170 -55.09 -69.40 -4.74
CA SER C 170 -54.86 -69.82 -3.36
C SER C 170 -54.41 -68.71 -2.42
N LYS C 171 -54.40 -69.01 -1.12
CA LYS C 171 -53.95 -68.02 -0.14
C LYS C 171 -52.51 -67.69 -0.43
N GLU C 172 -51.67 -68.72 -0.47
CA GLU C 172 -50.25 -68.55 -0.76
C GLU C 172 -50.02 -67.75 -2.04
N ASP C 173 -50.67 -68.15 -3.12
CA ASP C 173 -50.51 -67.45 -4.39
C ASP C 173 -50.83 -65.96 -4.21
N LEU C 174 -51.91 -65.67 -3.49
CA LEU C 174 -52.34 -64.28 -3.22
C LEU C 174 -51.29 -63.56 -2.38
N TYR C 175 -50.68 -64.27 -1.46
CA TYR C 175 -49.65 -63.68 -0.63
C TYR C 175 -48.47 -63.37 -1.52
N GLN C 176 -48.05 -64.36 -2.31
CA GLN C 176 -46.94 -64.19 -3.24
C GLN C 176 -47.18 -62.98 -4.13
N THR C 177 -48.47 -62.71 -4.41
CA THR C 177 -48.82 -61.57 -5.23
C THR C 177 -48.43 -60.29 -4.49
N PHE C 178 -49.06 -60.06 -3.34
CA PHE C 178 -48.77 -58.89 -2.54
C PHE C 178 -47.26 -58.69 -2.41
N ALA C 179 -46.57 -59.77 -2.09
CA ALA C 179 -45.12 -59.76 -1.92
C ALA C 179 -44.40 -59.16 -3.13
N ARG C 180 -44.75 -59.65 -4.31
CA ARG C 180 -44.12 -59.15 -5.54
C ARG C 180 -44.50 -57.69 -5.75
N THR C 181 -45.77 -57.37 -5.49
CA THR C 181 -46.25 -56.01 -5.65
C THR C 181 -45.49 -55.06 -4.72
N VAL C 182 -45.52 -55.33 -3.42
CA VAL C 182 -44.83 -54.51 -2.43
C VAL C 182 -43.34 -54.40 -2.78
N GLU C 183 -42.84 -55.42 -3.49
CA GLU C 183 -41.43 -55.40 -3.87
C GLU C 183 -41.26 -54.42 -5.03
N SER C 184 -42.17 -54.49 -6.00
CA SER C 184 -42.14 -53.59 -7.17
C SER C 184 -42.08 -52.16 -6.68
N VAL C 185 -43.05 -51.82 -5.83
CA VAL C 185 -43.15 -50.50 -5.26
C VAL C 185 -41.83 -50.05 -4.65
N ASN C 186 -41.29 -50.86 -3.74
CA ASN C 186 -40.04 -50.52 -3.06
C ASN C 186 -38.86 -50.34 -4.02
N VAL C 187 -38.90 -51.06 -5.14
CA VAL C 187 -37.83 -50.93 -6.11
C VAL C 187 -37.81 -49.47 -6.58
N ILE C 188 -39.01 -48.89 -6.71
CA ILE C 188 -39.15 -47.49 -7.12
C ILE C 188 -38.77 -46.57 -5.97
N VAL C 189 -39.41 -46.77 -4.81
CA VAL C 189 -39.14 -45.96 -3.63
C VAL C 189 -37.67 -45.87 -3.25
N SER C 190 -36.97 -47.01 -3.32
CA SER C 190 -35.55 -47.02 -2.96
C SER C 190 -34.72 -46.41 -4.07
N THR C 191 -35.13 -46.65 -5.30
CA THR C 191 -34.39 -46.11 -6.44
C THR C 191 -34.43 -44.60 -6.55
N TYR C 192 -35.60 -44.01 -6.24
CA TYR C 192 -35.77 -42.56 -6.39
C TYR C 192 -35.90 -41.68 -5.14
N ALA C 193 -36.06 -42.27 -3.95
CA ALA C 193 -36.19 -41.43 -2.75
C ALA C 193 -34.80 -40.91 -2.38
N ASP C 194 -34.76 -39.81 -1.63
CA ASP C 194 -33.48 -39.23 -1.22
C ASP C 194 -32.85 -39.99 -0.05
N GLU C 195 -31.55 -40.25 -0.15
CA GLU C 195 -30.83 -40.95 0.91
C GLU C 195 -30.99 -40.25 2.25
N VAL C 196 -30.91 -38.92 2.25
CA VAL C 196 -31.05 -38.12 3.46
C VAL C 196 -32.30 -38.58 4.20
N LEU C 197 -33.40 -38.65 3.46
CA LEU C 197 -34.68 -39.09 4.00
C LEU C 197 -34.54 -40.38 4.81
N GLY C 198 -33.58 -41.21 4.42
CA GLY C 198 -33.40 -42.48 5.12
C GLY C 198 -34.35 -43.46 4.44
N ASP C 199 -34.37 -44.71 4.91
CA ASP C 199 -35.24 -45.74 4.32
C ASP C 199 -36.72 -45.41 4.34
N VAL C 200 -37.27 -45.23 3.15
CA VAL C 200 -38.67 -44.87 3.03
C VAL C 200 -39.52 -45.95 2.36
N GLN C 201 -38.94 -47.13 2.20
CA GLN C 201 -39.66 -48.26 1.62
C GLN C 201 -40.87 -48.63 2.49
N VAL C 202 -41.85 -49.29 1.90
CA VAL C 202 -43.05 -49.70 2.63
C VAL C 202 -42.95 -51.15 3.08
N TYR C 203 -43.22 -51.37 4.37
CA TYR C 203 -43.16 -52.70 4.92
C TYR C 203 -44.48 -53.09 5.60
N PRO C 204 -45.17 -54.12 5.04
CA PRO C 204 -46.44 -54.58 5.59
C PRO C 204 -46.36 -54.81 7.09
N ALA C 205 -45.26 -55.43 7.49
CA ALA C 205 -45.01 -55.73 8.89
C ALA C 205 -44.95 -54.47 9.75
N ARG C 206 -44.63 -53.35 9.12
CA ARG C 206 -44.53 -52.08 9.82
C ARG C 206 -45.82 -51.28 9.84
N GLY C 207 -46.85 -51.79 9.16
CA GLY C 207 -48.14 -51.13 9.12
C GLY C 207 -48.28 -49.94 8.15
N THR C 208 -47.49 -49.98 7.07
CA THR C 208 -47.49 -48.94 6.04
C THR C 208 -47.97 -49.48 4.71
N VAL C 209 -48.64 -50.62 4.75
CA VAL C 209 -49.20 -51.20 3.55
C VAL C 209 -50.52 -51.81 4.00
N ALA C 210 -51.59 -51.43 3.32
CA ALA C 210 -52.91 -51.94 3.65
C ALA C 210 -53.42 -52.71 2.45
N PHE C 211 -54.34 -53.65 2.70
CA PHE C 211 -54.90 -54.45 1.63
C PHE C 211 -56.40 -54.36 1.78
N GLY C 212 -57.11 -54.45 0.67
CA GLY C 212 -58.56 -54.36 0.70
C GLY C 212 -59.24 -54.20 -0.64
N SER C 213 -60.50 -53.80 -0.58
CA SER C 213 -61.28 -53.61 -1.79
C SER C 213 -62.24 -52.44 -1.63
N GLY C 214 -62.06 -51.44 -2.50
CA GLY C 214 -62.90 -50.26 -2.47
C GLY C 214 -64.34 -50.59 -2.82
N LEU C 215 -64.53 -51.51 -3.77
CA LEU C 215 -65.88 -51.91 -4.17
C LEU C 215 -66.68 -52.31 -2.95
N HIS C 216 -66.26 -53.40 -2.31
CA HIS C 216 -66.92 -53.93 -1.12
C HIS C 216 -66.80 -52.99 0.09
N GLY C 217 -65.72 -52.21 0.13
CA GLY C 217 -65.54 -51.26 1.21
C GLY C 217 -64.75 -51.76 2.39
N TRP C 218 -63.84 -52.71 2.16
CA TRP C 218 -63.02 -53.24 3.24
C TRP C 218 -61.52 -53.15 2.95
N ALA C 219 -60.75 -53.16 4.01
CA ALA C 219 -59.29 -53.08 3.93
C ALA C 219 -58.72 -53.23 5.33
N PHE C 220 -57.52 -53.79 5.42
CA PHE C 220 -56.89 -54.03 6.72
C PHE C 220 -55.40 -53.82 6.68
N THR C 221 -54.81 -53.78 7.87
CA THR C 221 -53.37 -53.60 8.03
C THR C 221 -52.88 -54.68 8.99
N ILE C 222 -51.66 -55.17 8.78
CA ILE C 222 -51.13 -56.18 9.67
C ILE C 222 -51.32 -55.72 11.10
N ARG C 223 -51.19 -54.42 11.33
CA ARG C 223 -51.34 -53.87 12.65
C ARG C 223 -52.75 -53.99 13.22
N GLN C 224 -53.75 -54.18 12.37
CA GLN C 224 -55.11 -54.32 12.85
C GLN C 224 -55.34 -55.73 13.41
N PHE C 225 -55.01 -56.74 12.60
CA PHE C 225 -55.16 -58.12 13.03
C PHE C 225 -54.23 -58.38 14.22
N ALA C 226 -53.11 -57.67 14.26
CA ALA C 226 -52.14 -57.81 15.33
C ALA C 226 -52.63 -57.24 16.66
N THR C 227 -53.62 -56.35 16.61
CA THR C 227 -54.14 -55.77 17.84
C THR C 227 -55.23 -56.69 18.39
N ARG C 228 -55.79 -57.48 17.48
CA ARG C 228 -56.84 -58.44 17.84
C ARG C 228 -56.19 -59.70 18.40
N TYR C 229 -55.41 -60.39 17.57
CA TYR C 229 -54.72 -61.61 18.01
C TYR C 229 -53.76 -61.32 19.16
N ALA C 230 -53.72 -60.07 19.60
CA ALA C 230 -52.81 -59.68 20.68
C ALA C 230 -53.45 -59.84 22.05
N LYS C 231 -54.65 -59.27 22.19
CA LYS C 231 -55.37 -59.32 23.46
C LYS C 231 -55.98 -60.69 23.79
N LYS C 232 -56.90 -61.15 22.94
CA LYS C 232 -57.57 -62.44 23.15
C LYS C 232 -56.64 -63.64 23.28
N PHE C 233 -55.42 -63.52 22.78
CA PHE C 233 -54.47 -64.62 22.88
C PHE C 233 -53.29 -64.35 23.80
N GLY C 234 -53.07 -63.08 24.14
CA GLY C 234 -52.01 -62.71 25.06
C GLY C 234 -50.58 -62.58 24.53
N VAL C 235 -50.17 -61.34 24.31
CA VAL C 235 -48.82 -60.98 23.81
C VAL C 235 -48.89 -59.56 23.24
N ASP C 236 -47.74 -58.89 23.14
CA ASP C 236 -47.70 -57.53 22.60
C ASP C 236 -47.74 -57.59 21.07
N LYS C 237 -48.51 -56.69 20.46
CA LYS C 237 -48.67 -56.68 19.01
C LYS C 237 -47.40 -56.35 18.22
N ALA C 238 -46.39 -55.81 18.90
CA ALA C 238 -45.14 -55.48 18.23
C ALA C 238 -44.62 -56.72 17.51
N LYS C 239 -44.48 -57.82 18.27
CA LYS C 239 -43.99 -59.07 17.70
C LYS C 239 -45.09 -59.93 17.10
N MET C 240 -46.35 -59.56 17.35
CA MET C 240 -47.45 -60.33 16.79
C MET C 240 -47.58 -59.94 15.32
N MET C 241 -47.46 -58.65 15.03
CA MET C 241 -47.54 -58.17 13.66
C MET C 241 -46.24 -58.48 12.91
N ASP C 242 -45.15 -58.59 13.65
CA ASP C 242 -43.85 -58.91 13.04
C ASP C 242 -43.94 -60.32 12.47
N ARG C 243 -44.71 -61.17 13.13
CA ARG C 243 -44.86 -62.54 12.70
C ARG C 243 -45.87 -62.70 11.58
N LEU C 244 -46.93 -61.88 11.65
CA LEU C 244 -48.00 -61.91 10.66
C LEU C 244 -47.56 -61.75 9.19
N TRP C 245 -46.29 -61.40 8.97
CA TRP C 245 -45.78 -61.25 7.63
C TRP C 245 -44.42 -61.94 7.51
N GLY C 246 -44.06 -62.33 6.30
CA GLY C 246 -42.80 -63.00 6.05
C GLY C 246 -42.86 -64.46 6.45
N ASP C 247 -41.73 -65.03 6.89
CA ASP C 247 -41.70 -66.44 7.27
C ASP C 247 -41.78 -66.66 8.76
N SER C 248 -42.99 -66.91 9.20
CA SER C 248 -43.27 -67.16 10.57
C SER C 248 -44.41 -68.15 10.45
N PHE C 249 -44.26 -69.29 11.11
CA PHE C 249 -45.27 -70.32 11.05
C PHE C 249 -45.74 -70.73 12.43
N PHE C 250 -46.97 -71.24 12.49
CA PHE C 250 -47.52 -71.72 13.74
C PHE C 250 -47.94 -73.17 13.51
N ASN C 251 -47.06 -74.10 13.84
CA ASN C 251 -47.29 -75.54 13.68
C ASN C 251 -48.55 -76.05 14.39
N PRO C 252 -49.37 -76.82 13.67
CA PRO C 252 -50.64 -77.44 14.10
C PRO C 252 -50.57 -78.66 15.03
N LYS C 253 -49.41 -79.32 15.08
CA LYS C 253 -49.28 -80.48 15.94
C LYS C 253 -48.22 -80.22 17.00
N THR C 254 -47.94 -78.95 17.25
CA THR C 254 -46.94 -78.55 18.24
C THR C 254 -47.37 -77.27 18.95
N LYS C 255 -48.33 -76.56 18.37
CA LYS C 255 -48.81 -75.30 18.92
C LYS C 255 -47.57 -74.46 19.22
N LYS C 256 -46.66 -74.43 18.25
CA LYS C 256 -45.41 -73.70 18.39
C LYS C 256 -45.07 -72.81 17.18
N TRP C 257 -44.29 -71.76 17.44
CA TRP C 257 -43.85 -70.81 16.42
C TRP C 257 -42.48 -71.15 15.90
N THR C 258 -42.39 -71.38 14.60
CA THR C 258 -41.12 -71.73 13.96
C THR C 258 -40.80 -70.77 12.83
N ASN C 259 -39.57 -70.86 12.31
CA ASN C 259 -39.15 -70.01 11.21
C ASN C 259 -38.78 -70.92 10.06
N LYS C 260 -38.58 -72.20 10.36
CA LYS C 260 -38.26 -73.16 9.32
C LYS C 260 -39.61 -73.39 8.64
N ASP C 261 -39.58 -73.77 7.37
CA ASP C 261 -40.81 -74.00 6.63
C ASP C 261 -41.34 -75.38 6.93
N THR C 262 -40.70 -76.06 7.88
CA THR C 262 -41.12 -77.40 8.26
C THR C 262 -41.07 -77.67 9.77
N ASP C 263 -41.50 -78.88 10.14
CA ASP C 263 -41.47 -79.38 11.49
C ASP C 263 -40.24 -80.29 11.66
N ALA C 264 -39.90 -80.61 12.90
CA ALA C 264 -38.72 -81.45 13.19
C ALA C 264 -38.73 -82.81 12.44
N GLU C 265 -38.87 -82.75 11.13
CA GLU C 265 -38.85 -83.92 10.26
C GLU C 265 -38.70 -83.47 8.80
N GLY C 266 -39.76 -82.96 8.19
CA GLY C 266 -39.65 -82.49 6.82
C GLY C 266 -40.92 -82.02 6.13
N LYS C 267 -42.05 -81.89 6.83
CA LYS C 267 -43.32 -81.46 6.22
C LYS C 267 -43.49 -79.95 6.10
N PRO C 268 -44.12 -79.46 5.00
CA PRO C 268 -44.37 -78.04 4.71
C PRO C 268 -45.15 -77.29 5.80
N LEU C 269 -44.86 -76.01 5.95
CA LEU C 269 -45.52 -75.19 6.97
C LEU C 269 -46.30 -73.98 6.46
N GLU C 270 -47.52 -73.81 6.99
CA GLU C 270 -48.38 -72.70 6.59
C GLU C 270 -48.00 -71.40 7.31
N ARG C 271 -47.89 -70.35 6.51
CA ARG C 271 -47.53 -69.00 6.96
C ARG C 271 -48.55 -68.39 7.92
N ALA C 272 -48.06 -67.51 8.79
CA ALA C 272 -48.91 -66.85 9.77
C ALA C 272 -49.97 -66.01 9.07
N PHE C 273 -49.53 -65.30 8.03
CA PHE C 273 -50.40 -64.43 7.25
C PHE C 273 -51.59 -65.21 6.70
N ASN C 274 -51.29 -66.31 6.01
CA ASN C 274 -52.30 -67.17 5.43
C ASN C 274 -53.13 -67.81 6.54
N MET C 275 -52.52 -67.92 7.72
CA MET C 275 -53.18 -68.54 8.86
C MET C 275 -54.19 -67.68 9.58
N PHE C 276 -53.75 -66.52 10.06
CA PHE C 276 -54.64 -65.66 10.83
C PHE C 276 -55.27 -64.44 10.11
N ILE C 277 -54.84 -64.19 8.88
CA ILE C 277 -55.40 -63.08 8.12
C ILE C 277 -56.23 -63.59 6.94
N LEU C 278 -55.55 -64.06 5.91
CA LEU C 278 -56.18 -64.57 4.71
C LEU C 278 -57.23 -65.66 4.90
N ASP C 279 -57.01 -66.53 5.89
CA ASP C 279 -57.95 -67.62 6.13
C ASP C 279 -59.33 -67.11 6.56
N PRO C 280 -59.40 -66.36 7.67
CA PRO C 280 -60.70 -65.84 8.12
C PRO C 280 -61.49 -65.24 6.97
N ILE C 281 -60.83 -64.36 6.23
CA ILE C 281 -61.44 -63.70 5.09
C ILE C 281 -61.85 -64.68 4.00
N PHE C 282 -60.98 -65.66 3.71
CA PHE C 282 -61.24 -66.66 2.67
C PHE C 282 -62.46 -67.54 2.93
N ARG C 283 -62.65 -67.93 4.19
CA ARG C 283 -63.78 -68.77 4.59
C ARG C 283 -65.09 -68.07 4.28
N LEU C 284 -65.13 -66.79 4.63
CA LEU C 284 -66.29 -65.96 4.41
C LEU C 284 -66.61 -65.94 2.92
N PHE C 285 -65.58 -65.99 2.09
CA PHE C 285 -65.77 -65.99 0.65
C PHE C 285 -66.28 -67.33 0.13
N THR C 286 -65.57 -68.41 0.47
CA THR C 286 -65.98 -69.74 0.01
C THR C 286 -67.27 -70.20 0.66
N ALA C 287 -67.55 -69.72 1.87
CA ALA C 287 -68.77 -70.11 2.59
C ALA C 287 -69.98 -69.34 2.10
N ILE C 288 -69.92 -68.03 2.26
CA ILE C 288 -71.00 -67.15 1.85
C ILE C 288 -71.44 -67.27 0.40
N MET C 289 -70.51 -67.20 -0.54
CA MET C 289 -70.85 -67.28 -1.96
C MET C 289 -71.46 -68.60 -2.43
N ASN C 290 -71.35 -69.66 -1.64
CA ASN C 290 -71.94 -70.95 -2.00
C ASN C 290 -73.29 -71.11 -1.28
N PHE C 291 -73.65 -70.09 -0.51
CA PHE C 291 -74.91 -70.02 0.25
C PHE C 291 -75.12 -71.05 1.36
N LYS C 292 -74.04 -71.63 1.86
CA LYS C 292 -74.13 -72.61 2.93
C LYS C 292 -74.61 -71.87 4.19
N LYS C 293 -75.92 -71.63 4.22
CA LYS C 293 -76.60 -70.92 5.30
C LYS C 293 -76.35 -71.51 6.68
N ASP C 294 -75.85 -72.75 6.73
CA ASP C 294 -75.57 -73.39 8.00
C ASP C 294 -74.26 -72.87 8.60
N GLU C 295 -73.29 -72.60 7.73
CA GLU C 295 -71.99 -72.09 8.16
C GLU C 295 -71.97 -70.59 8.42
N ILE C 296 -72.44 -69.81 7.45
CA ILE C 296 -72.47 -68.34 7.55
C ILE C 296 -72.77 -67.79 8.95
N PRO C 297 -73.86 -68.24 9.60
CA PRO C 297 -74.19 -67.74 10.94
C PRO C 297 -73.13 -68.11 11.98
N VAL C 298 -72.65 -69.35 11.88
CA VAL C 298 -71.63 -69.87 12.79
C VAL C 298 -70.30 -69.13 12.60
N LEU C 299 -69.89 -69.04 11.33
CA LEU C 299 -68.64 -68.38 10.94
C LEU C 299 -68.64 -66.90 11.34
N LEU C 300 -69.78 -66.23 11.16
CA LEU C 300 -69.92 -64.81 11.51
C LEU C 300 -69.74 -64.59 13.01
N GLU C 301 -70.52 -65.30 13.81
CA GLU C 301 -70.45 -65.17 15.26
C GLU C 301 -69.04 -65.36 15.79
N LYS C 302 -68.23 -66.16 15.08
CA LYS C 302 -66.87 -66.40 15.52
C LYS C 302 -65.96 -65.19 15.31
N LEU C 303 -66.31 -64.33 14.36
CA LEU C 303 -65.53 -63.13 14.08
C LEU C 303 -66.20 -61.93 14.73
N GLU C 304 -67.22 -62.22 15.55
CA GLU C 304 -67.99 -61.20 16.27
C GLU C 304 -68.63 -60.20 15.31
N ILE C 305 -69.20 -60.71 14.23
CA ILE C 305 -69.84 -59.87 13.23
C ILE C 305 -71.36 -59.97 13.38
N VAL C 306 -71.96 -58.91 13.92
CA VAL C 306 -73.39 -58.87 14.15
C VAL C 306 -74.19 -58.16 13.05
N LEU C 307 -74.96 -58.92 12.28
CA LEU C 307 -75.76 -58.35 11.21
C LEU C 307 -76.94 -57.59 11.84
N LYS C 308 -77.46 -56.59 11.13
CA LYS C 308 -78.55 -55.77 11.66
C LYS C 308 -79.93 -56.06 11.09
N GLY C 309 -80.69 -56.89 11.80
CA GLY C 309 -82.03 -57.23 11.40
C GLY C 309 -82.25 -57.57 9.94
N ASP C 310 -82.52 -56.55 9.13
CA ASP C 310 -82.76 -56.75 7.70
C ASP C 310 -81.53 -57.35 7.02
N GLU C 311 -80.36 -57.07 7.58
CA GLU C 311 -79.11 -57.58 7.03
C GLU C 311 -78.97 -59.08 7.26
N LYS C 312 -79.67 -59.58 8.29
CA LYS C 312 -79.63 -60.99 8.66
C LYS C 312 -80.01 -61.97 7.55
N ASP C 313 -80.84 -61.52 6.62
CA ASP C 313 -81.29 -62.37 5.52
C ASP C 313 -80.45 -62.25 4.24
N LEU C 314 -79.62 -61.20 4.14
CA LEU C 314 -78.78 -60.97 2.97
C LEU C 314 -78.19 -62.23 2.33
N GLU C 315 -78.00 -62.16 1.01
CA GLU C 315 -77.48 -63.32 0.34
C GLU C 315 -76.78 -63.13 -0.99
N GLY C 316 -75.58 -63.71 -1.03
CA GLY C 316 -74.72 -63.69 -2.20
C GLY C 316 -73.80 -62.50 -2.31
N LYS C 317 -73.77 -61.88 -3.49
CA LYS C 317 -72.95 -60.69 -3.76
C LYS C 317 -73.49 -59.61 -2.85
N ALA C 318 -74.75 -59.81 -2.49
CA ALA C 318 -75.38 -58.94 -1.54
C ALA C 318 -74.92 -59.38 -0.14
N LEU C 319 -74.70 -60.69 0.01
CA LEU C 319 -74.34 -61.31 1.26
C LEU C 319 -73.01 -60.88 1.87
N LEU C 320 -71.96 -60.82 1.05
CA LEU C 320 -70.66 -60.47 1.64
C LEU C 320 -70.28 -59.00 1.69
N LYS C 321 -70.90 -58.17 0.85
CA LYS C 321 -70.59 -56.76 0.85
C LYS C 321 -70.87 -56.07 2.18
N VAL C 322 -71.88 -56.55 2.92
CA VAL C 322 -72.21 -55.94 4.20
C VAL C 322 -71.40 -56.50 5.36
N VAL C 323 -71.00 -57.76 5.22
CA VAL C 323 -70.21 -58.44 6.23
C VAL C 323 -68.80 -57.85 6.31
N MET C 324 -68.12 -57.84 5.16
CA MET C 324 -66.77 -57.32 5.06
C MET C 324 -66.64 -55.88 5.54
N ARG C 325 -67.71 -55.09 5.40
CA ARG C 325 -67.69 -53.70 5.85
C ARG C 325 -67.68 -53.61 7.37
N LYS C 326 -68.51 -54.42 8.02
CA LYS C 326 -68.58 -54.41 9.47
C LYS C 326 -67.26 -55.01 9.98
N PHE C 327 -66.79 -56.05 9.29
CA PHE C 327 -65.54 -56.75 9.63
C PHE C 327 -64.31 -55.83 9.57
N LEU C 328 -63.92 -55.47 8.35
CA LEU C 328 -62.76 -54.61 8.13
C LEU C 328 -63.09 -53.29 7.41
N PRO C 329 -63.59 -52.30 8.16
CA PRO C 329 -63.97 -50.98 7.66
C PRO C 329 -62.81 -50.34 6.91
N ALA C 330 -62.79 -50.49 5.58
CA ALA C 330 -61.72 -49.94 4.74
C ALA C 330 -61.24 -48.53 5.11
N ALA C 331 -62.18 -47.65 5.44
CA ALA C 331 -61.84 -46.28 5.79
C ALA C 331 -60.86 -46.15 6.95
N ASP C 332 -61.00 -47.02 7.94
CA ASP C 332 -60.12 -46.98 9.12
C ASP C 332 -58.71 -47.53 8.90
N ALA C 333 -58.58 -48.51 8.02
CA ALA C 333 -57.27 -49.09 7.71
C ALA C 333 -56.39 -47.99 7.11
N LEU C 334 -56.99 -47.20 6.21
CA LEU C 334 -56.30 -46.11 5.56
C LEU C 334 -55.96 -45.03 6.58
N LEU C 335 -56.98 -44.52 7.27
CA LEU C 335 -56.78 -43.47 8.27
C LEU C 335 -55.74 -43.84 9.33
N GLU C 336 -55.53 -45.13 9.51
CA GLU C 336 -54.57 -45.63 10.49
C GLU C 336 -53.18 -45.31 9.99
N MET C 337 -52.96 -45.65 8.71
CA MET C 337 -51.68 -45.42 8.06
C MET C 337 -51.38 -43.93 7.96
N ILE C 338 -52.38 -43.15 7.57
CA ILE C 338 -52.21 -41.71 7.42
C ILE C 338 -51.67 -41.05 8.67
N VAL C 339 -52.26 -41.37 9.81
CA VAL C 339 -51.85 -40.79 11.08
C VAL C 339 -50.52 -41.30 11.63
N LEU C 340 -50.38 -42.62 11.66
CA LEU C 340 -49.18 -43.28 12.20
C LEU C 340 -47.92 -43.26 11.36
N HIS C 341 -48.01 -42.95 10.08
CA HIS C 341 -46.82 -42.96 9.25
C HIS C 341 -46.53 -41.73 8.40
N LEU C 342 -47.58 -41.04 7.95
CA LEU C 342 -47.39 -39.86 7.13
C LEU C 342 -46.90 -38.70 8.00
N PRO C 343 -45.95 -37.93 7.46
CA PRO C 343 -45.36 -36.78 8.16
C PRO C 343 -46.25 -35.61 8.38
N SER C 344 -46.03 -34.97 9.52
CA SER C 344 -46.78 -33.77 9.85
C SER C 344 -46.08 -32.58 9.17
N PRO C 345 -46.78 -31.45 9.08
CA PRO C 345 -46.18 -30.28 8.46
C PRO C 345 -44.96 -29.86 9.28
N VAL C 346 -44.74 -30.57 10.38
CA VAL C 346 -43.63 -30.24 11.26
C VAL C 346 -42.41 -31.10 10.97
N THR C 347 -42.66 -32.39 10.77
CA THR C 347 -41.61 -33.34 10.48
C THR C 347 -41.10 -33.13 9.05
N ALA C 348 -42.02 -32.95 8.10
CA ALA C 348 -41.64 -32.80 6.71
C ALA C 348 -40.97 -31.50 6.26
N GLN C 349 -41.45 -30.36 6.78
CA GLN C 349 -40.91 -29.04 6.41
C GLN C 349 -39.47 -28.91 6.83
N ALA C 350 -39.07 -29.69 7.82
CA ALA C 350 -37.70 -29.67 8.29
C ALA C 350 -36.76 -30.16 7.20
N TYR C 351 -37.21 -31.17 6.45
CA TYR C 351 -36.38 -31.71 5.39
C TYR C 351 -36.90 -31.38 3.99
N ARG C 352 -37.93 -30.54 3.93
CA ARG C 352 -38.51 -30.16 2.65
C ARG C 352 -38.31 -28.66 2.39
N ALA C 353 -38.00 -27.90 3.45
CA ALA C 353 -37.81 -26.45 3.37
C ALA C 353 -36.82 -26.02 2.31
N GLU C 354 -35.56 -26.40 2.47
CA GLU C 354 -34.53 -26.02 1.53
C GLU C 354 -34.91 -26.29 0.08
N GLN C 355 -35.57 -27.41 -0.16
CA GLN C 355 -35.97 -27.76 -1.51
C GLN C 355 -37.06 -26.81 -2.06
N LEU C 356 -37.92 -26.34 -1.15
CA LEU C 356 -39.02 -25.46 -1.52
C LEU C 356 -38.73 -23.97 -1.45
N TYR C 357 -37.56 -23.60 -0.93
CA TYR C 357 -37.21 -22.18 -0.86
C TYR C 357 -36.09 -21.92 -1.85
N GLU C 358 -36.28 -20.94 -2.73
CA GLU C 358 -35.27 -20.63 -3.72
C GLU C 358 -34.31 -19.54 -3.29
N GLY C 359 -34.14 -19.40 -1.98
CA GLY C 359 -33.23 -18.42 -1.43
C GLY C 359 -32.16 -19.16 -0.64
N PRO C 360 -31.44 -18.48 0.28
CA PRO C 360 -30.38 -19.05 1.13
C PRO C 360 -30.85 -20.13 2.12
N ALA C 361 -30.23 -21.30 2.07
CA ALA C 361 -30.61 -22.40 2.97
C ALA C 361 -30.48 -22.01 4.44
N ASP C 362 -29.99 -20.80 4.70
CA ASP C 362 -29.80 -20.28 6.05
C ASP C 362 -30.51 -18.95 6.23
N ASP C 363 -31.20 -18.53 5.17
CA ASP C 363 -31.97 -17.30 5.18
C ASP C 363 -32.92 -17.32 6.39
N ALA C 364 -33.27 -16.14 6.89
CA ALA C 364 -34.16 -16.07 8.05
C ALA C 364 -35.47 -16.83 7.82
N ASN C 365 -35.97 -16.79 6.59
CA ASN C 365 -37.23 -17.45 6.26
C ASN C 365 -37.08 -18.96 6.08
N CYS C 366 -36.07 -19.36 5.31
CA CYS C 366 -35.84 -20.79 5.08
C CYS C 366 -35.81 -21.53 6.42
N ILE C 367 -35.30 -20.85 7.44
CA ILE C 367 -35.21 -21.42 8.77
C ILE C 367 -36.62 -21.52 9.31
N ALA C 368 -37.32 -20.39 9.30
CA ALA C 368 -38.70 -20.36 9.77
C ALA C 368 -39.54 -21.47 9.10
N ILE C 369 -39.18 -21.82 7.86
CA ILE C 369 -39.89 -22.87 7.13
C ILE C 369 -39.60 -24.21 7.81
N LYS C 370 -38.31 -24.47 8.05
CA LYS C 370 -37.87 -25.70 8.69
C LYS C 370 -38.54 -25.83 10.04
N ASN C 371 -38.53 -24.74 10.80
CA ASN C 371 -39.14 -24.78 12.12
C ASN C 371 -40.64 -24.59 12.09
N CYS C 372 -41.24 -24.56 10.90
CA CYS C 372 -42.68 -24.38 10.76
C CYS C 372 -43.14 -23.37 11.81
N ASP C 373 -42.35 -22.32 12.01
CA ASP C 373 -42.64 -21.31 13.02
C ASP C 373 -43.72 -20.30 12.63
N PRO C 374 -44.82 -20.26 13.40
CA PRO C 374 -45.95 -19.35 13.17
C PRO C 374 -45.71 -17.90 13.64
N LYS C 375 -44.52 -17.64 14.15
CA LYS C 375 -44.14 -16.32 14.65
C LYS C 375 -43.30 -15.53 13.64
N ALA C 376 -42.63 -16.27 12.76
CA ALA C 376 -41.78 -15.66 11.77
C ALA C 376 -42.54 -14.95 10.65
N ASP C 377 -41.79 -14.27 9.80
CA ASP C 377 -42.36 -13.55 8.67
C ASP C 377 -43.13 -14.56 7.82
N LEU C 378 -44.26 -14.11 7.27
CA LEU C 378 -45.12 -14.95 6.46
C LEU C 378 -44.40 -15.60 5.29
N MET C 379 -44.80 -16.84 5.03
CA MET C 379 -44.26 -17.63 3.94
C MET C 379 -45.37 -18.54 3.53
N LEU C 380 -46.29 -17.98 2.74
CA LEU C 380 -47.48 -18.66 2.25
C LEU C 380 -47.36 -18.98 0.74
N TYR C 381 -47.52 -20.26 0.42
CA TYR C 381 -47.39 -20.73 -0.96
C TYR C 381 -48.71 -20.96 -1.66
N VAL C 382 -48.99 -20.19 -2.72
CA VAL C 382 -50.24 -20.34 -3.47
C VAL C 382 -50.05 -21.33 -4.63
N SER C 383 -50.66 -22.50 -4.49
CA SER C 383 -50.54 -23.55 -5.50
C SER C 383 -51.43 -23.35 -6.74
N LYS C 384 -52.63 -22.82 -6.48
CA LYS C 384 -53.55 -22.60 -7.57
C LYS C 384 -54.67 -21.65 -7.18
N MET C 385 -55.33 -21.11 -8.20
CA MET C 385 -56.45 -20.20 -8.01
C MET C 385 -57.72 -20.96 -8.37
N VAL C 386 -58.67 -20.97 -7.44
CA VAL C 386 -59.91 -21.70 -7.65
C VAL C 386 -61.14 -20.80 -7.84
N PRO C 387 -61.97 -21.09 -8.87
CA PRO C 387 -63.19 -20.37 -9.23
C PRO C 387 -64.27 -20.39 -8.15
N THR C 388 -64.85 -19.23 -7.87
CA THR C 388 -65.89 -19.15 -6.84
C THR C 388 -67.22 -18.74 -7.45
N SER C 389 -68.28 -18.82 -6.64
CA SER C 389 -69.61 -18.43 -7.08
C SER C 389 -69.73 -16.91 -7.01
N ASP C 390 -69.05 -16.32 -6.02
CA ASP C 390 -69.03 -14.87 -5.79
C ASP C 390 -68.35 -14.11 -6.94
N LYS C 391 -69.09 -13.89 -8.02
CA LYS C 391 -68.56 -13.21 -9.20
C LYS C 391 -67.61 -14.12 -9.93
N GLY C 392 -66.85 -13.53 -10.84
CA GLY C 392 -65.87 -14.27 -11.61
C GLY C 392 -64.56 -14.19 -10.86
N ARG C 393 -64.66 -14.01 -9.56
CA ARG C 393 -63.49 -13.92 -8.71
C ARG C 393 -62.96 -15.31 -8.42
N PHE C 394 -61.68 -15.37 -8.07
CA PHE C 394 -61.01 -16.62 -7.74
C PHE C 394 -60.39 -16.49 -6.35
N TYR C 395 -60.42 -17.57 -5.59
CA TYR C 395 -59.79 -17.56 -4.28
C TYR C 395 -58.45 -18.26 -4.44
N ALA C 396 -57.45 -17.80 -3.70
CA ALA C 396 -56.13 -18.41 -3.75
C ALA C 396 -56.09 -19.61 -2.82
N PHE C 397 -55.54 -20.72 -3.31
CA PHE C 397 -55.41 -21.96 -2.54
C PHE C 397 -53.92 -22.28 -2.32
N GLY C 398 -53.55 -22.53 -1.08
CA GLY C 398 -52.16 -22.84 -0.82
C GLY C 398 -51.89 -23.32 0.59
N ARG C 399 -50.64 -23.15 1.04
CA ARG C 399 -50.24 -23.58 2.37
C ARG C 399 -49.37 -22.56 3.07
N VAL C 400 -49.56 -22.40 4.37
CA VAL C 400 -48.73 -21.48 5.14
C VAL C 400 -47.51 -22.22 5.68
N PHE C 401 -46.38 -21.98 5.04
CA PHE C 401 -45.15 -22.63 5.45
C PHE C 401 -44.51 -21.92 6.64
N ALA C 402 -44.77 -20.63 6.80
CA ALA C 402 -44.18 -19.88 7.90
C ALA C 402 -45.04 -18.70 8.31
N GLY C 403 -44.95 -18.32 9.58
CA GLY C 403 -45.72 -17.21 10.11
C GLY C 403 -47.17 -17.62 10.13
N THR C 404 -48.07 -16.64 10.23
CA THR C 404 -49.51 -16.88 10.25
C THR C 404 -50.23 -15.80 9.44
N VAL C 405 -51.14 -16.23 8.55
CA VAL C 405 -51.90 -15.31 7.71
C VAL C 405 -53.20 -14.97 8.44
N LYS C 406 -53.69 -13.75 8.26
CA LYS C 406 -54.91 -13.33 8.94
C LYS C 406 -55.66 -12.24 8.19
N SER C 407 -56.98 -12.36 8.19
CA SER C 407 -57.86 -11.42 7.50
C SER C 407 -57.46 -9.98 7.76
N GLY C 408 -57.34 -9.20 6.68
CA GLY C 408 -56.99 -7.80 6.78
C GLY C 408 -55.50 -7.55 6.70
N GLN C 409 -54.73 -8.52 7.19
CA GLN C 409 -53.29 -8.40 7.15
C GLN C 409 -52.88 -8.00 5.74
N LYS C 410 -51.97 -7.04 5.64
CA LYS C 410 -51.51 -6.61 4.35
C LYS C 410 -50.32 -7.50 4.06
N VAL C 411 -50.20 -7.95 2.82
CA VAL C 411 -49.12 -8.85 2.46
C VAL C 411 -48.42 -8.49 1.17
N ARG C 412 -47.18 -8.96 1.03
CA ARG C 412 -46.44 -8.74 -0.19
C ARG C 412 -46.83 -9.95 -1.06
N ILE C 413 -47.27 -9.70 -2.28
CA ILE C 413 -47.63 -10.78 -3.19
C ILE C 413 -46.52 -10.83 -4.24
N GLN C 414 -45.63 -11.80 -4.10
CA GLN C 414 -44.51 -11.92 -5.01
C GLN C 414 -44.82 -12.88 -6.15
N GLY C 415 -44.93 -12.32 -7.35
CA GLY C 415 -45.23 -13.12 -8.53
C GLY C 415 -44.07 -13.92 -9.09
N PRO C 416 -44.31 -14.75 -10.11
CA PRO C 416 -43.32 -15.59 -10.78
C PRO C 416 -42.01 -14.91 -11.12
N ASN C 417 -42.10 -13.67 -11.60
CA ASN C 417 -40.90 -12.92 -12.01
C ASN C 417 -40.19 -12.11 -10.91
N TYR C 418 -40.78 -12.05 -9.72
CA TYR C 418 -40.20 -11.31 -8.60
C TYR C 418 -38.78 -11.75 -8.24
N VAL C 419 -38.03 -10.81 -7.67
CA VAL C 419 -36.65 -11.03 -7.22
C VAL C 419 -36.41 -9.98 -6.13
N PRO C 420 -36.05 -10.41 -4.92
CA PRO C 420 -35.80 -9.49 -3.81
C PRO C 420 -35.12 -8.18 -4.21
N GLY C 421 -34.23 -8.24 -5.20
CA GLY C 421 -33.56 -7.03 -5.62
C GLY C 421 -34.49 -5.93 -6.15
N LYS C 422 -35.14 -6.21 -7.27
CA LYS C 422 -36.04 -5.27 -7.92
C LYS C 422 -37.46 -5.19 -7.35
N LYS C 423 -38.32 -4.40 -8.00
CA LYS C 423 -39.71 -4.23 -7.57
C LYS C 423 -40.69 -4.78 -8.61
N ASP C 424 -40.13 -5.52 -9.57
CA ASP C 424 -40.93 -6.11 -10.63
C ASP C 424 -41.83 -7.24 -10.11
N ASP C 425 -43.05 -7.28 -10.62
CA ASP C 425 -44.01 -8.31 -10.26
C ASP C 425 -44.33 -8.35 -8.77
N LEU C 426 -44.38 -7.20 -8.13
CA LEU C 426 -44.69 -7.16 -6.70
C LEU C 426 -45.97 -6.39 -6.47
N PHE C 427 -46.78 -6.80 -5.50
CA PHE C 427 -48.02 -6.10 -5.21
C PHE C 427 -48.34 -6.09 -3.73
N ILE C 428 -47.85 -5.09 -3.02
CA ILE C 428 -48.12 -5.00 -1.59
C ILE C 428 -49.60 -4.68 -1.37
N LYS C 429 -50.41 -5.72 -1.20
CA LYS C 429 -51.84 -5.55 -1.00
C LYS C 429 -52.35 -6.21 0.27
N ALA C 430 -53.60 -5.91 0.63
CA ALA C 430 -54.22 -6.46 1.82
C ALA C 430 -55.09 -7.68 1.53
N ILE C 431 -54.91 -8.71 2.36
CA ILE C 431 -55.67 -9.96 2.24
C ILE C 431 -57.09 -9.71 2.74
N GLN C 432 -58.03 -9.58 1.81
CA GLN C 432 -59.42 -9.31 2.16
C GLN C 432 -59.98 -10.29 3.20
N ARG C 433 -59.94 -11.59 2.90
CA ARG C 433 -60.45 -12.60 3.84
C ARG C 433 -59.71 -13.93 3.79
N VAL C 434 -59.66 -14.59 4.94
CA VAL C 434 -59.03 -15.91 5.08
C VAL C 434 -60.16 -16.91 5.27
N VAL C 435 -60.21 -17.94 4.42
CA VAL C 435 -61.29 -18.92 4.52
C VAL C 435 -60.81 -20.35 4.37
N LEU C 436 -61.51 -21.27 5.03
CA LEU C 436 -61.20 -22.69 4.99
C LEU C 436 -61.81 -23.31 3.73
N MET C 437 -61.00 -24.07 2.99
CA MET C 437 -61.50 -24.72 1.78
C MET C 437 -62.16 -26.06 2.14
N MET C 438 -63.34 -25.97 2.75
CA MET C 438 -64.13 -27.14 3.16
C MET C 438 -64.75 -27.82 1.94
N GLY C 439 -63.92 -28.37 1.07
CA GLY C 439 -64.46 -29.03 -0.11
C GLY C 439 -65.04 -28.05 -1.13
N ARG C 440 -66.35 -27.82 -1.06
CA ARG C 440 -67.00 -26.90 -1.99
C ARG C 440 -67.53 -25.65 -1.31
N PHE C 441 -67.41 -25.57 0.01
CA PHE C 441 -67.85 -24.38 0.72
C PHE C 441 -66.66 -23.79 1.44
N VAL C 442 -66.70 -22.48 1.68
CA VAL C 442 -65.61 -21.81 2.37
C VAL C 442 -66.10 -21.32 3.72
N GLU C 443 -65.23 -21.32 4.71
CA GLU C 443 -65.63 -20.86 6.03
C GLU C 443 -64.65 -19.84 6.57
N PRO C 444 -65.11 -18.58 6.74
CA PRO C 444 -64.26 -17.50 7.26
C PRO C 444 -63.58 -17.82 8.60
N ILE C 445 -62.29 -17.49 8.69
CA ILE C 445 -61.48 -17.71 9.87
C ILE C 445 -60.50 -16.54 10.01
N ASP C 446 -60.34 -16.02 11.22
CA ASP C 446 -59.44 -14.90 11.45
C ASP C 446 -58.03 -15.11 10.92
N ASP C 447 -57.27 -15.97 11.58
CA ASP C 447 -55.90 -16.27 11.18
C ASP C 447 -55.70 -17.75 10.94
N CYS C 448 -54.50 -18.09 10.49
CA CYS C 448 -54.13 -19.47 10.19
C CYS C 448 -52.62 -19.63 10.29
N PRO C 449 -52.14 -20.36 11.32
CA PRO C 449 -50.71 -20.59 11.57
C PRO C 449 -50.05 -21.54 10.57
N ALA C 450 -48.74 -21.37 10.40
CA ALA C 450 -47.96 -22.20 9.50
C ALA C 450 -48.28 -23.69 9.65
N GLY C 451 -48.32 -24.39 8.52
CA GLY C 451 -48.60 -25.82 8.55
C GLY C 451 -49.93 -26.24 7.98
N ASN C 452 -50.85 -25.30 7.78
CA ASN C 452 -52.14 -25.69 7.25
C ASN C 452 -52.39 -25.29 5.82
N ILE C 453 -53.40 -25.92 5.24
CA ILE C 453 -53.84 -25.63 3.89
C ILE C 453 -55.02 -24.67 4.05
N ILE C 454 -54.86 -23.47 3.50
CA ILE C 454 -55.88 -22.44 3.64
C ILE C 454 -56.24 -21.79 2.32
N GLY C 455 -57.25 -20.92 2.38
CA GLY C 455 -57.73 -20.20 1.21
C GLY C 455 -57.76 -18.70 1.46
N LEU C 456 -57.34 -17.93 0.45
CA LEU C 456 -57.29 -16.48 0.59
C LEU C 456 -58.26 -15.76 -0.36
N VAL C 457 -58.88 -14.68 0.14
CA VAL C 457 -59.83 -13.94 -0.68
C VAL C 457 -59.37 -12.53 -1.07
N GLY C 458 -59.31 -12.26 -2.38
CA GLY C 458 -58.94 -10.95 -2.88
C GLY C 458 -57.56 -10.77 -3.49
N ILE C 459 -57.01 -11.82 -4.07
CA ILE C 459 -55.69 -11.76 -4.69
C ILE C 459 -55.83 -11.92 -6.19
N ASP C 460 -56.91 -12.60 -6.60
CA ASP C 460 -57.20 -12.87 -8.00
C ASP C 460 -56.62 -11.91 -9.04
N GLN C 461 -56.65 -10.62 -8.76
CA GLN C 461 -56.12 -9.64 -9.70
C GLN C 461 -54.65 -9.32 -9.50
N PHE C 462 -53.94 -10.20 -8.82
CA PHE C 462 -52.53 -9.97 -8.59
C PHE C 462 -51.78 -11.22 -8.96
N LEU C 463 -52.41 -12.36 -8.73
CA LEU C 463 -51.79 -13.64 -9.04
C LEU C 463 -52.60 -14.37 -10.08
N LEU C 464 -51.97 -14.70 -11.20
CA LEU C 464 -52.67 -15.44 -12.26
C LEU C 464 -53.06 -16.83 -11.78
N LYS C 465 -52.06 -17.56 -11.27
CA LYS C 465 -52.26 -18.93 -10.80
C LYS C 465 -51.38 -19.28 -9.59
N THR C 466 -50.07 -19.23 -9.77
CA THR C 466 -49.13 -19.55 -8.69
C THR C 466 -48.38 -18.34 -8.17
N GLY C 467 -47.91 -18.43 -6.94
CA GLY C 467 -47.17 -17.31 -6.37
C GLY C 467 -46.82 -17.45 -4.90
N THR C 468 -46.06 -16.50 -4.40
CA THR C 468 -45.64 -16.52 -3.01
C THR C 468 -46.09 -15.29 -2.28
N LEU C 469 -46.51 -15.46 -1.03
CA LEU C 469 -46.94 -14.35 -0.17
C LEU C 469 -46.02 -14.27 1.05
N THR C 470 -45.46 -13.09 1.28
CA THR C 470 -44.54 -12.89 2.39
C THR C 470 -44.77 -11.60 3.18
N THR C 471 -43.83 -11.31 4.09
CA THR C 471 -43.84 -10.14 4.96
C THR C 471 -42.39 -9.63 5.05
N SER C 472 -41.46 -10.54 4.82
CA SER C 472 -40.04 -10.18 4.85
C SER C 472 -39.72 -9.47 3.53
N GLU C 473 -39.09 -8.31 3.64
CA GLU C 473 -38.73 -7.53 2.47
C GLU C 473 -37.61 -8.24 1.71
N THR C 474 -36.90 -9.10 2.44
CA THR C 474 -35.79 -9.84 1.88
C THR C 474 -36.12 -11.32 1.69
N ALA C 475 -37.38 -11.61 1.41
CA ALA C 475 -37.83 -12.99 1.22
C ALA C 475 -37.95 -13.40 -0.26
N HIS C 476 -37.21 -14.43 -0.67
CA HIS C 476 -37.27 -14.92 -2.05
C HIS C 476 -38.60 -15.68 -2.29
N ASN C 477 -38.87 -16.11 -3.52
CA ASN C 477 -40.09 -16.86 -3.81
C ASN C 477 -39.83 -18.33 -3.53
N MET C 478 -40.89 -19.10 -3.34
CA MET C 478 -40.72 -20.53 -3.10
C MET C 478 -40.84 -21.25 -4.45
N LYS C 479 -40.17 -22.40 -4.57
CA LYS C 479 -40.17 -23.16 -5.82
C LYS C 479 -41.41 -22.90 -6.65
N VAL C 480 -41.20 -22.06 -7.66
CA VAL C 480 -42.24 -21.64 -8.59
C VAL C 480 -42.63 -22.74 -9.56
N MET C 481 -43.87 -22.70 -10.01
CA MET C 481 -44.34 -23.67 -10.98
C MET C 481 -44.73 -22.91 -12.24
N LYS C 482 -43.92 -23.10 -13.27
CA LYS C 482 -44.11 -22.43 -14.54
C LYS C 482 -45.44 -22.70 -15.23
N PHE C 483 -46.08 -21.62 -15.67
CA PHE C 483 -47.34 -21.67 -16.40
C PHE C 483 -47.18 -20.60 -17.47
N SER C 484 -47.82 -20.77 -18.62
CA SER C 484 -47.75 -19.77 -19.69
C SER C 484 -49.15 -19.23 -19.95
N VAL C 485 -49.22 -18.01 -20.48
CA VAL C 485 -50.51 -17.39 -20.76
C VAL C 485 -50.60 -17.03 -22.25
N SER C 486 -49.55 -17.38 -22.99
CA SER C 486 -49.47 -17.10 -24.43
C SER C 486 -50.40 -17.94 -25.29
N PRO C 487 -51.39 -17.31 -25.94
CA PRO C 487 -52.33 -18.04 -26.81
C PRO C 487 -51.59 -18.43 -28.08
N VAL C 488 -51.15 -19.67 -28.18
CA VAL C 488 -50.43 -20.08 -29.37
C VAL C 488 -51.28 -20.98 -30.22
N VAL C 489 -52.49 -21.24 -29.76
CA VAL C 489 -53.45 -22.07 -30.48
C VAL C 489 -54.84 -21.50 -30.37
N GLN C 490 -55.60 -21.58 -31.46
CA GLN C 490 -56.95 -21.03 -31.46
C GLN C 490 -57.90 -21.79 -32.36
N VAL C 491 -59.18 -21.43 -32.27
CA VAL C 491 -60.24 -22.05 -33.07
C VAL C 491 -61.52 -21.23 -33.07
N ALA C 492 -62.52 -21.76 -33.78
CA ALA C 492 -63.86 -21.18 -33.85
C ALA C 492 -64.79 -22.29 -33.33
N VAL C 493 -65.98 -21.92 -32.88
CA VAL C 493 -66.91 -22.94 -32.35
C VAL C 493 -68.39 -22.74 -32.68
N GLU C 494 -68.74 -22.78 -33.95
CA GLU C 494 -70.16 -22.64 -34.30
C GLU C 494 -70.89 -23.87 -33.77
N VAL C 495 -72.21 -23.83 -33.80
CA VAL C 495 -73.02 -24.96 -33.35
C VAL C 495 -73.37 -25.80 -34.60
N LYS C 496 -74.03 -26.95 -34.41
CA LYS C 496 -74.43 -27.77 -35.54
C LYS C 496 -75.89 -27.48 -35.86
N ASN C 497 -76.55 -26.87 -34.89
CA ASN C 497 -77.94 -26.47 -34.99
C ASN C 497 -77.93 -24.93 -35.07
N ALA C 498 -79.03 -24.20 -34.86
CA ALA C 498 -78.86 -22.76 -35.05
C ALA C 498 -79.50 -21.77 -34.07
N ASN C 499 -80.81 -21.84 -33.82
CA ASN C 499 -81.40 -20.84 -32.92
C ASN C 499 -80.83 -20.87 -31.50
N ASP C 500 -80.13 -21.96 -31.18
CA ASP C 500 -79.54 -22.11 -29.86
C ASP C 500 -78.22 -21.34 -29.82
N LEU C 501 -78.16 -20.23 -30.58
CA LEU C 501 -76.96 -19.37 -30.70
C LEU C 501 -76.85 -18.28 -29.66
N PRO C 502 -77.97 -17.68 -29.23
CA PRO C 502 -77.85 -16.64 -28.21
C PRO C 502 -76.94 -17.01 -26.97
N LYS C 503 -77.01 -18.28 -26.57
CA LYS C 503 -76.26 -18.79 -25.42
C LYS C 503 -74.84 -19.03 -25.80
N LEU C 504 -74.57 -18.95 -27.10
CA LEU C 504 -73.20 -19.14 -27.62
C LEU C 504 -72.29 -17.90 -27.57
N VAL C 505 -72.86 -16.68 -27.59
CA VAL C 505 -72.07 -15.48 -27.46
C VAL C 505 -71.94 -15.31 -25.96
N GLU C 506 -72.73 -16.10 -25.25
CA GLU C 506 -72.73 -16.08 -23.79
C GLU C 506 -71.65 -16.99 -23.21
N GLY C 507 -71.69 -18.26 -23.53
CA GLY C 507 -70.65 -19.12 -22.98
C GLY C 507 -69.26 -18.61 -23.38
N LEU C 508 -69.23 -17.71 -24.36
CA LEU C 508 -68.00 -17.14 -24.90
C LEU C 508 -67.44 -16.02 -24.04
N LYS C 509 -68.29 -15.09 -23.58
CA LYS C 509 -67.81 -14.00 -22.72
C LYS C 509 -67.97 -14.35 -21.24
N ARG C 510 -68.44 -15.57 -21.02
CA ARG C 510 -68.58 -16.13 -19.68
C ARG C 510 -67.34 -17.00 -19.47
N LEU C 511 -66.93 -17.68 -20.53
CA LEU C 511 -65.76 -18.54 -20.49
C LEU C 511 -64.53 -17.67 -20.21
N SER C 512 -64.44 -16.58 -20.94
CA SER C 512 -63.33 -15.64 -20.82
C SER C 512 -63.20 -15.21 -19.37
N LYS C 513 -64.33 -15.09 -18.71
CA LYS C 513 -64.38 -14.69 -17.30
C LYS C 513 -63.95 -15.86 -16.40
N SER C 514 -64.28 -17.08 -16.81
CA SER C 514 -63.98 -18.28 -16.04
C SER C 514 -62.52 -18.71 -16.07
N ASP C 515 -61.77 -18.24 -17.05
CA ASP C 515 -60.36 -18.57 -17.17
C ASP C 515 -59.52 -17.36 -17.57
N PRO C 516 -58.33 -17.20 -16.97
CA PRO C 516 -57.44 -16.08 -17.29
C PRO C 516 -56.61 -16.33 -18.56
N CYS C 517 -56.30 -17.59 -18.79
CA CYS C 517 -55.50 -17.98 -19.94
C CYS C 517 -56.30 -18.07 -21.25
N VAL C 518 -57.58 -18.38 -21.15
CA VAL C 518 -58.39 -18.49 -22.35
C VAL C 518 -58.72 -17.12 -22.91
N LEU C 519 -58.77 -17.04 -24.23
CA LEU C 519 -59.05 -15.78 -24.90
C LEU C 519 -60.09 -15.90 -26.01
N THR C 520 -61.23 -15.22 -25.84
CA THR C 520 -62.31 -15.24 -26.84
C THR C 520 -62.41 -13.88 -27.53
N TYR C 521 -62.56 -13.89 -28.85
CA TYR C 521 -62.68 -12.66 -29.62
C TYR C 521 -63.29 -12.96 -30.99
N MET C 522 -63.57 -11.92 -31.78
CA MET C 522 -64.15 -12.09 -33.11
C MET C 522 -63.23 -11.49 -34.17
N SER C 523 -62.92 -12.25 -35.22
CA SER C 523 -62.04 -11.75 -36.27
C SER C 523 -62.84 -11.00 -37.32
N GLU C 524 -62.16 -10.09 -38.04
CA GLU C 524 -62.81 -9.29 -39.09
C GLU C 524 -63.81 -10.09 -39.93
N SER C 525 -63.42 -11.31 -40.30
CA SER C 525 -64.27 -12.20 -41.09
C SER C 525 -65.47 -12.67 -40.26
N GLY C 526 -65.74 -11.96 -39.17
CA GLY C 526 -66.86 -12.29 -38.29
C GLY C 526 -66.75 -13.63 -37.60
N GLU C 527 -65.51 -14.12 -37.44
CA GLU C 527 -65.23 -15.41 -36.81
C GLU C 527 -65.17 -15.37 -35.28
N HIS C 528 -65.63 -16.43 -34.62
CA HIS C 528 -65.53 -16.48 -33.15
C HIS C 528 -64.28 -17.31 -32.83
N ILE C 529 -63.43 -16.80 -31.95
CA ILE C 529 -62.22 -17.53 -31.59
C ILE C 529 -62.13 -17.85 -30.10
N VAL C 530 -61.33 -18.87 -29.81
CA VAL C 530 -61.10 -19.33 -28.45
C VAL C 530 -59.67 -19.84 -28.41
N ALA C 531 -58.72 -18.92 -28.22
CA ALA C 531 -57.33 -19.28 -28.15
C ALA C 531 -56.97 -19.77 -26.74
N GLY C 532 -56.10 -20.77 -26.69
CA GLY C 532 -55.68 -21.35 -25.43
C GLY C 532 -54.18 -21.55 -25.36
N THR C 533 -53.69 -22.16 -24.28
CA THR C 533 -52.26 -22.38 -24.08
C THR C 533 -51.67 -23.51 -24.92
N GLY C 534 -52.45 -24.56 -25.11
CA GLY C 534 -52.00 -25.70 -25.88
C GLY C 534 -53.16 -26.60 -26.26
N GLU C 535 -52.89 -27.55 -27.15
CA GLU C 535 -53.91 -28.48 -27.64
C GLU C 535 -54.98 -28.81 -26.61
N LEU C 536 -54.55 -29.43 -25.51
CA LEU C 536 -55.48 -29.81 -24.45
C LEU C 536 -56.22 -28.63 -23.84
N HIS C 537 -55.50 -27.61 -23.38
CA HIS C 537 -56.13 -26.44 -22.78
C HIS C 537 -57.27 -26.01 -23.69
N LEU C 538 -56.96 -25.94 -24.98
CA LEU C 538 -57.96 -25.54 -25.94
C LEU C 538 -59.11 -26.52 -25.93
N GLU C 539 -58.81 -27.80 -26.12
CA GLU C 539 -59.84 -28.81 -26.15
C GLU C 539 -60.78 -28.75 -24.95
N ILE C 540 -60.21 -28.62 -23.76
CA ILE C 540 -61.00 -28.55 -22.52
C ILE C 540 -61.99 -27.38 -22.59
N CYS C 541 -61.46 -26.17 -22.78
CA CYS C 541 -62.31 -24.99 -22.87
C CYS C 541 -63.43 -25.16 -23.88
N LEU C 542 -63.19 -26.02 -24.87
CA LEU C 542 -64.18 -26.31 -25.93
C LEU C 542 -65.34 -27.16 -25.42
N GLN C 543 -65.00 -28.28 -24.78
CA GLN C 543 -66.01 -29.18 -24.23
C GLN C 543 -66.85 -28.40 -23.22
N ASP C 544 -66.18 -27.81 -22.24
CA ASP C 544 -66.90 -27.00 -21.25
C ASP C 544 -67.84 -26.08 -21.98
N LEU C 545 -67.40 -25.58 -23.16
CA LEU C 545 -68.20 -24.72 -23.94
C LEU C 545 -69.40 -25.63 -24.33
N GLU C 546 -69.14 -26.82 -24.86
CA GLU C 546 -70.30 -27.66 -25.26
C GLU C 546 -71.12 -28.41 -24.16
N HIS C 547 -70.39 -29.14 -23.29
CA HIS C 547 -71.03 -29.92 -22.20
C HIS C 547 -71.51 -29.18 -20.97
N ASP C 548 -70.76 -28.17 -20.54
CA ASP C 548 -71.13 -27.42 -19.33
C ASP C 548 -71.38 -25.92 -19.64
N HIS C 549 -70.30 -25.14 -19.65
CA HIS C 549 -70.32 -23.69 -19.97
C HIS C 549 -71.32 -23.20 -21.00
N ALA C 550 -71.73 -24.03 -21.97
CA ALA C 550 -72.70 -23.51 -22.93
C ALA C 550 -73.97 -24.33 -22.87
N GLY C 551 -75.02 -23.53 -22.65
CA GLY C 551 -76.37 -24.06 -22.58
C GLY C 551 -76.76 -25.14 -23.59
N VAL C 552 -75.89 -25.58 -24.51
CA VAL C 552 -76.25 -26.59 -25.54
C VAL C 552 -75.00 -27.20 -26.26
N PRO C 553 -75.21 -28.20 -27.16
CA PRO C 553 -74.19 -28.93 -27.96
C PRO C 553 -73.37 -28.03 -28.92
N LEU C 554 -72.27 -28.57 -29.45
CA LEU C 554 -71.40 -27.75 -30.37
C LEU C 554 -70.63 -28.31 -31.60
N LYS C 555 -70.09 -27.39 -32.41
CA LYS C 555 -69.28 -27.66 -33.60
C LYS C 555 -67.86 -27.08 -33.44
N ILE C 556 -66.82 -27.91 -33.69
CA ILE C 556 -65.44 -27.47 -33.56
C ILE C 556 -64.68 -27.60 -34.91
N SER C 557 -63.69 -26.75 -35.14
CA SER C 557 -62.90 -26.78 -36.37
C SER C 557 -61.41 -27.00 -36.15
N PRO C 558 -60.72 -27.57 -37.15
CA PRO C 558 -59.29 -27.84 -37.01
C PRO C 558 -58.53 -26.79 -36.23
N PRO C 559 -57.44 -27.22 -35.56
CA PRO C 559 -56.62 -26.31 -34.75
C PRO C 559 -55.68 -25.53 -35.66
N VAL C 560 -55.70 -24.21 -35.51
CA VAL C 560 -54.79 -23.37 -36.28
C VAL C 560 -53.85 -22.76 -35.25
N VAL C 561 -52.61 -22.52 -35.68
CA VAL C 561 -51.59 -21.96 -34.82
C VAL C 561 -51.37 -20.47 -35.14
N ALA C 562 -51.26 -19.65 -34.09
CA ALA C 562 -51.04 -18.22 -34.31
C ALA C 562 -49.60 -17.99 -34.72
N TYR C 563 -49.41 -17.30 -35.84
CA TYR C 563 -48.08 -16.95 -36.33
C TYR C 563 -47.80 -15.48 -36.08
N ARG C 564 -46.65 -15.01 -36.58
CA ARG C 564 -46.26 -13.60 -36.46
C ARG C 564 -45.64 -13.13 -37.77
N GLU C 565 -45.99 -11.91 -38.19
CA GLU C 565 -45.44 -11.35 -39.42
C GLU C 565 -44.31 -10.40 -39.07
N THR C 566 -43.14 -10.59 -39.70
CA THR C 566 -41.94 -9.78 -39.45
C THR C 566 -41.12 -9.51 -40.71
N VAL C 567 -40.11 -8.67 -40.54
CA VAL C 567 -39.18 -8.26 -41.60
C VAL C 567 -37.73 -8.66 -41.28
N GLU C 568 -36.96 -8.92 -42.32
CA GLU C 568 -35.58 -9.37 -42.13
C GLU C 568 -34.57 -8.29 -42.41
N SER C 569 -35.03 -7.19 -42.99
CA SER C 569 -34.11 -6.12 -43.34
C SER C 569 -34.82 -4.79 -43.47
N GLU C 570 -34.09 -3.79 -43.95
CA GLU C 570 -34.67 -2.46 -44.11
C GLU C 570 -35.36 -2.48 -45.45
N SER C 571 -36.34 -1.58 -45.61
CA SER C 571 -37.12 -1.53 -46.84
C SER C 571 -36.28 -1.26 -48.09
N SER C 572 -36.42 -2.09 -49.13
CA SER C 572 -35.67 -1.95 -50.38
C SER C 572 -35.48 -0.51 -50.76
N GLN C 573 -36.56 0.27 -50.65
CA GLN C 573 -36.56 1.69 -51.03
C GLN C 573 -37.67 2.36 -50.26
N THR C 574 -37.58 3.66 -50.00
CA THR C 574 -38.63 4.36 -49.25
C THR C 574 -40.08 4.08 -49.67
N ALA C 575 -40.93 3.95 -48.65
CA ALA C 575 -42.35 3.69 -48.83
C ALA C 575 -43.19 4.96 -48.73
N LEU C 576 -44.05 5.13 -49.73
CA LEU C 576 -44.85 6.33 -49.75
C LEU C 576 -46.34 6.17 -50.08
N SER C 577 -47.23 6.93 -49.41
CA SER C 577 -48.71 6.88 -49.64
C SER C 577 -49.37 8.26 -49.40
N LYS C 578 -50.51 8.50 -50.06
CA LYS C 578 -51.24 9.75 -49.95
C LYS C 578 -52.60 9.43 -49.48
N SER C 579 -53.18 10.39 -48.81
CA SER C 579 -54.52 10.25 -48.34
C SER C 579 -55.43 10.38 -49.52
N PRO C 580 -56.73 10.03 -49.33
CA PRO C 580 -57.66 10.16 -50.48
C PRO C 580 -57.68 11.60 -50.99
N ASN C 581 -57.54 12.55 -50.08
CA ASN C 581 -57.46 13.95 -50.44
C ASN C 581 -56.46 14.13 -51.57
N LYS C 582 -55.32 13.48 -51.42
CA LYS C 582 -54.21 13.60 -52.35
C LYS C 582 -53.55 14.88 -51.86
N HIS C 583 -53.78 15.17 -50.59
CA HIS C 583 -53.22 16.33 -49.96
C HIS C 583 -52.23 16.04 -48.86
N ASN C 584 -52.17 14.78 -48.45
CA ASN C 584 -51.25 14.37 -47.40
C ASN C 584 -50.44 13.16 -47.85
N ARG C 585 -49.18 13.15 -47.44
CA ARG C 585 -48.27 12.05 -47.78
C ARG C 585 -47.50 11.64 -46.56
N ILE C 586 -47.09 10.38 -46.57
CA ILE C 586 -46.30 9.83 -45.49
C ILE C 586 -45.20 8.99 -46.12
N TYR C 587 -43.96 9.34 -45.77
CA TYR C 587 -42.77 8.63 -46.25
C TYR C 587 -42.16 7.87 -45.06
N LEU C 588 -41.89 6.58 -45.24
CA LEU C 588 -41.33 5.79 -44.16
C LEU C 588 -40.58 4.59 -44.67
N LYS C 589 -39.81 4.02 -43.76
CA LYS C 589 -39.05 2.83 -44.08
C LYS C 589 -39.19 1.95 -42.88
N ALA C 590 -39.07 0.65 -43.09
CA ALA C 590 -39.20 -0.27 -41.98
C ALA C 590 -38.00 -1.17 -41.92
N GLU C 591 -37.59 -1.43 -40.69
CA GLU C 591 -36.43 -2.29 -40.42
C GLU C 591 -36.77 -3.15 -39.23
N PRO C 592 -36.02 -4.28 -39.10
CA PRO C 592 -36.10 -5.31 -38.05
C PRO C 592 -35.71 -4.80 -36.70
N ILE C 593 -36.31 -5.39 -35.67
CA ILE C 593 -36.00 -5.08 -34.27
C ILE C 593 -35.30 -6.33 -33.75
N ASP C 594 -34.23 -6.17 -32.99
CA ASP C 594 -33.49 -7.32 -32.45
C ASP C 594 -34.29 -8.12 -31.45
N GLU C 595 -34.19 -9.45 -31.56
CA GLU C 595 -34.91 -10.35 -30.65
C GLU C 595 -34.78 -9.88 -29.23
N GLU C 596 -33.56 -9.47 -28.87
CA GLU C 596 -33.32 -8.98 -27.54
C GLU C 596 -34.25 -7.84 -27.15
N VAL C 597 -34.38 -6.85 -28.02
CA VAL C 597 -35.24 -5.71 -27.72
C VAL C 597 -36.67 -6.17 -27.63
N SER C 598 -37.08 -6.98 -28.58
CA SER C 598 -38.43 -7.49 -28.56
C SER C 598 -38.69 -8.09 -27.17
N LEU C 599 -37.90 -9.10 -26.84
CA LEU C 599 -38.00 -9.76 -25.54
C LEU C 599 -38.04 -8.70 -24.47
N ALA C 600 -37.14 -7.74 -24.55
CA ALA C 600 -37.09 -6.69 -23.55
C ALA C 600 -38.43 -5.99 -23.44
N ILE C 601 -39.08 -5.80 -24.58
CA ILE C 601 -40.38 -5.15 -24.61
C ILE C 601 -41.43 -6.11 -24.03
N GLU C 602 -41.35 -7.36 -24.46
CA GLU C 602 -42.26 -8.41 -23.99
C GLU C 602 -42.08 -8.67 -22.50
N ASN C 603 -40.87 -8.42 -22.00
CA ASN C 603 -40.63 -8.65 -20.61
C ASN C 603 -40.58 -7.40 -19.77
N GLY C 604 -41.40 -6.42 -20.14
CA GLY C 604 -41.47 -5.19 -19.36
C GLY C 604 -40.23 -4.32 -19.20
N ILE C 605 -39.06 -4.77 -19.66
CA ILE C 605 -37.86 -3.95 -19.53
C ILE C 605 -38.11 -2.62 -20.25
N ILE C 606 -38.34 -2.72 -21.56
CA ILE C 606 -38.64 -1.56 -22.40
C ILE C 606 -40.12 -1.37 -22.19
N ASN C 607 -40.51 -0.33 -21.49
CA ASN C 607 -41.93 -0.14 -21.23
C ASN C 607 -42.57 1.09 -21.82
N PRO C 608 -43.77 0.92 -22.40
CA PRO C 608 -44.56 1.97 -23.03
C PRO C 608 -44.91 3.10 -22.09
N ARG C 609 -45.12 2.77 -20.83
CA ARG C 609 -45.51 3.77 -19.83
C ARG C 609 -44.35 4.48 -19.13
N ASP C 610 -43.13 3.99 -19.38
CA ASP C 610 -41.96 4.61 -18.76
C ASP C 610 -41.78 6.05 -19.18
N ASP C 611 -40.73 6.65 -18.65
CA ASP C 611 -40.37 8.01 -19.00
C ASP C 611 -39.55 7.85 -20.28
N PHE C 612 -40.01 8.49 -21.35
CA PHE C 612 -39.30 8.35 -22.61
C PHE C 612 -37.81 8.48 -22.41
N LYS C 613 -37.41 9.46 -21.60
CA LYS C 613 -36.00 9.69 -21.33
C LYS C 613 -35.26 8.50 -20.73
N ALA C 614 -35.82 7.94 -19.67
CA ALA C 614 -35.19 6.81 -18.99
C ALA C 614 -35.22 5.57 -19.85
N ARG C 615 -36.34 5.35 -20.54
CA ARG C 615 -36.48 4.20 -21.42
C ARG C 615 -35.41 4.29 -22.51
N ALA C 616 -35.21 5.53 -22.95
CA ALA C 616 -34.25 5.83 -23.99
C ALA C 616 -32.87 5.45 -23.50
N ARG C 617 -32.50 5.97 -22.34
CA ARG C 617 -31.21 5.70 -21.71
C ARG C 617 -30.98 4.19 -21.71
N ILE C 618 -32.01 3.43 -21.32
CA ILE C 618 -31.94 1.96 -21.28
C ILE C 618 -31.62 1.33 -22.63
N MET C 619 -32.43 1.65 -23.63
CA MET C 619 -32.26 1.13 -24.97
C MET C 619 -30.93 1.49 -25.57
N ALA C 620 -30.50 2.71 -25.26
CA ALA C 620 -29.25 3.23 -25.76
C ALA C 620 -28.08 2.43 -25.16
N ASP C 621 -28.00 2.41 -23.83
CA ASP C 621 -26.96 1.69 -23.10
C ASP C 621 -26.97 0.17 -23.33
N ASP C 622 -27.98 -0.48 -22.74
CA ASP C 622 -28.09 -1.93 -22.80
C ASP C 622 -28.46 -2.58 -24.15
N TYR C 623 -29.01 -1.80 -25.08
CA TYR C 623 -29.43 -2.37 -26.38
C TYR C 623 -28.85 -1.79 -27.66
N GLY C 624 -27.87 -0.90 -27.54
CA GLY C 624 -27.26 -0.33 -28.73
C GLY C 624 -28.22 0.38 -29.66
N TRP C 625 -28.95 1.34 -29.12
CA TRP C 625 -29.90 2.10 -29.87
C TRP C 625 -29.42 3.55 -29.81
N ASP C 626 -29.70 4.36 -30.84
CA ASP C 626 -29.29 5.77 -30.76
C ASP C 626 -30.21 6.46 -29.78
N VAL C 627 -29.67 7.00 -28.70
CA VAL C 627 -30.55 7.66 -27.73
C VAL C 627 -31.51 8.63 -28.43
N THR C 628 -31.06 9.16 -29.57
CA THR C 628 -31.87 10.07 -30.39
C THR C 628 -33.10 9.34 -30.92
N ASP C 629 -32.90 8.24 -31.62
CA ASP C 629 -34.05 7.50 -32.13
C ASP C 629 -35.01 7.13 -31.03
N ALA C 630 -34.46 6.51 -30.00
CA ALA C 630 -35.21 6.05 -28.86
C ALA C 630 -36.04 7.13 -28.20
N ARG C 631 -35.57 8.36 -28.19
CA ARG C 631 -36.35 9.42 -27.55
C ARG C 631 -37.48 9.83 -28.47
N LYS C 632 -37.45 9.34 -29.71
CA LYS C 632 -38.47 9.64 -30.69
C LYS C 632 -39.45 8.47 -30.88
N ILE C 633 -39.64 7.65 -29.87
CA ILE C 633 -40.58 6.57 -30.03
C ILE C 633 -41.95 7.20 -29.90
N TRP C 634 -42.83 6.90 -30.85
CA TRP C 634 -44.18 7.45 -30.89
C TRP C 634 -45.18 6.49 -30.29
N CYS C 635 -44.97 5.21 -30.54
CA CYS C 635 -45.88 4.22 -30.02
C CYS C 635 -45.39 2.80 -30.19
N PHE C 636 -45.91 1.91 -29.37
CA PHE C 636 -45.57 0.48 -29.44
C PHE C 636 -46.83 -0.10 -30.04
N GLY C 637 -46.78 -1.37 -30.47
CA GLY C 637 -47.96 -2.00 -31.04
C GLY C 637 -47.85 -3.51 -31.28
N PRO C 638 -48.96 -4.25 -31.27
CA PRO C 638 -50.36 -3.83 -31.17
C PRO C 638 -50.73 -3.47 -29.76
N ASP C 639 -52.02 -3.30 -29.56
CA ASP C 639 -52.54 -2.98 -28.25
C ASP C 639 -51.68 -2.01 -27.47
N GLY C 640 -51.11 -1.03 -28.17
CA GLY C 640 -50.30 -0.04 -27.50
C GLY C 640 -49.06 -0.51 -26.74
N ASN C 641 -48.71 -1.79 -26.81
CA ASN C 641 -47.52 -2.27 -26.08
C ASN C 641 -46.82 -3.50 -26.67
N GLY C 642 -47.15 -3.85 -27.91
CA GLY C 642 -46.50 -4.99 -28.51
C GLY C 642 -45.04 -4.72 -28.83
N PRO C 643 -44.32 -5.73 -29.37
CA PRO C 643 -42.91 -5.60 -29.74
C PRO C 643 -42.76 -5.04 -31.14
N ASN C 644 -43.28 -3.84 -31.31
CA ASN C 644 -43.17 -3.13 -32.57
C ASN C 644 -43.20 -1.65 -32.24
N LEU C 645 -42.46 -0.88 -33.03
CA LEU C 645 -42.36 0.53 -32.79
C LEU C 645 -42.46 1.39 -34.03
N VAL C 646 -42.70 2.66 -33.76
CA VAL C 646 -42.81 3.72 -34.73
C VAL C 646 -41.89 4.81 -34.21
N ILE C 647 -40.83 5.09 -34.97
CA ILE C 647 -39.87 6.12 -34.61
C ILE C 647 -40.06 7.38 -35.46
N ASP C 648 -40.20 8.54 -34.81
CA ASP C 648 -40.36 9.80 -35.56
C ASP C 648 -39.08 10.39 -36.09
N GLN C 649 -38.62 10.00 -37.27
CA GLN C 649 -37.39 10.57 -37.81
C GLN C 649 -37.61 11.81 -38.71
N THR C 650 -38.82 12.34 -38.73
CA THR C 650 -39.08 13.50 -39.55
C THR C 650 -38.23 14.69 -39.11
N LYS C 651 -38.04 15.65 -40.02
CA LYS C 651 -37.29 16.87 -39.77
C LYS C 651 -38.13 18.06 -40.23
N ALA C 652 -38.49 18.91 -39.26
CA ALA C 652 -39.24 20.13 -39.55
C ALA C 652 -40.58 20.02 -40.30
N VAL C 653 -41.40 19.08 -39.89
CA VAL C 653 -42.69 18.92 -40.53
C VAL C 653 -43.70 19.72 -39.73
N GLN C 654 -44.03 20.92 -40.17
CA GLN C 654 -44.99 21.73 -39.43
C GLN C 654 -46.29 20.97 -39.27
N TYR C 655 -46.92 21.17 -38.12
CA TYR C 655 -48.19 20.54 -37.72
C TYR C 655 -48.05 19.03 -37.41
N LEU C 656 -46.88 18.45 -37.62
CA LEU C 656 -46.69 17.02 -37.38
C LEU C 656 -47.51 16.45 -36.23
N HIS C 657 -47.30 16.99 -35.03
CA HIS C 657 -48.00 16.51 -33.87
C HIS C 657 -49.50 16.39 -34.05
N GLU C 658 -50.10 17.24 -34.87
CA GLU C 658 -51.54 17.17 -35.05
C GLU C 658 -52.03 15.92 -35.77
N ILE C 659 -51.13 15.09 -36.28
CA ILE C 659 -51.58 13.87 -36.93
C ILE C 659 -51.05 12.67 -36.18
N LYS C 660 -50.43 12.93 -35.04
CA LYS C 660 -49.83 11.86 -34.24
C LYS C 660 -50.78 10.77 -33.81
N ASP C 661 -51.87 11.15 -33.16
CA ASP C 661 -52.84 10.18 -32.69
C ASP C 661 -53.23 9.26 -33.83
N SER C 662 -53.52 9.83 -34.99
CA SER C 662 -53.93 9.05 -36.16
C SER C 662 -52.84 8.11 -36.56
N VAL C 663 -51.62 8.64 -36.67
CA VAL C 663 -50.51 7.80 -37.07
C VAL C 663 -50.41 6.60 -36.14
N VAL C 664 -50.56 6.88 -34.84
CA VAL C 664 -50.48 5.81 -33.84
C VAL C 664 -51.61 4.83 -34.08
N ALA C 665 -52.82 5.41 -34.14
CA ALA C 665 -54.03 4.63 -34.36
C ALA C 665 -53.80 3.72 -35.52
N ALA C 666 -53.29 4.29 -36.60
CA ALA C 666 -53.04 3.50 -37.78
C ALA C 666 -52.08 2.38 -37.51
N PHE C 667 -51.07 2.65 -36.69
CA PHE C 667 -50.05 1.66 -36.38
C PHE C 667 -50.56 0.48 -35.62
N GLN C 668 -51.41 0.74 -34.62
CA GLN C 668 -52.00 -0.30 -33.79
C GLN C 668 -52.71 -1.26 -34.70
N TRP C 669 -53.39 -0.72 -35.68
CA TRP C 669 -54.12 -1.54 -36.60
C TRP C 669 -53.14 -2.30 -37.48
N ALA C 670 -52.23 -1.63 -38.19
CA ALA C 670 -51.25 -2.30 -39.06
C ALA C 670 -50.49 -3.45 -38.42
N THR C 671 -50.15 -3.29 -37.14
CA THR C 671 -49.43 -4.30 -36.40
C THR C 671 -50.30 -5.46 -35.88
N LYS C 672 -51.63 -5.26 -35.81
CA LYS C 672 -52.57 -6.32 -35.37
C LYS C 672 -52.82 -7.36 -36.45
N GLU C 673 -52.91 -6.89 -37.69
CA GLU C 673 -53.14 -7.77 -38.83
C GLU C 673 -52.32 -7.30 -40.02
N GLY C 674 -51.14 -7.88 -40.15
CA GLY C 674 -50.25 -7.50 -41.21
C GLY C 674 -50.74 -7.88 -42.57
N PRO C 675 -49.99 -7.52 -43.62
CA PRO C 675 -50.32 -7.81 -44.99
C PRO C 675 -49.91 -9.17 -45.54
N ILE C 676 -49.18 -9.97 -44.77
CA ILE C 676 -48.80 -11.28 -45.31
C ILE C 676 -50.06 -12.10 -45.33
N PHE C 677 -50.72 -12.17 -44.18
CA PHE C 677 -51.95 -12.91 -44.08
C PHE C 677 -52.69 -12.62 -42.81
N GLY C 678 -52.89 -11.33 -42.55
CA GLY C 678 -53.62 -10.92 -41.38
C GLY C 678 -53.10 -11.25 -39.99
N GLU C 679 -51.89 -11.79 -39.89
CA GLU C 679 -51.33 -12.14 -38.58
C GLU C 679 -50.62 -10.97 -37.90
N GLU C 680 -50.31 -11.10 -36.60
CA GLU C 680 -49.62 -10.03 -35.86
C GLU C 680 -48.18 -9.82 -36.29
N MET C 681 -47.75 -8.56 -36.27
CA MET C 681 -46.39 -8.22 -36.63
C MET C 681 -45.58 -8.35 -35.36
N ARG C 682 -44.31 -8.72 -35.50
CA ARG C 682 -43.43 -8.80 -34.35
C ARG C 682 -42.03 -8.28 -34.69
N SER C 683 -41.49 -7.49 -33.78
CA SER C 683 -40.15 -6.96 -33.98
C SER C 683 -40.11 -6.10 -35.24
N VAL C 684 -41.12 -5.25 -35.46
CA VAL C 684 -41.09 -4.38 -36.64
C VAL C 684 -40.90 -2.94 -36.26
N ARG C 685 -39.88 -2.36 -36.88
CA ARG C 685 -39.46 -0.99 -36.68
C ARG C 685 -39.90 -0.19 -37.89
N VAL C 686 -40.58 0.91 -37.59
CA VAL C 686 -41.08 1.78 -38.63
C VAL C 686 -40.55 3.18 -38.35
N ASN C 687 -39.77 3.68 -39.29
CA ASN C 687 -39.18 4.99 -39.18
C ASN C 687 -39.85 6.00 -40.10
N ILE C 688 -40.57 6.95 -39.52
CA ILE C 688 -41.23 7.94 -40.36
C ILE C 688 -40.19 8.94 -40.88
N LEU C 689 -39.80 8.82 -42.15
CA LEU C 689 -38.82 9.72 -42.78
C LEU C 689 -39.40 11.09 -43.09
N ASP C 690 -40.54 11.12 -43.78
CA ASP C 690 -41.12 12.41 -44.09
C ASP C 690 -42.64 12.40 -44.09
N VAL C 691 -43.18 13.61 -44.02
CA VAL C 691 -44.62 13.83 -44.04
C VAL C 691 -44.95 15.21 -44.62
N THR C 692 -45.98 15.27 -45.45
CA THR C 692 -46.42 16.53 -46.04
C THR C 692 -47.92 16.59 -45.70
N LEU C 693 -48.33 17.70 -45.10
CA LEU C 693 -49.72 17.85 -44.68
C LEU C 693 -50.40 19.13 -45.14
N HIS C 694 -51.69 19.02 -45.46
CA HIS C 694 -52.45 20.17 -45.87
C HIS C 694 -52.38 21.17 -44.74
N ALA C 695 -52.31 22.45 -45.08
CA ALA C 695 -52.22 23.46 -44.04
C ALA C 695 -53.47 23.44 -43.17
N ASP C 696 -54.65 23.25 -43.77
CA ASP C 696 -55.88 23.26 -43.01
C ASP C 696 -56.21 21.90 -42.36
N ALA C 697 -56.42 21.94 -41.05
CA ALA C 697 -56.75 20.76 -40.29
C ALA C 697 -57.89 19.96 -40.88
N ILE C 698 -58.92 20.64 -41.30
CA ILE C 698 -60.09 19.99 -41.88
C ILE C 698 -59.74 18.82 -42.83
N DDE C 699 -58.70 18.99 -43.64
CA DDE C 699 -58.32 17.98 -44.62
C DDE C 699 -57.32 16.95 -44.14
O DDE C 699 -56.93 16.07 -44.90
CB DDE C 699 -57.76 18.65 -45.89
CG DDE C 699 -58.72 19.60 -46.55
ND1 DDE C 699 -59.94 19.19 -47.09
CD2 DDE C 699 -58.67 20.93 -46.73
CE1 DDE C 699 -60.57 20.23 -47.57
NE2 DDE C 699 -59.84 21.31 -47.37
N ARG C 700 -56.90 17.06 -42.88
CA ARG C 700 -55.94 16.12 -42.28
C ARG C 700 -56.58 15.30 -41.20
N GLY C 701 -57.87 15.02 -41.38
CA GLY C 701 -58.56 14.25 -40.37
C GLY C 701 -58.05 12.85 -40.27
N GLY C 702 -58.59 12.12 -39.29
CA GLY C 702 -58.18 10.75 -39.08
C GLY C 702 -58.60 9.89 -40.24
N GLY C 703 -59.75 10.22 -40.83
CA GLY C 703 -60.23 9.45 -41.95
C GLY C 703 -59.21 9.51 -43.07
N GLN C 704 -58.52 10.63 -43.12
CA GLN C 704 -57.53 10.80 -44.14
C GLN C 704 -56.17 10.20 -43.77
N ILE C 705 -55.61 10.55 -42.63
CA ILE C 705 -54.28 10.01 -42.33
C ILE C 705 -54.21 8.52 -41.99
N ILE C 706 -55.11 8.08 -41.12
CA ILE C 706 -55.08 6.69 -40.70
C ILE C 706 -54.91 5.70 -41.82
N PRO C 707 -55.71 5.84 -42.88
CA PRO C 707 -55.51 4.85 -43.93
C PRO C 707 -54.13 4.99 -44.60
N THR C 708 -53.68 6.23 -44.73
CA THR C 708 -52.38 6.53 -45.35
C THR C 708 -51.23 5.81 -44.65
N MET C 709 -51.10 6.12 -43.35
CA MET C 709 -50.08 5.54 -42.50
C MET C 709 -50.09 4.03 -42.58
N ARG C 710 -51.30 3.50 -42.46
CA ARG C 710 -51.55 2.06 -42.51
C ARG C 710 -51.04 1.50 -43.82
N ARG C 711 -51.28 2.23 -44.91
CA ARG C 711 -50.87 1.70 -46.19
C ARG C 711 -49.38 1.84 -46.35
N ALA C 712 -48.87 3.02 -46.00
CA ALA C 712 -47.44 3.25 -46.09
C ALA C 712 -46.71 2.10 -45.34
N THR C 713 -47.06 1.92 -44.07
CA THR C 713 -46.51 0.86 -43.28
C THR C 713 -46.60 -0.47 -43.98
N TYR C 714 -47.72 -0.78 -44.61
CA TYR C 714 -47.81 -2.06 -45.32
C TYR C 714 -46.77 -2.06 -46.44
N ALA C 715 -46.66 -0.91 -47.09
CA ALA C 715 -45.72 -0.74 -48.20
C ALA C 715 -44.30 -1.03 -47.71
N GLY C 716 -43.91 -0.33 -46.66
CA GLY C 716 -42.58 -0.51 -46.11
C GLY C 716 -42.31 -1.94 -45.71
N PHE C 717 -43.25 -2.51 -44.96
CA PHE C 717 -43.15 -3.87 -44.50
C PHE C 717 -42.92 -4.83 -45.66
N LEU C 718 -43.72 -4.71 -46.71
CA LEU C 718 -43.55 -5.61 -47.83
C LEU C 718 -42.23 -5.38 -48.53
N LEU C 719 -41.68 -4.18 -48.36
CA LEU C 719 -40.39 -3.84 -48.98
C LEU C 719 -39.15 -4.24 -48.18
N ALA C 720 -39.35 -4.49 -46.89
CA ALA C 720 -38.27 -4.84 -45.98
C ALA C 720 -37.94 -6.33 -45.89
N ASP C 721 -38.18 -7.07 -46.97
CA ASP C 721 -37.90 -8.51 -47.00
C ASP C 721 -38.72 -9.18 -45.91
N PRO C 722 -39.98 -9.54 -46.22
CA PRO C 722 -40.91 -10.18 -45.30
C PRO C 722 -40.58 -11.62 -44.93
N LYS C 723 -41.05 -11.99 -43.74
CA LYS C 723 -40.84 -13.34 -43.22
C LYS C 723 -41.82 -13.56 -42.08
N ILE C 724 -42.14 -14.82 -41.79
CA ILE C 724 -43.07 -15.14 -40.72
C ILE C 724 -42.40 -15.96 -39.62
N GLN C 725 -42.92 -15.84 -38.41
CA GLN C 725 -42.38 -16.57 -37.27
C GLN C 725 -43.43 -17.53 -36.72
N GLU C 726 -42.95 -18.65 -36.20
CA GLU C 726 -43.80 -19.68 -35.60
C GLU C 726 -43.49 -19.75 -34.10
N PRO C 727 -44.46 -20.19 -33.28
CA PRO C 727 -44.21 -20.27 -31.82
C PRO C 727 -43.53 -21.60 -31.44
N VAL C 728 -42.69 -21.55 -30.41
CA VAL C 728 -41.94 -22.71 -29.95
C VAL C 728 -42.10 -23.05 -28.46
N PHE C 729 -42.19 -24.36 -28.19
CA PHE C 729 -42.35 -24.87 -26.83
C PHE C 729 -41.04 -25.30 -26.21
N LEU C 730 -40.97 -25.11 -24.90
CA LEU C 730 -39.82 -25.53 -24.13
C LEU C 730 -40.36 -26.73 -23.37
N VAL C 731 -40.07 -27.93 -23.84
CA VAL C 731 -40.55 -29.11 -23.16
C VAL C 731 -39.52 -29.76 -22.20
N GLU C 732 -39.90 -29.90 -20.93
CA GLU C 732 -39.09 -30.53 -19.89
C GLU C 732 -39.61 -31.96 -19.61
N ILE C 733 -38.74 -32.94 -19.82
CA ILE C 733 -39.14 -34.34 -19.64
C ILE C 733 -38.35 -35.16 -18.61
N GLN C 734 -39.08 -35.84 -17.72
CA GLN C 734 -38.49 -36.71 -16.70
C GLN C 734 -38.57 -38.10 -17.31
N CYS C 735 -37.49 -38.86 -17.20
CA CYS C 735 -37.51 -40.19 -17.77
C CYS C 735 -36.29 -41.04 -17.39
N PRO C 736 -36.54 -42.32 -17.04
CA PRO C 736 -35.49 -43.26 -16.66
C PRO C 736 -34.49 -43.43 -17.81
N GLU C 737 -33.19 -43.31 -17.49
CA GLU C 737 -32.09 -43.43 -18.46
C GLU C 737 -32.32 -44.52 -19.50
N GLN C 738 -33.12 -45.53 -19.13
CA GLN C 738 -33.43 -46.63 -20.04
C GLN C 738 -34.39 -46.19 -21.15
N ALA C 739 -35.34 -45.34 -20.79
CA ALA C 739 -36.33 -44.88 -21.74
C ALA C 739 -36.00 -43.55 -22.42
N VAL C 740 -34.91 -42.91 -21.99
CA VAL C 740 -34.52 -41.63 -22.57
C VAL C 740 -34.29 -41.74 -24.10
N GLY C 741 -34.10 -42.97 -24.59
CA GLY C 741 -33.91 -43.16 -26.02
C GLY C 741 -35.13 -42.71 -26.80
N GLY C 742 -36.30 -43.18 -26.39
CA GLY C 742 -37.55 -42.82 -27.03
C GLY C 742 -37.72 -41.32 -27.17
N ILE C 743 -37.23 -40.57 -26.18
CA ILE C 743 -37.32 -39.11 -26.20
C ILE C 743 -36.71 -38.62 -27.51
N TYR C 744 -35.38 -38.62 -27.57
CA TYR C 744 -34.63 -38.18 -28.73
C TYR C 744 -35.20 -38.78 -30.02
N SER C 745 -35.82 -39.96 -29.89
CA SER C 745 -36.42 -40.64 -31.02
C SER C 745 -37.54 -39.81 -31.64
N VAL C 746 -38.45 -39.34 -30.80
CA VAL C 746 -39.60 -38.54 -31.23
C VAL C 746 -39.25 -37.07 -31.51
N LEU C 747 -38.32 -36.50 -30.74
CA LEU C 747 -37.94 -35.12 -30.97
C LEU C 747 -37.34 -34.97 -32.36
N ASN C 748 -36.74 -36.02 -32.89
CA ASN C 748 -36.13 -35.95 -34.22
C ASN C 748 -37.14 -36.11 -35.36
N LYS C 749 -38.39 -36.37 -35.02
CA LYS C 749 -39.40 -36.49 -36.06
C LYS C 749 -40.44 -35.38 -35.90
N LYS C 750 -40.04 -34.36 -35.14
CA LYS C 750 -40.91 -33.22 -34.87
C LYS C 750 -40.16 -31.90 -34.98
N ARG C 751 -38.90 -31.99 -35.39
CA ARG C 751 -38.08 -30.79 -35.50
C ARG C 751 -37.80 -30.27 -34.09
N GLY C 752 -37.59 -31.19 -33.16
CA GLY C 752 -37.29 -30.81 -31.78
C GLY C 752 -35.82 -30.46 -31.69
N GLN C 753 -35.48 -29.65 -30.69
CA GLN C 753 -34.10 -29.21 -30.48
C GLN C 753 -33.72 -29.41 -29.02
N VAL C 754 -32.80 -30.34 -28.77
CA VAL C 754 -32.37 -30.62 -27.41
C VAL C 754 -31.53 -29.51 -26.80
N VAL C 755 -32.04 -28.93 -25.72
CA VAL C 755 -31.36 -27.83 -25.03
C VAL C 755 -30.49 -28.28 -23.86
N SER C 756 -30.92 -29.34 -23.18
CA SER C 756 -30.16 -29.85 -22.05
C SER C 756 -30.72 -31.16 -21.51
N GLU C 757 -29.80 -32.02 -21.07
CA GLU C 757 -30.16 -33.30 -20.49
C GLU C 757 -29.21 -33.54 -19.31
N GLU C 758 -29.73 -33.68 -18.09
CA GLU C 758 -28.93 -33.93 -16.90
C GLU C 758 -29.42 -35.20 -16.21
N GLN C 759 -29.36 -35.12 -14.89
CA GLN C 759 -29.70 -36.22 -14.05
C GLN C 759 -29.56 -35.94 -12.59
N ARG C 760 -30.43 -36.69 -11.96
CA ARG C 760 -30.57 -36.63 -10.55
C ARG C 760 -29.48 -37.47 -9.91
N PRO C 761 -28.54 -36.80 -9.23
CA PRO C 761 -27.42 -37.46 -8.56
C PRO C 761 -27.55 -38.97 -8.31
N GLY C 762 -28.32 -39.36 -7.31
CA GLY C 762 -28.48 -40.78 -6.99
C GLY C 762 -29.10 -41.62 -8.09
N THR C 763 -30.40 -41.43 -8.28
CA THR C 763 -31.19 -42.19 -9.25
C THR C 763 -30.76 -42.20 -10.73
N PRO C 764 -31.35 -43.10 -11.54
CA PRO C 764 -31.02 -43.19 -12.97
C PRO C 764 -32.09 -42.43 -13.76
N LEU C 765 -32.62 -41.38 -13.13
CA LEU C 765 -33.66 -40.55 -13.70
C LEU C 765 -33.11 -39.33 -14.42
N PHE C 766 -33.15 -39.38 -15.74
CA PHE C 766 -32.67 -38.26 -16.53
C PHE C 766 -33.78 -37.26 -16.75
N THR C 767 -33.40 -36.02 -16.96
CA THR C 767 -34.37 -34.96 -17.19
C THR C 767 -33.98 -34.18 -18.45
N VAL C 768 -34.60 -34.51 -19.57
CA VAL C 768 -34.32 -33.86 -20.84
C VAL C 768 -35.16 -32.60 -21.07
N LYS C 769 -34.49 -31.54 -21.53
CA LYS C 769 -35.15 -30.27 -21.86
C LYS C 769 -34.92 -29.97 -23.35
N ALA C 770 -36.00 -29.65 -24.07
CA ALA C 770 -35.92 -29.37 -25.50
C ALA C 770 -36.94 -28.36 -26.04
N TYR C 771 -36.70 -27.88 -27.25
CA TYR C 771 -37.61 -26.96 -27.92
C TYR C 771 -38.47 -27.73 -28.91
N LEU C 772 -39.78 -27.58 -28.77
CA LEU C 772 -40.72 -28.25 -29.65
C LEU C 772 -41.66 -27.25 -30.33
N PRO C 773 -41.60 -27.16 -31.67
CA PRO C 773 -42.41 -26.26 -32.49
C PRO C 773 -43.88 -26.53 -32.26
N VAL C 774 -44.59 -25.57 -31.67
CA VAL C 774 -46.00 -25.75 -31.38
C VAL C 774 -46.81 -26.36 -32.50
N ASN C 775 -46.54 -25.97 -33.74
CA ASN C 775 -47.30 -26.55 -34.86
C ASN C 775 -46.84 -27.98 -35.17
N GLU C 776 -45.99 -28.53 -34.30
CA GLU C 776 -45.47 -29.90 -34.43
C GLU C 776 -45.80 -30.71 -33.16
N SER C 777 -46.47 -30.07 -32.22
CA SER C 777 -46.82 -30.68 -30.94
C SER C 777 -48.21 -31.32 -30.83
N PHE C 778 -48.90 -31.49 -31.96
CA PHE C 778 -50.22 -32.10 -31.94
C PHE C 778 -50.17 -33.61 -31.74
N GLY C 779 -50.68 -34.04 -30.58
CA GLY C 779 -50.67 -35.46 -30.27
C GLY C 779 -49.29 -35.90 -29.82
N PHE C 780 -48.44 -34.94 -29.45
CA PHE C 780 -47.09 -35.24 -28.98
C PHE C 780 -47.16 -36.27 -27.85
N THR C 781 -47.87 -35.91 -26.79
CA THR C 781 -48.03 -36.78 -25.64
C THR C 781 -48.45 -38.19 -26.06
N GLY C 782 -49.36 -38.25 -27.03
CA GLY C 782 -49.81 -39.56 -27.49
C GLY C 782 -48.64 -40.38 -28.00
N GLU C 783 -47.79 -39.76 -28.80
CA GLU C 783 -46.64 -40.44 -29.40
C GLU C 783 -45.49 -40.70 -28.47
N LEU C 784 -45.30 -39.79 -27.51
CA LEU C 784 -44.24 -39.95 -26.52
C LEU C 784 -44.59 -41.16 -25.65
N ARG C 785 -45.89 -41.41 -25.51
CA ARG C 785 -46.41 -42.56 -24.78
C ARG C 785 -45.73 -43.84 -25.32
N GLN C 786 -46.18 -44.25 -26.51
CA GLN C 786 -45.65 -45.44 -27.16
C GLN C 786 -44.12 -45.51 -27.09
N ALA C 787 -43.47 -44.45 -27.57
CA ALA C 787 -42.03 -44.39 -27.58
C ALA C 787 -41.33 -44.81 -26.29
N THR C 788 -41.54 -44.05 -25.22
CA THR C 788 -40.88 -44.34 -23.94
C THR C 788 -41.61 -45.25 -22.98
N GLY C 789 -42.23 -46.30 -23.50
CA GLY C 789 -42.92 -47.23 -22.64
C GLY C 789 -43.74 -46.60 -21.53
N GLY C 790 -44.22 -45.38 -21.79
CA GLY C 790 -45.04 -44.68 -20.82
C GLY C 790 -44.33 -44.22 -19.57
N GLN C 791 -43.01 -44.37 -19.53
CA GLN C 791 -42.24 -43.96 -18.37
C GLN C 791 -41.94 -42.46 -18.35
N ALA C 792 -41.98 -41.83 -19.52
CA ALA C 792 -41.71 -40.39 -19.66
C ALA C 792 -42.83 -39.48 -19.13
N PHE C 793 -42.43 -38.47 -18.36
CA PHE C 793 -43.38 -37.51 -17.78
C PHE C 793 -43.18 -36.12 -18.41
N PRO C 794 -43.88 -35.87 -19.54
CA PRO C 794 -43.83 -34.62 -20.31
C PRO C 794 -44.26 -33.37 -19.54
N GLN C 795 -43.76 -32.24 -19.97
CA GLN C 795 -44.09 -30.97 -19.34
C GLN C 795 -43.62 -29.90 -20.32
N MET C 796 -44.54 -29.11 -20.84
CA MET C 796 -44.14 -28.08 -21.80
C MET C 796 -44.85 -26.76 -21.62
N VAL C 797 -44.14 -25.69 -21.93
CA VAL C 797 -44.67 -24.34 -21.83
C VAL C 797 -44.22 -23.53 -23.05
N PHE C 798 -44.95 -22.45 -23.36
CA PHE C 798 -44.58 -21.61 -24.49
C PHE C 798 -43.24 -20.94 -24.18
N ASP C 799 -42.33 -20.93 -25.15
CA ASP C 799 -41.04 -20.30 -24.90
C ASP C 799 -40.67 -19.12 -25.79
N HIS C 800 -40.63 -19.32 -27.10
CA HIS C 800 -40.22 -18.25 -28.00
C HIS C 800 -40.76 -18.41 -29.43
N TRP C 801 -40.38 -17.46 -30.28
CA TRP C 801 -40.78 -17.45 -31.69
C TRP C 801 -39.61 -17.74 -32.63
N SER C 802 -39.84 -18.60 -33.62
CA SER C 802 -38.79 -18.93 -34.58
C SER C 802 -39.16 -18.43 -35.95
N THR C 803 -38.22 -17.71 -36.56
CA THR C 803 -38.40 -17.14 -37.88
C THR C 803 -38.14 -18.18 -38.95
N LEU C 804 -39.15 -18.52 -39.74
CA LEU C 804 -38.96 -19.51 -40.79
C LEU C 804 -38.03 -18.89 -41.83
N GLY C 805 -37.16 -19.70 -42.41
CA GLY C 805 -36.23 -19.22 -43.42
C GLY C 805 -36.85 -19.15 -44.80
N SER C 806 -37.84 -19.99 -45.05
CA SER C 806 -38.48 -19.98 -46.36
C SER C 806 -39.29 -18.70 -46.49
N ASP C 807 -39.43 -18.26 -47.73
CA ASP C 807 -40.16 -17.05 -48.08
C ASP C 807 -41.69 -17.21 -48.04
N PRO C 808 -42.39 -16.28 -47.35
CA PRO C 808 -43.85 -16.37 -47.28
C PRO C 808 -44.54 -15.94 -48.56
N LEU C 809 -43.77 -15.43 -49.51
CA LEU C 809 -44.36 -15.00 -50.77
C LEU C 809 -44.37 -16.09 -51.82
N ASP C 810 -43.53 -17.11 -51.65
CA ASP C 810 -43.49 -18.21 -52.60
C ASP C 810 -44.43 -19.34 -52.18
N PRO C 811 -45.58 -19.46 -52.85
CA PRO C 811 -46.59 -20.49 -52.55
C PRO C 811 -46.01 -21.89 -52.27
N THR C 812 -45.08 -22.33 -53.11
CA THR C 812 -44.50 -23.65 -52.95
C THR C 812 -43.60 -23.81 -51.72
N SER C 813 -42.98 -22.73 -51.26
CA SER C 813 -42.10 -22.85 -50.10
C SER C 813 -42.88 -23.35 -48.91
N LYS C 814 -42.16 -23.58 -47.82
CA LYS C 814 -42.77 -24.06 -46.59
C LYS C 814 -43.67 -23.02 -45.92
N ALA C 815 -43.17 -21.80 -45.76
CA ALA C 815 -43.96 -20.73 -45.16
C ALA C 815 -45.07 -20.29 -46.11
N GLY C 816 -44.76 -20.15 -47.39
CA GLY C 816 -45.75 -19.75 -48.37
C GLY C 816 -46.90 -20.71 -48.33
N GLU C 817 -46.59 -21.96 -48.02
CA GLU C 817 -47.60 -23.00 -47.94
C GLU C 817 -48.57 -22.59 -46.83
N ILE C 818 -48.01 -22.27 -45.67
CA ILE C 818 -48.82 -21.84 -44.53
C ILE C 818 -49.67 -20.63 -44.87
N VAL C 819 -49.02 -19.62 -45.46
CA VAL C 819 -49.67 -18.37 -45.85
C VAL C 819 -50.78 -18.58 -46.85
N LEU C 820 -50.49 -19.36 -47.87
CA LEU C 820 -51.47 -19.64 -48.89
C LEU C 820 -52.71 -20.31 -48.28
N ALA C 821 -52.50 -21.35 -47.48
CA ALA C 821 -53.62 -22.06 -46.85
C ALA C 821 -54.45 -21.16 -45.94
N ALA C 822 -53.77 -20.36 -45.15
CA ALA C 822 -54.46 -19.46 -44.24
C ALA C 822 -55.24 -18.44 -45.05
N ARG C 823 -54.58 -17.84 -46.04
CA ARG C 823 -55.24 -16.85 -46.87
C ARG C 823 -56.54 -17.40 -47.37
N LYS C 824 -56.47 -18.62 -47.90
CA LYS C 824 -57.62 -19.29 -48.46
C LYS C 824 -58.69 -19.44 -47.39
N ARG C 825 -58.29 -20.00 -46.27
CA ARG C 825 -59.18 -20.21 -45.13
C ARG C 825 -59.92 -18.90 -44.79
N HIS C 826 -59.21 -17.77 -44.81
CA HIS C 826 -59.85 -16.48 -44.50
C HIS C 826 -60.62 -15.91 -45.70
N GLY C 827 -60.57 -16.62 -46.81
CA GLY C 827 -61.27 -16.17 -47.99
C GLY C 827 -60.69 -14.90 -48.58
N MET C 828 -59.36 -14.75 -48.50
CA MET C 828 -58.69 -13.56 -49.04
C MET C 828 -58.12 -13.93 -50.40
N LYS C 829 -57.69 -12.94 -51.17
CA LYS C 829 -57.12 -13.23 -52.47
C LYS C 829 -55.95 -14.18 -52.23
N GLU C 830 -55.94 -15.30 -52.92
CA GLU C 830 -54.90 -16.31 -52.73
C GLU C 830 -53.45 -15.82 -52.80
N GLU C 831 -53.19 -14.77 -53.58
CA GLU C 831 -51.84 -14.24 -53.70
C GLU C 831 -51.60 -13.07 -52.72
N VAL C 832 -50.38 -12.93 -52.21
CA VAL C 832 -50.09 -11.83 -51.29
C VAL C 832 -49.89 -10.55 -52.09
N PRO C 833 -50.58 -9.46 -51.71
CA PRO C 833 -50.47 -8.19 -52.40
C PRO C 833 -49.04 -7.66 -52.47
N GLY C 834 -48.67 -7.15 -53.64
CA GLY C 834 -47.33 -6.60 -53.78
C GLY C 834 -47.28 -5.25 -53.08
N TRP C 835 -46.10 -4.75 -52.80
CA TRP C 835 -45.99 -3.46 -52.14
C TRP C 835 -46.65 -2.37 -52.98
N GLN C 836 -46.59 -2.53 -54.29
CA GLN C 836 -47.17 -1.56 -55.22
C GLN C 836 -48.62 -1.22 -54.89
N GLU C 837 -49.34 -2.23 -54.40
CA GLU C 837 -50.74 -2.05 -54.04
C GLU C 837 -50.94 -1.01 -52.93
N TYR C 838 -49.97 -0.91 -52.04
CA TYR C 838 -50.10 0.03 -50.95
C TYR C 838 -49.27 1.27 -51.15
N TYR C 839 -48.38 1.24 -52.14
CA TYR C 839 -47.56 2.42 -52.44
C TYR C 839 -48.50 3.37 -53.14
N ASP C 840 -48.08 4.61 -53.37
CA ASP C 840 -48.93 5.57 -54.09
C ASP C 840 -49.16 5.00 -55.51
N LYS C 841 -50.33 5.19 -56.10
CA LYS C 841 -50.55 4.66 -57.45
C LYS C 841 -50.04 5.64 -58.50
N LEU C 842 -48.73 5.79 -58.55
CA LEU C 842 -48.02 6.67 -59.44
C LEU C 842 -47.22 5.76 -60.36
N GLU D 1 -89.92 -1.26 -56.45
CA GLU D 1 -88.64 -1.92 -56.10
C GLU D 1 -87.83 -2.02 -57.37
N PHE D 2 -86.64 -1.44 -57.35
CA PHE D 2 -85.81 -1.49 -58.52
C PHE D 2 -84.56 -2.30 -58.29
N LEU D 3 -84.62 -3.20 -57.32
CA LEU D 3 -83.45 -3.99 -56.99
C LEU D 3 -83.34 -5.34 -57.62
N GLY D 4 -84.13 -5.62 -58.65
CA GLY D 4 -84.08 -6.94 -59.28
C GLY D 4 -84.57 -7.94 -58.26
N ASP D 5 -84.46 -9.23 -58.51
CA ASP D 5 -84.92 -10.14 -57.48
C ASP D 5 -83.86 -11.10 -56.97
N GLY D 6 -84.08 -11.56 -55.74
CA GLY D 6 -83.17 -12.50 -55.13
C GLY D 6 -82.76 -12.26 -53.68
N GLY D 7 -83.71 -12.28 -52.76
CA GLY D 7 -83.33 -12.10 -51.37
C GLY D 7 -82.78 -10.76 -50.97
N ASP D 8 -83.14 -10.33 -49.77
CA ASP D 8 -82.76 -9.05 -49.23
C ASP D 8 -81.32 -8.58 -49.45
N VAL D 9 -81.20 -7.32 -49.84
CA VAL D 9 -79.89 -6.72 -50.11
C VAL D 9 -79.45 -5.87 -48.94
N SER D 10 -78.19 -5.98 -48.55
CA SER D 10 -77.67 -5.19 -47.44
C SER D 10 -76.20 -4.87 -47.62
N PHE D 11 -75.74 -3.81 -46.97
CA PHE D 11 -74.34 -3.42 -47.08
C PHE D 11 -73.47 -3.88 -45.94
N SER D 12 -72.34 -4.47 -46.27
CA SER D 12 -71.45 -4.99 -45.25
C SER D 12 -70.01 -4.67 -45.54
N THR D 13 -69.23 -4.53 -44.47
CA THR D 13 -67.83 -4.26 -44.60
C THR D 13 -67.23 -5.41 -45.42
N ARG D 14 -67.83 -6.58 -45.29
CA ARG D 14 -67.39 -7.79 -45.96
C ARG D 14 -67.85 -7.83 -47.43
N GLY D 15 -68.66 -6.86 -47.83
CA GLY D 15 -69.14 -6.82 -49.21
C GLY D 15 -70.65 -6.61 -49.24
N THR D 16 -71.26 -6.26 -50.38
CA THR D 16 -72.70 -6.07 -50.41
C THR D 16 -73.32 -7.44 -50.60
N GLN D 17 -74.30 -7.73 -49.75
CA GLN D 17 -74.96 -9.03 -49.75
C GLN D 17 -76.06 -9.25 -50.78
N ASN D 18 -76.07 -10.42 -51.38
CA ASN D 18 -77.08 -10.75 -52.37
C ASN D 18 -77.12 -9.71 -53.46
N TRP D 19 -76.05 -9.60 -54.24
CA TRP D 19 -76.01 -8.61 -55.28
C TRP D 19 -74.98 -9.01 -56.26
N THR D 20 -75.33 -9.89 -57.17
CA THR D 20 -74.40 -10.36 -58.18
C THR D 20 -74.45 -9.48 -59.39
N VAL D 21 -73.56 -9.71 -60.34
CA VAL D 21 -73.57 -8.91 -61.54
C VAL D 21 -74.84 -9.23 -62.28
N GLU D 22 -75.15 -10.52 -62.34
CA GLU D 22 -76.34 -10.95 -63.02
C GLU D 22 -77.52 -10.17 -62.47
N ARG D 23 -77.62 -10.03 -61.16
CA ARG D 23 -78.76 -9.30 -60.62
C ARG D 23 -78.75 -7.82 -60.98
N LEU D 24 -77.56 -7.25 -61.16
CA LEU D 24 -77.41 -5.83 -61.49
C LEU D 24 -77.92 -5.64 -62.89
N LEU D 25 -77.49 -6.49 -63.80
CA LEU D 25 -77.92 -6.35 -65.18
C LEU D 25 -79.44 -6.37 -65.24
N GLN D 26 -80.06 -7.26 -64.46
CA GLN D 26 -81.51 -7.34 -64.46
C GLN D 26 -82.10 -6.03 -63.95
N ALA D 27 -81.62 -5.57 -62.82
CA ALA D 27 -82.16 -4.37 -62.26
C ALA D 27 -81.97 -3.18 -63.21
N HIS D 28 -80.87 -3.18 -63.94
CA HIS D 28 -80.57 -2.11 -64.87
C HIS D 28 -81.65 -2.05 -65.94
N ARG D 29 -81.81 -3.16 -66.68
CA ARG D 29 -82.81 -3.28 -67.73
C ARG D 29 -84.13 -2.75 -67.22
N GLN D 30 -84.62 -3.37 -66.16
CA GLN D 30 -85.90 -2.97 -65.62
C GLN D 30 -86.02 -1.47 -65.36
N LEU D 31 -84.89 -0.77 -65.19
CA LEU D 31 -84.97 0.66 -64.90
C LEU D 31 -85.06 1.42 -66.21
N GLU D 32 -84.45 0.84 -67.22
CA GLU D 32 -84.47 1.47 -68.52
C GLU D 32 -85.83 1.23 -69.14
N GLU D 33 -86.40 0.07 -68.85
CA GLU D 33 -87.70 -0.24 -69.39
C GLU D 33 -88.77 0.65 -68.73
N ARG D 34 -88.43 1.23 -67.60
CA ARG D 34 -89.37 2.08 -66.93
C ARG D 34 -89.02 3.50 -67.31
N GLY D 35 -88.01 3.65 -68.16
CA GLY D 35 -87.63 4.99 -68.58
C GLY D 35 -86.64 5.74 -67.68
N TYR D 36 -85.74 5.01 -67.02
CA TYR D 36 -84.75 5.66 -66.19
C TYR D 36 -83.41 5.54 -66.91
N VAL D 37 -82.50 6.45 -66.61
CA VAL D 37 -81.21 6.43 -67.24
C VAL D 37 -80.18 6.58 -66.12
N PHE D 38 -79.05 5.91 -66.25
CA PHE D 38 -77.95 5.96 -65.30
C PHE D 38 -77.16 7.27 -65.53
N VAL D 39 -76.81 7.98 -64.45
CA VAL D 39 -76.08 9.24 -64.58
C VAL D 39 -74.77 9.23 -63.86
N GLY D 40 -74.54 8.21 -63.05
CA GLY D 40 -73.29 8.15 -62.34
C GLY D 40 -73.19 7.21 -61.18
N TYR D 41 -72.06 7.33 -60.49
CA TYR D 41 -71.71 6.53 -59.32
C TYR D 41 -71.60 7.49 -58.13
N HIS D 42 -71.97 7.01 -56.94
CA HIS D 42 -71.87 7.78 -55.70
C HIS D 42 -71.24 6.86 -54.66
N GLY D 43 -70.16 7.32 -54.01
CA GLY D 43 -69.47 6.52 -53.01
C GLY D 43 -69.75 7.05 -51.61
N THR D 44 -70.04 6.14 -50.68
CA THR D 44 -70.33 6.60 -49.35
C THR D 44 -70.14 5.50 -48.33
N PHE D 45 -70.49 5.80 -47.08
CA PHE D 45 -70.35 4.79 -46.04
C PHE D 45 -71.54 3.88 -45.82
N LEU D 46 -71.24 2.66 -45.39
CA LEU D 46 -72.23 1.62 -45.16
C LEU D 46 -73.60 2.15 -44.76
N GLU D 47 -73.67 2.72 -43.58
CA GLU D 47 -74.94 3.24 -43.12
C GLU D 47 -75.61 4.16 -44.16
N ALA D 48 -74.85 5.11 -44.70
CA ALA D 48 -75.38 6.03 -45.71
C ALA D 48 -75.94 5.26 -46.90
N ALA D 49 -75.15 4.36 -47.49
CA ALA D 49 -75.66 3.58 -48.61
C ALA D 49 -77.07 3.04 -48.27
N GLN D 50 -77.12 2.08 -47.36
CA GLN D 50 -78.39 1.50 -46.92
C GLN D 50 -79.48 2.59 -46.95
N SER D 51 -79.31 3.65 -46.18
CA SER D 51 -80.28 4.72 -46.16
C SER D 51 -80.74 5.12 -47.59
N ILE D 52 -79.78 5.48 -48.44
CA ILE D 52 -80.06 5.87 -49.81
C ILE D 52 -80.82 4.78 -50.59
N VAL D 53 -80.34 3.55 -50.58
CA VAL D 53 -81.03 2.51 -51.31
C VAL D 53 -82.37 2.08 -50.69
N PHE D 54 -82.63 2.45 -49.46
CA PHE D 54 -83.93 2.10 -48.93
C PHE D 54 -84.43 3.36 -48.27
N GLY D 55 -85.11 4.22 -49.02
CA GLY D 55 -85.57 5.46 -48.42
C GLY D 55 -85.18 6.55 -49.37
N GLY D 56 -84.21 6.24 -50.21
CA GLY D 56 -83.77 7.19 -51.19
C GLY D 56 -83.01 8.39 -50.75
N VAL D 57 -82.26 8.91 -51.71
CA VAL D 57 -81.45 10.09 -51.53
C VAL D 57 -82.36 11.17 -51.05
N ARG D 58 -81.93 11.99 -50.11
CA ARG D 58 -82.80 13.06 -49.62
C ARG D 58 -82.05 14.19 -48.93
N ALA D 59 -82.27 15.42 -49.36
CA ALA D 59 -81.56 16.51 -48.71
C ALA D 59 -82.08 16.52 -47.28
N ARG D 60 -81.40 17.19 -46.36
CA ARG D 60 -81.85 17.24 -44.97
C ARG D 60 -81.10 18.38 -44.27
N SER D 61 -81.79 19.49 -44.05
CA SER D 61 -81.14 20.62 -43.39
C SER D 61 -79.83 21.03 -44.08
N GLN D 62 -79.96 21.55 -45.28
CA GLN D 62 -78.78 22.00 -45.99
C GLN D 62 -78.63 23.47 -45.61
N ASP D 63 -77.44 24.01 -45.82
CA ASP D 63 -77.21 25.40 -45.52
C ASP D 63 -77.84 26.18 -46.67
N LEU D 64 -79.01 26.74 -46.45
CA LEU D 64 -79.69 27.49 -47.49
C LEU D 64 -78.90 28.65 -48.09
N ASP D 65 -77.72 28.96 -47.54
CA ASP D 65 -76.94 30.05 -48.09
C ASP D 65 -75.88 29.49 -49.03
N ALA D 66 -75.64 28.19 -48.92
CA ALA D 66 -74.67 27.48 -49.75
C ALA D 66 -75.20 27.25 -51.17
N ILE D 67 -74.56 27.89 -52.14
CA ILE D 67 -75.04 27.80 -53.49
C ILE D 67 -74.70 26.53 -54.26
N TRP D 68 -73.61 25.83 -53.93
CA TRP D 68 -73.37 24.61 -54.68
C TRP D 68 -73.93 23.39 -53.94
N ARG D 69 -74.93 23.57 -53.09
CA ARG D 69 -75.47 22.44 -52.36
C ARG D 69 -76.18 21.46 -53.31
N GLY D 70 -76.18 20.18 -52.98
CA GLY D 70 -76.82 19.21 -53.85
C GLY D 70 -76.21 17.83 -53.64
N PHE D 71 -76.48 16.88 -54.52
CA PHE D 71 -75.98 15.49 -54.41
C PHE D 71 -74.82 15.29 -55.37
N TYR D 72 -73.60 15.11 -54.87
CA TYR D 72 -72.48 14.94 -55.80
C TYR D 72 -72.30 13.52 -56.27
N ILE D 73 -72.05 13.33 -57.57
CA ILE D 73 -71.81 11.98 -58.10
C ILE D 73 -70.74 11.99 -59.22
N ALA D 74 -70.37 10.83 -59.74
CA ALA D 74 -69.36 10.83 -60.76
C ALA D 74 -69.53 9.71 -61.73
N GLY D 75 -69.26 9.99 -63.00
CA GLY D 75 -69.38 8.96 -64.00
C GLY D 75 -68.27 7.95 -63.83
N ASP D 76 -67.07 8.40 -63.43
CA ASP D 76 -66.00 7.44 -63.23
C ASP D 76 -66.08 6.79 -61.85
N PRO D 77 -66.36 5.49 -61.81
CA PRO D 77 -66.43 4.90 -60.47
C PRO D 77 -65.18 5.21 -59.67
N ALA D 78 -64.02 5.19 -60.31
CA ALA D 78 -62.77 5.49 -59.64
C ALA D 78 -62.89 6.76 -58.82
N LEU D 79 -63.49 7.80 -59.36
CA LEU D 79 -63.60 9.03 -58.57
C LEU D 79 -64.55 8.89 -57.39
N ALA D 80 -65.64 8.17 -57.58
CA ALA D 80 -66.62 8.02 -56.51
C ALA D 80 -66.01 7.11 -55.46
N TYR D 81 -65.29 6.12 -55.92
CA TYR D 81 -64.70 5.14 -55.04
C TYR D 81 -63.97 5.73 -53.85
N GLY D 82 -63.25 6.81 -54.08
CA GLY D 82 -62.48 7.41 -53.02
C GLY D 82 -63.28 7.89 -51.84
N TYR D 83 -64.59 7.91 -51.98
CA TYR D 83 -65.40 8.39 -50.88
C TYR D 83 -66.17 7.24 -50.27
N ALA D 84 -65.98 6.03 -50.76
CA ALA D 84 -66.73 4.92 -50.17
C ALA D 84 -66.03 4.39 -48.93
N GLN D 85 -66.01 5.18 -47.85
CA GLN D 85 -65.37 4.78 -46.62
C GLN D 85 -65.72 5.73 -45.50
N ASP D 86 -65.58 5.27 -44.26
CA ASP D 86 -65.89 6.10 -43.12
C ASP D 86 -64.89 7.24 -43.20
N GLN D 87 -65.30 8.41 -42.77
CA GLN D 87 -64.39 9.52 -42.79
C GLN D 87 -64.09 9.94 -41.41
N GLU D 88 -64.24 8.98 -40.55
CA GLU D 88 -63.99 9.18 -39.15
C GLU D 88 -63.85 7.82 -38.52
N PRO D 89 -62.85 7.63 -37.67
CA PRO D 89 -62.64 6.35 -36.99
C PRO D 89 -63.73 5.92 -36.03
N ASP D 90 -63.61 4.69 -35.54
CA ASP D 90 -64.55 4.16 -34.61
C ASP D 90 -63.84 4.23 -33.25
N ALA D 91 -64.53 3.86 -32.17
CA ALA D 91 -63.95 3.89 -30.83
C ALA D 91 -62.61 3.14 -30.79
N ARG D 92 -62.47 2.14 -31.65
CA ARG D 92 -61.23 1.38 -31.69
C ARG D 92 -60.32 1.65 -32.91
N GLY D 93 -60.10 2.95 -33.15
CA GLY D 93 -59.25 3.45 -34.21
C GLY D 93 -59.47 3.00 -35.63
N ARG D 94 -60.39 2.08 -35.87
CA ARG D 94 -60.59 1.63 -37.25
C ARG D 94 -61.50 2.50 -38.12
N ILE D 95 -61.23 2.41 -39.42
CA ILE D 95 -61.96 3.11 -40.46
C ILE D 95 -62.36 2.09 -41.52
N ARG D 96 -63.61 1.67 -41.57
CA ARG D 96 -63.97 0.67 -42.56
C ARG D 96 -64.40 1.19 -43.91
N ASN D 97 -64.33 0.31 -44.89
CA ASN D 97 -64.71 0.63 -46.25
C ASN D 97 -66.20 0.90 -46.33
N GLY D 98 -66.62 1.42 -47.47
CA GLY D 98 -68.00 1.75 -47.67
C GLY D 98 -68.50 1.02 -48.87
N ALA D 99 -69.35 1.70 -49.63
CA ALA D 99 -69.93 1.10 -50.82
C ALA D 99 -70.06 2.01 -52.00
N LEU D 100 -70.20 1.39 -53.16
CA LEU D 100 -70.40 2.12 -54.39
C LEU D 100 -71.85 2.05 -54.89
N LEU D 101 -72.52 3.18 -54.93
CA LEU D 101 -73.90 3.23 -55.39
C LEU D 101 -74.01 3.74 -56.83
N ARG D 102 -74.96 3.16 -57.59
CA ARG D 102 -75.23 3.54 -58.99
C ARG D 102 -76.45 4.44 -58.94
N VAL D 103 -76.34 5.63 -59.53
CA VAL D 103 -77.44 6.58 -59.54
C VAL D 103 -78.23 6.67 -60.84
N TYR D 104 -79.53 6.58 -60.72
CA TYR D 104 -80.43 6.68 -61.88
C TYR D 104 -81.44 7.82 -61.72
N VAL D 105 -81.78 8.47 -62.82
CA VAL D 105 -82.80 9.51 -62.77
C VAL D 105 -83.84 9.18 -63.83
N PRO D 106 -84.98 9.88 -63.79
CA PRO D 106 -86.03 9.65 -64.75
C PRO D 106 -85.49 10.36 -65.97
N ARG D 107 -85.49 9.63 -67.08
CA ARG D 107 -85.00 10.11 -68.34
C ARG D 107 -85.64 11.46 -68.67
N SER D 108 -86.84 11.67 -68.15
CA SER D 108 -87.55 12.90 -68.38
C SER D 108 -86.89 14.10 -67.77
N SER D 109 -85.71 13.95 -67.20
CA SER D 109 -85.06 15.12 -66.63
C SER D 109 -83.76 15.43 -67.35
N LEU D 110 -83.38 14.58 -68.30
CA LEU D 110 -82.15 14.82 -69.04
C LEU D 110 -82.00 16.27 -69.52
N PRO D 111 -83.09 16.93 -69.91
CA PRO D 111 -83.08 18.31 -70.37
C PRO D 111 -82.37 19.22 -69.41
N GLY D 112 -82.36 18.85 -68.12
CA GLY D 112 -81.70 19.71 -67.14
C GLY D 112 -80.25 19.38 -66.87
N PHE D 113 -79.72 18.38 -67.56
CA PHE D 113 -78.35 18.02 -67.36
C PHE D 113 -77.47 18.81 -68.30
N TYR D 114 -76.55 19.61 -67.74
CA TYR D 114 -75.61 20.39 -68.55
C TYR D 114 -74.19 20.04 -68.14
N ARG D 115 -73.22 20.63 -68.85
CA ARG D 115 -71.80 20.39 -68.57
C ARG D 115 -71.01 21.66 -68.83
N THR D 116 -69.76 21.68 -68.37
CA THR D 116 -68.86 22.83 -68.58
C THR D 116 -67.41 22.38 -68.40
N SER D 117 -66.46 23.23 -68.79
CA SER D 117 -65.04 22.90 -68.65
C SER D 117 -64.45 23.55 -67.42
N LEU D 118 -65.16 24.53 -66.89
CA LEU D 118 -64.69 25.24 -65.71
C LEU D 118 -64.78 24.34 -64.49
N THR D 119 -64.12 24.68 -63.41
CA THR D 119 -64.16 23.84 -62.23
C THR D 119 -65.22 24.30 -61.24
N LEU D 120 -66.15 23.39 -60.97
CA LEU D 120 -67.30 23.62 -60.09
C LEU D 120 -67.26 24.47 -58.80
N ALA D 121 -66.88 23.88 -57.66
CA ALA D 121 -66.86 24.58 -56.37
C ALA D 121 -66.56 26.09 -56.23
N ALA D 122 -65.90 26.73 -57.20
CA ALA D 122 -65.57 28.16 -57.08
C ALA D 122 -66.48 29.20 -57.83
N PRO D 123 -66.37 30.51 -57.46
CA PRO D 123 -67.16 31.60 -58.08
C PRO D 123 -67.00 31.83 -59.58
N GLU D 124 -65.76 31.76 -60.08
CA GLU D 124 -65.52 31.96 -61.51
C GLU D 124 -66.49 31.15 -62.37
N ALA D 125 -66.90 29.98 -61.86
CA ALA D 125 -67.82 29.09 -62.57
C ALA D 125 -69.29 29.38 -62.32
N ALA D 126 -69.60 29.81 -61.11
CA ALA D 126 -70.96 30.12 -60.72
C ALA D 126 -71.74 30.70 -61.88
N GLY D 127 -71.35 31.89 -62.34
CA GLY D 127 -72.06 32.54 -63.43
C GLY D 127 -72.29 31.72 -64.68
N GLU D 128 -71.25 31.02 -65.13
CA GLU D 128 -71.37 30.22 -66.33
C GLU D 128 -72.38 29.11 -66.11
N VAL D 129 -72.35 28.52 -64.93
CA VAL D 129 -73.27 27.45 -64.64
C VAL D 129 -74.65 28.06 -64.66
N GLU D 130 -74.82 29.19 -64.00
CA GLU D 130 -76.11 29.88 -63.95
C GLU D 130 -76.57 30.25 -65.36
N ARG D 131 -75.63 30.61 -66.23
CA ARG D 131 -76.01 30.91 -67.60
C ARG D 131 -76.64 29.65 -68.19
N LEU D 132 -75.99 28.51 -68.00
CA LEU D 132 -76.45 27.26 -68.52
C LEU D 132 -77.74 26.72 -67.90
N ILE D 133 -77.83 26.75 -66.59
CA ILE D 133 -79.01 26.22 -65.90
C ILE D 133 -80.24 27.08 -66.17
N GLY D 134 -80.01 28.37 -66.39
CA GLY D 134 -81.12 29.25 -66.68
C GLY D 134 -81.70 29.99 -65.50
N HIS D 135 -80.95 30.07 -64.41
CA HIS D 135 -81.43 30.74 -63.21
C HIS D 135 -80.28 30.81 -62.21
N PRO D 136 -80.42 31.61 -61.14
CA PRO D 136 -79.31 31.66 -60.19
C PRO D 136 -79.15 30.38 -59.41
N LEU D 137 -77.92 30.08 -58.96
CA LEU D 137 -77.72 28.89 -58.16
C LEU D 137 -78.64 29.04 -56.94
N PRO D 138 -78.85 27.96 -56.18
CA PRO D 138 -78.29 26.61 -56.35
C PRO D 138 -78.98 25.93 -57.50
N LEU D 139 -78.53 24.73 -57.84
CA LEU D 139 -79.15 23.97 -58.90
C LEU D 139 -80.44 23.49 -58.27
N ARG D 140 -81.46 23.20 -59.08
CA ARG D 140 -82.74 22.70 -58.56
C ARG D 140 -83.14 21.43 -59.31
N LEU D 141 -83.88 21.58 -60.41
CA LEU D 141 -84.29 20.42 -61.18
C LEU D 141 -83.42 20.39 -62.40
N ASP D 142 -82.12 20.34 -62.15
CA ASP D 142 -81.11 20.35 -63.19
C ASP D 142 -79.78 19.98 -62.53
N ALA D 143 -78.80 19.66 -63.34
CA ALA D 143 -77.53 19.25 -62.81
C ALA D 143 -76.46 19.76 -63.74
N ILE D 144 -75.23 19.79 -63.22
CA ILE D 144 -74.09 20.22 -63.99
C ILE D 144 -72.96 19.26 -63.77
N THR D 145 -72.11 19.11 -64.77
CA THR D 145 -70.95 18.23 -64.72
C THR D 145 -69.76 19.02 -65.21
N GLY D 146 -68.64 18.89 -64.49
CA GLY D 146 -67.40 19.56 -64.86
C GLY D 146 -66.23 19.07 -64.02
N PRO D 147 -65.00 19.37 -64.40
CA PRO D 147 -63.79 18.95 -63.68
C PRO D 147 -63.86 19.17 -62.17
N GLU D 148 -63.56 18.14 -61.38
CA GLU D 148 -63.58 18.25 -59.91
C GLU D 148 -62.66 19.39 -59.51
N GLU D 149 -61.63 19.61 -60.34
CA GLU D 149 -60.63 20.67 -60.20
C GLU D 149 -59.73 20.60 -61.42
N GLU D 150 -58.96 21.65 -61.66
CA GLU D 150 -58.07 21.71 -62.81
C GLU D 150 -57.42 20.38 -63.18
N GLY D 151 -57.76 19.87 -64.37
CA GLY D 151 -57.19 18.62 -64.83
C GLY D 151 -57.74 17.38 -64.14
N GLY D 152 -58.53 17.58 -63.09
CA GLY D 152 -59.10 16.44 -62.37
C GLY D 152 -60.19 15.72 -63.16
N ARG D 153 -60.72 14.64 -62.60
CA ARG D 153 -61.77 13.88 -63.26
C ARG D 153 -63.04 14.70 -63.09
N LEU D 154 -64.10 14.31 -63.79
CA LEU D 154 -65.35 15.06 -63.75
C LEU D 154 -66.33 14.62 -62.69
N GLU D 155 -67.01 15.58 -62.09
CA GLU D 155 -68.01 15.27 -61.08
C GLU D 155 -69.33 15.93 -61.42
N THR D 156 -70.41 15.21 -61.23
CA THR D 156 -71.73 15.71 -61.52
C THR D 156 -72.42 16.16 -60.25
N ILE D 157 -73.04 17.33 -60.29
CA ILE D 157 -73.72 17.82 -59.11
C ILE D 157 -75.20 17.89 -59.35
N LEU D 158 -75.95 16.90 -58.89
CA LEU D 158 -77.39 16.93 -59.08
C LEU D 158 -78.00 17.85 -58.00
N GLY D 159 -78.91 18.76 -58.40
CA GLY D 159 -79.55 19.65 -57.45
C GLY D 159 -80.51 18.86 -56.56
N TRP D 160 -80.68 19.29 -55.32
CA TRP D 160 -81.52 18.52 -54.43
C TRP D 160 -82.86 18.13 -54.99
N PRO D 161 -83.62 19.07 -55.53
CA PRO D 161 -84.90 18.61 -56.05
C PRO D 161 -84.68 17.41 -56.98
N LEU D 162 -83.78 17.57 -57.96
CA LEU D 162 -83.54 16.48 -58.91
C LEU D 162 -83.09 15.22 -58.20
N ALA D 163 -82.18 15.39 -57.26
CA ALA D 163 -81.59 14.29 -56.47
C ALA D 163 -82.60 13.35 -55.82
N GLU D 164 -83.63 13.96 -55.24
CA GLU D 164 -84.68 13.21 -54.58
C GLU D 164 -85.45 12.42 -55.61
N ARG D 165 -85.38 12.82 -56.86
CA ARG D 165 -86.13 12.07 -57.82
C ARG D 165 -85.28 10.98 -58.35
N THR D 166 -84.11 10.79 -57.77
CA THR D 166 -83.26 9.70 -58.27
C THR D 166 -83.75 8.36 -57.79
N VAL D 167 -83.12 7.32 -58.31
CA VAL D 167 -83.36 5.95 -57.91
C VAL D 167 -81.95 5.38 -57.89
N VAL D 168 -81.51 4.93 -56.71
CA VAL D 168 -80.16 4.40 -56.56
C VAL D 168 -80.12 2.92 -56.20
N ILE D 169 -79.12 2.23 -56.75
CA ILE D 169 -78.91 0.81 -56.48
C ILE D 169 -77.42 0.46 -56.31
N PRO D 170 -77.14 -0.73 -55.77
CA PRO D 170 -75.77 -1.19 -55.54
C PRO D 170 -74.97 -1.39 -56.80
N SER D 171 -73.64 -1.32 -56.65
CA SER D 171 -72.74 -1.53 -57.76
C SER D 171 -72.19 -2.93 -57.61
N ALA D 172 -71.67 -3.47 -58.69
CA ALA D 172 -71.11 -4.78 -58.59
C ALA D 172 -69.66 -4.57 -58.29
N ILE D 173 -69.25 -3.31 -58.29
CA ILE D 173 -67.87 -2.94 -58.02
C ILE D 173 -67.68 -2.91 -56.53
N PRO D 174 -66.83 -3.81 -55.99
CA PRO D 174 -66.60 -3.85 -54.54
C PRO D 174 -65.51 -2.91 -54.01
N THR D 175 -65.66 -2.50 -52.76
CA THR D 175 -64.66 -1.66 -52.13
C THR D 175 -63.79 -2.68 -51.41
N ASP D 176 -62.55 -2.33 -51.10
CA ASP D 176 -61.66 -3.28 -50.42
C ASP D 176 -61.61 -3.08 -48.92
N PRO D 177 -61.89 -4.14 -48.15
CA PRO D 177 -61.86 -4.03 -46.68
C PRO D 177 -60.41 -4.02 -46.14
N ARG D 178 -59.56 -4.82 -46.80
CA ARG D 178 -58.17 -4.94 -46.41
C ARG D 178 -57.27 -3.89 -47.09
N ASN D 179 -57.88 -2.86 -47.69
CA ASN D 179 -57.11 -1.83 -48.36
C ASN D 179 -57.83 -0.50 -48.43
N VAL D 180 -58.49 -0.15 -47.35
CA VAL D 180 -59.20 1.11 -47.30
C VAL D 180 -58.23 2.21 -47.66
N GLY D 181 -58.63 3.10 -48.54
CA GLY D 181 -57.74 4.19 -48.90
C GLY D 181 -57.05 3.96 -50.22
N GLY D 182 -57.03 2.73 -50.69
CA GLY D 182 -56.32 2.49 -51.94
C GLY D 182 -57.15 2.96 -53.11
N ASP D 183 -56.55 3.23 -54.26
CA ASP D 183 -57.31 3.68 -55.41
C ASP D 183 -57.93 2.49 -56.12
N LEU D 184 -59.13 2.66 -56.67
CA LEU D 184 -59.84 1.59 -57.37
C LEU D 184 -59.06 0.95 -58.52
N ASP D 185 -58.92 -0.37 -58.41
CA ASP D 185 -58.22 -1.16 -59.40
C ASP D 185 -59.12 -1.42 -60.58
N PRO D 186 -58.89 -0.74 -61.70
CA PRO D 186 -59.76 -0.94 -62.86
C PRO D 186 -60.05 -2.38 -63.18
N SER D 187 -59.17 -3.30 -62.83
CA SER D 187 -59.49 -4.69 -63.16
C SER D 187 -60.59 -5.27 -62.25
N SER D 188 -61.01 -4.54 -61.23
CA SER D 188 -62.06 -5.11 -60.40
C SER D 188 -63.46 -4.67 -60.80
N ILE D 189 -63.55 -3.85 -61.86
CA ILE D 189 -64.87 -3.45 -62.35
C ILE D 189 -65.34 -4.59 -63.26
N PRO D 190 -66.50 -5.18 -62.94
CA PRO D 190 -66.97 -6.27 -63.80
C PRO D 190 -67.22 -5.77 -65.22
N ASP D 191 -66.64 -6.42 -66.23
CA ASP D 191 -66.83 -6.02 -67.63
C ASP D 191 -68.31 -5.75 -67.88
N LYS D 192 -69.14 -6.74 -67.59
CA LYS D 192 -70.57 -6.60 -67.75
C LYS D 192 -71.08 -5.30 -67.13
N GLU D 193 -70.51 -4.85 -66.02
CA GLU D 193 -70.99 -3.60 -65.48
C GLU D 193 -70.48 -2.43 -66.31
N GLN D 194 -69.31 -2.61 -66.89
CA GLN D 194 -68.75 -1.54 -67.69
C GLN D 194 -69.67 -1.33 -68.89
N ALA D 195 -70.25 -2.42 -69.37
CA ALA D 195 -71.11 -2.39 -70.53
C ALA D 195 -72.40 -1.61 -70.29
N ILE D 196 -72.80 -1.45 -69.05
CA ILE D 196 -74.04 -0.73 -68.82
C ILE D 196 -73.79 0.60 -68.14
N SER D 197 -72.58 1.14 -68.25
CA SER D 197 -72.35 2.39 -67.57
C SER D 197 -71.98 3.60 -68.40
N ALA D 198 -72.34 3.57 -69.67
CA ALA D 198 -72.08 4.72 -70.51
C ALA D 198 -72.89 5.85 -69.93
N LEU D 199 -72.46 7.06 -70.16
CA LEU D 199 -73.21 8.20 -69.65
C LEU D 199 -73.99 8.91 -70.73
N PRO D 200 -75.00 9.71 -70.35
CA PRO D 200 -75.80 10.44 -71.33
C PRO D 200 -74.92 11.55 -71.87
N ASP D 201 -75.24 12.05 -73.05
CA ASP D 201 -74.45 13.14 -73.62
C ASP D 201 -75.11 14.40 -73.09
N TYR D 202 -74.36 15.24 -72.39
CA TYR D 202 -74.99 16.43 -71.82
C TYR D 202 -74.96 17.64 -72.73
N ALA D 203 -75.83 18.60 -72.41
CA ALA D 203 -75.94 19.83 -73.17
C ALA D 203 -74.83 20.75 -72.75
N SER D 204 -74.23 21.44 -73.72
CA SER D 204 -73.15 22.33 -73.38
C SER D 204 -73.55 23.74 -73.71
N GLN D 205 -74.81 23.93 -74.07
CA GLN D 205 -75.29 25.26 -74.39
C GLN D 205 -76.66 25.40 -73.74
N PRO D 206 -76.93 26.54 -73.13
CA PRO D 206 -78.18 26.88 -72.43
C PRO D 206 -79.43 26.31 -73.06
N GLY D 207 -80.40 25.99 -72.20
CA GLY D 207 -81.66 25.43 -72.63
C GLY D 207 -82.32 26.16 -73.80
N VAL E 2 42.89 10.91 54.70
CA VAL E 2 42.41 11.72 55.86
C VAL E 2 42.84 13.18 55.72
N ALA E 3 42.03 14.10 56.24
CA ALA E 3 42.33 15.52 56.18
C ALA E 3 43.31 15.97 57.25
N PHE E 4 44.43 16.54 56.82
CA PHE E 4 45.44 17.01 57.75
C PHE E 4 45.63 18.51 57.62
N THR E 5 46.06 19.13 58.72
CA THR E 5 46.31 20.56 58.75
C THR E 5 47.76 20.78 58.31
N VAL E 6 48.08 21.96 57.80
CA VAL E 6 49.45 22.25 57.37
C VAL E 6 50.44 21.84 58.46
N ASP E 7 50.06 22.03 59.72
CA ASP E 7 50.91 21.67 60.87
C ASP E 7 51.15 20.17 60.92
N GLN E 8 50.07 19.39 60.96
CA GLN E 8 50.15 17.94 61.01
C GLN E 8 51.12 17.45 59.95
N MET E 9 50.87 17.85 58.70
CA MET E 9 51.75 17.49 57.61
C MET E 9 53.16 17.95 57.98
N ARG E 10 53.30 19.24 58.21
CA ARG E 10 54.57 19.85 58.59
C ARG E 10 55.30 19.04 59.67
N SER E 11 54.60 18.70 60.75
CA SER E 11 55.18 17.92 61.84
C SER E 11 55.59 16.54 61.32
N LEU E 12 54.75 16.02 60.44
CA LEU E 12 54.98 14.73 59.82
C LEU E 12 56.29 14.74 59.02
N MET E 13 56.47 15.77 58.21
CA MET E 13 57.66 15.92 57.36
C MET E 13 58.99 16.11 58.09
N ASP E 14 58.92 16.33 59.39
CA ASP E 14 60.13 16.51 60.20
C ASP E 14 60.68 15.12 60.50
N LYS E 15 59.77 14.18 60.71
CA LYS E 15 60.15 12.81 60.99
C LYS E 15 60.47 12.15 59.67
N VAL E 16 61.64 12.47 59.12
CA VAL E 16 62.09 11.94 57.84
C VAL E 16 62.30 10.42 57.85
N THR E 17 62.72 9.88 58.98
CA THR E 17 62.94 8.45 59.09
C THR E 17 61.61 7.70 58.94
N ASN E 18 60.48 8.43 58.98
CA ASN E 18 59.14 7.86 58.84
C ASN E 18 58.46 8.31 57.54
N VAL E 19 59.27 8.57 56.52
CA VAL E 19 58.77 9.02 55.22
C VAL E 19 59.15 8.03 54.14
N ARG E 20 58.28 7.89 53.16
CA ARG E 20 58.53 6.97 52.06
C ARG E 20 58.28 7.62 50.70
N ASN E 21 59.37 7.99 50.02
CA ASN E 21 59.26 8.59 48.69
C ASN E 21 59.45 7.46 47.68
N MET E 22 58.46 7.26 46.81
CA MET E 22 58.54 6.20 45.81
C MET E 22 57.64 6.43 44.59
N SER E 23 57.68 5.49 43.66
CA SER E 23 56.88 5.53 42.43
C SER E 23 56.37 4.11 42.12
N VAL E 24 55.52 3.97 41.11
CA VAL E 24 54.99 2.66 40.76
C VAL E 24 55.45 2.16 39.38
N ILE E 25 56.27 1.10 39.40
CA ILE E 25 56.82 0.48 38.18
C ILE E 25 55.86 -0.59 37.67
N ALA E 26 55.09 -0.30 36.62
CA ALA E 26 54.16 -1.29 36.09
C ALA E 26 53.54 -0.95 34.75
N HIS E 27 53.38 -1.96 33.90
CA HIS E 27 52.77 -1.75 32.60
C HIS E 27 51.35 -1.25 32.87
N VAL E 28 50.88 -0.33 32.05
CA VAL E 28 49.54 0.24 32.21
C VAL E 28 48.40 -0.79 32.19
N ASP E 29 48.57 -1.86 31.42
CA ASP E 29 47.54 -2.91 31.33
C ASP E 29 47.75 -4.03 32.34
N HIS E 30 48.42 -3.72 33.44
CA HIS E 30 48.69 -4.66 34.53
C HIS E 30 48.14 -4.07 35.84
N GLY E 31 47.09 -3.26 35.73
CA GLY E 31 46.49 -2.64 36.89
C GLY E 31 47.41 -1.63 37.56
N LYS E 32 48.16 -0.87 36.77
CA LYS E 32 49.05 0.13 37.34
C LYS E 32 48.23 1.22 38.03
N SER E 33 47.23 1.74 37.30
CA SER E 33 46.35 2.78 37.80
C SER E 33 45.39 2.25 38.87
N THR E 34 44.79 1.09 38.59
CA THR E 34 43.87 0.48 39.52
C THR E 34 44.51 0.30 40.90
N LEU E 35 45.70 -0.30 40.95
CA LEU E 35 46.40 -0.50 42.22
C LEU E 35 46.70 0.81 42.94
N THR E 36 47.11 1.83 42.18
CA THR E 36 47.44 3.14 42.73
C THR E 36 46.21 3.78 43.37
N ASP E 37 45.10 3.79 42.63
CA ASP E 37 43.85 4.38 43.14
C ASP E 37 43.43 3.74 44.45
N SER E 38 43.77 2.45 44.61
CA SER E 38 43.43 1.72 45.83
C SER E 38 44.20 2.24 47.04
N LEU E 39 45.42 2.73 46.82
CA LEU E 39 46.21 3.28 47.92
C LEU E 39 45.79 4.72 48.19
N VAL E 40 45.15 5.34 47.20
CA VAL E 40 44.68 6.71 47.33
C VAL E 40 43.34 6.70 48.07
N GLN E 41 42.45 5.81 47.64
CA GLN E 41 41.12 5.67 48.24
C GLN E 41 41.24 5.01 49.60
N ARG E 42 42.47 4.90 50.08
CA ARG E 42 42.77 4.26 51.36
C ARG E 42 43.58 5.12 52.34
N ALA E 43 44.76 5.56 51.91
CA ALA E 43 45.64 6.37 52.74
C ALA E 43 45.90 7.74 52.14
N GLY E 44 45.02 8.18 51.26
CA GLY E 44 45.18 9.49 50.62
C GLY E 44 45.03 10.63 51.62
N ILE E 45 45.89 11.65 51.52
CA ILE E 45 45.83 12.77 52.45
C ILE E 45 45.22 14.02 51.84
N ILE E 46 44.19 14.55 52.52
CA ILE E 46 43.47 15.76 52.10
C ILE E 46 43.63 16.85 53.11
N SER E 47 42.95 17.96 52.85
CA SER E 47 43.07 19.15 53.69
C SER E 47 41.82 19.48 54.46
N ALA E 48 41.99 19.90 55.71
CA ALA E 48 40.87 20.26 56.56
C ALA E 48 40.55 21.74 56.41
N GLY E 67 42.40 28.45 45.47
CA GLY E 67 41.82 28.29 44.15
C GLY E 67 42.83 27.91 43.08
N ILE E 68 44.03 27.49 43.51
CA ILE E 68 45.09 27.11 42.58
C ILE E 68 45.15 25.58 42.41
N THR E 69 44.78 25.10 41.21
CA THR E 69 44.81 23.66 40.90
C THR E 69 46.00 23.33 40.00
N ILE E 70 46.70 22.24 40.28
CA ILE E 70 47.87 21.87 39.48
C ILE E 70 47.71 20.53 38.78
N LYS E 71 48.69 20.22 37.94
CA LYS E 71 48.70 18.96 37.22
C LYS E 71 49.25 17.89 38.18
N SER E 72 48.39 16.97 38.60
CA SER E 72 48.77 15.90 39.51
C SER E 72 50.10 15.24 39.16
N THR E 73 51.07 15.37 40.07
CA THR E 73 52.40 14.80 39.90
C THR E 73 52.72 13.77 41.01
N ALA E 74 52.32 14.08 42.23
CA ALA E 74 52.56 13.21 43.38
C ALA E 74 51.36 13.22 44.32
N ILE E 75 51.23 12.16 45.12
CA ILE E 75 50.13 12.03 46.06
C ILE E 75 50.65 11.70 47.45
N SER E 76 50.10 12.35 48.47
CA SER E 76 50.52 12.12 49.85
C SER E 76 49.67 11.02 50.52
N LEU E 77 50.35 9.97 51.00
CA LEU E 77 49.68 8.84 51.67
C LEU E 77 50.07 8.67 53.13
N TYR E 78 49.06 8.53 53.99
CA TYR E 78 49.31 8.36 55.42
C TYR E 78 49.12 6.91 55.86
N SER E 79 50.02 6.43 56.72
CA SER E 79 49.94 5.08 57.25
C SER E 79 50.56 5.01 58.64
N GLU E 80 49.92 4.25 59.53
CA GLU E 80 50.40 4.08 60.90
C GLU E 80 50.61 2.60 61.24
N MET E 81 51.56 2.35 62.13
CA MET E 81 51.91 1.00 62.58
C MET E 81 51.96 1.01 64.12
N SER E 82 52.51 -0.06 64.70
CA SER E 82 52.61 -0.15 66.17
C SER E 82 54.09 -0.20 66.61
N ASP E 83 54.34 0.15 67.87
CA ASP E 83 55.70 0.18 68.44
C ASP E 83 56.49 -1.14 68.31
N GLU E 84 55.78 -2.22 68.03
CA GLU E 84 56.39 -3.53 67.86
C GLU E 84 56.76 -3.67 66.38
N ASP E 85 55.93 -3.07 65.52
CA ASP E 85 56.14 -3.09 64.07
C ASP E 85 57.24 -2.12 63.69
N VAL E 86 57.29 -1.01 64.42
CA VAL E 86 58.30 0.01 64.20
C VAL E 86 59.65 -0.58 64.63
N LYS E 87 59.61 -1.68 65.37
CA LYS E 87 60.84 -2.32 65.82
C LYS E 87 61.36 -3.30 64.78
N GLU E 88 60.44 -3.83 63.96
CA GLU E 88 60.79 -4.80 62.90
C GLU E 88 61.57 -4.24 61.70
N ILE E 89 61.36 -2.96 61.38
CA ILE E 89 62.08 -2.34 60.27
C ILE E 89 63.56 -2.19 60.66
N LYS E 90 64.43 -2.92 59.97
CA LYS E 90 65.86 -2.88 60.26
C LYS E 90 66.40 -1.47 59.99
N GLN E 91 65.50 -0.51 59.83
CA GLN E 91 65.84 0.88 59.55
C GLN E 91 65.44 1.84 60.67
N LYS E 92 66.32 2.79 60.97
CA LYS E 92 66.07 3.78 62.02
C LYS E 92 64.79 4.57 61.80
N THR E 93 63.85 4.42 62.72
CA THR E 93 62.58 5.13 62.64
C THR E 93 62.27 5.89 63.94
N ASP E 94 61.12 6.55 63.95
CA ASP E 94 60.67 7.33 65.10
C ASP E 94 59.18 7.67 64.99
N GLY E 95 58.38 6.93 65.73
CA GLY E 95 56.94 7.16 65.70
C GLY E 95 56.23 5.99 65.05
N ASN E 96 54.93 6.16 64.85
CA ASN E 96 54.11 5.13 64.24
C ASN E 96 53.41 5.60 62.98
N SER E 97 53.41 6.92 62.78
CA SER E 97 52.79 7.54 61.60
C SER E 97 53.83 7.54 60.46
N PHE E 98 53.38 7.36 59.23
CA PHE E 98 54.27 7.34 58.07
C PHE E 98 53.75 8.10 56.86
N LEU E 99 54.58 9.00 56.32
CA LEU E 99 54.21 9.80 55.16
C LEU E 99 54.74 9.17 53.87
N ILE E 100 53.81 8.80 52.98
CA ILE E 100 54.15 8.17 51.72
C ILE E 100 53.91 9.09 50.52
N ASN E 101 55.00 9.50 49.87
CA ASN E 101 54.91 10.36 48.70
C ASN E 101 54.80 9.48 47.45
N LEU E 102 53.62 9.46 46.83
CA LEU E 102 53.43 8.67 45.63
C LEU E 102 53.70 9.52 44.39
N ILE E 103 54.93 9.47 43.89
CA ILE E 103 55.32 10.25 42.71
C ILE E 103 54.93 9.56 41.41
N ASP E 104 53.96 10.17 40.74
CA ASP E 104 53.42 9.71 39.46
C ASP E 104 54.50 9.24 38.48
N SER E 105 54.10 8.32 37.59
CA SER E 105 54.97 7.76 36.54
C SER E 105 54.18 7.69 35.21
N PRO E 106 54.91 7.78 34.07
CA PRO E 106 54.29 7.75 32.74
C PRO E 106 53.55 6.45 32.42
N GLY E 107 52.99 6.38 31.22
CA GLY E 107 52.28 5.20 30.76
C GLY E 107 53.16 4.41 29.81
N HIS E 108 53.71 5.11 28.81
CA HIS E 108 54.61 4.52 27.82
C HIS E 108 56.06 4.70 28.30
N VAL E 109 56.93 3.75 27.98
CA VAL E 109 58.33 3.82 28.38
C VAL E 109 59.11 4.73 27.42
N ASP E 110 58.45 5.15 26.35
CA ASP E 110 59.07 6.01 25.36
C ASP E 110 59.37 7.37 25.98
N PHE E 111 58.81 7.60 27.17
CA PHE E 111 59.01 8.85 27.91
C PHE E 111 60.35 8.88 28.63
N SER E 112 61.22 7.94 28.27
CA SER E 112 62.57 7.78 28.81
C SER E 112 63.00 8.85 29.81
N SER E 113 63.30 10.04 29.29
CA SER E 113 63.76 11.16 30.10
C SER E 113 63.03 11.37 31.43
N GLU E 114 61.74 11.74 31.35
CA GLU E 114 60.95 11.99 32.57
C GLU E 114 60.76 10.73 33.42
N VAL E 115 60.99 9.56 32.82
CA VAL E 115 60.88 8.32 33.56
C VAL E 115 62.03 8.34 34.55
N THR E 116 63.24 8.56 34.04
CA THR E 116 64.42 8.62 34.90
C THR E 116 64.29 9.81 35.84
N ALA E 117 63.41 10.73 35.48
CA ALA E 117 63.17 11.91 36.29
C ALA E 117 62.55 11.46 37.60
N ALA E 118 61.34 10.92 37.50
CA ALA E 118 60.59 10.43 38.65
C ALA E 118 61.41 9.44 39.49
N LEU E 119 62.34 8.74 38.83
CA LEU E 119 63.19 7.75 39.51
C LEU E 119 64.30 8.38 40.33
N ARG E 120 64.93 9.42 39.78
CA ARG E 120 66.04 10.05 40.47
C ARG E 120 65.64 10.70 41.80
N VAL E 121 64.37 11.03 41.95
CA VAL E 121 63.90 11.67 43.17
C VAL E 121 63.37 10.70 44.23
N THR E 122 63.09 9.47 43.82
CA THR E 122 62.55 8.48 44.76
C THR E 122 63.60 7.55 45.38
N ASP E 123 63.15 6.78 46.37
CA ASP E 123 63.97 5.83 47.09
C ASP E 123 63.45 4.42 46.83
N GLY E 124 62.13 4.31 46.74
CA GLY E 124 61.51 3.03 46.50
C GLY E 124 60.75 2.96 45.19
N ALA E 125 60.27 1.76 44.87
CA ALA E 125 59.49 1.49 43.67
C ALA E 125 58.65 0.24 43.86
N LEU E 126 57.36 0.32 43.51
CA LEU E 126 56.43 -0.81 43.64
C LEU E 126 56.25 -1.49 42.28
N VAL E 127 57.02 -2.55 42.04
CA VAL E 127 56.96 -3.27 40.76
C VAL E 127 55.75 -4.18 40.66
N VAL E 128 54.76 -3.76 39.86
CA VAL E 128 53.52 -4.50 39.64
C VAL E 128 53.62 -5.47 38.45
N VAL E 129 53.96 -6.73 38.74
CA VAL E 129 54.11 -7.76 37.73
C VAL E 129 52.79 -8.51 37.58
N ASP E 130 52.63 -9.24 36.49
CA ASP E 130 51.41 -9.99 36.23
C ASP E 130 51.50 -11.47 36.60
N THR E 131 50.37 -12.09 36.93
CA THR E 131 50.33 -13.51 37.29
C THR E 131 50.57 -14.41 36.09
N ILE E 132 49.78 -14.22 35.04
CA ILE E 132 49.89 -15.01 33.82
C ILE E 132 51.13 -14.70 32.98
N GLU E 133 51.27 -13.44 32.55
CA GLU E 133 52.40 -13.04 31.73
C GLU E 133 53.72 -12.86 32.48
N GLY E 134 53.64 -12.65 33.80
CA GLY E 134 54.85 -12.46 34.59
C GLY E 134 55.48 -11.09 34.35
N VAL E 135 56.81 -11.04 34.37
CA VAL E 135 57.53 -9.79 34.15
C VAL E 135 57.66 -9.55 32.65
N CYS E 136 56.94 -8.55 32.16
CA CYS E 136 57.00 -8.19 30.75
C CYS E 136 58.30 -7.45 30.48
N VAL E 137 58.65 -7.30 29.21
CA VAL E 137 59.89 -6.61 28.83
C VAL E 137 59.97 -5.19 29.37
N GLN E 138 58.87 -4.46 29.23
CA GLN E 138 58.76 -3.08 29.67
C GLN E 138 59.04 -2.86 31.17
N THR E 139 58.26 -3.51 32.03
CA THR E 139 58.44 -3.38 33.47
C THR E 139 59.85 -3.82 33.88
N GLU E 140 60.42 -4.73 33.09
CA GLU E 140 61.77 -5.26 33.37
C GLU E 140 62.83 -4.22 33.04
N THR E 141 62.58 -3.46 31.98
CA THR E 141 63.47 -2.41 31.54
C THR E 141 63.48 -1.33 32.62
N VAL E 142 62.31 -0.77 32.88
CA VAL E 142 62.16 0.26 33.90
C VAL E 142 62.90 -0.15 35.16
N LEU E 143 62.87 -1.44 35.47
CA LEU E 143 63.54 -1.96 36.67
C LEU E 143 65.06 -1.80 36.56
N ARG E 144 65.66 -2.18 35.44
CA ARG E 144 67.10 -2.02 35.28
C ARG E 144 67.44 -0.59 35.66
N GLN E 145 66.52 0.30 35.30
CA GLN E 145 66.66 1.72 35.59
C GLN E 145 66.66 2.01 37.08
N ALA E 146 65.56 1.67 37.74
CA ALA E 146 65.44 1.87 39.18
C ALA E 146 66.72 1.34 39.83
N LEU E 147 67.23 0.24 39.29
CA LEU E 147 68.44 -0.39 39.79
C LEU E 147 69.67 0.51 39.58
N GLY E 148 69.73 1.17 38.42
CA GLY E 148 70.84 2.06 38.18
C GLY E 148 70.78 3.20 39.18
N GLU E 149 69.56 3.59 39.54
CA GLU E 149 69.31 4.68 40.49
C GLU E 149 69.41 4.29 41.97
N ARG E 150 69.62 3.01 42.27
CA ARG E 150 69.72 2.55 43.67
C ARG E 150 68.37 2.61 44.42
N ILE E 151 67.30 2.20 43.74
CA ILE E 151 65.94 2.19 44.29
C ILE E 151 65.51 0.79 44.74
N LYS E 152 65.19 0.61 46.02
CA LYS E 152 64.76 -0.69 46.54
C LYS E 152 63.47 -1.14 45.84
N PRO E 153 63.44 -2.38 45.31
CA PRO E 153 62.21 -2.82 44.63
C PRO E 153 61.31 -3.60 45.57
N VAL E 154 60.01 -3.50 45.32
CA VAL E 154 59.00 -4.21 46.11
C VAL E 154 58.05 -4.82 45.09
N VAL E 155 57.90 -6.15 45.13
CA VAL E 155 57.04 -6.85 44.18
C VAL E 155 55.57 -7.07 44.57
N VAL E 156 54.70 -6.99 43.57
CA VAL E 156 53.25 -7.18 43.71
C VAL E 156 52.72 -7.91 42.48
N ILE E 157 52.43 -9.20 42.65
CA ILE E 157 51.89 -9.99 41.55
C ILE E 157 50.37 -9.74 41.54
N ASN E 158 49.96 -8.95 40.57
CA ASN E 158 48.56 -8.52 40.37
C ASN E 158 47.81 -9.38 39.35
N LYS E 159 46.48 -9.26 39.35
CA LYS E 159 45.61 -9.99 38.44
C LYS E 159 45.62 -11.51 38.67
N VAL E 160 45.54 -11.93 39.93
CA VAL E 160 45.52 -13.35 40.28
C VAL E 160 44.16 -13.95 39.93
N ASP E 161 43.13 -13.10 39.86
CA ASP E 161 41.77 -13.52 39.53
C ASP E 161 41.74 -14.11 38.12
N ARG E 162 42.53 -13.50 37.23
CA ARG E 162 42.60 -13.93 35.85
C ARG E 162 43.13 -15.37 35.74
N ALA E 163 43.91 -15.79 36.74
CA ALA E 163 44.47 -17.14 36.76
C ALA E 163 43.42 -18.17 37.17
N LEU E 164 42.50 -17.75 38.03
CA LEU E 164 41.43 -18.62 38.53
C LEU E 164 40.25 -18.69 37.57
N LEU E 165 39.51 -17.59 37.44
CA LEU E 165 38.34 -17.53 36.58
C LEU E 165 38.58 -18.04 35.15
N GLU E 166 39.74 -17.71 34.59
CA GLU E 166 40.09 -18.15 33.22
C GLU E 166 40.64 -19.57 33.15
N LEU E 167 41.94 -19.70 33.46
CA LEU E 167 42.64 -20.98 33.41
C LEU E 167 42.13 -22.03 34.39
N GLN E 168 41.43 -21.61 35.44
CA GLN E 168 40.94 -22.57 36.43
C GLN E 168 42.10 -23.41 36.92
N VAL E 169 43.20 -22.72 37.22
CA VAL E 169 44.41 -23.35 37.68
C VAL E 169 44.28 -23.91 39.10
N SER E 170 44.96 -25.03 39.35
CA SER E 170 44.93 -25.67 40.67
C SER E 170 45.80 -24.88 41.64
N LYS E 171 45.81 -25.30 42.90
CA LYS E 171 46.60 -24.62 43.92
C LYS E 171 48.10 -24.74 43.70
N GLU E 172 48.58 -25.94 43.36
CA GLU E 172 50.01 -26.18 43.13
C GLU E 172 50.55 -25.47 41.88
N ASP E 173 49.81 -25.56 40.77
CA ASP E 173 50.26 -24.92 39.54
C ASP E 173 50.37 -23.40 39.70
N LEU E 174 49.41 -22.81 40.40
CA LEU E 174 49.43 -21.37 40.62
C LEU E 174 50.58 -21.01 41.54
N TYR E 175 50.92 -21.93 42.44
CA TYR E 175 52.02 -21.70 43.38
C TYR E 175 53.31 -21.67 42.56
N GLN E 176 53.44 -22.63 41.64
CA GLN E 176 54.62 -22.70 40.79
C GLN E 176 54.73 -21.43 39.95
N THR E 177 53.60 -20.80 39.67
CA THR E 177 53.55 -19.56 38.89
C THR E 177 54.24 -18.36 39.57
N PHE E 178 54.01 -18.18 40.86
CA PHE E 178 54.62 -17.07 41.60
C PHE E 178 56.11 -17.28 41.82
N ALA E 179 56.51 -18.54 42.01
CA ALA E 179 57.92 -18.89 42.23
C ALA E 179 58.76 -18.69 40.96
N ARG E 180 58.15 -18.84 39.80
CA ARG E 180 58.84 -18.64 38.52
C ARG E 180 58.90 -17.15 38.30
N THR E 181 57.79 -16.48 38.63
CA THR E 181 57.65 -15.04 38.49
C THR E 181 58.65 -14.31 39.37
N VAL E 182 58.59 -14.57 40.68
CA VAL E 182 59.52 -13.92 41.60
C VAL E 182 60.96 -14.35 41.32
N GLU E 183 61.14 -15.44 40.57
CA GLU E 183 62.49 -15.89 40.23
C GLU E 183 62.98 -15.01 39.09
N SER E 184 62.11 -14.79 38.10
CA SER E 184 62.44 -13.95 36.95
C SER E 184 62.74 -12.52 37.40
N VAL E 185 62.13 -12.13 38.52
CA VAL E 185 62.34 -10.81 39.10
C VAL E 185 63.73 -10.76 39.73
N ASN E 186 64.01 -11.68 40.66
CA ASN E 186 65.30 -11.75 41.35
C ASN E 186 66.50 -11.87 40.41
N VAL E 187 66.34 -12.62 39.32
CA VAL E 187 67.42 -12.78 38.34
C VAL E 187 67.80 -11.37 37.88
N ILE E 188 66.78 -10.58 37.53
CA ILE E 188 66.98 -9.20 37.10
C ILE E 188 67.52 -8.37 38.28
N VAL E 189 66.94 -8.60 39.46
CA VAL E 189 67.34 -7.89 40.67
C VAL E 189 68.82 -8.11 41.07
N SER E 190 69.26 -9.37 41.18
CA SER E 190 70.64 -9.68 41.56
C SER E 190 71.65 -9.20 40.51
N THR E 191 71.27 -9.35 39.24
CA THR E 191 72.10 -8.95 38.12
C THR E 191 72.38 -7.44 38.09
N TYR E 192 71.33 -6.61 37.98
CA TYR E 192 71.48 -5.15 37.89
C TYR E 192 71.51 -4.38 39.21
N ALA E 193 71.47 -5.08 40.34
CA ALA E 193 71.50 -4.39 41.62
C ALA E 193 72.92 -4.23 42.15
N ASP E 194 73.27 -2.99 42.51
CA ASP E 194 74.58 -2.67 43.07
C ASP E 194 74.94 -3.65 44.17
N GLU E 195 76.26 -3.94 44.24
CA GLU E 195 76.86 -4.85 45.25
C GLU E 195 76.79 -4.11 46.64
N VAL E 196 76.96 -2.77 46.59
CA VAL E 196 76.89 -1.92 47.79
C VAL E 196 75.55 -2.04 48.51
N LEU E 197 74.47 -1.90 47.74
CA LEU E 197 73.12 -2.03 48.30
C LEU E 197 72.96 -3.40 48.99
N GLY E 198 73.82 -4.36 48.64
CA GLY E 198 73.73 -5.70 49.21
C GLY E 198 72.61 -6.43 48.52
N ASP E 199 72.33 -7.67 48.89
CA ASP E 199 71.25 -8.41 48.24
C ASP E 199 69.95 -7.69 48.54
N VAL E 200 69.22 -7.32 47.49
CA VAL E 200 67.97 -6.58 47.67
C VAL E 200 66.80 -7.39 47.07
N GLN E 201 67.09 -8.64 46.72
CA GLN E 201 66.11 -9.55 46.14
C GLN E 201 64.78 -9.58 46.92
N VAL E 202 63.67 -9.71 46.20
CA VAL E 202 62.35 -9.78 46.83
C VAL E 202 62.01 -11.22 47.23
N TYR E 203 61.82 -11.42 48.53
CA TYR E 203 61.51 -12.74 49.05
C TYR E 203 60.10 -12.67 49.66
N PRO E 204 59.18 -13.53 49.19
CA PRO E 204 57.81 -13.55 49.71
C PRO E 204 57.75 -13.94 51.19
N ALA E 205 58.61 -14.86 51.59
CA ALA E 205 58.69 -15.35 52.96
C ALA E 205 59.25 -14.31 53.94
N ARG E 206 59.54 -13.11 53.44
CA ARG E 206 60.07 -12.07 54.28
C ARG E 206 59.12 -10.88 54.33
N GLY E 207 58.13 -10.90 53.44
CA GLY E 207 57.16 -9.81 53.39
C GLY E 207 57.42 -8.73 52.34
N THR E 208 58.30 -9.06 51.38
CA THR E 208 58.65 -8.14 50.31
C THR E 208 58.00 -8.53 48.97
N VAL E 209 56.94 -9.34 49.04
CA VAL E 209 56.20 -9.78 47.86
C VAL E 209 54.74 -10.10 48.20
N ALA E 210 53.82 -9.32 47.60
CA ALA E 210 52.39 -9.50 47.82
C ALA E 210 51.70 -10.07 46.57
N PHE E 211 50.48 -10.59 46.74
CA PHE E 211 49.76 -11.17 45.63
C PHE E 211 48.28 -10.78 45.74
N GLY E 212 47.67 -10.46 44.61
CA GLY E 212 46.28 -10.07 44.62
C GLY E 212 45.77 -9.53 43.30
N SER E 213 44.55 -9.02 43.31
CA SER E 213 43.93 -8.46 42.10
C SER E 213 43.37 -7.07 42.39
N GLY E 214 43.59 -6.13 41.47
CA GLY E 214 43.10 -4.78 41.65
C GLY E 214 41.64 -4.68 41.24
N LEU E 215 41.25 -5.48 40.25
CA LEU E 215 39.87 -5.50 39.76
C LEU E 215 38.91 -5.78 40.93
N HIS E 216 39.17 -6.89 41.62
CA HIS E 216 38.35 -7.30 42.76
C HIS E 216 38.68 -6.51 44.04
N GLY E 217 39.87 -5.92 44.09
CA GLY E 217 40.27 -5.13 45.24
C GLY E 217 40.90 -5.90 46.38
N TRP E 218 41.61 -7.00 46.09
CA TRP E 218 42.28 -7.77 47.14
C TRP E 218 43.77 -8.02 46.84
N ALA E 219 44.54 -8.21 47.89
CA ALA E 219 45.98 -8.45 47.79
C ALA E 219 46.50 -8.89 49.15
N PHE E 220 47.50 -9.76 49.15
CA PHE E 220 48.00 -10.23 50.43
C PHE E 220 49.50 -10.46 50.48
N THR E 221 50.05 -10.39 51.68
CA THR E 221 51.46 -10.60 51.89
C THR E 221 51.53 -11.80 52.81
N ILE E 222 52.59 -12.58 52.68
CA ILE E 222 52.75 -13.75 53.51
C ILE E 222 52.71 -13.32 54.98
N ARG E 223 53.24 -12.15 55.26
CA ARG E 223 53.28 -11.61 56.63
C ARG E 223 51.90 -11.28 57.20
N GLN E 224 50.89 -11.25 56.34
CA GLN E 224 49.52 -10.96 56.78
C GLN E 224 48.87 -12.22 57.35
N PHE E 225 48.93 -13.30 56.57
CA PHE E 225 48.37 -14.57 57.01
C PHE E 225 49.26 -15.23 58.05
N ALA E 226 50.37 -14.54 58.37
CA ALA E 226 51.31 -15.04 59.35
C ALA E 226 50.97 -14.44 60.70
N THR E 227 50.25 -13.32 60.66
CA THR E 227 49.86 -12.64 61.89
C THR E 227 48.50 -13.21 62.31
N ARG E 228 47.86 -13.90 61.38
CA ARG E 228 46.56 -14.53 61.62
C ARG E 228 46.76 -15.93 62.21
N TYR E 229 47.47 -16.77 61.48
CA TYR E 229 47.74 -18.14 61.92
C TYR E 229 48.74 -18.17 63.06
N ALA E 230 49.28 -17.00 63.40
CA ALA E 230 50.24 -16.89 64.49
C ALA E 230 49.50 -17.12 65.81
N LYS E 231 48.29 -16.57 65.90
CA LYS E 231 47.44 -16.69 67.08
C LYS E 231 46.77 -18.06 67.14
N LYS E 232 46.30 -18.57 65.99
CA LYS E 232 45.66 -19.89 65.94
C LYS E 232 46.62 -20.95 66.46
N PHE E 233 47.78 -21.08 65.83
CA PHE E 233 48.79 -22.04 66.25
C PHE E 233 49.43 -21.53 67.54
N GLY E 234 50.70 -21.82 67.74
CA GLY E 234 51.38 -21.38 68.95
C GLY E 234 52.82 -21.00 68.69
N VAL E 235 53.05 -20.40 67.52
CA VAL E 235 54.37 -19.99 67.12
C VAL E 235 54.35 -18.53 66.68
N ASP E 236 55.44 -17.82 66.95
CA ASP E 236 55.54 -16.41 66.56
C ASP E 236 55.38 -16.36 65.04
N LYS E 237 54.97 -15.22 64.51
CA LYS E 237 54.79 -15.10 63.07
C LYS E 237 56.11 -15.11 62.31
N ALA E 238 57.20 -14.92 63.03
CA ALA E 238 58.52 -14.93 62.39
C ALA E 238 58.66 -16.29 61.72
N LYS E 239 58.63 -17.34 62.53
CA LYS E 239 58.75 -18.71 62.02
C LYS E 239 57.49 -19.11 61.27
N MET E 240 56.38 -18.41 61.56
CA MET E 240 55.08 -18.68 60.94
C MET E 240 55.03 -18.26 59.48
N MET E 241 55.61 -17.11 59.22
CA MET E 241 55.67 -16.59 57.86
C MET E 241 56.57 -17.47 57.02
N ASP E 242 57.65 -17.86 57.66
CA ASP E 242 58.69 -18.69 57.07
C ASP E 242 58.17 -19.98 56.42
N ARG E 243 57.38 -20.74 57.16
CA ARG E 243 56.80 -21.99 56.67
C ARG E 243 55.84 -21.75 55.51
N LEU E 244 55.01 -20.72 55.67
CA LEU E 244 54.02 -20.38 54.67
C LEU E 244 54.54 -20.39 53.23
N TRP E 245 55.85 -20.23 53.06
CA TRP E 245 56.42 -20.24 51.72
C TRP E 245 57.49 -21.33 51.59
N GLY E 246 57.76 -21.74 50.36
CA GLY E 246 58.75 -22.75 50.10
C GLY E 246 58.26 -24.13 50.49
N ASP E 247 59.21 -24.98 50.86
CA ASP E 247 58.88 -26.33 51.24
C ASP E 247 58.74 -26.47 52.74
N SER E 248 57.49 -26.55 53.16
CA SER E 248 57.10 -26.70 54.56
C SER E 248 55.67 -27.19 54.47
N PHE E 249 55.42 -28.38 55.00
CA PHE E 249 54.10 -28.98 54.93
C PHE E 249 53.51 -29.24 56.30
N PHE E 250 52.20 -29.46 56.33
CA PHE E 250 51.50 -29.74 57.58
C PHE E 250 50.56 -30.93 57.37
N ASN E 251 51.01 -32.10 57.84
CA ASN E 251 50.20 -33.31 57.71
C ASN E 251 48.98 -33.17 58.62
N PRO E 252 47.77 -33.36 58.05
CA PRO E 252 46.53 -33.25 58.83
C PRO E 252 46.45 -34.37 59.87
N LYS E 253 46.93 -35.55 59.49
CA LYS E 253 46.93 -36.74 60.32
C LYS E 253 47.94 -36.67 61.46
N THR E 254 49.22 -36.57 61.13
CA THR E 254 50.29 -36.51 62.12
C THR E 254 50.24 -35.27 63.01
N LYS E 255 49.57 -34.21 62.51
CA LYS E 255 49.45 -32.93 63.23
C LYS E 255 50.85 -32.43 63.56
N LYS E 256 51.73 -32.53 62.57
CA LYS E 256 53.13 -32.08 62.75
C LYS E 256 53.73 -31.57 61.44
N TRP E 257 54.63 -30.54 61.56
CA TRP E 257 55.31 -29.92 60.44
C TRP E 257 56.54 -30.70 59.99
N THR E 258 56.66 -30.86 58.68
CA THR E 258 57.77 -31.58 58.08
C THR E 258 58.33 -30.75 56.93
N ASN E 259 59.45 -31.19 56.37
CA ASN E 259 60.10 -30.51 55.25
C ASN E 259 60.22 -31.51 54.09
N LYS E 260 59.31 -32.47 54.06
CA LYS E 260 59.25 -33.51 53.03
C LYS E 260 57.87 -33.44 52.39
N ASP E 261 57.81 -33.46 51.06
CA ASP E 261 56.53 -33.39 50.35
C ASP E 261 55.79 -34.73 50.36
N THR E 262 56.19 -35.63 51.26
CA THR E 262 55.56 -36.94 51.36
C THR E 262 55.57 -37.49 52.79
N ASP E 263 54.46 -38.12 53.16
CA ASP E 263 54.27 -38.72 54.47
C ASP E 263 54.99 -40.08 54.52
N ALA E 264 55.18 -40.62 55.72
CA ALA E 264 55.86 -41.89 55.91
C ALA E 264 55.58 -42.97 54.86
N GLU E 265 54.30 -43.19 54.57
CA GLU E 265 53.89 -44.21 53.59
C GLU E 265 54.03 -43.82 52.12
N GLY E 266 54.54 -42.62 51.87
CA GLY E 266 54.73 -42.17 50.50
C GLY E 266 53.61 -41.37 49.86
N LYS E 267 52.65 -40.91 50.67
CA LYS E 267 51.54 -40.11 50.16
C LYS E 267 51.88 -38.62 50.07
N PRO E 268 51.36 -37.92 49.04
CA PRO E 268 51.60 -36.49 48.82
C PRO E 268 51.02 -35.54 49.88
N LEU E 269 51.86 -34.59 50.32
CA LEU E 269 51.44 -33.61 51.32
C LEU E 269 51.33 -32.23 50.68
N GLU E 270 50.25 -31.52 50.98
CA GLU E 270 50.01 -30.19 50.43
C GLU E 270 50.92 -29.17 51.11
N ARG E 271 51.47 -28.24 50.32
CA ARG E 271 52.38 -27.22 50.84
C ARG E 271 51.68 -26.27 51.82
N ALA E 272 52.45 -25.76 52.78
CA ALA E 272 51.92 -24.85 53.79
C ALA E 272 51.15 -23.68 53.18
N PHE E 273 51.66 -23.18 52.06
CA PHE E 273 51.04 -22.05 51.36
C PHE E 273 49.67 -22.49 50.81
N ASN E 274 49.70 -23.50 49.94
CA ASN E 274 48.49 -24.04 49.33
C ASN E 274 47.45 -24.40 50.37
N MET E 275 47.92 -24.94 51.49
CA MET E 275 47.06 -25.38 52.58
C MET E 275 46.39 -24.26 53.36
N PHE E 276 47.15 -23.25 53.76
CA PHE E 276 46.60 -22.17 54.57
C PHE E 276 46.31 -20.82 53.90
N ILE E 277 46.79 -20.61 52.67
CA ILE E 277 46.58 -19.32 51.97
C ILE E 277 45.74 -19.45 50.71
N LEU E 278 46.21 -20.25 49.77
CA LEU E 278 45.50 -20.45 48.51
C LEU E 278 44.21 -21.25 48.70
N ASP E 279 44.20 -22.11 49.71
CA ASP E 279 43.03 -22.95 50.00
C ASP E 279 41.79 -22.12 50.41
N PRO E 280 41.92 -21.24 51.42
CA PRO E 280 40.78 -20.41 51.86
C PRO E 280 40.23 -19.53 50.73
N ILE E 281 41.14 -18.86 50.03
CA ILE E 281 40.81 -17.99 48.94
C ILE E 281 40.22 -18.77 47.77
N PHE E 282 40.68 -20.01 47.59
CA PHE E 282 40.22 -20.87 46.50
C PHE E 282 38.78 -21.36 46.66
N ARG E 283 38.38 -21.63 47.90
CA ARG E 283 37.04 -22.13 48.18
C ARG E 283 36.00 -21.01 48.07
N LEU E 284 36.35 -19.81 48.53
CA LEU E 284 35.44 -18.67 48.47
C LEU E 284 35.08 -18.42 47.01
N PHE E 285 36.05 -18.60 46.12
CA PHE E 285 35.81 -18.42 44.69
C PHE E 285 34.97 -19.57 44.14
N THR E 286 35.25 -20.78 44.63
CA THR E 286 34.53 -21.97 44.18
C THR E 286 33.09 -21.96 44.70
N ALA E 287 32.93 -21.47 45.94
CA ALA E 287 31.62 -21.40 46.57
C ALA E 287 30.73 -20.34 45.92
N ILE E 288 31.17 -19.09 46.02
CA ILE E 288 30.42 -17.94 45.48
C ILE E 288 30.15 -17.97 43.97
N MET E 289 31.13 -18.32 43.16
CA MET E 289 30.95 -18.37 41.70
C MET E 289 30.03 -19.49 41.25
N ASN E 290 29.80 -20.47 42.12
CA ASN E 290 28.92 -21.60 41.78
C ASN E 290 27.53 -21.40 42.38
N PHE E 291 27.37 -20.29 43.12
CA PHE E 291 26.10 -19.95 43.75
C PHE E 291 25.62 -20.97 44.79
N LYS E 292 26.56 -21.72 45.36
CA LYS E 292 26.23 -22.72 46.37
C LYS E 292 25.82 -22.00 47.66
N LYS E 293 24.55 -21.61 47.69
CA LYS E 293 23.93 -20.89 48.79
C LYS E 293 24.10 -21.51 50.18
N ASP E 294 24.31 -22.82 50.24
CA ASP E 294 24.48 -23.51 51.52
C ASP E 294 25.87 -23.32 52.14
N GLU E 295 26.88 -23.20 51.28
CA GLU E 295 28.26 -23.04 51.73
C GLU E 295 28.67 -21.59 52.01
N ILE E 296 28.45 -20.71 51.04
CA ILE E 296 28.81 -19.29 51.15
C ILE E 296 28.72 -18.73 52.58
N PRO E 297 27.56 -18.84 53.23
CA PRO E 297 27.41 -18.33 54.59
C PRO E 297 28.37 -19.00 55.58
N VAL E 298 28.36 -20.33 55.59
CA VAL E 298 29.22 -21.13 56.48
C VAL E 298 30.69 -20.80 56.23
N LEU E 299 31.08 -20.81 54.96
CA LEU E 299 32.45 -20.52 54.57
C LEU E 299 32.81 -19.09 54.97
N LEU E 300 31.85 -18.19 54.85
CA LEU E 300 32.08 -16.79 55.18
C LEU E 300 32.35 -16.54 56.66
N GLU E 301 31.51 -17.07 57.54
CA GLU E 301 31.71 -16.87 58.98
C GLU E 301 33.05 -17.40 59.51
N LYS E 302 33.52 -18.52 58.95
CA LYS E 302 34.80 -19.11 59.36
C LYS E 302 35.88 -18.04 59.45
N LEU E 303 36.29 -17.56 58.27
CA LEU E 303 37.31 -16.53 58.14
C LEU E 303 36.85 -15.28 58.87
N GLU E 304 35.53 -15.14 58.97
CA GLU E 304 34.85 -14.03 59.63
C GLU E 304 34.65 -12.85 58.69
N ILE E 305 33.90 -13.08 57.61
CA ILE E 305 33.63 -12.05 56.63
C ILE E 305 32.19 -11.56 56.80
N VAL E 306 31.99 -10.64 57.74
CA VAL E 306 30.68 -10.07 58.03
C VAL E 306 30.20 -9.08 56.95
N LEU E 307 29.25 -9.52 56.15
CA LEU E 307 28.70 -8.70 55.07
C LEU E 307 27.86 -7.54 55.61
N LYS E 308 27.85 -6.45 54.84
CA LYS E 308 27.12 -5.22 55.19
C LYS E 308 25.66 -5.21 54.71
N GLY E 309 24.93 -6.29 54.96
CA GLY E 309 23.54 -6.38 54.54
C GLY E 309 23.31 -6.42 53.05
N ASP E 310 23.27 -5.24 52.42
CA ASP E 310 23.05 -5.13 50.98
C ASP E 310 24.01 -6.03 50.21
N GLU E 311 25.19 -6.24 50.79
CA GLU E 311 26.21 -7.07 50.18
C GLU E 311 25.83 -8.55 50.28
N LYS E 312 24.94 -8.85 51.22
CA LYS E 312 24.47 -10.22 51.46
C LYS E 312 23.72 -10.76 50.24
N ASP E 313 22.77 -9.98 49.72
CA ASP E 313 21.97 -10.40 48.57
C ASP E 313 22.79 -10.53 47.29
N LEU E 314 23.99 -9.97 47.29
CA LEU E 314 24.87 -10.01 46.12
C LEU E 314 25.33 -11.43 45.75
N GLU E 315 25.34 -11.70 44.44
CA GLU E 315 25.74 -13.01 43.92
C GLU E 315 26.65 -12.83 42.71
N GLY E 316 27.37 -13.89 42.35
CA GLY E 316 28.27 -13.83 41.22
C GLY E 316 29.46 -12.92 41.49
N LYS E 317 30.07 -12.41 40.43
CA LYS E 317 31.23 -11.54 40.57
C LYS E 317 30.93 -10.40 41.55
N ALA E 318 29.71 -9.91 41.49
CA ALA E 318 29.28 -8.82 42.36
C ALA E 318 29.51 -9.18 43.84
N LEU E 319 29.23 -10.42 44.21
CA LEU E 319 29.41 -10.86 45.60
C LEU E 319 30.88 -11.11 45.96
N LEU E 320 31.57 -11.87 45.12
CA LEU E 320 32.98 -12.20 45.35
C LEU E 320 33.87 -10.95 45.50
N LYS E 321 33.58 -9.92 44.71
CA LYS E 321 34.34 -8.68 44.77
C LYS E 321 34.18 -7.97 46.12
N VAL E 322 33.04 -8.22 46.77
CA VAL E 322 32.75 -7.62 48.08
C VAL E 322 33.35 -8.43 49.22
N VAL E 323 33.38 -9.76 49.03
CA VAL E 323 33.93 -10.67 50.03
C VAL E 323 35.44 -10.52 50.11
N MET E 324 36.09 -10.46 48.96
CA MET E 324 37.54 -10.32 48.89
C MET E 324 38.05 -8.95 49.36
N ARG E 325 37.19 -7.93 49.28
CA ARG E 325 37.56 -6.58 49.71
C ARG E 325 37.72 -6.53 51.23
N LYS E 326 36.77 -7.15 51.93
CA LYS E 326 36.79 -7.21 53.38
C LYS E 326 37.76 -8.28 53.90
N PHE E 327 37.87 -9.38 53.16
CA PHE E 327 38.76 -10.46 53.55
C PHE E 327 40.23 -10.02 53.47
N LEU E 328 40.66 -9.62 52.26
CA LEU E 328 42.03 -9.18 52.06
C LEU E 328 42.12 -7.82 51.34
N PRO E 329 42.03 -6.71 52.10
CA PRO E 329 42.09 -5.34 51.58
C PRO E 329 43.43 -5.05 50.85
N ALA E 330 43.39 -5.04 49.52
CA ALA E 330 44.57 -4.81 48.69
C ALA E 330 45.45 -3.64 49.16
N ALA E 331 44.84 -2.45 49.24
CA ALA E 331 45.53 -1.24 49.66
C ALA E 331 46.50 -1.41 50.83
N ASP E 332 46.09 -2.20 51.83
CA ASP E 332 46.91 -2.42 53.01
C ASP E 332 48.12 -3.33 52.77
N ALA E 333 47.91 -4.44 52.06
CA ALA E 333 49.01 -5.36 51.75
C ALA E 333 50.11 -4.56 51.08
N LEU E 334 49.69 -3.57 50.29
CA LEU E 334 50.58 -2.69 49.54
C LEU E 334 51.25 -1.66 50.46
N LEU E 335 50.47 -1.11 51.40
CA LEU E 335 50.98 -0.12 52.35
C LEU E 335 51.90 -0.77 53.41
N GLU E 336 51.82 -2.10 53.53
CA GLU E 336 52.60 -2.87 54.49
C GLU E 336 54.09 -2.92 54.13
N MET E 337 54.37 -3.57 53.00
CA MET E 337 55.75 -3.71 52.51
C MET E 337 56.39 -2.33 52.47
N ILE E 338 55.75 -1.40 51.76
CA ILE E 338 56.23 -0.03 51.60
C ILE E 338 56.93 0.46 52.86
N VAL E 339 56.18 0.51 53.96
CA VAL E 339 56.70 0.97 55.26
C VAL E 339 57.81 0.08 55.85
N LEU E 340 57.51 -1.19 56.00
CA LEU E 340 58.43 -2.15 56.59
C LEU E 340 59.71 -2.36 55.81
N HIS E 341 59.64 -2.19 54.50
CA HIS E 341 60.80 -2.42 53.65
C HIS E 341 61.35 -1.18 52.97
N LEU E 342 60.56 -0.54 52.11
CA LEU E 342 61.03 0.64 51.41
C LEU E 342 61.81 1.57 52.34
N PRO E 343 62.87 2.21 51.80
CA PRO E 343 63.73 3.14 52.55
C PRO E 343 63.28 4.61 52.69
N SER E 344 63.78 5.25 53.73
CA SER E 344 63.49 6.66 54.00
C SER E 344 64.63 7.49 53.41
N PRO E 345 64.46 8.81 53.34
CA PRO E 345 65.47 9.71 52.79
C PRO E 345 66.69 9.98 53.68
N VAL E 346 67.10 8.99 54.48
CA VAL E 346 68.25 9.17 55.35
C VAL E 346 69.25 8.04 55.07
N THR E 347 68.68 6.86 54.86
CA THR E 347 69.46 5.66 54.57
C THR E 347 69.99 5.71 53.14
N ALA E 348 69.14 6.17 52.23
CA ALA E 348 69.48 6.25 50.80
C ALA E 348 70.43 7.36 50.40
N GLN E 349 70.29 8.54 51.01
CA GLN E 349 71.15 9.67 50.68
C GLN E 349 72.61 9.51 51.08
N ALA E 350 72.89 8.56 51.96
CA ALA E 350 74.27 8.34 52.39
C ALA E 350 75.07 7.65 51.28
N TYR E 351 74.41 6.77 50.52
CA TYR E 351 75.05 6.02 49.44
C TYR E 351 74.56 6.42 48.04
N ARG E 352 73.76 7.49 47.96
CA ARG E 352 73.23 7.97 46.68
C ARG E 352 73.71 9.39 46.41
N ALA E 353 74.17 10.06 47.45
CA ALA E 353 74.68 11.43 47.38
C ALA E 353 75.74 11.62 46.30
N GLU E 354 76.88 10.96 46.47
CA GLU E 354 77.99 11.04 45.52
C GLU E 354 77.53 10.84 44.06
N GLN E 355 76.60 9.91 43.85
CA GLN E 355 76.07 9.62 42.52
C GLN E 355 75.16 10.73 41.99
N LEU E 356 74.60 11.53 42.90
CA LEU E 356 73.70 12.62 42.51
C LEU E 356 74.35 14.01 42.53
N TYR E 357 75.57 14.11 43.04
CA TYR E 357 76.26 15.39 43.06
C TYR E 357 77.43 15.34 42.08
N GLU E 358 77.45 16.29 41.14
CA GLU E 358 78.49 16.36 40.12
C GLU E 358 79.67 17.25 40.53
N GLY E 359 79.89 17.34 41.84
CA GLY E 359 80.99 18.12 42.37
C GLY E 359 81.88 17.19 43.19
N PRO E 360 82.76 17.73 44.06
CA PRO E 360 83.66 16.92 44.89
C PRO E 360 82.94 16.01 45.91
N ALA E 361 83.22 14.70 45.86
CA ALA E 361 82.59 13.73 46.78
C ALA E 361 82.86 14.04 48.26
N ASP E 362 83.63 15.10 48.49
CA ASP E 362 83.98 15.55 49.84
C ASP E 362 83.60 17.02 50.03
N ASP E 363 83.01 17.61 48.98
CA ASP E 363 82.57 18.99 48.99
C ASP E 363 81.63 19.22 50.17
N ALA E 364 81.67 20.43 50.72
CA ALA E 364 80.83 20.81 51.86
C ALA E 364 79.38 20.38 51.70
N ASN E 365 78.90 20.42 50.46
CA ASN E 365 77.53 20.05 50.15
C ASN E 365 77.29 18.56 49.97
N CYS E 366 78.16 17.88 49.20
CA CYS E 366 77.98 16.44 48.98
C CYS E 366 77.88 15.73 50.32
N ILE E 367 78.58 16.29 51.31
CA ILE E 367 78.57 15.75 52.66
C ILE E 367 77.17 16.03 53.23
N ALA E 368 76.75 17.28 53.14
CA ALA E 368 75.45 17.73 53.62
C ALA E 368 74.35 16.87 53.02
N ILE E 369 74.63 16.28 51.87
CA ILE E 369 73.67 15.41 51.18
C ILE E 369 73.62 14.03 51.86
N LYS E 370 74.80 13.43 52.05
CA LYS E 370 74.89 12.11 52.69
C LYS E 370 74.23 12.19 54.05
N ASN E 371 74.58 13.24 54.80
CA ASN E 371 74.04 13.46 56.15
C ASN E 371 72.64 14.05 56.18
N CYS E 372 72.02 14.19 55.00
CA CYS E 372 70.69 14.76 54.88
C CYS E 372 70.49 15.82 55.97
N ASP E 373 71.52 16.65 56.15
CA ASP E 373 71.52 17.70 57.15
C ASP E 373 70.67 18.91 56.74
N PRO E 374 69.64 19.23 57.53
CA PRO E 374 68.73 20.36 57.28
C PRO E 374 69.30 21.72 57.74
N LYS E 375 70.57 21.72 58.16
CA LYS E 375 71.23 22.93 58.63
C LYS E 375 72.18 23.51 57.58
N ALA E 376 72.73 22.63 56.74
CA ALA E 376 73.68 23.02 55.69
C ALA E 376 73.06 23.87 54.61
N ASP E 377 73.90 24.30 53.67
CA ASP E 377 73.44 25.12 52.55
C ASP E 377 72.43 24.34 51.71
N LEU E 378 71.41 25.06 51.26
CA LEU E 378 70.36 24.45 50.45
C LEU E 378 70.91 23.63 49.29
N MET E 379 70.20 22.55 49.01
CA MET E 379 70.52 21.64 47.92
C MET E 379 69.21 20.98 47.53
N LEU E 380 68.39 21.74 46.82
CA LEU E 380 67.08 21.28 46.40
C LEU E 380 67.09 20.91 44.92
N TYR E 381 66.62 19.71 44.61
CA TYR E 381 66.60 19.22 43.24
C TYR E 381 65.23 19.33 42.58
N VAL E 382 65.20 20.02 41.45
CA VAL E 382 63.97 20.20 40.70
C VAL E 382 63.92 19.18 39.58
N SER E 383 63.05 18.19 39.76
CA SER E 383 62.88 17.11 38.79
C SER E 383 61.99 17.47 37.59
N LYS E 384 60.97 18.30 37.83
CA LYS E 384 60.08 18.72 36.74
C LYS E 384 59.20 19.91 37.10
N MET E 385 58.75 20.62 36.08
CA MET E 385 57.87 21.76 36.26
C MET E 385 56.45 21.26 35.96
N VAL E 386 55.51 21.52 36.88
CA VAL E 386 54.14 21.08 36.69
C VAL E 386 53.16 22.25 36.53
N PRO E 387 52.24 22.16 35.56
CA PRO E 387 51.21 23.14 35.23
C PRO E 387 50.20 23.41 36.35
N THR E 388 49.92 24.69 36.58
CA THR E 388 48.98 25.11 37.60
C THR E 388 47.81 25.87 37.00
N SER E 389 46.74 25.97 37.78
CA SER E 389 45.54 26.67 37.35
C SER E 389 45.84 28.16 37.42
N ASP E 390 46.60 28.54 38.45
CA ASP E 390 46.98 29.93 38.64
C ASP E 390 47.76 30.42 37.42
N LYS E 391 47.03 30.85 36.38
CA LYS E 391 47.63 31.35 35.15
C LYS E 391 48.29 30.21 34.36
N GLY E 392 49.23 30.59 33.48
CA GLY E 392 49.95 29.62 32.69
C GLY E 392 51.27 29.37 33.40
N ARG E 393 51.27 29.66 34.71
CA ARG E 393 52.43 29.50 35.57
C ARG E 393 52.67 28.03 35.88
N PHE E 394 53.91 27.73 36.27
CA PHE E 394 54.31 26.37 36.59
C PHE E 394 55.01 26.35 37.95
N TYR E 395 54.73 25.30 38.73
CA TYR E 395 55.36 25.12 40.05
C TYR E 395 56.46 24.06 39.94
N ALA E 396 57.62 24.35 40.51
CA ALA E 396 58.73 23.42 40.46
C ALA E 396 58.51 22.24 41.41
N PHE E 397 58.77 21.04 40.91
CA PHE E 397 58.60 19.84 41.70
C PHE E 397 59.96 19.20 41.92
N GLY E 398 60.27 18.87 43.15
CA GLY E 398 61.55 18.26 43.44
C GLY E 398 61.71 17.74 44.86
N ARG E 399 62.98 17.66 45.27
CA ARG E 399 63.34 17.15 46.58
C ARG E 399 64.46 17.97 47.21
N VAL E 400 64.38 18.12 48.52
CA VAL E 400 65.37 18.86 49.29
C VAL E 400 66.40 17.88 49.81
N PHE E 401 67.55 17.84 49.14
CA PHE E 401 68.61 16.93 49.54
C PHE E 401 69.48 17.46 50.69
N ALA E 402 69.40 18.76 50.95
CA ALA E 402 70.18 19.36 52.02
C ALA E 402 69.68 20.76 52.39
N GLY E 403 69.85 21.12 53.67
CA GLY E 403 69.39 22.41 54.16
C GLY E 403 67.88 22.40 54.18
N THR E 404 67.27 23.57 54.31
CA THR E 404 65.81 23.64 54.31
C THR E 404 65.36 24.83 53.46
N VAL E 405 64.33 24.61 52.64
CA VAL E 405 63.79 25.65 51.80
C VAL E 405 62.63 26.30 52.56
N LYS E 406 62.41 27.59 52.34
CA LYS E 406 61.35 28.31 53.02
C LYS E 406 60.83 29.53 52.25
N SER E 407 59.51 29.72 52.26
CA SER E 407 58.87 30.83 51.57
C SER E 407 59.62 32.12 51.80
N GLY E 408 59.87 32.84 50.72
CA GLY E 408 60.58 34.11 50.83
C GLY E 408 62.07 33.97 50.77
N GLN E 409 62.59 32.84 51.24
CA GLN E 409 64.04 32.63 51.21
C GLN E 409 64.55 32.85 49.80
N LYS E 410 65.59 33.67 49.65
CA LYS E 410 66.15 33.91 48.34
C LYS E 410 67.15 32.79 48.03
N VAL E 411 66.99 32.20 46.85
CA VAL E 411 67.83 31.08 46.43
C VAL E 411 68.58 31.30 45.11
N ARG E 412 69.68 30.58 44.93
CA ARG E 412 70.44 30.65 43.69
C ARG E 412 69.86 29.55 42.81
N ILE E 413 69.28 29.92 41.68
CA ILE E 413 68.70 28.93 40.79
C ILE E 413 69.74 28.60 39.73
N GLN E 414 70.38 27.45 39.89
CA GLN E 414 71.41 27.04 38.96
C GLN E 414 70.86 26.17 37.84
N GLY E 415 70.89 26.73 36.63
CA GLY E 415 70.39 26.02 35.47
C GLY E 415 71.33 24.98 34.91
N PRO E 416 70.90 24.27 33.85
CA PRO E 416 71.67 23.24 33.18
C PRO E 416 73.11 23.62 32.83
N ASN E 417 73.27 24.80 32.25
CA ASN E 417 74.59 25.26 31.84
C ASN E 417 75.48 25.87 32.91
N TYR E 418 74.94 26.04 34.11
CA TYR E 418 75.70 26.63 35.21
C TYR E 418 76.98 25.87 35.60
N VAL E 419 77.95 26.64 36.08
CA VAL E 419 79.24 26.12 36.54
C VAL E 419 79.71 27.12 37.59
N PRO E 420 79.95 26.65 38.83
CA PRO E 420 80.40 27.48 39.95
C PRO E 420 81.33 28.62 39.53
N GLY E 421 82.22 28.30 38.58
CA GLY E 421 83.18 29.27 38.08
C GLY E 421 82.58 30.54 37.49
N LYS E 422 81.84 30.40 36.39
CA LYS E 422 81.23 31.54 35.71
C LYS E 422 79.87 31.97 36.29
N LYS E 423 79.26 32.98 35.65
CA LYS E 423 77.96 33.47 36.10
C LYS E 423 76.84 33.17 35.11
N ASP E 424 77.13 32.30 34.15
CA ASP E 424 76.16 31.91 33.13
C ASP E 424 75.05 31.03 33.69
N ASP E 425 73.83 31.23 33.20
CA ASP E 425 72.66 30.44 33.59
C ASP E 425 72.33 30.48 35.09
N LEU E 426 72.56 31.62 35.73
CA LEU E 426 72.26 31.77 37.15
C LEU E 426 71.13 32.77 37.31
N PHE E 427 70.37 32.64 38.39
CA PHE E 427 69.24 33.55 38.62
C PHE E 427 68.95 33.72 40.10
N ILE E 428 69.80 34.47 40.80
CA ILE E 428 69.59 34.69 42.23
C ILE E 428 68.25 35.39 42.47
N LYS E 429 67.22 34.59 42.73
CA LYS E 429 65.88 35.11 42.96
C LYS E 429 65.32 34.67 44.30
N ALA E 430 64.13 35.14 44.62
CA ALA E 430 63.48 34.80 45.89
C ALA E 430 62.34 33.81 45.70
N ILE E 431 62.33 32.76 46.54
CA ILE E 431 61.29 31.74 46.47
C ILE E 431 59.95 32.31 46.95
N GLN E 432 59.07 32.64 45.99
CA GLN E 432 57.77 33.20 46.33
C GLN E 432 56.96 32.39 47.32
N ARG E 433 56.76 31.11 47.04
CA ARG E 433 55.95 30.30 47.95
C ARG E 433 56.27 28.80 47.93
N VAL E 434 56.36 28.18 49.09
CA VAL E 434 56.64 26.75 49.20
C VAL E 434 55.30 26.06 49.44
N VAL E 435 55.02 25.04 48.64
CA VAL E 435 53.77 24.32 48.79
C VAL E 435 53.89 22.79 48.71
N LEU E 436 52.97 22.11 49.39
CA LEU E 436 52.95 20.65 49.41
C LEU E 436 52.18 20.15 48.19
N MET E 437 52.77 19.20 47.47
CA MET E 437 52.12 18.64 46.30
C MET E 437 51.12 17.56 46.70
N MET E 438 49.98 18.00 47.24
CA MET E 438 48.91 17.10 47.69
C MET E 438 48.11 16.54 46.51
N GLY E 439 48.84 15.94 45.57
CA GLY E 439 48.18 15.36 44.42
C GLY E 439 47.76 16.38 43.39
N ARG E 440 46.55 16.88 43.54
CA ARG E 440 46.00 17.84 42.59
C ARG E 440 45.91 19.25 43.18
N PHE E 441 45.99 19.33 44.50
CA PHE E 441 45.92 20.60 45.22
C PHE E 441 47.25 20.88 45.92
N VAL E 442 47.51 22.16 46.16
CA VAL E 442 48.74 22.57 46.83
C VAL E 442 48.42 23.18 48.19
N GLU E 443 49.28 22.92 49.18
CA GLU E 443 49.08 23.46 50.52
C GLU E 443 50.30 24.22 51.03
N PRO E 444 50.22 25.55 51.08
CA PRO E 444 51.31 26.41 51.54
C PRO E 444 51.94 25.94 52.86
N ILE E 445 53.27 25.99 52.91
CA ILE E 445 54.02 25.57 54.08
C ILE E 445 55.22 26.50 54.22
N ASP E 446 55.50 26.95 55.43
CA ASP E 446 56.63 27.85 55.66
C ASP E 446 57.93 27.32 55.09
N ASP E 447 58.48 26.31 55.77
CA ASP E 447 59.74 25.70 55.38
C ASP E 447 59.59 24.20 55.21
N CYS E 448 60.67 23.59 54.71
CA CYS E 448 60.68 22.16 54.48
C CYS E 448 62.12 21.68 54.57
N PRO E 449 62.41 20.81 55.55
CA PRO E 449 63.75 20.26 55.75
C PRO E 449 64.12 19.16 54.76
N ALA E 450 65.43 18.92 54.64
CA ALA E 450 65.97 17.92 53.74
C ALA E 450 65.33 16.54 53.90
N GLY E 451 65.13 15.86 52.77
CA GLY E 451 64.55 14.53 52.80
C GLY E 451 63.13 14.45 52.29
N ASN E 452 62.51 15.57 51.97
CA ASN E 452 61.13 15.52 51.51
C ASN E 452 60.92 15.99 50.08
N ILE E 453 59.80 15.58 49.50
CA ILE E 453 59.43 15.99 48.17
C ILE E 453 58.53 17.20 48.38
N ILE E 454 58.95 18.34 47.85
CA ILE E 454 58.19 19.55 48.03
C ILE E 454 57.99 20.32 46.72
N GLY E 455 57.12 21.33 46.76
CA GLY E 455 56.86 22.13 45.56
C GLY E 455 57.21 23.59 45.76
N LEU E 456 57.70 24.22 44.69
CA LEU E 456 58.08 25.64 44.73
C LEU E 456 57.25 26.53 43.76
N VAL E 457 56.95 27.75 44.18
CA VAL E 457 56.17 28.69 43.39
C VAL E 457 56.96 29.94 43.08
N GLY E 458 57.18 30.19 41.79
CA GLY E 458 57.92 31.39 41.39
C GLY E 458 59.25 31.15 40.71
N ILE E 459 59.43 29.98 40.10
CA ILE E 459 60.68 29.66 39.42
C ILE E 459 60.44 29.50 37.92
N ASP E 460 59.19 29.24 37.54
CA ASP E 460 58.81 29.06 36.14
C ASP E 460 59.61 29.84 35.09
N GLN E 461 59.89 31.11 35.33
CA GLN E 461 60.63 31.93 34.36
C GLN E 461 62.15 31.88 34.53
N PHE E 462 62.64 30.91 35.28
CA PHE E 462 64.08 30.79 35.49
C PHE E 462 64.54 29.38 35.14
N LEU E 463 63.67 28.42 35.41
CA LEU E 463 63.95 27.01 35.13
C LEU E 463 62.97 26.50 34.10
N LEU E 464 63.50 26.01 32.98
CA LEU E 464 62.66 25.48 31.91
C LEU E 464 61.93 24.24 32.39
N LYS E 465 62.69 23.27 32.88
CA LYS E 465 62.12 22.02 33.38
C LYS E 465 62.89 21.47 34.58
N THR E 466 64.19 21.25 34.40
CA THR E 466 65.06 20.73 35.45
C THR E 466 66.08 21.75 35.95
N GLY E 467 66.49 21.60 37.20
CA GLY E 467 67.46 22.52 37.75
C GLY E 467 67.84 22.26 39.18
N THR E 468 68.82 23.04 39.66
CA THR E 468 69.32 22.91 41.02
C THR E 468 69.20 24.25 41.75
N LEU E 469 68.74 24.20 43.00
CA LEU E 469 68.61 25.40 43.81
C LEU E 469 69.53 25.25 45.00
N THR E 470 70.43 26.22 45.20
CA THR E 470 71.37 26.19 46.32
C THR E 470 71.48 27.52 47.04
N THR E 471 72.46 27.58 47.95
CA THR E 471 72.73 28.79 48.73
C THR E 471 74.25 28.95 48.75
N SER E 472 74.95 27.83 48.67
CA SER E 472 76.40 27.79 48.65
C SER E 472 76.88 28.34 47.30
N GLU E 473 77.68 29.40 47.35
CA GLU E 473 78.21 30.05 46.17
C GLU E 473 79.18 29.13 45.41
N THR E 474 79.66 28.12 46.11
CA THR E 474 80.60 27.15 45.56
C THR E 474 79.91 25.79 45.41
N ALA E 475 78.62 25.82 45.05
CA ALA E 475 77.85 24.59 44.89
C ALA E 475 77.61 24.18 43.44
N HIS E 476 78.04 22.97 43.10
CA HIS E 476 77.86 22.42 41.76
C HIS E 476 76.39 22.00 41.57
N ASN E 477 76.00 21.69 40.35
CA ASN E 477 74.63 21.27 40.10
C ASN E 477 74.56 19.78 40.37
N MET E 478 73.34 19.27 40.53
CA MET E 478 73.17 17.86 40.80
C MET E 478 72.81 17.17 39.51
N LYS E 479 73.18 15.89 39.40
CA LYS E 479 72.92 15.10 38.20
C LYS E 479 71.81 15.69 37.36
N VAL E 480 72.20 16.50 36.37
CA VAL E 480 71.26 17.15 35.48
C VAL E 480 70.59 16.15 34.55
N MET E 481 69.39 16.47 34.10
CA MET E 481 68.67 15.63 33.17
C MET E 481 68.55 16.44 31.90
N LYS E 482 69.27 16.03 30.87
CA LYS E 482 69.23 16.76 29.62
C LYS E 482 67.84 16.79 28.97
N PHE E 483 67.29 18.00 28.91
CA PHE E 483 65.98 18.25 28.29
C PHE E 483 66.23 19.37 27.30
N SER E 484 65.69 19.25 26.10
CA SER E 484 65.85 20.31 25.13
C SER E 484 64.50 20.87 24.76
N VAL E 485 64.47 22.17 24.51
CA VAL E 485 63.24 22.83 24.15
C VAL E 485 63.22 23.10 22.64
N SER E 486 64.23 22.56 21.95
CA SER E 486 64.37 22.74 20.50
C SER E 486 63.35 21.99 19.66
N PRO E 487 62.43 22.72 19.01
CA PRO E 487 61.38 22.15 18.17
C PRO E 487 61.98 21.53 16.92
N VAL E 488 62.56 20.34 17.04
CA VAL E 488 63.17 19.70 15.88
C VAL E 488 62.26 18.83 15.03
N VAL E 489 60.97 18.78 15.41
CA VAL E 489 59.98 18.00 14.69
C VAL E 489 58.64 18.70 14.81
N GLN E 490 57.99 18.92 13.67
CA GLN E 490 56.71 19.59 13.70
C GLN E 490 55.72 18.97 12.74
N VAL E 491 54.51 19.49 12.76
CA VAL E 491 53.43 19.03 11.90
C VAL E 491 52.46 20.17 11.72
N ALA E 492 51.66 20.08 10.67
CA ALA E 492 50.64 21.08 10.42
C ALA E 492 49.36 20.41 10.88
N VAL E 493 48.59 21.13 11.68
CA VAL E 493 47.36 20.59 12.18
C VAL E 493 46.20 21.18 11.41
N GLU E 494 45.07 20.49 11.49
CA GLU E 494 43.85 20.87 10.83
C GLU E 494 42.83 19.87 11.30
N VAL E 495 41.58 20.31 11.43
CA VAL E 495 40.50 19.43 11.85
C VAL E 495 39.98 18.68 10.64
N LYS E 496 38.88 17.96 10.83
CA LYS E 496 38.23 17.21 9.75
C LYS E 496 36.88 17.90 9.50
N ASN E 497 36.60 18.93 10.30
CA ASN E 497 35.34 19.68 10.23
C ASN E 497 35.59 21.20 10.41
N ALA E 498 34.76 22.04 9.77
CA ALA E 498 34.91 23.50 9.82
C ALA E 498 34.38 24.34 10.99
N ASN E 499 33.08 24.27 11.26
CA ASN E 499 32.47 25.04 12.37
C ASN E 499 33.35 25.04 13.62
N ASP E 500 34.11 23.96 13.76
CA ASP E 500 35.00 23.72 14.89
C ASP E 500 36.28 24.53 14.94
N LEU E 501 36.62 25.23 13.87
CA LEU E 501 37.84 26.03 13.81
C LEU E 501 38.20 26.72 15.14
N PRO E 502 37.24 27.43 15.77
CA PRO E 502 37.52 28.10 17.04
C PRO E 502 38.04 27.10 18.08
N LYS E 503 37.52 25.88 17.99
CA LYS E 503 37.87 24.79 18.88
C LYS E 503 39.33 24.35 18.69
N LEU E 504 39.86 24.56 17.49
CA LEU E 504 41.26 24.21 17.19
C LEU E 504 42.15 25.35 17.67
N VAL E 505 41.76 26.57 17.30
CA VAL E 505 42.49 27.76 17.69
C VAL E 505 42.58 27.83 19.21
N GLU E 506 41.71 27.08 19.87
CA GLU E 506 41.67 27.07 21.33
C GLU E 506 42.51 25.96 21.94
N GLY E 507 42.32 24.73 21.48
CA GLY E 507 43.07 23.60 21.99
C GLY E 507 44.57 23.80 21.85
N LEU E 508 44.99 24.36 20.71
CA LEU E 508 46.39 24.64 20.46
C LEU E 508 46.98 25.54 21.55
N LYS E 509 46.28 26.63 21.88
CA LYS E 509 46.74 27.55 22.91
C LYS E 509 46.71 26.84 24.25
N ARG E 510 45.67 26.03 24.44
CA ARG E 510 45.52 25.26 25.67
C ARG E 510 46.64 24.25 25.80
N LEU E 511 47.07 23.70 24.66
CA LEU E 511 48.16 22.73 24.63
C LEU E 511 49.49 23.37 25.00
N SER E 512 49.71 24.58 24.49
CA SER E 512 50.93 25.32 24.75
C SER E 512 51.01 25.71 26.23
N LYS E 513 49.84 25.70 26.89
CA LYS E 513 49.77 26.03 28.30
C LYS E 513 50.16 24.81 29.13
N SER E 514 49.67 23.64 28.71
CA SER E 514 49.93 22.39 29.39
C SER E 514 51.37 21.87 29.30
N ASP E 515 52.10 22.33 28.29
CA ASP E 515 53.48 21.88 28.10
C ASP E 515 54.41 23.05 27.75
N PRO E 516 55.61 23.07 28.35
CA PRO E 516 56.62 24.12 28.13
C PRO E 516 57.40 23.93 26.83
N CYS E 517 57.65 22.68 26.47
CA CYS E 517 58.43 22.34 25.29
C CYS E 517 57.66 22.14 23.98
N VAL E 518 56.33 22.09 24.04
CA VAL E 518 55.58 21.93 22.81
C VAL E 518 55.40 23.35 22.28
N LEU E 519 55.30 23.49 20.96
CA LEU E 519 55.14 24.81 20.35
C LEU E 519 54.08 24.82 19.25
N THR E 520 53.17 25.80 19.33
CA THR E 520 52.10 25.97 18.33
C THR E 520 52.18 27.38 17.75
N TYR E 521 51.94 27.51 16.44
CA TYR E 521 52.00 28.83 15.81
C TYR E 521 51.34 28.96 14.44
N MET E 522 50.84 30.17 14.17
CA MET E 522 50.19 30.47 12.91
C MET E 522 51.24 30.91 11.90
N SER E 523 51.46 30.07 10.89
CA SER E 523 52.42 30.35 9.83
C SER E 523 51.90 31.44 8.88
N GLU E 524 52.69 31.81 7.89
CA GLU E 524 52.29 32.84 6.94
C GLU E 524 51.15 32.38 6.03
N SER E 525 51.16 31.09 5.70
CA SER E 525 50.12 30.52 4.84
C SER E 525 48.86 30.29 5.67
N GLY E 526 48.74 31.02 6.79
CA GLY E 526 47.60 30.87 7.67
C GLY E 526 47.56 29.45 8.24
N GLU E 527 48.71 28.79 8.17
CA GLU E 527 48.91 27.41 8.63
C GLU E 527 49.16 27.26 10.13
N HIS E 528 48.48 26.30 10.77
CA HIS E 528 48.66 26.04 12.19
C HIS E 528 49.70 24.93 12.34
N ILE E 529 50.69 25.14 13.20
CA ILE E 529 51.73 24.13 13.37
C ILE E 529 51.92 23.67 14.82
N VAL E 530 52.44 22.45 14.97
CA VAL E 530 52.70 21.86 16.28
C VAL E 530 54.03 21.09 16.27
N ALA E 531 55.02 21.66 16.96
CA ALA E 531 56.36 21.07 17.02
C ALA E 531 56.74 20.56 18.40
N GLY E 532 57.48 19.46 18.40
CA GLY E 532 57.91 18.85 19.64
C GLY E 532 59.36 18.41 19.64
N THR E 533 59.84 18.05 20.83
CA THR E 533 61.22 17.60 21.07
C THR E 533 61.63 16.36 20.30
N GLY E 534 60.66 15.56 19.87
CA GLY E 534 60.99 14.35 19.14
C GLY E 534 59.78 13.64 18.55
N GLU E 535 60.00 12.43 18.06
CA GLU E 535 58.92 11.64 17.46
C GLU E 535 57.78 11.45 18.42
N LEU E 536 58.09 10.75 19.51
CA LEU E 536 57.11 10.45 20.53
C LEU E 536 56.47 11.73 21.02
N HIS E 537 57.25 12.51 21.76
CA HIS E 537 56.78 13.76 22.33
C HIS E 537 55.74 14.41 21.43
N LEU E 538 56.05 14.56 20.15
CA LEU E 538 55.11 15.17 19.22
C LEU E 538 53.89 14.25 19.11
N GLU E 539 54.16 12.96 18.95
CA GLU E 539 53.09 11.99 18.83
C GLU E 539 52.06 12.21 19.94
N ILE E 540 52.55 12.16 21.18
CA ILE E 540 51.72 12.35 22.36
C ILE E 540 50.88 13.61 22.25
N CYS E 541 51.55 14.75 22.17
CA CYS E 541 50.89 16.06 22.08
C CYS E 541 49.74 16.11 21.07
N LEU E 542 49.87 15.37 19.98
CA LEU E 542 48.83 15.34 18.96
C LEU E 542 47.53 14.71 19.46
N GLN E 543 47.64 13.49 20.01
CA GLN E 543 46.48 12.78 20.53
C GLN E 543 45.71 13.71 21.48
N ASP E 544 46.34 14.02 22.59
CA ASP E 544 45.77 14.90 23.61
C ASP E 544 45.07 16.13 23.04
N LEU E 545 45.50 16.58 21.86
CA LEU E 545 44.89 17.75 21.24
C LEU E 545 43.57 17.37 20.58
N GLU E 546 43.59 16.42 19.65
CA GLU E 546 42.38 15.98 18.94
C GLU E 546 41.40 15.26 19.86
N HIS E 547 41.87 14.93 21.07
CA HIS E 547 41.03 14.23 22.03
C HIS E 547 40.52 15.12 23.17
N ASP E 548 41.36 16.03 23.64
CA ASP E 548 40.99 16.93 24.74
C ASP E 548 40.97 18.41 24.35
N HIS E 549 42.14 19.05 24.38
CA HIS E 549 42.29 20.46 24.05
C HIS E 549 41.36 20.95 22.95
N ALA E 550 41.33 20.20 21.85
CA ALA E 550 40.52 20.54 20.70
C ALA E 550 39.03 20.31 20.88
N GLY E 551 38.23 21.12 20.19
CA GLY E 551 36.80 20.98 20.29
C GLY E 551 36.25 19.98 19.28
N VAL E 552 37.13 19.35 18.49
CA VAL E 552 36.68 18.38 17.49
C VAL E 552 37.86 17.53 16.93
N PRO E 553 37.60 16.57 16.01
CA PRO E 553 38.64 15.70 15.42
C PRO E 553 39.66 16.41 14.53
N LEU E 554 40.78 15.73 14.23
CA LEU E 554 41.84 16.33 13.42
C LEU E 554 42.55 15.43 12.39
N LYS E 555 43.19 16.08 11.42
CA LYS E 555 43.96 15.45 10.34
C LYS E 555 45.39 16.03 10.35
N ILE E 556 46.36 15.17 10.59
CA ILE E 556 47.78 15.56 10.63
C ILE E 556 48.47 15.15 9.33
N SER E 557 49.80 14.99 9.40
CA SER E 557 50.60 14.60 8.26
C SER E 557 51.97 14.18 8.82
N PRO E 558 52.64 13.22 8.16
CA PRO E 558 53.95 12.70 8.54
C PRO E 558 54.85 13.67 9.31
N PRO E 559 55.83 13.12 10.04
CA PRO E 559 56.80 13.88 10.84
C PRO E 559 57.87 14.55 9.97
N VAL E 560 58.10 15.84 10.20
CA VAL E 560 59.11 16.58 9.44
C VAL E 560 60.16 17.09 10.39
N VAL E 561 61.43 17.00 9.99
CA VAL E 561 62.53 17.48 10.81
C VAL E 561 62.71 18.96 10.49
N ALA E 562 62.94 19.78 11.52
CA ALA E 562 63.14 21.20 11.30
C ALA E 562 64.61 21.46 11.00
N TYR E 563 64.86 22.21 9.92
CA TYR E 563 66.22 22.55 9.50
C TYR E 563 66.50 24.03 9.72
N ARG E 564 67.67 24.47 9.27
CA ARG E 564 68.06 25.88 9.41
C ARG E 564 68.70 26.36 8.11
N GLU E 565 68.40 27.60 7.71
CA GLU E 565 69.01 28.18 6.53
C GLU E 565 70.12 29.12 6.98
N THR E 566 71.34 28.91 6.47
CA THR E 566 72.49 29.75 6.84
C THR E 566 73.38 30.00 5.64
N VAL E 567 74.38 30.86 5.82
CA VAL E 567 75.31 31.22 4.77
C VAL E 567 76.74 30.81 5.09
N GLU E 568 77.53 30.61 4.05
CA GLU E 568 78.89 30.16 4.27
C GLU E 568 79.95 31.24 4.06
N SER E 569 79.55 32.32 3.42
CA SER E 569 80.50 33.41 3.18
C SER E 569 79.80 34.74 3.05
N GLU E 570 80.56 35.77 2.66
CA GLU E 570 79.99 37.11 2.50
C GLU E 570 79.31 37.14 1.14
N SER E 571 78.35 38.04 0.96
CA SER E 571 77.65 38.10 -0.30
C SER E 571 78.61 38.34 -1.46
N SER E 572 78.44 37.59 -2.55
CA SER E 572 79.27 37.74 -3.74
C SER E 572 79.44 39.21 -4.04
N GLN E 573 78.33 39.94 -4.03
CA GLN E 573 78.32 41.37 -4.32
C GLN E 573 77.21 42.05 -3.53
N THR E 574 77.25 43.37 -3.41
CA THR E 574 76.19 44.08 -2.66
C THR E 574 74.76 43.82 -3.12
N ALA E 575 73.87 43.59 -2.16
CA ALA E 575 72.46 43.33 -2.45
C ALA E 575 71.68 44.60 -2.28
N LEU E 576 70.78 44.84 -3.22
CA LEU E 576 69.99 46.05 -3.22
C LEU E 576 68.54 45.80 -3.62
N SER E 577 67.62 46.57 -3.05
CA SER E 577 66.21 46.43 -3.38
C SER E 577 65.62 47.77 -3.15
N LYS E 578 64.58 48.10 -3.90
CA LYS E 578 63.90 49.33 -3.59
C LYS E 578 62.41 49.10 -3.41
N SER E 579 61.81 49.96 -2.60
CA SER E 579 60.40 49.90 -2.27
C SER E 579 59.56 50.02 -3.52
N PRO E 580 58.25 49.72 -3.39
CA PRO E 580 57.37 49.82 -4.56
C PRO E 580 57.37 51.29 -5.05
N ASN E 581 57.34 52.24 -4.11
CA ASN E 581 57.40 53.66 -4.41
C ASN E 581 58.46 53.89 -5.47
N LYS E 582 59.57 53.19 -5.25
CA LYS E 582 60.76 53.31 -6.08
C LYS E 582 61.46 54.56 -5.57
N HIS E 583 61.17 54.90 -4.32
CA HIS E 583 61.77 56.05 -3.66
C HIS E 583 62.71 55.67 -2.54
N ASN E 584 62.66 54.41 -2.13
CA ASN E 584 63.52 53.98 -1.05
C ASN E 584 64.37 52.80 -1.41
N ARG E 585 65.64 52.90 -1.07
CA ARG E 585 66.55 51.80 -1.34
C ARG E 585 67.31 51.33 -0.10
N ILE E 586 67.65 50.06 -0.11
CA ILE E 586 68.39 49.48 0.97
C ILE E 586 69.46 48.66 0.32
N TYR E 587 70.70 48.92 0.73
CA TYR E 587 71.89 48.22 0.22
C TYR E 587 72.46 47.47 1.40
N LEU E 588 72.68 46.17 1.24
CA LEU E 588 73.24 45.38 2.32
C LEU E 588 74.04 44.20 1.85
N LYS E 589 74.75 43.60 2.78
CA LYS E 589 75.55 42.42 2.48
C LYS E 589 75.43 41.47 3.66
N ALA E 590 75.43 40.19 3.38
CA ALA E 590 75.31 39.23 4.46
C ALA E 590 76.54 38.40 4.58
N GLU E 591 76.92 38.09 5.81
CA GLU E 591 78.08 37.27 6.09
C GLU E 591 77.72 36.37 7.25
N PRO E 592 78.49 35.28 7.43
CA PRO E 592 78.37 34.23 8.47
C PRO E 592 78.66 34.68 9.88
N ILE E 593 78.02 34.01 10.83
CA ILE E 593 78.27 34.27 12.26
C ILE E 593 79.00 33.02 12.75
N ASP E 594 80.03 33.18 13.56
CA ASP E 594 80.77 32.01 14.08
C ASP E 594 79.93 31.20 15.08
N GLU E 595 79.90 29.87 14.89
CA GLU E 595 79.13 28.99 15.76
C GLU E 595 79.24 29.41 17.20
N GLU E 596 80.44 29.83 17.58
CA GLU E 596 80.65 30.26 18.94
C GLU E 596 79.69 31.37 19.35
N VAL E 597 79.56 32.37 18.49
CA VAL E 597 78.70 33.50 18.77
C VAL E 597 77.26 33.08 18.75
N SER E 598 76.95 32.21 17.80
CA SER E 598 75.61 31.72 17.72
C SER E 598 75.27 31.05 19.06
N LEU E 599 76.08 30.07 19.47
CA LEU E 599 75.87 29.39 20.74
C LEU E 599 75.77 30.43 21.85
N ALA E 600 76.72 31.36 21.85
CA ALA E 600 76.75 32.44 22.84
C ALA E 600 75.40 33.12 22.89
N ILE E 601 74.83 33.36 21.71
CA ILE E 601 73.52 34.01 21.61
C ILE E 601 72.44 33.07 22.11
N GLU E 602 72.57 31.81 21.72
CA GLU E 602 71.62 30.82 22.12
C GLU E 602 71.66 30.58 23.62
N ASN E 603 72.85 30.67 24.20
CA ASN E 603 73.00 30.43 25.62
C ASN E 603 73.02 31.68 26.44
N GLY E 604 72.31 32.71 25.99
CA GLY E 604 72.24 33.94 26.75
C GLY E 604 73.45 34.81 27.03
N ILE E 605 74.66 34.38 26.67
CA ILE E 605 75.85 35.21 26.91
C ILE E 605 75.67 36.55 26.18
N ILE E 606 75.48 36.45 24.86
CA ILE E 606 75.24 37.63 24.02
C ILE E 606 73.73 37.81 24.18
N ASN E 607 73.30 38.82 24.93
CA ASN E 607 71.88 39.00 25.16
C ASN E 607 71.22 40.26 24.59
N PRO E 608 70.13 40.08 23.84
CA PRO E 608 69.35 41.14 23.21
C PRO E 608 69.02 42.26 24.16
N ARG E 609 68.63 41.88 25.37
CA ARG E 609 68.23 42.85 26.39
C ARG E 609 69.39 43.56 27.12
N ASP E 610 70.61 43.09 26.89
CA ASP E 610 71.78 43.70 27.52
C ASP E 610 71.95 45.14 27.14
N ASP E 611 72.93 45.77 27.77
CA ASP E 611 73.25 47.16 27.49
C ASP E 611 74.10 47.02 26.24
N PHE E 612 73.77 47.74 25.18
CA PHE E 612 74.53 47.60 23.95
C PHE E 612 76.04 47.70 24.13
N LYS E 613 76.48 48.59 25.05
CA LYS E 613 77.91 48.77 25.29
C LYS E 613 78.58 47.54 25.91
N ALA E 614 78.03 47.07 27.03
CA ALA E 614 78.57 45.89 27.72
C ALA E 614 78.63 44.71 26.77
N ARG E 615 77.50 44.44 26.13
CA ARG E 615 77.39 43.33 25.16
C ARG E 615 78.45 43.45 24.08
N ALA E 616 78.70 44.71 23.73
CA ALA E 616 79.68 45.02 22.70
C ALA E 616 81.04 44.64 23.23
N ARG E 617 81.31 45.11 24.45
CA ARG E 617 82.56 44.83 25.15
C ARG E 617 82.74 43.32 25.16
N ILE E 618 81.70 42.58 25.47
CA ILE E 618 81.82 41.13 25.48
C ILE E 618 82.18 40.57 24.12
N MET E 619 81.39 40.90 23.12
CA MET E 619 81.64 40.42 21.77
C MET E 619 82.99 40.82 21.25
N ALA E 620 83.38 42.05 21.59
CA ALA E 620 84.67 42.57 21.15
C ALA E 620 85.75 41.67 21.71
N ASP E 621 85.83 41.64 23.05
CA ASP E 621 86.80 40.86 23.82
C ASP E 621 86.78 39.35 23.56
N ASP E 622 85.82 38.65 24.14
CA ASP E 622 85.73 37.20 23.99
C ASP E 622 85.38 36.61 22.61
N TYR E 623 84.95 37.41 21.66
CA TYR E 623 84.56 36.82 20.37
C TYR E 623 85.16 37.46 19.14
N GLY E 624 86.11 38.38 19.36
CA GLY E 624 86.77 39.03 18.24
C GLY E 624 85.81 39.63 17.25
N TRP E 625 85.15 40.68 17.72
CA TRP E 625 84.19 41.42 16.93
C TRP E 625 84.73 42.85 17.04
N ASP E 626 84.48 43.69 16.04
CA ASP E 626 84.92 45.07 16.12
C ASP E 626 83.95 45.76 17.08
N VAL E 627 84.46 46.30 18.19
CA VAL E 627 83.56 46.94 19.15
C VAL E 627 82.66 47.94 18.43
N THR E 628 83.12 48.40 17.27
CA THR E 628 82.36 49.33 16.47
C THR E 628 81.10 48.65 15.98
N ASP E 629 81.28 47.65 15.12
CA ASP E 629 80.15 46.90 14.62
C ASP E 629 79.14 46.51 15.71
N ALA E 630 79.62 45.79 16.70
CA ALA E 630 78.77 45.33 17.79
C ALA E 630 77.97 46.41 18.50
N ARG E 631 78.49 47.62 18.57
CA ARG E 631 77.71 48.65 19.23
C ARG E 631 76.62 49.12 18.29
N LYS E 632 76.63 48.60 17.06
CA LYS E 632 75.64 48.99 16.08
C LYS E 632 74.64 47.86 15.81
N ILE E 633 74.51 46.92 16.71
CA ILE E 633 73.55 45.87 16.45
C ILE E 633 72.19 46.52 16.52
N TRP E 634 71.35 46.25 15.53
CA TRP E 634 70.00 46.81 15.47
C TRP E 634 68.96 45.85 16.04
N CYS E 635 69.20 44.55 15.88
CA CYS E 635 68.26 43.59 16.39
C CYS E 635 68.71 42.17 16.19
N PHE E 636 68.10 41.25 16.91
CA PHE E 636 68.43 39.84 16.75
C PHE E 636 67.22 39.25 16.08
N GLY E 637 67.28 37.95 15.77
CA GLY E 637 66.15 37.33 15.11
C GLY E 637 66.31 35.84 14.88
N PRO E 638 65.20 35.10 14.77
CA PRO E 638 63.84 35.60 14.83
C PRO E 638 63.36 35.85 16.24
N ASP E 639 62.09 36.21 16.35
CA ASP E 639 61.48 36.41 17.64
C ASP E 639 62.29 37.38 18.50
N GLY E 640 62.99 38.29 17.85
CA GLY E 640 63.77 39.28 18.57
C GLY E 640 64.95 38.77 19.38
N ASN E 641 65.31 37.50 19.27
CA ASN E 641 66.44 37.02 20.05
C ASN E 641 67.22 35.87 19.43
N GLY E 642 66.89 35.54 18.19
CA GLY E 642 67.59 34.45 17.51
C GLY E 642 69.05 34.70 17.13
N PRO E 643 69.76 33.63 16.76
CA PRO E 643 71.17 33.76 16.39
C PRO E 643 71.42 34.43 15.01
N ASN E 644 70.82 35.59 14.79
CA ASN E 644 71.05 36.32 13.55
C ASN E 644 71.04 37.80 13.85
N LEU E 645 71.92 38.54 13.19
CA LEU E 645 71.99 39.95 13.50
C LEU E 645 71.94 40.88 12.33
N VAL E 646 71.57 42.12 12.62
CA VAL E 646 71.53 43.19 11.65
C VAL E 646 72.44 44.25 12.22
N ILE E 647 73.46 44.60 11.46
CA ILE E 647 74.39 45.61 11.92
C ILE E 647 74.22 46.88 11.09
N ASP E 648 74.12 48.02 11.74
CA ASP E 648 73.96 49.25 11.00
C ASP E 648 75.29 49.79 10.55
N GLN E 649 75.70 49.52 9.32
CA GLN E 649 76.98 50.03 8.87
C GLN E 649 76.78 51.22 7.95
N THR E 650 75.66 51.89 8.08
CA THR E 650 75.43 53.03 7.21
C THR E 650 76.24 54.22 7.67
N LYS E 651 76.48 55.16 6.77
CA LYS E 651 77.23 56.37 7.10
C LYS E 651 76.37 57.56 6.70
N ALA E 652 76.00 58.39 7.67
CA ALA E 652 75.25 59.62 7.39
C ALA E 652 73.98 59.55 6.56
N VAL E 653 73.10 58.62 6.90
CA VAL E 653 71.85 58.47 6.20
C VAL E 653 70.80 59.23 6.97
N GLN E 654 70.46 60.43 6.52
CA GLN E 654 69.45 61.20 7.22
C GLN E 654 68.13 60.44 7.34
N TYR E 655 67.48 60.63 8.49
CA TYR E 655 66.21 60.00 8.80
C TYR E 655 66.32 58.50 9.09
N LEU E 656 67.51 57.94 8.95
CA LEU E 656 67.71 56.51 9.16
C LEU E 656 66.89 55.93 10.30
N HIS E 657 66.96 56.53 11.48
CA HIS E 657 66.23 55.97 12.60
C HIS E 657 64.76 55.86 12.38
N GLU E 658 64.23 56.63 11.45
CA GLU E 658 62.80 56.59 11.21
C GLU E 658 62.30 55.35 10.48
N ILE E 659 63.21 54.51 10.01
CA ILE E 659 62.76 53.31 9.33
C ILE E 659 63.20 52.11 10.11
N LYS E 660 63.94 52.36 11.20
CA LYS E 660 64.49 51.29 12.03
C LYS E 660 63.50 50.20 12.42
N ASP E 661 62.40 50.60 13.08
CA ASP E 661 61.39 49.62 13.49
C ASP E 661 60.97 48.75 12.29
N SER E 662 60.78 49.40 11.14
CA SER E 662 60.40 48.70 9.93
C SER E 662 61.47 47.69 9.57
N VAL E 663 62.72 48.17 9.51
CA VAL E 663 63.84 47.31 9.18
C VAL E 663 63.94 46.11 10.09
N VAL E 664 63.70 46.35 11.37
CA VAL E 664 63.81 45.23 12.28
C VAL E 664 62.70 44.27 12.01
N ALA E 665 61.48 44.82 11.92
CA ALA E 665 60.28 44.04 11.64
C ALA E 665 60.52 43.16 10.45
N ALA E 666 61.03 43.78 9.39
CA ALA E 666 61.31 43.03 8.19
C ALA E 666 62.31 41.94 8.51
N PHE E 667 63.29 42.24 9.35
CA PHE E 667 64.31 41.25 9.66
C PHE E 667 63.76 40.00 10.33
N GLN E 668 62.78 40.21 11.21
CA GLN E 668 62.15 39.13 11.95
C GLN E 668 61.44 38.18 11.01
N TRP E 669 60.80 38.68 9.97
CA TRP E 669 60.18 37.72 9.08
C TRP E 669 61.25 37.01 8.28
N ALA E 670 62.16 37.78 7.69
CA ALA E 670 63.22 37.22 6.87
C ALA E 670 63.96 36.10 7.56
N THR E 671 64.25 36.27 8.84
CA THR E 671 64.97 35.22 9.55
C THR E 671 64.12 34.02 9.97
N LYS E 672 62.81 34.24 10.12
CA LYS E 672 61.87 33.17 10.51
C LYS E 672 61.67 32.15 9.40
N GLU E 673 61.45 32.65 8.19
CA GLU E 673 61.26 31.80 7.02
C GLU E 673 62.19 32.29 5.93
N GLY E 674 63.27 31.53 5.72
CA GLY E 674 64.27 31.91 4.73
C GLY E 674 63.84 31.63 3.33
N PRO E 675 64.62 32.06 2.33
CA PRO E 675 64.33 31.87 0.91
C PRO E 675 64.73 30.52 0.34
N ILE E 676 65.46 29.70 1.08
CA ILE E 676 65.81 28.41 0.49
C ILE E 676 64.57 27.55 0.48
N PHE E 677 63.92 27.41 1.63
CA PHE E 677 62.69 26.65 1.66
C PHE E 677 61.86 26.91 2.91
N GLY E 678 61.70 28.18 3.22
CA GLY E 678 60.90 28.60 4.34
C GLY E 678 61.38 28.28 5.75
N GLU E 679 62.56 27.70 5.89
CA GLU E 679 63.11 27.36 7.21
C GLU E 679 63.76 28.56 7.88
N GLU E 680 64.03 28.45 9.18
CA GLU E 680 64.67 29.51 9.96
C GLU E 680 66.14 29.71 9.60
N MET E 681 66.56 30.97 9.62
CA MET E 681 67.95 31.29 9.32
C MET E 681 68.69 31.16 10.62
N ARG E 682 69.97 30.80 10.55
CA ARG E 682 70.79 30.69 11.74
C ARG E 682 72.19 31.13 11.45
N SER E 683 72.76 31.88 12.37
CA SER E 683 74.12 32.34 12.17
C SER E 683 74.24 33.25 10.95
N VAL E 684 73.30 34.15 10.76
CA VAL E 684 73.40 35.03 9.61
C VAL E 684 73.56 36.47 10.06
N ARG E 685 74.60 37.10 9.52
CA ARG E 685 74.94 38.47 9.81
C ARG E 685 74.54 39.28 8.58
N VAL E 686 73.86 40.38 8.84
CA VAL E 686 73.38 41.27 7.81
C VAL E 686 73.88 42.67 8.12
N ASN E 687 74.72 43.19 7.24
CA ASN E 687 75.27 44.52 7.42
C ASN E 687 74.65 45.53 6.48
N ILE E 688 73.88 46.48 6.99
CA ILE E 688 73.29 47.48 6.12
C ILE E 688 74.40 48.47 5.68
N LEU E 689 74.76 48.43 4.40
CA LEU E 689 75.82 49.29 3.87
C LEU E 689 75.34 50.68 3.52
N ASP E 690 74.14 50.76 2.96
CA ASP E 690 73.59 52.07 2.61
C ASP E 690 72.08 52.08 2.55
N VAL E 691 71.53 53.28 2.58
CA VAL E 691 70.10 53.52 2.49
C VAL E 691 69.85 54.90 1.89
N THR E 692 68.77 55.02 1.11
CA THR E 692 68.39 56.29 0.52
C THR E 692 66.91 56.35 0.79
N LEU E 693 66.45 57.43 1.38
CA LEU E 693 65.04 57.54 1.71
C LEU E 693 64.35 58.77 1.19
N HIS E 694 63.05 58.62 0.95
CA HIS E 694 62.28 59.76 0.50
C HIS E 694 62.29 60.77 1.65
N ALA E 695 62.42 62.04 1.32
CA ALA E 695 62.44 63.07 2.34
C ALA E 695 61.14 63.06 3.15
N ASP E 696 60.01 62.87 2.49
CA ASP E 696 58.73 62.86 3.17
C ASP E 696 58.35 61.52 3.78
N ALA E 697 58.12 61.53 5.10
CA ALA E 697 57.76 60.34 5.85
C ALA E 697 56.66 59.51 5.22
N ILE E 698 55.67 60.20 4.68
CA ILE E 698 54.52 59.54 4.07
C ILE E 698 54.89 58.37 3.18
N DDE E 699 55.95 58.54 2.41
CA DDE E 699 56.39 57.51 1.46
C DDE E 699 57.40 56.49 2.01
O DDE E 699 57.80 55.57 1.31
CB DDE E 699 56.97 58.20 0.21
CG DDE E 699 56.06 59.22 -0.41
ND1 DDE E 699 54.82 58.91 -0.93
CD2 DDE E 699 56.21 60.55 -0.58
CE1 DDE E 699 54.24 60.00 -1.39
NE2 DDE E 699 55.07 61.02 -1.19
N ARG E 700 57.80 56.65 3.27
CA ARG E 700 58.77 55.73 3.90
C ARG E 700 58.08 54.84 4.91
N GLY E 701 56.78 54.70 4.78
CA GLY E 701 56.06 53.88 5.73
C GLY E 701 56.39 52.41 5.70
N GLY E 702 55.90 51.74 6.75
CA GLY E 702 56.12 50.31 6.93
C GLY E 702 55.87 49.52 5.69
N GLY E 703 54.70 49.73 5.10
CA GLY E 703 54.35 49.00 3.90
C GLY E 703 55.40 49.14 2.83
N GLN E 704 56.10 50.27 2.86
CA GLN E 704 57.13 50.47 1.87
C GLN E 704 58.45 49.82 2.26
N ILE E 705 59.01 50.24 3.39
CA ILE E 705 60.30 49.69 3.79
C ILE E 705 60.33 48.21 4.13
N ILE E 706 59.32 47.74 4.84
CA ILE E 706 59.34 46.34 5.25
C ILE E 706 59.66 45.34 4.16
N PRO E 707 58.88 45.35 3.09
CA PRO E 707 59.19 44.36 2.04
C PRO E 707 60.58 44.59 1.46
N THR E 708 60.97 45.86 1.32
CA THR E 708 62.29 46.19 0.77
C THR E 708 63.37 45.41 1.51
N MET E 709 63.53 45.73 2.79
CA MET E 709 64.51 45.09 3.65
C MET E 709 64.45 43.56 3.56
N ARG E 710 63.24 43.02 3.57
CA ARG E 710 63.07 41.59 3.47
C ARG E 710 63.62 41.07 2.16
N ARG E 711 63.40 41.81 1.08
CA ARG E 711 63.87 41.34 -0.22
C ARG E 711 65.39 41.46 -0.31
N ALA E 712 65.89 42.61 0.09
CA ALA E 712 67.31 42.83 0.10
C ALA E 712 67.95 41.65 0.86
N THR E 713 67.53 41.46 2.10
CA THR E 713 68.03 40.38 2.92
C THR E 713 68.01 39.02 2.24
N TYR E 714 66.96 38.73 1.49
CA TYR E 714 66.88 37.46 0.78
C TYR E 714 67.96 37.52 -0.30
N ALA E 715 68.02 38.65 -0.98
CA ALA E 715 69.02 38.84 -2.02
C ALA E 715 70.39 38.55 -1.42
N GLY E 716 70.77 39.37 -0.43
CA GLY E 716 72.05 39.21 0.23
C GLY E 716 72.32 37.79 0.64
N PHE E 717 71.36 37.19 1.30
CA PHE E 717 71.51 35.81 1.75
C PHE E 717 71.85 34.89 0.59
N LEU E 718 71.02 34.88 -0.44
CA LEU E 718 71.27 34.00 -1.57
C LEU E 718 72.65 34.23 -2.21
N LEU E 719 73.19 35.43 -2.05
CA LEU E 719 74.49 35.77 -2.62
C LEU E 719 75.64 35.36 -1.74
N ALA E 720 75.35 35.11 -0.48
CA ALA E 720 76.36 34.77 0.51
C ALA E 720 76.67 33.29 0.59
N ASP E 721 76.47 32.59 -0.53
CA ASP E 721 76.74 31.16 -0.57
C ASP E 721 75.88 30.41 0.45
N PRO E 722 74.66 30.06 0.04
CA PRO E 722 73.67 29.34 0.83
C PRO E 722 74.04 27.91 1.20
N LYS E 723 73.55 27.47 2.35
CA LYS E 723 73.74 26.13 2.85
C LYS E 723 72.68 25.93 3.89
N ILE E 724 72.35 24.68 4.19
CA ILE E 724 71.35 24.43 5.22
C ILE E 724 71.96 23.56 6.31
N GLN E 725 71.42 23.68 7.51
CA GLN E 725 71.89 22.88 8.64
C GLN E 725 70.82 21.86 9.02
N GLU E 726 71.27 20.76 9.63
CA GLU E 726 70.39 19.69 10.10
C GLU E 726 70.64 19.49 11.59
N PRO E 727 69.59 19.13 12.34
CA PRO E 727 69.75 18.92 13.79
C PRO E 727 70.40 17.57 14.14
N VAL E 728 71.13 17.53 15.25
CA VAL E 728 71.82 16.31 15.67
C VAL E 728 71.70 16.01 17.18
N PHE E 729 71.50 14.73 17.50
CA PHE E 729 71.37 14.27 18.89
C PHE E 729 72.70 13.78 19.47
N LEU E 730 72.89 13.98 20.78
CA LEU E 730 74.09 13.51 21.45
C LEU E 730 73.55 12.35 22.25
N VAL E 731 73.80 11.13 21.76
CA VAL E 731 73.32 9.92 22.42
C VAL E 731 74.39 9.20 23.26
N GLU E 732 74.09 9.09 24.56
CA GLU E 732 74.95 8.42 25.52
C GLU E 732 74.39 7.01 25.73
N ILE E 733 75.24 6.00 25.64
CA ILE E 733 74.80 4.61 25.78
C ILE E 733 75.57 3.77 26.79
N GLN E 734 74.83 3.08 27.67
CA GLN E 734 75.43 2.18 28.66
C GLN E 734 75.29 0.77 28.13
N CYS E 735 76.37 0.01 28.13
CA CYS E 735 76.27 -1.33 27.60
C CYS E 735 77.50 -2.18 27.92
N PRO E 736 77.27 -3.45 28.25
CA PRO E 736 78.31 -4.42 28.59
C PRO E 736 79.26 -4.59 27.39
N GLU E 737 80.56 -4.54 27.67
CA GLU E 737 81.60 -4.68 26.65
C GLU E 737 81.23 -5.72 25.59
N GLN E 738 80.46 -6.72 26.02
CA GLN E 738 79.99 -7.81 25.18
C GLN E 738 79.08 -7.36 24.02
N ALA E 739 78.12 -6.49 24.33
CA ALA E 739 77.18 -5.99 23.32
C ALA E 739 77.54 -4.65 22.69
N VAL E 740 78.64 -4.04 23.12
CA VAL E 740 79.07 -2.75 22.55
C VAL E 740 79.23 -2.85 21.04
N GLY E 741 79.35 -4.08 20.54
CA GLY E 741 79.48 -4.29 19.11
C GLY E 741 78.25 -3.77 18.37
N GLY E 742 77.07 -4.18 18.83
CA GLY E 742 75.83 -3.76 18.22
C GLY E 742 75.66 -2.25 18.12
N ILE E 743 76.32 -1.53 19.03
CA ILE E 743 76.28 -0.08 19.05
C ILE E 743 76.84 0.41 17.73
N TYR E 744 78.17 0.34 17.62
CA TYR E 744 78.85 0.77 16.42
C TYR E 744 78.16 0.22 15.17
N SER E 745 77.54 -0.95 15.29
CA SER E 745 76.85 -1.57 14.17
C SER E 745 75.73 -0.67 13.65
N VAL E 746 74.80 -0.30 14.53
CA VAL E 746 73.68 0.54 14.13
C VAL E 746 74.09 1.99 13.85
N LEU E 747 75.10 2.49 14.58
CA LEU E 747 75.56 3.87 14.38
C LEU E 747 76.06 4.07 12.95
N ASN E 748 76.60 3.01 12.36
CA ASN E 748 77.12 3.10 11.00
C ASN E 748 76.05 3.00 9.92
N LYS E 749 74.80 2.74 10.30
CA LYS E 749 73.73 2.67 9.31
C LYS E 749 72.73 3.81 9.57
N LYS E 750 73.20 4.82 10.30
CA LYS E 750 72.40 5.99 10.65
C LYS E 750 73.20 7.29 10.51
N ARG E 751 74.45 7.17 10.08
CA ARG E 751 75.34 8.32 9.93
C ARG E 751 75.73 8.79 11.33
N GLY E 752 75.83 7.84 12.25
CA GLY E 752 76.20 8.17 13.61
C GLY E 752 77.68 8.49 13.69
N GLN E 753 78.06 9.31 14.66
CA GLN E 753 79.45 9.70 14.81
C GLN E 753 79.88 9.49 16.24
N VAL E 754 80.75 8.52 16.47
CA VAL E 754 81.25 8.21 17.80
C VAL E 754 82.12 9.34 18.35
N VAL E 755 81.72 9.90 19.49
CA VAL E 755 82.47 11.00 20.10
C VAL E 755 83.42 10.49 21.17
N SER E 756 82.99 9.46 21.91
CA SER E 756 83.82 8.88 22.96
C SER E 756 83.26 7.58 23.53
N GLU E 757 84.16 6.67 23.87
CA GLU E 757 83.81 5.37 24.44
C GLU E 757 84.72 5.08 25.64
N GLU E 758 84.13 4.95 26.82
CA GLU E 758 84.91 4.68 28.02
C GLU E 758 84.39 3.45 28.75
N GLN E 759 85.15 3.01 29.75
CA GLN E 759 84.78 1.85 30.56
C GLN E 759 84.74 2.24 32.03
N ARG E 760 83.81 1.65 32.75
CA ARG E 760 83.67 1.89 34.18
C ARG E 760 84.75 1.04 34.87
N PRO E 761 85.75 1.68 35.49
CA PRO E 761 86.84 0.98 36.18
C PRO E 761 86.70 -0.53 36.42
N GLY E 762 85.92 -0.89 37.44
CA GLY E 762 85.74 -2.30 37.78
C GLY E 762 85.01 -3.20 36.79
N THR E 763 83.72 -2.93 36.60
CA THR E 763 82.89 -3.73 35.70
C THR E 763 83.26 -3.66 34.22
N PRO E 764 82.65 -4.52 33.38
CA PRO E 764 82.91 -4.57 31.93
C PRO E 764 81.88 -3.68 31.19
N LEU E 765 81.31 -2.73 31.93
CA LEU E 765 80.30 -1.82 31.40
C LEU E 765 80.84 -0.61 30.66
N PHE E 766 80.78 -0.67 29.33
CA PHE E 766 81.25 0.44 28.52
C PHE E 766 80.16 1.52 28.48
N THR E 767 80.56 2.72 28.07
CA THR E 767 79.65 3.86 27.95
C THR E 767 80.05 4.68 26.72
N VAL E 768 79.41 4.35 25.59
CA VAL E 768 79.67 5.01 24.33
C VAL E 768 78.88 6.30 24.15
N LYS E 769 79.54 7.32 23.62
CA LYS E 769 78.91 8.61 23.34
C LYS E 769 79.12 8.95 21.87
N ALA E 770 78.03 9.30 21.19
CA ALA E 770 78.12 9.62 19.77
C ALA E 770 77.05 10.64 19.35
N TYR E 771 77.12 11.06 18.09
CA TYR E 771 76.15 12.01 17.56
C TYR E 771 75.22 11.28 16.62
N LEU E 772 73.93 11.51 16.78
CA LEU E 772 72.95 10.86 15.94
C LEU E 772 72.04 11.88 15.26
N PRO E 773 72.08 11.94 13.92
CA PRO E 773 71.26 12.87 13.15
C PRO E 773 69.79 12.67 13.47
N VAL E 774 69.13 13.70 14.00
CA VAL E 774 67.72 13.62 14.36
C VAL E 774 66.84 13.04 13.27
N ASN E 775 67.10 13.39 12.01
CA ASN E 775 66.26 12.88 10.93
C ASN E 775 66.64 11.44 10.57
N GLU E 776 67.49 10.84 11.40
CA GLU E 776 67.98 9.46 11.23
C GLU E 776 67.69 8.61 12.47
N SER E 777 67.09 9.23 13.48
CA SER E 777 66.80 8.54 14.73
C SER E 777 65.40 7.89 14.85
N PHE E 778 64.64 7.88 13.76
CA PHE E 778 63.29 7.29 13.82
C PHE E 778 63.31 5.78 14.03
N GLY E 779 62.78 5.35 15.18
CA GLY E 779 62.75 3.95 15.53
C GLY E 779 64.12 3.45 15.94
N PHE E 780 64.98 4.40 16.34
CA PHE E 780 66.35 4.11 16.78
C PHE E 780 66.44 3.06 17.91
N THR E 781 65.75 3.33 19.00
CA THR E 781 65.74 2.41 20.15
C THR E 781 65.29 1.03 19.65
N GLY E 782 64.18 1.00 18.88
CA GLY E 782 63.66 -0.24 18.36
C GLY E 782 64.73 -1.10 17.71
N GLU E 783 65.58 -0.46 16.89
CA GLU E 783 66.66 -1.14 16.19
C GLU E 783 67.87 -1.44 17.08
N LEU E 784 68.09 -0.60 18.10
CA LEU E 784 69.21 -0.79 19.01
C LEU E 784 68.90 -1.98 19.94
N ARG E 785 67.61 -2.25 20.12
CA ARG E 785 67.16 -3.35 20.96
C ARG E 785 67.67 -4.66 20.36
N GLN E 786 67.29 -4.90 19.11
CA GLN E 786 67.69 -6.12 18.38
C GLN E 786 69.22 -6.27 18.37
N ALA E 787 69.91 -5.20 17.97
CA ALA E 787 71.37 -5.18 17.88
C ALA E 787 72.16 -5.69 19.09
N THR E 788 72.09 -4.94 20.18
CA THR E 788 72.83 -5.30 21.39
C THR E 788 72.14 -6.25 22.36
N GLY E 789 71.28 -7.12 21.84
CA GLY E 789 70.59 -8.06 22.71
C GLY E 789 69.75 -7.46 23.83
N GLY E 790 69.43 -6.17 23.72
CA GLY E 790 68.62 -5.52 24.74
C GLY E 790 69.34 -5.13 26.03
N GLN E 791 70.66 -5.28 26.06
CA GLN E 791 71.44 -4.96 27.25
C GLN E 791 71.79 -3.47 27.23
N ALA E 792 71.66 -2.86 26.06
CA ALA E 792 71.99 -1.46 25.89
C ALA E 792 70.97 -0.50 26.48
N PHE E 793 71.47 0.51 27.16
CA PHE E 793 70.61 1.53 27.76
C PHE E 793 70.87 2.88 27.10
N PRO E 794 70.10 3.21 26.03
CA PRO E 794 70.18 4.44 25.25
C PRO E 794 69.78 5.68 26.03
N GLN E 795 70.34 6.80 25.62
CA GLN E 795 70.08 8.10 26.26
C GLN E 795 70.50 9.14 25.23
N MET E 796 69.58 10.03 24.85
CA MET E 796 69.93 11.06 23.86
C MET E 796 69.20 12.39 24.03
N VAL E 797 69.90 13.47 23.70
CA VAL E 797 69.35 14.82 23.79
C VAL E 797 69.77 15.62 22.56
N PHE E 798 69.09 16.73 22.30
CA PHE E 798 69.47 17.55 21.18
C PHE E 798 70.83 18.20 21.50
N ASP E 799 71.78 18.09 20.57
CA ASP E 799 73.10 18.64 20.81
C ASP E 799 73.46 19.89 20.00
N HIS E 800 73.50 19.76 18.68
CA HIS E 800 73.89 20.88 17.84
C HIS E 800 73.28 20.84 16.44
N TRP E 801 73.70 21.80 15.61
CA TRP E 801 73.25 21.89 14.23
C TRP E 801 74.44 21.59 13.32
N SER E 802 74.21 20.75 12.31
CA SER E 802 75.28 20.40 11.39
C SER E 802 75.02 20.93 9.98
N THR E 803 75.98 21.71 9.52
CA THR E 803 75.92 22.32 8.20
C THR E 803 76.23 21.30 7.11
N LEU E 804 75.22 20.92 6.33
CA LEU E 804 75.44 19.97 5.26
C LEU E 804 76.36 20.61 4.23
N GLY E 805 77.30 19.83 3.69
CA GLY E 805 78.23 20.36 2.70
C GLY E 805 77.64 20.59 1.32
N SER E 806 76.79 19.66 0.87
CA SER E 806 76.16 19.77 -0.44
C SER E 806 75.46 21.11 -0.65
N ASP E 807 75.19 21.42 -1.91
CA ASP E 807 74.54 22.65 -2.32
C ASP E 807 73.02 22.57 -2.34
N PRO E 808 72.35 23.31 -1.44
CA PRO E 808 70.89 23.30 -1.37
C PRO E 808 70.21 23.73 -2.65
N LEU E 809 70.98 24.30 -3.57
CA LEU E 809 70.43 24.75 -4.82
C LEU E 809 70.40 23.65 -5.87
N ASP E 810 71.27 22.65 -5.73
CA ASP E 810 71.34 21.53 -6.67
C ASP E 810 70.40 20.40 -6.28
N PRO E 811 69.30 20.27 -7.02
CA PRO E 811 68.28 19.23 -6.79
C PRO E 811 68.84 17.84 -6.51
N THR E 812 69.81 17.39 -7.30
CA THR E 812 70.36 16.06 -7.09
C THR E 812 71.22 15.89 -5.84
N SER E 813 71.75 16.98 -5.31
CA SER E 813 72.60 16.88 -4.12
C SER E 813 71.79 16.34 -2.94
N LYS E 814 72.49 16.02 -1.87
CA LYS E 814 71.81 15.51 -0.69
C LYS E 814 70.90 16.58 -0.10
N ALA E 815 71.45 17.77 0.14
CA ALA E 815 70.67 18.88 0.68
C ALA E 815 69.59 19.30 -0.31
N GLY E 816 69.99 19.53 -1.55
CA GLY E 816 69.04 19.92 -2.57
C GLY E 816 67.86 18.99 -2.60
N GLU E 817 68.11 17.74 -2.23
CA GLU E 817 67.07 16.71 -2.19
C GLU E 817 66.10 17.10 -1.09
N ILE E 818 66.65 17.45 0.07
CA ILE E 818 65.80 17.85 1.19
C ILE E 818 64.94 19.03 0.79
N VAL E 819 65.59 20.05 0.22
CA VAL E 819 64.92 21.27 -0.20
C VAL E 819 63.83 21.06 -1.23
N LEU E 820 64.10 20.24 -2.24
CA LEU E 820 63.11 19.98 -3.28
C LEU E 820 61.85 19.38 -2.66
N ALA E 821 62.05 18.28 -1.94
CA ALA E 821 60.94 17.59 -1.30
C ALA E 821 60.15 18.58 -0.47
N ALA E 822 60.85 19.27 0.43
CA ALA E 822 60.20 20.25 1.29
C ALA E 822 59.45 21.25 0.44
N ARG E 823 60.14 21.83 -0.53
CA ARG E 823 59.52 22.81 -1.40
C ARG E 823 58.22 22.28 -1.96
N LYS E 824 58.27 21.06 -2.48
CA LYS E 824 57.10 20.44 -3.06
C LYS E 824 56.01 20.27 -2.02
N ARG E 825 56.39 19.75 -0.86
CA ARG E 825 55.44 19.55 0.23
C ARG E 825 54.68 20.83 0.55
N HIS E 826 55.38 21.95 0.62
CA HIS E 826 54.75 23.24 0.91
C HIS E 826 54.01 23.80 -0.30
N GLY E 827 54.12 23.11 -1.44
CA GLY E 827 53.48 23.57 -2.65
C GLY E 827 54.09 24.87 -3.17
N MET E 828 55.40 25.02 -3.02
CA MET E 828 56.11 26.23 -3.51
C MET E 828 56.70 25.87 -4.87
N LYS E 829 57.13 26.87 -5.65
CA LYS E 829 57.74 26.57 -6.94
C LYS E 829 58.90 25.62 -6.67
N GLU E 830 58.97 24.51 -7.39
CA GLU E 830 60.03 23.53 -7.14
C GLU E 830 61.50 23.99 -7.17
N GLU E 831 61.80 25.06 -7.91
CA GLU E 831 63.18 25.56 -7.98
C GLU E 831 63.35 26.70 -6.99
N VAL E 832 64.53 26.82 -6.41
CA VAL E 832 64.80 27.90 -5.46
C VAL E 832 65.03 29.21 -6.20
N PRO E 833 64.34 30.29 -5.80
CA PRO E 833 64.51 31.58 -6.47
C PRO E 833 65.96 32.06 -6.41
N GLY E 834 66.46 32.53 -7.56
CA GLY E 834 67.82 33.04 -7.60
C GLY E 834 67.77 34.41 -6.95
N TRP E 835 68.93 34.96 -6.67
CA TRP E 835 68.96 36.26 -6.03
C TRP E 835 68.32 37.35 -6.89
N GLN E 836 68.43 37.22 -8.20
CA GLN E 836 67.85 38.19 -9.12
C GLN E 836 66.39 38.51 -8.83
N GLU E 837 65.68 37.51 -8.30
CA GLU E 837 64.28 37.69 -8.00
C GLU E 837 64.10 38.72 -6.92
N TYR E 838 65.04 38.77 -5.99
CA TYR E 838 64.90 39.71 -4.92
C TYR E 838 65.67 40.99 -5.05
N TYR E 839 66.63 41.01 -5.95
CA TYR E 839 67.41 42.22 -6.18
C TYR E 839 66.45 43.19 -6.90
N ASP E 840 66.92 44.40 -7.22
CA ASP E 840 66.06 45.36 -7.92
C ASP E 840 65.92 44.82 -9.34
N LYS E 841 64.76 44.97 -9.96
CA LYS E 841 64.62 44.46 -11.32
C LYS E 841 65.24 45.41 -12.33
N LEU E 842 66.54 45.64 -12.21
CA LEU E 842 67.23 46.51 -13.10
C LEU E 842 68.01 45.63 -14.06
N GLU F 1 25.20 39.25 -11.40
CA GLU F 1 26.31 38.35 -10.96
C GLU F 1 27.26 38.17 -12.13
N PHE F 2 28.42 38.79 -12.06
CA PHE F 2 29.34 38.69 -13.16
C PHE F 2 30.55 37.82 -12.91
N LEU F 3 30.43 36.91 -11.95
CA LEU F 3 31.56 36.05 -11.64
C LEU F 3 31.64 34.71 -12.35
N GLY F 4 30.82 34.48 -13.36
CA GLY F 4 30.83 33.19 -14.04
C GLY F 4 30.30 32.16 -13.05
N ASP F 5 30.47 30.88 -13.34
CA ASP F 5 29.96 29.92 -12.38
C ASP F 5 31.04 28.97 -11.86
N GLY F 6 30.90 28.54 -10.61
CA GLY F 6 31.86 27.63 -10.05
C GLY F 6 32.17 27.71 -8.58
N GLY F 7 31.17 27.93 -7.75
CA GLY F 7 31.49 27.95 -6.34
C GLY F 7 32.20 29.20 -5.89
N ASP F 8 31.75 29.72 -4.76
CA ASP F 8 32.23 30.93 -4.12
C ASP F 8 33.68 31.37 -4.32
N VAL F 9 33.82 32.64 -4.68
CA VAL F 9 35.14 33.22 -4.91
C VAL F 9 35.55 34.06 -3.71
N SER F 10 36.75 33.79 -3.19
CA SER F 10 37.25 34.56 -2.05
C SER F 10 38.74 34.92 -2.23
N PHE F 11 39.19 35.93 -1.48
CA PHE F 11 40.57 36.39 -1.57
C PHE F 11 41.52 35.93 -0.47
N SER F 12 42.51 35.14 -0.87
CA SER F 12 43.49 34.60 0.05
C SER F 12 44.90 34.97 -0.26
N THR F 13 45.68 35.10 0.80
CA THR F 13 47.08 35.40 0.69
C THR F 13 47.65 34.26 -0.17
N ARG F 14 47.03 33.08 -0.07
CA ARG F 14 47.41 31.90 -0.81
C ARG F 14 46.98 31.93 -2.26
N GLY F 15 46.25 32.95 -2.67
CA GLY F 15 45.75 33.03 -4.04
C GLY F 15 44.23 33.10 -4.08
N THR F 16 43.65 33.70 -5.11
CA THR F 16 42.19 33.79 -5.17
C THR F 16 41.53 32.43 -5.30
N GLN F 17 40.60 32.14 -4.39
CA GLN F 17 39.92 30.87 -4.38
C GLN F 17 38.84 30.70 -5.44
N ASN F 18 38.90 29.58 -6.14
CA ASN F 18 37.91 29.30 -7.17
C ASN F 18 37.89 30.38 -8.24
N TRP F 19 38.91 30.44 -9.06
CA TRP F 19 38.92 31.44 -10.08
C TRP F 19 40.01 31.01 -10.99
N THR F 20 39.62 30.43 -12.10
CA THR F 20 40.56 29.92 -13.08
C THR F 20 40.53 30.78 -14.31
N VAL F 21 41.51 30.63 -15.19
CA VAL F 21 41.49 31.43 -16.41
C VAL F 21 40.22 31.12 -17.18
N GLU F 22 39.82 29.85 -17.16
CA GLU F 22 38.61 29.45 -17.87
C GLU F 22 37.44 30.23 -17.29
N ARG F 23 37.23 30.18 -15.99
CA ARG F 23 36.10 30.94 -15.47
C ARG F 23 36.22 32.43 -15.83
N LEU F 24 37.44 32.93 -15.99
CA LEU F 24 37.59 34.35 -16.31
C LEU F 24 37.01 34.62 -17.68
N LEU F 25 37.54 33.91 -18.66
CA LEU F 25 37.06 34.08 -20.01
C LEU F 25 35.54 34.15 -20.05
N GLN F 26 34.88 33.29 -19.26
CA GLN F 26 33.42 33.27 -19.23
C GLN F 26 32.83 34.56 -18.71
N ALA F 27 33.15 34.90 -17.47
CA ALA F 27 32.64 36.14 -16.89
C ALA F 27 32.91 37.34 -17.79
N HIS F 28 34.06 37.31 -18.46
CA HIS F 28 34.44 38.39 -19.36
C HIS F 28 33.37 38.58 -20.42
N ARG F 29 33.23 37.59 -21.30
CA ARG F 29 32.24 37.64 -22.37
C ARG F 29 30.88 37.89 -21.74
N GLN F 30 30.51 37.13 -20.71
CA GLN F 30 29.22 37.42 -20.14
C GLN F 30 29.11 38.91 -19.82
N LEU F 31 30.25 39.59 -19.65
CA LEU F 31 30.23 41.02 -19.32
C LEU F 31 30.09 41.91 -20.54
N GLU F 32 30.64 41.49 -21.67
CA GLU F 32 30.51 42.28 -22.90
C GLU F 32 29.08 42.13 -23.42
N GLU F 33 28.60 40.88 -23.36
CA GLU F 33 27.26 40.56 -23.81
C GLU F 33 26.25 41.50 -23.17
N ARG F 34 26.61 42.07 -22.04
CA ARG F 34 25.72 42.96 -21.36
C ARG F 34 26.09 44.39 -21.65
N GLY F 35 27.12 44.59 -22.46
CA GLY F 35 27.53 45.94 -22.82
C GLY F 35 28.57 46.59 -21.92
N TYR F 36 29.42 45.79 -21.31
CA TYR F 36 30.45 46.33 -20.47
C TYR F 36 31.78 46.20 -21.19
N VAL F 37 32.70 47.06 -20.83
CA VAL F 37 34.02 47.04 -21.42
C VAL F 37 35.08 47.15 -20.33
N PHE F 38 36.19 46.45 -20.54
CA PHE F 38 37.32 46.43 -19.63
C PHE F 38 38.10 47.74 -19.78
N VAL F 39 38.42 48.40 -18.67
CA VAL F 39 39.16 49.66 -18.70
C VAL F 39 40.45 49.56 -17.95
N GLY F 40 40.56 48.54 -17.11
CA GLY F 40 41.81 48.41 -16.39
C GLY F 40 41.93 47.38 -15.30
N TYR F 41 43.07 47.46 -14.64
CA TYR F 41 43.42 46.62 -13.53
C TYR F 41 43.44 47.54 -12.29
N HIS F 42 43.25 46.95 -11.11
CA HIS F 42 43.30 47.70 -9.85
C HIS F 42 43.83 46.73 -8.81
N GLY F 43 44.92 47.09 -8.17
CA GLY F 43 45.49 46.23 -7.15
C GLY F 43 45.21 46.83 -5.79
N THR F 44 45.03 45.97 -4.80
CA THR F 44 44.73 46.45 -3.45
C THR F 44 44.83 45.28 -2.50
N PHE F 45 44.42 45.52 -1.25
CA PHE F 45 44.49 44.48 -0.22
C PHE F 45 43.30 43.56 -0.12
N LEU F 46 43.58 42.31 0.24
CA LEU F 46 42.57 41.28 0.39
C LEU F 46 41.23 41.81 0.93
N GLU F 47 41.24 42.50 2.05
CA GLU F 47 39.96 43.00 2.53
C GLU F 47 39.23 43.81 1.47
N ALA F 48 39.91 44.79 0.90
CA ALA F 48 39.33 45.67 -0.11
C ALA F 48 38.89 44.88 -1.33
N ALA F 49 39.75 44.00 -1.81
CA ALA F 49 39.37 43.23 -2.99
C ALA F 49 38.01 42.54 -2.78
N GLN F 50 37.74 42.13 -1.55
CA GLN F 50 36.48 41.46 -1.27
C GLN F 50 35.37 42.51 -1.27
N SER F 51 35.58 43.58 -0.53
CA SER F 51 34.61 44.63 -0.43
C SER F 51 34.16 45.07 -1.82
N ILE F 52 35.12 45.23 -2.73
CA ILE F 52 34.87 45.64 -4.10
C ILE F 52 34.09 44.58 -4.84
N VAL F 53 34.74 43.50 -5.21
CA VAL F 53 34.04 42.47 -5.94
C VAL F 53 32.69 42.05 -5.43
N PHE F 54 32.36 42.30 -4.17
CA PHE F 54 31.05 41.94 -3.65
C PHE F 54 30.54 43.15 -2.94
N GLY F 55 29.92 44.08 -3.67
CA GLY F 55 29.41 45.25 -3.01
C GLY F 55 29.94 46.43 -3.79
N GLY F 56 30.83 46.10 -4.71
CA GLY F 56 31.42 47.09 -5.58
C GLY F 56 32.05 48.32 -5.00
N VAL F 57 32.79 48.98 -5.86
CA VAL F 57 33.50 50.19 -5.57
C VAL F 57 32.55 51.22 -5.05
N ARG F 58 32.96 51.94 -4.01
CA ARG F 58 32.18 53.01 -3.41
C ARG F 58 33.10 54.04 -2.76
N ALA F 59 32.84 55.31 -2.97
CA ALA F 59 33.67 56.34 -2.37
C ALA F 59 33.22 56.34 -0.92
N ARG F 60 33.98 56.90 0.01
CA ARG F 60 33.54 56.92 1.41
C ARG F 60 34.17 58.06 2.19
N SER F 61 33.44 59.16 2.31
CA SER F 61 33.98 60.30 3.04
C SER F 61 35.27 60.81 2.42
N GLN F 62 35.24 61.04 1.12
CA GLN F 62 36.45 61.55 0.48
C GLN F 62 36.66 62.97 0.99
N ASP F 63 37.88 63.48 0.81
CA ASP F 63 38.18 64.84 1.21
C ASP F 63 37.57 65.64 0.08
N LEU F 64 36.43 66.28 0.32
CA LEU F 64 35.79 67.04 -0.74
C LEU F 64 36.68 68.10 -1.36
N ASP F 65 37.64 68.61 -0.61
CA ASP F 65 38.49 69.61 -1.19
C ASP F 65 39.55 68.99 -2.11
N ALA F 66 39.74 67.68 -2.00
CA ALA F 66 40.73 66.99 -2.83
C ALA F 66 40.25 66.83 -4.27
N ILE F 67 40.76 67.67 -5.15
CA ILE F 67 40.34 67.64 -6.53
C ILE F 67 40.75 66.43 -7.36
N TRP F 68 41.71 65.64 -6.90
CA TRP F 68 42.08 64.48 -7.71
C TRP F 68 41.49 63.22 -7.13
N ARG F 69 40.47 63.39 -6.30
CA ARG F 69 39.80 62.28 -5.67
C ARG F 69 39.11 61.40 -6.72
N GLY F 70 39.22 60.08 -6.57
CA GLY F 70 38.62 59.18 -7.55
C GLY F 70 39.19 57.77 -7.47
N PHE F 71 38.75 56.86 -8.33
CA PHE F 71 39.22 55.48 -8.28
C PHE F 71 40.40 55.28 -9.23
N TYR F 72 41.60 55.11 -8.70
CA TYR F 72 42.75 54.93 -9.57
C TYR F 72 42.92 53.49 -10.03
N ILE F 73 43.19 53.31 -11.33
CA ILE F 73 43.43 51.98 -11.93
C ILE F 73 44.46 52.10 -13.04
N ALA F 74 44.77 50.98 -13.68
CA ALA F 74 45.75 50.99 -14.76
C ALA F 74 45.62 49.89 -15.80
N GLY F 75 45.82 50.26 -17.06
CA GLY F 75 45.73 49.27 -18.12
C GLY F 75 46.83 48.22 -18.00
N ASP F 76 47.97 48.62 -17.44
CA ASP F 76 49.10 47.70 -17.28
C ASP F 76 49.11 47.00 -15.89
N PRO F 77 48.79 45.71 -15.89
CA PRO F 77 48.76 44.99 -14.63
C PRO F 77 49.98 45.27 -13.76
N ALA F 78 51.14 45.39 -14.40
CA ALA F 78 52.36 45.66 -13.66
C ALA F 78 52.15 46.88 -12.78
N LEU F 79 51.80 48.02 -13.37
CA LEU F 79 51.58 49.22 -12.58
C LEU F 79 50.58 49.03 -11.46
N ALA F 80 49.54 48.25 -11.71
CA ALA F 80 48.58 48.07 -10.64
C ALA F 80 49.17 47.09 -9.62
N TYR F 81 49.90 46.11 -10.12
CA TYR F 81 50.48 45.07 -9.28
C TYR F 81 51.25 45.60 -8.08
N GLY F 82 51.74 46.83 -8.19
CA GLY F 82 52.52 47.40 -7.12
C GLY F 82 51.71 47.80 -5.90
N TYR F 83 50.43 48.00 -6.11
CA TYR F 83 49.55 48.40 -5.02
C TYR F 83 48.83 47.19 -4.46
N ALA F 84 49.13 46.02 -4.99
CA ALA F 84 48.48 44.83 -4.51
C ALA F 84 49.12 44.29 -3.23
N GLN F 85 49.00 45.02 -2.12
CA GLN F 85 49.57 44.57 -0.87
C GLN F 85 49.14 45.47 0.26
N ASP F 86 49.31 45.00 1.50
CA ASP F 86 48.96 45.79 2.67
C ASP F 86 49.86 47.00 2.59
N GLN F 87 49.45 48.12 3.16
CA GLN F 87 50.33 49.26 3.10
C GLN F 87 50.78 49.69 4.48
N GLU F 88 50.78 48.71 5.37
CA GLU F 88 51.24 48.84 6.74
C GLU F 88 51.08 47.50 7.44
N PRO F 89 52.04 47.16 8.30
CA PRO F 89 52.11 45.92 9.07
C PRO F 89 50.92 45.61 9.96
N ASP F 90 50.76 44.34 10.30
CA ASP F 90 49.70 44.00 11.21
C ASP F 90 50.35 43.79 12.59
N ALA F 91 49.60 43.22 13.53
CA ALA F 91 50.11 43.02 14.91
C ALA F 91 51.42 42.24 14.98
N ARG F 92 51.72 41.48 13.93
CA ARG F 92 52.94 40.68 13.90
C ARG F 92 53.94 41.11 12.81
N GLY F 93 54.05 42.41 12.58
CA GLY F 93 54.97 42.92 11.56
C GLY F 93 54.70 42.40 10.16
N ARG F 94 53.57 41.71 9.99
CA ARG F 94 53.18 41.16 8.70
C ARG F 94 52.77 42.24 7.68
N ILE F 95 52.98 41.90 6.40
CA ILE F 95 52.60 42.66 5.22
C ILE F 95 52.32 41.61 4.16
N ARG F 96 51.05 41.24 4.01
CA ARG F 96 50.64 40.21 3.05
C ARG F 96 50.36 40.77 1.69
N ASN F 97 50.45 39.91 0.69
CA ASN F 97 50.19 40.30 -0.67
C ASN F 97 48.70 40.51 -0.83
N GLY F 98 48.31 41.28 -1.83
CA GLY F 98 46.91 41.56 -2.05
C GLY F 98 46.40 40.82 -3.27
N ALA F 99 45.48 41.46 -3.99
CA ALA F 99 44.91 40.86 -5.18
C ALA F 99 44.79 41.86 -6.29
N LEU F 100 44.90 41.33 -7.50
CA LEU F 100 44.82 42.13 -8.71
C LEU F 100 43.41 42.04 -9.30
N LEU F 101 42.73 43.18 -9.34
CA LEU F 101 41.36 43.29 -9.85
C LEU F 101 41.20 43.85 -11.28
N ARG F 102 40.21 43.29 -12.00
CA ARG F 102 39.84 43.71 -13.37
C ARG F 102 38.64 44.62 -13.23
N VAL F 103 38.74 45.85 -13.76
CA VAL F 103 37.68 46.85 -13.70
C VAL F 103 36.97 47.07 -15.02
N TYR F 104 35.64 46.96 -14.98
CA TYR F 104 34.77 47.15 -16.16
C TYR F 104 33.75 48.24 -15.85
N VAL F 105 33.32 48.97 -16.89
CA VAL F 105 32.32 50.02 -16.74
C VAL F 105 31.28 49.77 -17.82
N PRO F 106 30.13 50.44 -17.70
CA PRO F 106 29.10 50.25 -18.71
C PRO F 106 29.66 50.91 -19.91
N ARG F 107 29.64 50.19 -21.03
CA ARG F 107 30.15 50.68 -22.28
C ARG F 107 29.60 52.08 -22.56
N SER F 108 28.36 52.32 -22.13
CA SER F 108 27.74 53.60 -22.34
C SER F 108 28.45 54.76 -21.66
N SER F 109 29.59 54.51 -21.05
CA SER F 109 30.30 55.60 -20.41
C SER F 109 31.59 55.90 -21.14
N LEU F 110 31.90 55.13 -22.18
CA LEU F 110 33.12 55.38 -22.90
C LEU F 110 33.32 56.85 -23.28
N PRO F 111 32.25 57.53 -23.74
CA PRO F 111 32.33 58.94 -24.13
C PRO F 111 33.04 59.86 -23.14
N GLY F 112 32.97 59.51 -21.86
CA GLY F 112 33.61 60.35 -20.84
C GLY F 112 35.06 59.99 -20.55
N PHE F 113 35.58 58.97 -21.21
CA PHE F 113 36.97 58.59 -21.00
C PHE F 113 37.86 59.48 -21.88
N TYR F 114 38.82 60.16 -21.26
CA TYR F 114 39.75 61.01 -22.02
C TYR F 114 41.21 60.68 -21.71
N ARG F 115 42.14 61.38 -22.38
CA ARG F 115 43.56 61.12 -22.18
C ARG F 115 44.44 62.33 -22.49
N THR F 116 45.55 62.43 -21.75
CA THR F 116 46.53 63.51 -21.89
C THR F 116 47.93 62.93 -21.74
N SER F 117 48.96 63.69 -22.14
CA SER F 117 50.33 63.21 -22.01
C SER F 117 50.95 63.83 -20.80
N LEU F 118 50.24 64.77 -20.21
CA LEU F 118 50.72 65.44 -19.02
C LEU F 118 50.69 64.47 -17.86
N THR F 119 51.48 64.73 -16.83
CA THR F 119 51.44 63.84 -15.68
C THR F 119 50.23 64.36 -14.93
N LEU F 120 49.80 63.67 -13.88
CA LEU F 120 48.60 64.07 -13.16
C LEU F 120 48.64 64.98 -11.91
N ALA F 121 49.09 64.48 -10.77
CA ALA F 121 49.07 65.31 -9.54
C ALA F 121 49.83 66.65 -9.62
N ALA F 122 49.21 67.64 -10.27
CA ALA F 122 49.80 68.97 -10.42
C ALA F 122 48.82 70.00 -10.99
N PRO F 123 48.86 71.24 -10.45
CA PRO F 123 47.95 72.28 -10.95
C PRO F 123 48.03 72.45 -12.48
N GLU F 124 49.21 72.18 -13.05
CA GLU F 124 49.42 72.33 -14.50
C GLU F 124 48.56 71.40 -15.34
N ALA F 125 48.33 70.20 -14.85
CA ALA F 125 47.52 69.25 -15.60
C ALA F 125 46.06 69.48 -15.31
N ALA F 126 45.79 69.96 -14.10
CA ALA F 126 44.44 70.26 -13.69
C ALA F 126 43.65 70.97 -14.79
N GLY F 127 44.15 72.13 -15.22
CA GLY F 127 43.45 72.87 -16.25
C GLY F 127 43.23 72.08 -17.52
N GLU F 128 44.28 71.41 -17.99
CA GLU F 128 44.18 70.64 -19.22
C GLU F 128 43.12 69.58 -19.06
N VAL F 129 43.18 68.87 -17.94
CA VAL F 129 42.18 67.84 -17.71
C VAL F 129 40.79 68.46 -17.72
N GLU F 130 40.65 69.62 -17.09
CA GLU F 130 39.36 70.31 -17.02
C GLU F 130 38.90 70.74 -18.39
N ARG F 131 39.86 70.97 -19.27
CA ARG F 131 39.56 71.40 -20.63
C ARG F 131 38.89 70.23 -21.34
N LEU F 132 39.51 69.06 -21.20
CA LEU F 132 39.02 67.86 -21.83
C LEU F 132 37.69 67.38 -21.24
N ILE F 133 37.64 67.38 -19.92
CA ILE F 133 36.47 66.94 -19.16
C ILE F 133 35.23 67.78 -19.40
N GLY F 134 35.42 69.08 -19.57
CA GLY F 134 34.29 69.96 -19.80
C GLY F 134 33.77 70.65 -18.56
N HIS F 135 34.53 70.58 -17.46
CA HIS F 135 34.13 71.20 -16.20
C HIS F 135 35.23 71.07 -15.17
N PRO F 136 35.20 71.90 -14.14
CA PRO F 136 36.23 71.87 -13.10
C PRO F 136 36.34 70.53 -12.37
N LEU F 137 37.54 70.21 -11.93
CA LEU F 137 37.76 68.98 -11.18
C LEU F 137 36.92 69.11 -9.90
N PRO F 138 36.65 68.00 -9.22
CA PRO F 138 37.05 66.63 -9.52
C PRO F 138 36.34 66.02 -10.69
N LEU F 139 36.88 64.90 -11.17
CA LEU F 139 36.31 64.13 -12.27
C LEU F 139 35.00 63.64 -11.70
N ARG F 140 33.98 63.44 -12.54
CA ARG F 140 32.71 62.97 -12.01
C ARG F 140 32.26 61.75 -12.77
N LEU F 141 31.55 61.95 -13.87
CA LEU F 141 31.07 60.83 -14.67
C LEU F 141 31.98 60.71 -15.86
N ASP F 142 33.26 60.94 -15.61
CA ASP F 142 34.25 60.88 -16.66
C ASP F 142 35.54 60.35 -16.07
N ALA F 143 36.51 60.08 -16.92
CA ALA F 143 37.75 59.54 -16.44
C ALA F 143 38.86 60.13 -17.25
N ILE F 144 40.06 60.12 -16.69
CA ILE F 144 41.21 60.66 -17.36
C ILE F 144 42.36 59.68 -17.27
N THR F 145 43.10 59.52 -18.36
CA THR F 145 44.25 58.63 -18.39
C THR F 145 45.51 59.37 -18.80
N GLY F 146 46.58 59.23 -18.03
CA GLY F 146 47.84 59.89 -18.34
C GLY F 146 48.98 59.32 -17.51
N PRO F 147 50.23 59.68 -17.78
CA PRO F 147 51.40 59.19 -17.04
C PRO F 147 51.32 59.35 -15.53
N GLU F 148 51.63 58.28 -14.79
CA GLU F 148 51.61 58.26 -13.32
C GLU F 148 52.50 59.40 -12.82
N GLU F 149 53.61 59.58 -13.52
CA GLU F 149 54.58 60.63 -13.26
C GLU F 149 55.44 60.73 -14.51
N GLU F 150 56.46 61.57 -14.49
CA GLU F 150 57.31 61.75 -15.67
C GLU F 150 57.97 60.45 -16.19
N GLY F 151 57.60 60.08 -17.42
CA GLY F 151 58.16 58.90 -18.05
C GLY F 151 57.63 57.60 -17.51
N GLY F 152 56.72 57.69 -16.55
CA GLY F 152 56.15 56.49 -15.96
C GLY F 152 55.07 55.83 -16.81
N ARG F 153 54.43 54.82 -16.23
CA ARG F 153 53.36 54.10 -16.91
C ARG F 153 52.09 54.92 -16.75
N LEU F 154 51.02 54.53 -17.44
CA LEU F 154 49.77 55.29 -17.36
C LEU F 154 48.75 54.81 -16.34
N GLU F 155 48.19 55.74 -15.60
CA GLU F 155 47.19 55.41 -14.62
C GLU F 155 45.88 56.03 -15.09
N THR F 156 44.78 55.40 -14.74
CA THR F 156 43.49 55.93 -15.14
C THR F 156 42.70 56.20 -13.92
N ILE F 157 42.26 57.46 -13.81
CA ILE F 157 41.48 57.89 -12.67
C ILE F 157 40.04 57.96 -13.08
N LEU F 158 39.19 57.10 -12.55
CA LEU F 158 37.79 57.20 -12.89
C LEU F 158 37.25 58.03 -11.74
N GLY F 159 36.38 58.99 -12.04
CA GLY F 159 35.77 59.80 -11.00
C GLY F 159 34.83 58.88 -10.21
N TRP F 160 34.57 59.23 -8.96
CA TRP F 160 33.74 58.39 -8.10
C TRP F 160 32.37 58.09 -8.68
N PRO F 161 31.70 59.09 -9.25
CA PRO F 161 30.41 58.70 -9.79
C PRO F 161 30.62 57.54 -10.77
N LEU F 162 31.50 57.74 -11.73
CA LEU F 162 31.72 56.69 -12.70
C LEU F 162 32.14 55.41 -12.00
N ALA F 163 33.11 55.53 -11.11
CA ALA F 163 33.66 54.39 -10.37
C ALA F 163 32.64 53.47 -9.73
N GLU F 164 31.58 54.07 -9.19
CA GLU F 164 30.53 53.34 -8.55
C GLU F 164 29.67 52.62 -9.56
N ARG F 165 29.97 52.84 -10.83
CA ARG F 165 29.19 52.22 -11.87
C ARG F 165 30.03 51.19 -12.56
N THR F 166 31.08 50.75 -11.92
CA THR F 166 31.95 49.76 -12.51
C THR F 166 31.43 48.40 -12.13
N VAL F 167 32.15 47.39 -12.57
CA VAL F 167 31.85 46.02 -12.20
C VAL F 167 33.25 45.45 -12.20
N VAL F 168 33.70 45.00 -11.04
CA VAL F 168 35.03 44.43 -10.92
C VAL F 168 35.00 42.97 -10.62
N ILE F 169 35.92 42.24 -11.23
CA ILE F 169 36.04 40.82 -10.99
C ILE F 169 37.52 40.49 -10.77
N PRO F 170 37.82 39.28 -10.33
CA PRO F 170 39.17 38.79 -10.07
C PRO F 170 40.04 38.75 -11.31
N SER F 171 41.36 38.72 -11.12
CA SER F 171 42.24 38.62 -12.26
C SER F 171 42.80 37.23 -12.19
N ALA F 172 43.21 36.69 -13.32
CA ALA F 172 43.78 35.36 -13.29
C ALA F 172 45.26 35.53 -13.06
N ILE F 173 45.64 36.76 -12.71
CA ILE F 173 47.04 37.08 -12.40
C ILE F 173 47.19 37.04 -10.89
N PRO F 174 48.00 36.09 -10.39
CA PRO F 174 48.25 35.91 -8.95
C PRO F 174 49.28 36.89 -8.39
N THR F 175 49.22 37.15 -7.10
CA THR F 175 50.23 38.01 -6.50
C THR F 175 51.09 36.97 -5.81
N ASP F 176 52.32 37.33 -5.44
CA ASP F 176 53.23 36.35 -4.81
C ASP F 176 53.30 36.49 -3.30
N PRO F 177 52.80 35.50 -2.56
CA PRO F 177 52.85 35.62 -1.10
C PRO F 177 54.30 35.58 -0.57
N ARG F 178 55.17 34.91 -1.33
CA ARG F 178 56.57 34.76 -0.98
C ARG F 178 57.50 35.75 -1.65
N ASN F 179 57.01 36.94 -1.98
CA ASN F 179 57.84 37.95 -2.62
C ASN F 179 57.10 39.27 -2.68
N VAL F 180 56.34 39.54 -1.64
CA VAL F 180 55.61 40.79 -1.57
C VAL F 180 56.61 41.86 -1.90
N GLY F 181 56.21 42.83 -2.71
CA GLY F 181 57.15 43.89 -3.09
C GLY F 181 57.85 43.65 -4.42
N GLY F 182 57.94 42.40 -4.86
CA GLY F 182 58.61 42.17 -6.13
C GLY F 182 57.86 42.84 -7.27
N ASP F 183 58.43 42.87 -8.47
CA ASP F 183 57.72 43.48 -9.59
C ASP F 183 57.01 42.35 -10.32
N LEU F 184 55.87 42.66 -10.94
CA LEU F 184 55.09 41.64 -11.66
C LEU F 184 55.89 41.03 -12.78
N ASP F 185 56.02 39.71 -12.74
CA ASP F 185 56.74 38.96 -13.77
C ASP F 185 55.82 38.66 -14.93
N PRO F 186 55.93 39.42 -16.02
CA PRO F 186 55.10 39.23 -17.20
C PRO F 186 54.81 37.80 -17.60
N SER F 187 55.66 36.86 -17.22
CA SER F 187 55.39 35.48 -17.61
C SER F 187 54.27 34.86 -16.78
N SER F 188 53.88 35.48 -15.68
CA SER F 188 52.80 34.90 -14.90
C SER F 188 51.44 35.47 -15.26
N ILE F 189 51.41 36.24 -16.35
CA ILE F 189 50.16 36.79 -16.85
C ILE F 189 49.74 35.67 -17.80
N PRO F 190 48.53 35.10 -17.61
CA PRO F 190 48.04 34.01 -18.47
C PRO F 190 47.72 34.51 -19.89
N ASP F 191 48.37 33.92 -20.90
CA ASP F 191 48.13 34.35 -22.28
C ASP F 191 46.67 34.62 -22.58
N LYS F 192 45.79 33.70 -22.18
CA LYS F 192 44.36 33.86 -22.43
C LYS F 192 43.84 35.15 -21.83
N GLU F 193 44.32 35.51 -20.64
CA GLU F 193 43.84 36.73 -20.03
C GLU F 193 44.36 37.94 -20.77
N GLN F 194 45.60 37.89 -21.23
CA GLN F 194 46.15 39.01 -21.96
C GLN F 194 45.24 39.27 -23.15
N ALA F 195 44.78 38.18 -23.76
CA ALA F 195 43.91 38.26 -24.91
C ALA F 195 42.62 39.06 -24.69
N ILE F 196 42.07 39.04 -23.49
CA ILE F 196 40.85 39.80 -23.31
C ILE F 196 41.13 41.13 -22.65
N SER F 197 42.40 41.47 -22.55
CA SER F 197 42.75 42.68 -21.85
C SER F 197 43.08 43.95 -22.63
N ALA F 198 42.73 43.97 -23.90
CA ALA F 198 43.01 45.16 -24.68
C ALA F 198 42.18 46.26 -24.10
N LEU F 199 42.62 47.50 -24.27
CA LEU F 199 41.90 48.64 -23.74
C LEU F 199 41.20 49.43 -24.80
N PRO F 200 40.14 50.16 -24.43
CA PRO F 200 39.39 50.98 -25.37
C PRO F 200 40.31 52.11 -25.80
N ASP F 201 39.92 52.80 -26.87
CA ASP F 201 40.73 53.92 -27.35
C ASP F 201 40.06 55.16 -26.79
N TYR F 202 40.81 55.94 -26.02
CA TYR F 202 40.24 57.13 -25.42
C TYR F 202 40.41 58.38 -26.28
N ALA F 203 39.45 59.31 -26.17
CA ALA F 203 39.52 60.53 -26.92
C ALA F 203 40.53 61.46 -26.28
N SER F 204 41.19 62.25 -27.10
CA SER F 204 42.21 63.18 -26.63
C SER F 204 41.75 64.59 -26.86
N GLN F 205 40.58 64.73 -27.47
CA GLN F 205 40.03 66.03 -27.74
C GLN F 205 38.71 66.14 -27.01
N PRO F 206 38.46 67.30 -26.38
CA PRO F 206 37.24 67.58 -25.63
C PRO F 206 35.96 67.05 -26.28
N GLY F 207 35.01 66.66 -25.44
CA GLY F 207 33.74 66.16 -25.92
C GLY F 207 33.12 67.07 -26.96
#